data_9J1U
#
_entry.id   9J1U
#
_cell.length_a   111.830
_cell.length_b   178.500
_cell.length_c   180.240
_cell.angle_alpha   90.00
_cell.angle_beta   90.00
_cell.angle_gamma   90.00
#
_symmetry.space_group_name_H-M   'P 21 21 21'
#
loop_
_entity.id
_entity.type
_entity.pdbx_description
1 polymer 'Sucrose phosphorylase'
2 non-polymer alpha-D-glucopyranose
3 non-polymer GLYCEROL
4 non-polymer 'SODIUM ION'
5 non-polymer 1-O-phosphono-alpha-D-glucopyranose
6 water water
#
_entity_poly.entity_id   1
_entity_poly.type   'polypeptide(L)'
_entity_poly.pdbx_seq_one_letter_code
;MLLKNAVQLICYPDRIGNNLTDLHTAVEKHLSDAIGGLHILPFFPSNADGGFSPLTHKEVDPAFGTWDDIEAFTGKYDLC
VDLTVNHISDESPEFRDFIANGFDSEYADLFVHVDRFGDISPDDMAKIHIRKEKEPFREVTLADGTKTRVWCTFTEQQID
LNYDGDLAYRLMESYIGFLTSKGVNLLRLDAFGYTTKRIGTSCFLVEPEVYRILDWINEVAFKHGAECLPEVHDHTSYQY
AISRRNMHPYGFALPPLLLYSLLDANSVYLKNWLRMCPRNMVTVLDTHDGICIPDVEGVLPDDKIKVLIDNIDARSADPI
MRRSAANIHSVGAIYQLTCTFYDALMQNDDAYIAARAIQFFTPGIPQVYYVGLLAGCNDQELMEKTGELRDINRNYYTLN
EMDEAMEKPVVQRLLTLMKFRTNYPAFDGHFELNYSNDSSVAMAWRHGEHYCHLFVDLNFNTSKIQYVDVKSGETRDLEF
;
_entity_poly.pdbx_strand_id   F,B,C,D,E,A
#
# COMPACT_ATOMS: atom_id res chain seq x y z
N LEU A 2 28.82 33.69 -24.92
CA LEU A 2 27.37 33.59 -24.89
C LEU A 2 26.77 32.90 -26.10
N LEU A 3 25.86 31.97 -25.81
CA LEU A 3 25.10 31.26 -26.82
C LEU A 3 23.84 32.06 -27.17
N LYS A 4 23.27 31.76 -28.32
CA LYS A 4 21.99 32.37 -28.67
C LYS A 4 20.89 31.76 -27.81
N ASN A 5 20.11 32.62 -27.15
CA ASN A 5 18.96 32.15 -26.37
C ASN A 5 17.81 31.78 -27.32
N ALA A 6 18.04 30.71 -28.08
CA ALA A 6 17.16 30.35 -29.17
C ALA A 6 16.96 28.86 -29.19
N VAL A 7 15.87 28.43 -29.83
CA VAL A 7 15.60 27.01 -29.96
C VAL A 7 16.74 26.34 -30.73
N GLN A 8 17.12 25.15 -30.28
CA GLN A 8 18.11 24.34 -30.98
C GLN A 8 17.45 23.09 -31.54
N LEU A 9 17.96 22.61 -32.67
CA LEU A 9 17.51 21.36 -33.29
C LEU A 9 18.51 20.28 -32.95
N ILE A 10 18.02 19.17 -32.44
CA ILE A 10 18.84 17.96 -32.25
C ILE A 10 18.60 17.04 -33.43
N CYS A 11 19.67 16.61 -34.10
CA CYS A 11 19.48 15.81 -35.28
C CYS A 11 20.73 14.99 -35.57
N TYR A 12 20.51 13.84 -36.20
CA TYR A 12 21.60 13.05 -36.77
C TYR A 12 22.08 13.71 -38.06
N PRO A 13 23.26 13.33 -38.55
CA PRO A 13 23.67 13.84 -39.87
C PRO A 13 22.85 13.24 -41.01
N ASP A 14 22.50 11.95 -40.93
CA ASP A 14 22.02 11.22 -42.09
C ASP A 14 20.56 10.78 -42.02
N ARG A 15 19.74 11.37 -41.14
CA ARG A 15 18.35 10.92 -41.03
C ARG A 15 17.32 11.96 -41.47
N ILE A 16 17.77 13.14 -41.87
CA ILE A 16 16.99 14.05 -42.69
C ILE A 16 17.74 14.14 -44.00
N GLY A 17 17.14 13.62 -45.07
CA GLY A 17 17.90 13.42 -46.27
C GLY A 17 18.87 12.27 -46.06
N ASN A 18 20.08 12.42 -46.60
CA ASN A 18 21.05 11.35 -46.57
C ASN A 18 22.42 11.75 -46.04
N ASN A 19 22.66 13.03 -45.75
CA ASN A 19 23.99 13.51 -45.38
C ASN A 19 23.88 14.92 -44.82
N LEU A 20 25.04 15.49 -44.45
CA LEU A 20 25.07 16.80 -43.82
C LEU A 20 24.63 17.91 -44.75
N THR A 21 24.79 17.73 -46.06
CA THR A 21 24.35 18.73 -47.00
C THR A 21 22.83 18.77 -47.10
N ASP A 22 22.18 17.59 -47.13
CA ASP A 22 20.72 17.54 -47.13
C ASP A 22 20.17 18.09 -45.82
N LEU A 23 20.85 17.82 -44.70
CA LEU A 23 20.44 18.40 -43.43
C LEU A 23 20.42 19.92 -43.53
N HIS A 24 21.50 20.51 -44.04
CA HIS A 24 21.56 21.96 -44.20
C HIS A 24 20.46 22.47 -45.10
N THR A 25 20.17 21.74 -46.18
CA THR A 25 19.08 22.14 -47.08
C THR A 25 17.76 22.19 -46.34
N ALA A 26 17.51 21.19 -45.48
CA ALA A 26 16.23 21.15 -44.77
C ALA A 26 16.13 22.29 -43.77
N VAL A 27 17.24 22.63 -43.12
CA VAL A 27 17.23 23.68 -42.12
C VAL A 27 16.94 25.03 -42.76
N GLU A 28 17.63 25.35 -43.84
CA GLU A 28 17.43 26.63 -44.49
C GLU A 28 16.04 26.76 -45.10
N LYS A 29 15.52 25.64 -45.62
CA LYS A 29 14.23 25.69 -46.32
C LYS A 29 13.09 25.92 -45.34
N HIS A 30 13.19 25.40 -44.11
CA HIS A 30 12.10 25.37 -43.15
C HIS A 30 12.40 26.05 -41.82
N LEU A 31 13.64 25.98 -41.33
CA LEU A 31 13.90 26.37 -39.95
C LEU A 31 14.77 27.63 -39.83
N SER A 32 15.00 28.32 -40.96
CA SER A 32 16.05 29.34 -41.03
C SER A 32 15.88 30.43 -39.99
N ASP A 33 14.66 30.70 -39.54
CA ASP A 33 14.44 31.70 -38.50
C ASP A 33 13.58 31.15 -37.37
N ALA A 34 13.68 29.85 -37.12
CA ALA A 34 13.00 29.25 -35.99
C ALA A 34 13.95 28.62 -35.00
N ILE A 35 15.21 28.43 -35.38
CA ILE A 35 16.21 27.87 -34.50
C ILE A 35 17.43 28.76 -34.54
N GLY A 36 18.23 28.70 -33.48
CA GLY A 36 19.45 29.47 -33.41
C GLY A 36 20.69 28.59 -33.37
N GLY A 37 20.48 27.28 -33.31
CA GLY A 37 21.60 26.36 -33.23
C GLY A 37 21.17 24.96 -33.55
N LEU A 38 22.16 24.10 -33.71
CA LEU A 38 21.96 22.68 -33.95
C LEU A 38 22.85 21.88 -33.02
N HIS A 39 22.32 20.79 -32.50
CA HIS A 39 23.14 19.73 -31.94
C HIS A 39 23.16 18.60 -32.96
N ILE A 40 24.24 18.50 -33.71
CA ILE A 40 24.39 17.43 -34.68
C ILE A 40 25.02 16.24 -33.96
N LEU A 41 24.26 15.15 -33.87
CA LEU A 41 24.72 13.94 -33.21
C LEU A 41 26.00 13.40 -33.87
N PRO A 42 26.75 12.52 -33.16
CA PRO A 42 28.11 12.19 -33.61
C PRO A 42 28.24 11.86 -35.09
N PHE A 43 29.09 12.63 -35.75
CA PHE A 43 29.33 12.53 -37.18
C PHE A 43 30.76 12.11 -37.45
N PHE A 44 31.43 11.57 -36.46
CA PHE A 44 32.82 11.18 -36.60
C PHE A 44 32.90 9.77 -37.17
N PRO A 45 34.07 9.34 -37.62
CA PRO A 45 34.24 7.90 -37.89
C PRO A 45 34.01 7.11 -36.62
N SER A 46 33.05 6.20 -36.68
CA SER A 46 32.63 5.45 -35.51
C SER A 46 32.34 4.00 -35.91
N ASN A 47 32.54 3.09 -34.97
CA ASN A 47 32.31 1.67 -35.21
C ASN A 47 31.37 1.04 -34.20
N ALA A 48 30.61 1.84 -33.46
CA ALA A 48 29.71 1.26 -32.47
C ALA A 48 28.75 2.33 -31.95
N ASP A 49 27.55 1.88 -31.59
CA ASP A 49 26.60 2.63 -30.77
C ASP A 49 26.25 3.99 -31.36
N GLY A 50 25.67 3.95 -32.56
CA GLY A 50 25.08 5.12 -33.18
C GLY A 50 25.97 6.34 -33.27
N GLY A 51 27.26 6.11 -33.50
CA GLY A 51 28.21 7.19 -33.65
C GLY A 51 29.02 7.50 -32.41
N PHE A 52 28.68 6.92 -31.27
CA PHE A 52 29.29 7.24 -30.00
C PHE A 52 30.51 6.38 -29.68
N SER A 53 31.19 5.82 -30.69
CA SER A 53 32.48 5.17 -30.53
C SER A 53 33.50 5.76 -31.52
N PRO A 54 33.82 7.05 -31.39
CA PRO A 54 34.61 7.71 -32.44
C PRO A 54 36.07 7.31 -32.43
N LEU A 55 36.62 7.07 -33.64
CA LEU A 55 38.04 6.81 -33.80
C LEU A 55 38.85 8.08 -33.61
N THR A 56 38.26 9.23 -33.93
CA THR A 56 38.85 10.53 -33.70
C THR A 56 37.75 11.56 -33.83
N HIS A 57 37.92 12.69 -33.15
CA HIS A 57 37.00 13.80 -33.28
C HIS A 57 37.43 14.79 -34.36
N LYS A 58 38.47 14.44 -35.12
CA LYS A 58 39.08 15.35 -36.09
C LYS A 58 38.71 15.01 -37.52
N GLU A 59 37.96 13.95 -37.75
CA GLU A 59 37.53 13.55 -39.09
C GLU A 59 36.01 13.48 -39.12
N VAL A 60 35.44 13.66 -40.29
CA VAL A 60 34.02 13.46 -40.52
C VAL A 60 33.87 12.20 -41.35
N ASP A 61 32.96 11.33 -40.92
CA ASP A 61 32.66 10.12 -41.67
C ASP A 61 32.23 10.50 -43.08
N PRO A 62 32.99 10.12 -44.11
CA PRO A 62 32.66 10.54 -45.47
C PRO A 62 31.23 10.21 -45.88
N ALA A 63 30.66 9.20 -45.22
CA ALA A 63 29.27 8.88 -45.46
C ALA A 63 28.35 10.04 -45.13
N PHE A 64 28.81 10.97 -44.30
CA PHE A 64 28.02 12.11 -43.84
C PHE A 64 28.37 13.39 -44.58
N GLY A 65 29.61 13.54 -45.03
CA GLY A 65 30.08 14.77 -45.66
C GLY A 65 31.52 15.10 -45.32
N THR A 66 31.85 16.39 -45.32
CA THR A 66 33.19 16.87 -45.02
C THR A 66 33.11 17.94 -43.93
N TRP A 67 34.28 18.35 -43.41
CA TRP A 67 34.26 19.42 -42.43
C TRP A 67 33.68 20.70 -42.99
N ASP A 68 33.85 20.93 -44.30
CA ASP A 68 33.22 22.10 -44.92
C ASP A 68 31.70 22.01 -44.81
N ASP A 69 31.16 20.80 -44.86
CA ASP A 69 29.71 20.64 -44.71
C ASP A 69 29.25 20.99 -43.30
N ILE A 70 30.11 20.79 -42.29
CA ILE A 70 29.78 21.22 -40.93
C ILE A 70 29.84 22.73 -40.82
N GLU A 71 30.94 23.32 -41.29
CA GLU A 71 31.11 24.77 -41.23
C GLU A 71 30.05 25.53 -42.02
N ALA A 72 29.29 24.84 -42.88
CA ALA A 72 28.17 25.50 -43.53
C ALA A 72 27.12 25.94 -42.52
N PHE A 73 27.06 25.28 -41.35
CA PHE A 73 26.08 25.65 -40.32
C PHE A 73 26.58 26.81 -39.47
N THR A 74 27.88 26.84 -39.15
CA THR A 74 28.39 27.91 -38.33
C THR A 74 28.33 29.21 -39.12
N GLY A 75 28.42 30.33 -38.42
CA GLY A 75 28.26 31.61 -39.05
C GLY A 75 26.84 32.12 -39.01
N LYS A 76 25.86 31.20 -39.01
CA LYS A 76 24.47 31.58 -38.83
C LYS A 76 23.82 30.87 -37.64
N TYR A 77 24.37 29.73 -37.20
CA TYR A 77 23.78 28.91 -36.14
C TYR A 77 24.86 28.52 -35.13
N ASP A 78 24.46 28.45 -33.86
CA ASP A 78 25.33 27.82 -32.87
C ASP A 78 25.49 26.34 -33.21
N LEU A 79 26.59 25.75 -32.76
CA LEU A 79 26.88 24.37 -33.10
C LEU A 79 27.22 23.59 -31.84
N CYS A 80 26.37 22.61 -31.50
CA CYS A 80 26.59 21.72 -30.37
C CYS A 80 27.03 20.36 -30.89
N VAL A 81 28.17 19.89 -30.40
CA VAL A 81 28.76 18.64 -30.88
C VAL A 81 29.22 17.81 -29.69
N ASP A 82 29.16 16.51 -29.85
CA ASP A 82 29.51 15.57 -28.79
C ASP A 82 31.01 15.46 -28.59
N LEU A 83 31.41 15.39 -27.34
CA LEU A 83 32.79 15.08 -26.95
C LEU A 83 32.69 13.85 -26.06
N THR A 84 33.03 12.68 -26.60
CA THR A 84 32.95 11.44 -25.84
C THR A 84 34.13 11.38 -24.87
N VAL A 85 34.00 12.14 -23.78
CA VAL A 85 35.08 12.27 -22.81
C VAL A 85 35.37 10.96 -22.09
N ASN A 86 34.46 9.99 -22.09
CA ASN A 86 34.70 8.76 -21.35
C ASN A 86 35.60 7.80 -22.12
N HIS A 87 35.41 7.69 -23.43
CA HIS A 87 35.93 6.56 -24.18
C HIS A 87 36.21 6.96 -25.61
N ILE A 88 37.12 6.22 -26.25
CA ILE A 88 37.35 6.30 -27.68
C ILE A 88 37.41 4.88 -28.24
N SER A 89 37.31 4.79 -29.55
CA SER A 89 37.15 3.52 -30.25
C SER A 89 38.35 2.60 -30.06
N ASP A 90 38.09 1.30 -30.22
CA ASP A 90 39.20 0.35 -30.28
C ASP A 90 39.93 0.38 -31.61
N GLU A 91 39.33 0.98 -32.64
CA GLU A 91 39.96 1.19 -33.93
C GLU A 91 40.68 2.54 -34.03
N SER A 92 40.72 3.30 -32.94
CA SER A 92 41.38 4.59 -32.96
C SER A 92 42.88 4.44 -33.22
N PRO A 93 43.53 5.46 -33.78
CA PRO A 93 44.99 5.40 -33.90
C PRO A 93 45.66 5.16 -32.56
N GLU A 94 45.15 5.80 -31.50
CA GLU A 94 45.79 5.69 -30.19
C GLU A 94 45.65 4.28 -29.61
N PHE A 95 44.48 3.67 -29.73
CA PHE A 95 44.33 2.34 -29.14
C PHE A 95 44.95 1.26 -30.00
N ARG A 96 44.88 1.40 -31.34
CA ARG A 96 45.55 0.43 -32.19
C ARG A 96 47.05 0.41 -31.92
N ASP A 97 47.62 1.57 -31.62
CA ASP A 97 49.04 1.62 -31.28
C ASP A 97 49.32 0.84 -29.99
N PHE A 98 48.36 0.78 -29.08
CA PHE A 98 48.56 0.01 -27.86
C PHE A 98 48.63 -1.49 -28.14
N ILE A 99 47.80 -2.00 -29.05
CA ILE A 99 47.81 -3.42 -29.35
C ILE A 99 49.12 -3.84 -30.00
N ALA A 100 49.64 -3.00 -30.90
CA ALA A 100 50.86 -3.33 -31.62
C ALA A 100 52.07 -3.36 -30.67
N ASN A 101 52.28 -2.26 -29.95
CA ASN A 101 53.50 -2.10 -29.17
C ASN A 101 53.37 -2.60 -27.73
N GLY A 102 52.17 -2.78 -27.23
CA GLY A 102 52.04 -3.18 -25.85
C GLY A 102 52.24 -1.99 -24.92
N PHE A 103 52.74 -2.28 -23.72
CA PHE A 103 53.00 -1.22 -22.75
C PHE A 103 54.18 -0.33 -23.15
N ASP A 104 54.96 -0.72 -24.14
CA ASP A 104 55.98 0.18 -24.68
C ASP A 104 55.37 1.33 -25.46
N SER A 105 54.07 1.26 -25.77
CA SER A 105 53.40 2.32 -26.50
C SER A 105 53.39 3.63 -25.72
N GLU A 106 53.59 4.73 -26.44
CA GLU A 106 53.51 6.05 -25.82
C GLU A 106 52.09 6.43 -25.44
N TYR A 107 51.09 5.67 -25.89
CA TYR A 107 49.69 5.89 -25.56
C TYR A 107 49.18 4.92 -24.50
N ALA A 108 50.08 4.26 -23.78
CA ALA A 108 49.66 3.23 -22.82
C ALA A 108 48.89 3.83 -21.65
N ASP A 109 49.40 4.93 -21.09
CA ASP A 109 48.79 5.54 -19.92
C ASP A 109 47.52 6.31 -20.26
N LEU A 110 47.05 6.19 -21.51
CA LEU A 110 45.80 6.78 -21.95
C LEU A 110 44.59 5.93 -21.55
N PHE A 111 44.80 4.66 -21.21
CA PHE A 111 43.69 3.74 -20.98
C PHE A 111 43.80 3.11 -19.60
N VAL A 112 42.67 2.57 -19.13
CA VAL A 112 42.58 2.04 -17.79
C VAL A 112 42.88 0.55 -17.80
N HIS A 113 43.93 0.15 -17.08
CA HIS A 113 44.37 -1.24 -17.06
C HIS A 113 43.90 -1.90 -15.77
N VAL A 114 43.08 -2.93 -15.92
CA VAL A 114 42.37 -3.50 -14.77
C VAL A 114 43.34 -4.12 -13.76
N ASP A 115 44.47 -4.67 -14.22
CA ASP A 115 45.38 -5.31 -13.27
C ASP A 115 46.10 -4.29 -12.40
N ARG A 116 46.06 -3.00 -12.77
CA ARG A 116 46.61 -1.95 -11.92
C ARG A 116 45.94 -1.93 -10.56
N PHE A 117 44.65 -2.23 -10.50
CA PHE A 117 43.86 -2.10 -9.29
C PHE A 117 44.09 -3.25 -8.30
N GLY A 118 44.74 -4.33 -8.75
CA GLY A 118 44.87 -5.55 -7.98
C GLY A 118 43.54 -6.31 -7.85
N ASP A 119 43.46 -7.11 -6.79
CA ASP A 119 42.23 -7.84 -6.52
C ASP A 119 41.12 -6.87 -6.11
N ILE A 120 39.95 -7.04 -6.69
CA ILE A 120 38.79 -6.20 -6.41
C ILE A 120 37.74 -7.05 -5.69
N SER A 121 37.41 -6.66 -4.46
CA SER A 121 36.51 -7.47 -3.66
C SER A 121 35.11 -7.54 -4.28
N PRO A 122 34.35 -8.60 -4.00
CA PRO A 122 32.98 -8.68 -4.53
C PRO A 122 32.15 -7.48 -4.15
N ASP A 123 32.39 -6.89 -2.98
CA ASP A 123 31.64 -5.70 -2.58
C ASP A 123 31.96 -4.53 -3.50
N ASP A 124 33.24 -4.31 -3.78
CA ASP A 124 33.62 -3.19 -4.64
C ASP A 124 33.16 -3.39 -6.08
N MET A 125 32.99 -4.65 -6.50
CA MET A 125 32.46 -4.92 -7.83
C MET A 125 30.98 -4.56 -7.92
N ALA A 126 30.19 -4.98 -6.92
CA ALA A 126 28.76 -4.71 -6.98
C ALA A 126 28.44 -3.22 -6.90
N LYS A 127 29.35 -2.41 -6.33
CA LYS A 127 29.16 -0.97 -6.26
C LYS A 127 29.13 -0.32 -7.64
N ILE A 128 29.76 -0.94 -8.62
CA ILE A 128 30.08 -0.22 -9.87
C ILE A 128 28.80 0.02 -10.64
N HIS A 129 28.54 1.28 -10.96
CA HIS A 129 27.30 1.72 -11.61
C HIS A 129 27.40 1.49 -13.12
N ILE A 130 27.21 0.23 -13.50
CA ILE A 130 27.30 -0.26 -14.87
C ILE A 130 25.95 -0.83 -15.22
N ARG A 131 25.48 -0.55 -16.43
CA ARG A 131 24.10 -0.88 -16.80
C ARG A 131 23.93 -2.15 -17.65
N LYS A 132 24.99 -2.87 -18.00
CA LYS A 132 24.65 -4.22 -18.44
C LYS A 132 25.22 -5.23 -17.45
N GLU A 133 24.88 -6.49 -17.68
CA GLU A 133 25.05 -7.55 -16.70
C GLU A 133 26.39 -8.27 -16.81
N LYS A 134 27.40 -7.63 -17.39
CA LYS A 134 28.74 -8.19 -17.39
C LYS A 134 29.75 -7.15 -16.90
N GLU A 135 30.86 -7.66 -16.35
CA GLU A 135 31.91 -6.82 -15.82
C GLU A 135 32.39 -5.81 -16.85
N PRO A 136 32.74 -4.58 -16.43
CA PRO A 136 33.16 -3.55 -17.40
C PRO A 136 34.60 -3.72 -17.83
N PHE A 137 34.99 -4.95 -18.15
CA PHE A 137 36.38 -5.30 -18.39
C PHE A 137 36.46 -6.06 -19.70
N ARG A 138 37.26 -5.55 -20.64
CA ARG A 138 37.51 -6.25 -21.90
C ARG A 138 38.91 -6.84 -21.90
N GLU A 139 39.00 -8.11 -22.27
CA GLU A 139 40.29 -8.75 -22.44
C GLU A 139 40.64 -8.62 -23.92
N VAL A 140 41.68 -7.86 -24.22
CA VAL A 140 42.15 -7.69 -25.60
C VAL A 140 43.45 -8.47 -25.75
N THR A 141 43.70 -8.94 -26.96
CA THR A 141 44.92 -9.66 -27.26
C THR A 141 45.90 -8.72 -27.96
N LEU A 142 47.09 -8.59 -27.40
CA LEU A 142 48.12 -7.75 -28.00
C LEU A 142 48.74 -8.44 -29.22
N ALA A 143 49.49 -7.67 -29.99
CA ALA A 143 50.14 -8.20 -31.18
C ALA A 143 51.14 -9.29 -30.82
N ASP A 144 51.81 -9.15 -29.68
CA ASP A 144 52.80 -10.14 -29.24
C ASP A 144 52.19 -11.37 -28.58
N GLY A 145 50.86 -11.46 -28.51
CA GLY A 145 50.19 -12.62 -27.95
C GLY A 145 49.73 -12.45 -26.52
N THR A 146 50.11 -11.36 -25.85
CA THR A 146 49.77 -11.15 -24.46
C THR A 146 48.29 -10.79 -24.30
N LYS A 147 47.65 -11.33 -23.26
CA LYS A 147 46.27 -11.02 -22.91
C LYS A 147 46.26 -10.08 -21.71
N THR A 148 45.62 -8.92 -21.88
CA THR A 148 45.48 -7.95 -20.80
C THR A 148 44.06 -7.38 -20.83
N ARG A 149 43.66 -6.71 -19.74
CA ARG A 149 42.29 -6.21 -19.61
C ARG A 149 42.26 -4.70 -19.50
N VAL A 150 41.29 -4.08 -20.16
CA VAL A 150 41.10 -2.64 -20.10
C VAL A 150 39.68 -2.35 -19.65
N TRP A 151 39.50 -1.16 -19.07
CA TRP A 151 38.18 -0.81 -18.58
C TRP A 151 37.28 -0.52 -19.77
N CYS A 152 36.07 -1.06 -19.73
CA CYS A 152 35.18 -0.95 -20.88
C CYS A 152 33.75 -0.87 -20.34
N THR A 153 33.27 0.36 -20.17
CA THR A 153 31.93 0.56 -19.62
C THR A 153 30.86 0.05 -20.58
N PHE A 154 30.89 0.52 -21.82
CA PHE A 154 29.88 0.28 -22.84
C PHE A 154 30.30 -0.91 -23.71
N THR A 155 29.75 -0.99 -24.93
CA THR A 155 30.13 -2.01 -25.90
C THR A 155 31.65 -2.12 -26.04
N GLU A 156 32.11 -3.31 -26.42
CA GLU A 156 33.55 -3.62 -26.40
C GLU A 156 34.36 -2.78 -27.38
N GLN A 157 33.74 -2.09 -28.32
CA GLN A 157 34.48 -1.23 -29.23
C GLN A 157 34.73 0.15 -28.65
N GLN A 158 34.35 0.38 -27.41
CA GLN A 158 34.49 1.65 -26.70
C GLN A 158 35.42 1.45 -25.50
N ILE A 159 36.67 1.89 -25.61
CA ILE A 159 37.66 1.72 -24.56
C ILE A 159 37.68 2.97 -23.70
N ASP A 160 37.51 2.82 -22.40
CA ASP A 160 37.43 3.99 -21.53
C ASP A 160 38.79 4.65 -21.33
N LEU A 161 38.76 5.96 -21.16
CA LEU A 161 39.98 6.75 -21.00
C LEU A 161 40.35 6.87 -19.51
N ASN A 162 41.63 7.10 -19.28
CA ASN A 162 42.22 7.06 -17.94
C ASN A 162 42.45 8.48 -17.42
N TYR A 163 41.56 8.96 -16.55
CA TYR A 163 41.74 10.30 -16.01
C TYR A 163 42.57 10.30 -14.74
N ASP A 164 43.19 9.17 -14.39
CA ASP A 164 44.24 9.14 -13.38
C ASP A 164 45.62 9.41 -13.97
N GLY A 165 45.75 9.35 -15.30
CA GLY A 165 46.97 9.76 -15.98
C GLY A 165 46.79 11.13 -16.63
N ASP A 166 47.81 11.50 -17.42
CA ASP A 166 47.84 12.81 -18.07
C ASP A 166 47.41 12.78 -19.53
N LEU A 167 47.67 11.66 -20.23
CA LEU A 167 47.41 11.58 -21.67
C LEU A 167 45.95 11.84 -22.02
N ALA A 168 45.03 11.44 -21.15
CA ALA A 168 43.62 11.62 -21.47
C ALA A 168 43.26 13.10 -21.57
N TYR A 169 43.83 13.92 -20.68
CA TYR A 169 43.55 15.34 -20.74
C TYR A 169 44.12 15.96 -22.01
N ARG A 170 45.30 15.50 -22.44
CA ARG A 170 45.84 15.96 -23.71
C ARG A 170 44.86 15.69 -24.86
N LEU A 171 44.36 14.45 -24.93
CA LEU A 171 43.51 14.05 -26.04
C LEU A 171 42.25 14.90 -26.08
N MET A 172 41.62 15.11 -24.92
CA MET A 172 40.44 15.96 -24.89
C MET A 172 40.78 17.38 -25.28
N GLU A 173 41.88 17.91 -24.73
CA GLU A 173 42.29 19.26 -25.09
C GLU A 173 42.62 19.35 -26.57
N SER A 174 43.17 18.28 -27.14
CA SER A 174 43.41 18.24 -28.58
C SER A 174 42.10 18.25 -29.35
N TYR A 175 41.18 17.34 -29.00
CA TYR A 175 39.87 17.29 -29.64
C TYR A 175 39.14 18.64 -29.53
N ILE A 176 39.13 19.25 -28.34
CA ILE A 176 38.41 20.50 -28.14
C ILE A 176 38.99 21.59 -29.04
N GLY A 177 40.30 21.70 -29.09
CA GLY A 177 40.92 22.69 -29.96
C GLY A 177 40.48 22.53 -31.40
N PHE A 178 40.41 21.29 -31.88
CA PHE A 178 40.04 21.06 -33.27
C PHE A 178 38.57 21.41 -33.51
N LEU A 179 37.68 20.97 -32.61
CA LEU A 179 36.25 21.16 -32.82
C LEU A 179 35.89 22.64 -32.78
N THR A 180 36.47 23.38 -31.83
CA THR A 180 36.18 24.80 -31.75
C THR A 180 36.69 25.54 -32.98
N SER A 181 37.80 25.08 -33.59
CA SER A 181 38.30 25.71 -34.81
C SER A 181 37.35 25.53 -35.97
N LYS A 182 36.47 24.54 -35.91
CA LYS A 182 35.45 24.31 -36.91
C LYS A 182 34.13 25.01 -36.56
N GLY A 183 34.09 25.76 -35.47
CA GLY A 183 32.92 26.52 -35.09
C GLY A 183 32.06 25.93 -33.99
N VAL A 184 32.55 24.96 -33.23
CA VAL A 184 31.74 24.36 -32.17
C VAL A 184 31.65 25.33 -31.00
N ASN A 185 30.41 25.71 -30.65
CA ASN A 185 30.12 26.58 -29.51
C ASN A 185 29.94 25.80 -28.22
N LEU A 186 29.25 24.66 -28.31
CA LEU A 186 28.76 23.97 -27.13
C LEU A 186 29.22 22.51 -27.23
N LEU A 187 30.01 22.08 -26.26
CA LEU A 187 30.54 20.72 -26.23
C LEU A 187 29.66 19.86 -25.33
N ARG A 188 28.85 18.99 -25.92
CA ARG A 188 28.07 18.04 -25.12
C ARG A 188 29.02 16.99 -24.58
N LEU A 189 29.22 16.99 -23.27
CA LEU A 189 30.16 16.07 -22.63
C LEU A 189 29.45 14.74 -22.43
N ASP A 190 29.62 13.85 -23.40
CA ASP A 190 28.92 12.58 -23.42
C ASP A 190 29.42 11.66 -22.32
N ALA A 191 28.50 11.27 -21.43
CA ALA A 191 28.72 10.21 -20.44
C ALA A 191 29.88 10.51 -19.49
N PHE A 192 30.03 11.77 -19.12
CA PHE A 192 31.16 12.18 -18.28
C PHE A 192 31.18 11.47 -16.93
N GLY A 193 30.01 11.04 -16.45
CA GLY A 193 29.93 10.44 -15.12
C GLY A 193 30.81 9.23 -14.92
N TYR A 194 31.20 8.57 -16.00
CA TYR A 194 32.01 7.35 -15.92
C TYR A 194 33.50 7.66 -15.97
N THR A 195 33.87 8.93 -16.08
CA THR A 195 35.28 9.26 -16.17
C THR A 195 36.00 8.97 -14.88
N THR A 196 35.30 9.07 -13.74
CA THR A 196 35.90 8.90 -12.42
C THR A 196 35.86 7.43 -12.04
N LYS A 197 37.03 6.81 -11.96
CA LYS A 197 37.16 5.43 -11.51
C LYS A 197 37.93 5.42 -10.20
N ARG A 198 37.34 4.79 -9.17
CA ARG A 198 38.06 4.52 -7.93
C ARG A 198 37.41 3.31 -7.30
N ILE A 199 38.17 2.21 -7.20
CA ILE A 199 37.65 1.01 -6.57
C ILE A 199 37.24 1.31 -5.15
N GLY A 200 36.08 0.80 -4.74
CA GLY A 200 35.46 1.17 -3.48
C GLY A 200 34.37 2.21 -3.61
N THR A 201 34.22 2.82 -4.77
CA THR A 201 33.16 3.77 -5.02
C THR A 201 32.30 3.22 -6.13
N SER A 202 31.25 3.95 -6.49
CA SER A 202 30.39 3.50 -7.58
C SER A 202 31.05 3.63 -8.93
N CYS A 203 32.21 4.31 -9.01
CA CYS A 203 32.88 4.61 -10.27
C CYS A 203 31.97 5.42 -11.19
N PHE A 204 31.10 6.22 -10.61
CA PHE A 204 30.17 7.03 -11.38
C PHE A 204 29.83 8.29 -10.60
N LEU A 205 30.11 9.46 -11.17
CA LEU A 205 29.84 10.73 -10.51
C LEU A 205 30.48 10.75 -9.13
N VAL A 206 31.71 10.25 -9.07
CA VAL A 206 32.44 10.18 -7.81
C VAL A 206 32.84 11.59 -7.42
N GLU A 207 32.38 12.03 -6.26
CA GLU A 207 32.58 13.34 -5.65
C GLU A 207 33.80 13.32 -4.73
N PRO A 208 34.65 14.37 -4.75
CA PRO A 208 34.53 15.58 -5.57
C PRO A 208 35.34 15.53 -6.85
N GLU A 209 35.96 14.37 -7.12
CA GLU A 209 36.77 14.19 -8.32
C GLU A 209 36.03 14.62 -9.58
N VAL A 210 34.73 14.29 -9.67
CA VAL A 210 33.99 14.53 -10.90
C VAL A 210 34.00 16.01 -11.26
N TYR A 211 34.00 16.89 -10.26
CA TYR A 211 33.86 18.30 -10.54
C TYR A 211 35.17 18.94 -10.96
N ARG A 212 36.27 18.43 -10.42
CA ARG A 212 37.62 18.82 -10.81
C ARG A 212 37.87 18.47 -12.27
N ILE A 213 37.52 17.23 -12.67
CA ILE A 213 37.58 16.86 -14.08
C ILE A 213 36.69 17.78 -14.89
N LEU A 214 35.55 18.14 -14.32
CA LEU A 214 34.58 18.91 -15.06
C LEU A 214 35.01 20.39 -15.12
N ASP A 215 35.56 20.93 -14.03
CA ASP A 215 36.08 22.30 -14.07
C ASP A 215 37.25 22.42 -15.05
N TRP A 216 38.05 21.36 -15.19
CA TRP A 216 39.18 21.42 -16.11
C TRP A 216 38.68 21.52 -17.55
N ILE A 217 37.79 20.60 -17.95
CA ILE A 217 37.25 20.63 -19.30
C ILE A 217 36.54 21.96 -19.56
N ASN A 218 35.79 22.47 -18.59
CA ASN A 218 35.10 23.73 -18.79
C ASN A 218 36.09 24.85 -19.08
N GLU A 219 37.20 24.88 -18.34
CA GLU A 219 38.23 25.88 -18.60
C GLU A 219 38.79 25.76 -20.01
N VAL A 220 39.13 24.53 -20.43
CA VAL A 220 39.66 24.34 -21.77
C VAL A 220 38.66 24.83 -22.83
N ALA A 221 37.38 24.52 -22.66
CA ALA A 221 36.40 24.97 -23.63
C ALA A 221 36.31 26.49 -23.65
N PHE A 222 36.34 27.12 -22.48
CA PHE A 222 36.22 28.57 -22.45
C PHE A 222 37.42 29.25 -23.09
N LYS A 223 38.61 28.69 -22.88
CA LYS A 223 39.81 29.17 -23.54
C LYS A 223 39.60 29.20 -25.05
N HIS A 224 39.02 28.13 -25.59
CA HIS A 224 38.78 27.98 -27.02
C HIS A 224 37.41 28.48 -27.44
N GLY A 225 36.76 29.27 -26.59
CA GLY A 225 35.51 29.90 -26.97
C GLY A 225 34.33 28.95 -27.09
N ALA A 226 34.16 28.09 -26.09
CA ALA A 226 33.08 27.12 -26.09
C ALA A 226 32.60 26.92 -24.66
N GLU A 227 31.32 26.60 -24.52
CA GLU A 227 30.71 26.22 -23.26
C GLU A 227 30.39 24.73 -23.29
N CYS A 228 30.06 24.19 -22.12
CA CYS A 228 29.88 22.76 -21.98
C CYS A 228 28.45 22.38 -21.58
N LEU A 229 28.06 21.18 -21.98
CA LEU A 229 26.76 20.60 -21.71
C LEU A 229 26.98 19.17 -21.25
N PRO A 230 27.27 18.97 -19.96
CA PRO A 230 27.50 17.61 -19.47
C PRO A 230 26.18 16.84 -19.41
N GLU A 231 26.14 15.67 -20.06
CA GLU A 231 24.95 14.85 -20.03
C GLU A 231 25.12 13.81 -18.92
N VAL A 232 24.25 13.86 -17.91
CA VAL A 232 24.22 12.86 -16.86
C VAL A 232 22.78 12.49 -16.57
N HIS A 233 22.52 11.19 -16.54
CA HIS A 233 21.22 10.63 -16.18
C HIS A 233 21.37 10.02 -14.79
N ASP A 234 21.01 10.79 -13.78
CA ASP A 234 20.97 10.35 -12.38
C ASP A 234 20.14 11.39 -11.62
N HIS A 235 20.24 11.39 -10.30
CA HIS A 235 19.42 12.28 -9.48
C HIS A 235 19.62 13.75 -9.88
N THR A 236 18.54 14.53 -9.84
CA THR A 236 18.65 15.92 -10.31
C THR A 236 19.63 16.75 -9.52
N SER A 237 19.92 16.36 -8.28
CA SER A 237 20.90 17.12 -7.50
C SER A 237 22.21 17.29 -8.25
N TYR A 238 22.57 16.31 -9.08
CA TYR A 238 23.76 16.48 -9.92
C TYR A 238 23.58 17.59 -10.95
N GLN A 239 22.36 17.81 -11.44
CA GLN A 239 22.18 18.91 -12.39
C GLN A 239 22.44 20.25 -11.72
N TYR A 240 22.15 20.39 -10.43
CA TYR A 240 22.42 21.68 -9.83
C TYR A 240 23.91 21.86 -9.58
N ALA A 241 24.60 20.80 -9.20
CA ALA A 241 26.05 20.86 -9.06
C ALA A 241 26.68 21.35 -10.35
N ILE A 242 26.23 20.79 -11.49
CA ILE A 242 26.69 21.27 -12.79
C ILE A 242 26.35 22.75 -12.96
N SER A 243 25.09 23.12 -12.72
CA SER A 243 24.63 24.48 -12.89
C SER A 243 25.49 25.47 -12.12
N ARG A 244 25.95 25.09 -10.94
CA ARG A 244 26.69 25.98 -10.06
C ARG A 244 28.18 26.04 -10.40
N ARG A 245 28.58 25.45 -11.53
CA ARG A 245 29.96 25.48 -11.97
C ARG A 245 30.08 26.07 -13.36
N ASN A 246 29.13 26.96 -13.70
CA ASN A 246 29.13 27.71 -14.96
C ASN A 246 29.13 26.79 -16.17
N MET A 247 28.40 25.67 -16.04
CA MET A 247 28.15 24.75 -17.13
C MET A 247 26.66 24.56 -17.31
N HIS A 248 26.30 24.05 -18.49
CA HIS A 248 24.90 23.84 -18.82
C HIS A 248 24.50 22.44 -18.41
N PRO A 249 23.63 22.28 -17.43
CA PRO A 249 23.05 20.96 -17.15
C PRO A 249 21.90 20.70 -18.12
N TYR A 250 21.49 19.45 -18.19
CA TYR A 250 20.31 19.05 -18.98
C TYR A 250 19.04 19.11 -18.15
N GLY A 251 17.97 19.64 -18.76
CA GLY A 251 16.67 19.67 -18.12
C GLY A 251 15.91 18.37 -18.23
N PHE A 252 16.60 17.25 -17.99
CA PHE A 252 16.00 15.93 -18.15
C PHE A 252 14.77 15.70 -17.28
N ALA A 253 14.59 16.44 -16.20
CA ALA A 253 13.42 16.21 -15.36
C ALA A 253 12.13 16.59 -16.08
N LEU A 254 12.21 17.53 -17.01
CA LEU A 254 11.00 18.07 -17.61
C LEU A 254 10.18 17.03 -18.37
N PRO A 255 10.76 16.18 -19.21
CA PRO A 255 9.94 15.30 -20.05
C PRO A 255 8.98 14.44 -19.24
N PRO A 256 9.44 13.60 -18.32
CA PRO A 256 8.46 12.80 -17.59
C PRO A 256 7.66 13.65 -16.63
N LEU A 257 8.23 14.76 -16.12
CA LEU A 257 7.46 15.64 -15.25
C LEU A 257 6.26 16.20 -16.00
N LEU A 258 6.46 16.65 -17.24
CA LEU A 258 5.34 17.10 -18.07
C LEU A 258 4.42 15.97 -18.50
N LEU A 259 4.99 14.83 -18.93
CA LEU A 259 4.14 13.73 -19.36
C LEU A 259 3.14 13.37 -18.27
N TYR A 260 3.64 13.17 -17.04
CA TYR A 260 2.74 12.94 -15.92
C TYR A 260 1.79 14.11 -15.73
N SER A 261 2.30 15.33 -15.83
CA SER A 261 1.52 16.53 -15.58
C SER A 261 0.36 16.69 -16.55
N LEU A 262 0.59 16.43 -17.85
CA LEU A 262 -0.46 16.55 -18.84
C LEU A 262 -1.45 15.40 -18.77
N LEU A 263 -0.94 14.18 -18.61
CA LEU A 263 -1.78 12.99 -18.60
C LEU A 263 -2.72 12.98 -17.41
N ASP A 264 -2.32 13.59 -16.30
CA ASP A 264 -3.08 13.48 -15.07
C ASP A 264 -3.65 14.80 -14.62
N ALA A 265 -3.49 15.85 -15.43
CA ALA A 265 -4.02 17.18 -15.16
C ALA A 265 -3.60 17.67 -13.78
N ASN A 266 -2.28 17.70 -13.58
CA ASN A 266 -1.69 18.03 -12.29
C ASN A 266 -0.52 18.96 -12.56
N SER A 267 -0.59 20.15 -12.00
CA SER A 267 0.42 21.14 -12.23
C SER A 267 1.30 21.36 -10.99
N VAL A 268 1.00 20.67 -9.90
CA VAL A 268 1.67 20.87 -8.61
C VAL A 268 3.18 20.58 -8.70
N TYR A 269 3.53 19.37 -9.11
CA TYR A 269 4.94 18.99 -9.07
C TYR A 269 5.71 19.78 -10.11
N LEU A 270 5.03 20.17 -11.19
CA LEU A 270 5.63 20.98 -12.24
C LEU A 270 5.90 22.40 -11.77
N LYS A 271 4.92 23.01 -11.11
CA LYS A 271 5.16 24.34 -10.58
C LYS A 271 6.24 24.29 -9.53
N ASN A 272 6.22 23.27 -8.67
CA ASN A 272 7.31 23.14 -7.70
C ASN A 272 8.66 23.09 -8.39
N TRP A 273 8.76 22.36 -9.51
CA TRP A 273 10.04 22.24 -10.19
C TRP A 273 10.49 23.54 -10.84
N LEU A 274 9.60 24.18 -11.62
CA LEU A 274 9.97 25.41 -12.28
C LEU A 274 10.44 26.45 -11.26
N ARG A 275 9.79 26.51 -10.11
CA ARG A 275 10.15 27.50 -9.12
C ARG A 275 11.57 27.31 -8.61
N MET A 276 12.13 26.10 -8.72
CA MET A 276 13.46 25.82 -8.18
C MET A 276 14.36 25.15 -9.21
N CYS A 277 13.97 25.11 -10.49
CA CYS A 277 14.74 24.40 -11.48
C CYS A 277 16.11 25.04 -11.65
N PRO A 278 17.15 24.25 -11.92
CA PRO A 278 18.47 24.84 -12.05
C PRO A 278 18.53 25.75 -13.26
N ARG A 279 19.41 26.73 -13.14
CA ARG A 279 19.69 27.73 -14.15
C ARG A 279 20.74 27.27 -15.17
N ASN A 280 20.71 27.95 -16.32
CA ASN A 280 21.58 27.72 -17.46
C ASN A 280 21.43 26.31 -18.02
N MET A 281 20.26 25.72 -17.86
CA MET A 281 20.13 24.37 -18.37
C MET A 281 19.61 24.38 -19.80
N VAL A 282 19.88 23.28 -20.49
CA VAL A 282 19.37 23.01 -21.81
C VAL A 282 18.18 22.08 -21.64
N THR A 283 16.98 22.60 -21.91
CA THR A 283 15.76 21.84 -21.69
C THR A 283 15.46 21.01 -22.92
N VAL A 284 14.90 19.82 -22.69
CA VAL A 284 14.51 18.89 -23.73
C VAL A 284 13.18 18.28 -23.33
N LEU A 285 12.43 17.80 -24.31
CA LEU A 285 11.37 16.85 -24.07
C LEU A 285 11.81 15.47 -24.54
N ASP A 286 12.13 15.34 -25.81
CA ASP A 286 12.68 14.12 -26.37
C ASP A 286 14.16 14.30 -26.67
N THR A 287 14.86 13.19 -26.70
CA THR A 287 16.26 13.16 -27.09
C THR A 287 16.40 12.05 -28.12
N HIS A 288 17.63 11.69 -28.44
CA HIS A 288 17.86 10.49 -29.23
C HIS A 288 17.80 9.22 -28.40
N ASP A 289 17.57 9.31 -27.08
CA ASP A 289 17.65 8.14 -26.21
C ASP A 289 16.33 7.70 -25.59
N GLY A 290 15.32 8.54 -25.55
CA GLY A 290 14.12 8.08 -24.91
C GLY A 290 14.04 8.53 -23.46
N ILE A 291 12.80 8.58 -22.97
CA ILE A 291 12.47 9.29 -21.74
C ILE A 291 13.10 8.60 -20.53
N CYS A 292 13.95 9.32 -19.80
CA CYS A 292 14.81 8.77 -18.77
C CYS A 292 14.18 8.96 -17.39
N ILE A 293 14.10 7.87 -16.62
CA ILE A 293 13.40 7.88 -15.35
C ILE A 293 14.20 8.39 -14.15
N PRO A 294 15.43 7.95 -13.91
CA PRO A 294 16.14 8.46 -12.72
C PRO A 294 16.18 9.98 -12.63
N ASP A 295 16.09 10.66 -13.78
CA ASP A 295 16.20 12.11 -13.80
C ASP A 295 14.99 12.81 -13.21
N VAL A 296 13.93 12.09 -12.87
CA VAL A 296 12.74 12.69 -12.30
C VAL A 296 12.45 12.18 -10.90
N GLU A 297 13.20 11.20 -10.42
CA GLU A 297 13.05 10.76 -9.04
C GLU A 297 13.22 11.96 -8.11
N GLY A 298 12.34 12.06 -7.13
CA GLY A 298 12.29 13.23 -6.27
C GLY A 298 11.46 14.36 -6.86
N VAL A 299 11.75 14.73 -8.11
CA VAL A 299 10.95 15.74 -8.77
C VAL A 299 9.49 15.32 -8.82
N LEU A 300 9.25 14.01 -8.85
CA LEU A 300 7.92 13.48 -9.00
C LEU A 300 7.89 12.33 -7.99
N PRO A 301 6.85 12.21 -7.16
CA PRO A 301 6.82 11.11 -6.20
C PRO A 301 6.77 9.76 -6.92
N ASP A 302 7.31 8.72 -6.26
CA ASP A 302 7.43 7.42 -6.91
C ASP A 302 6.07 6.91 -7.41
N ASP A 303 5.04 7.04 -6.58
CA ASP A 303 3.73 6.57 -7.03
C ASP A 303 3.28 7.31 -8.29
N LYS A 304 3.62 8.58 -8.42
CA LYS A 304 3.27 9.28 -9.65
C LYS A 304 4.21 8.88 -10.78
N ILE A 305 5.47 8.54 -10.48
CA ILE A 305 6.33 8.00 -11.52
C ILE A 305 5.79 6.66 -12.01
N LYS A 306 5.34 5.81 -11.08
CA LYS A 306 4.78 4.54 -11.50
C LYS A 306 3.50 4.72 -12.31
N VAL A 307 2.66 5.69 -11.93
CA VAL A 307 1.52 6.02 -12.79
C VAL A 307 1.99 6.34 -14.21
N LEU A 308 3.02 7.16 -14.32
CA LEU A 308 3.55 7.50 -15.64
C LEU A 308 4.03 6.25 -16.38
N ILE A 309 4.84 5.41 -15.71
CA ILE A 309 5.35 4.19 -16.34
C ILE A 309 4.22 3.28 -16.79
N ASP A 310 3.23 3.06 -15.91
CA ASP A 310 2.13 2.18 -16.27
C ASP A 310 1.29 2.75 -17.39
N ASN A 311 1.17 4.08 -17.49
CA ASN A 311 0.34 4.66 -18.53
C ASN A 311 1.00 4.56 -19.90
N ILE A 312 2.33 4.70 -19.98
CA ILE A 312 3.02 4.69 -21.28
C ILE A 312 3.30 3.27 -21.79
N ASP A 313 3.21 2.24 -20.93
CA ASP A 313 3.71 0.91 -21.28
C ASP A 313 3.07 0.38 -22.56
N ALA A 314 1.78 0.66 -22.77
CA ALA A 314 1.05 0.13 -23.93
C ALA A 314 1.47 0.82 -25.23
N ARG A 315 1.88 2.08 -25.16
CA ARG A 315 2.28 2.89 -26.30
C ARG A 315 3.77 2.84 -26.56
N SER A 316 4.51 2.00 -25.85
CA SER A 316 5.96 2.03 -25.92
C SER A 316 6.52 0.62 -26.06
N ALA A 317 7.67 0.54 -26.72
CA ALA A 317 8.37 -0.74 -26.89
C ALA A 317 8.98 -1.16 -25.55
N ASP A 318 9.71 -2.28 -25.57
CA ASP A 318 10.35 -2.75 -24.36
C ASP A 318 11.26 -1.66 -23.81
N PRO A 319 11.18 -1.36 -22.52
CA PRO A 319 11.99 -0.26 -21.97
C PRO A 319 13.43 -0.68 -21.78
N ILE A 320 14.31 0.30 -21.81
CA ILE A 320 15.68 0.04 -21.43
C ILE A 320 15.71 -0.08 -19.92
N MET A 321 16.39 -1.09 -19.42
CA MET A 321 16.36 -1.43 -18.01
C MET A 321 17.69 -1.08 -17.38
N ARG A 322 17.66 -0.82 -16.08
CA ARG A 322 18.89 -0.76 -15.30
C ARG A 322 19.10 -2.17 -14.75
N ARG A 323 20.35 -2.51 -14.50
CA ARG A 323 20.68 -3.93 -14.40
C ARG A 323 20.20 -4.69 -13.17
N SER A 324 19.89 -5.98 -13.43
CA SER A 324 19.44 -7.00 -12.48
C SER A 324 18.16 -6.60 -11.75
N ALA A 325 17.25 -5.94 -12.47
CA ALA A 325 15.94 -5.59 -11.93
C ALA A 325 14.90 -6.61 -12.40
N ALA A 326 14.75 -7.71 -11.65
CA ALA A 326 13.73 -8.70 -12.00
C ALA A 326 12.30 -8.15 -11.96
N ASN A 327 12.06 -7.01 -11.32
CA ASN A 327 10.70 -6.51 -11.18
C ASN A 327 10.50 -5.46 -12.27
N ILE A 328 10.05 -5.92 -13.44
CA ILE A 328 10.15 -5.11 -14.65
C ILE A 328 9.07 -4.06 -14.77
N HIS A 329 8.21 -3.91 -13.77
CA HIS A 329 7.17 -2.89 -13.80
C HIS A 329 7.32 -1.96 -12.61
N SER A 330 8.55 -1.60 -12.28
CA SER A 330 8.81 -0.83 -11.07
C SER A 330 9.72 0.34 -11.39
N VAL A 331 9.44 1.47 -10.73
CA VAL A 331 10.24 2.68 -10.89
C VAL A 331 11.73 2.38 -10.85
N GLY A 332 12.14 1.52 -9.92
CA GLY A 332 13.54 1.23 -9.76
C GLY A 332 14.14 0.32 -10.81
N ALA A 333 13.34 -0.15 -11.75
CA ALA A 333 13.80 -1.08 -12.75
C ALA A 333 14.01 -0.42 -14.10
N ILE A 334 13.11 0.48 -14.48
CA ILE A 334 13.20 1.17 -15.75
C ILE A 334 14.28 2.24 -15.71
N TYR A 335 15.11 2.27 -16.75
CA TYR A 335 16.07 3.33 -16.96
C TYR A 335 15.57 4.37 -17.96
N GLN A 336 15.14 3.94 -19.14
CA GLN A 336 14.63 4.82 -20.17
C GLN A 336 13.41 4.19 -20.83
N LEU A 337 12.38 5.00 -21.08
CA LEU A 337 11.18 4.55 -21.79
C LEU A 337 11.36 4.75 -23.29
N THR A 338 11.20 3.68 -24.05
CA THR A 338 11.42 3.72 -25.50
C THR A 338 10.13 4.09 -26.21
N CYS A 339 10.02 5.37 -26.58
CA CYS A 339 8.76 5.92 -27.03
C CYS A 339 9.07 7.29 -27.61
N THR A 340 8.44 7.63 -28.75
CA THR A 340 8.54 9.00 -29.21
C THR A 340 7.75 9.85 -28.26
N PHE A 341 8.12 11.13 -28.14
CA PHE A 341 7.40 11.95 -27.19
C PHE A 341 5.96 12.19 -27.66
N TYR A 342 5.75 12.19 -28.97
CA TYR A 342 4.41 12.43 -29.51
C TYR A 342 3.49 11.24 -29.25
N ASP A 343 4.01 10.02 -29.34
CA ASP A 343 3.23 8.86 -28.92
C ASP A 343 3.01 8.85 -27.41
N ALA A 344 3.93 9.43 -26.64
CA ALA A 344 3.74 9.45 -25.19
C ALA A 344 2.53 10.30 -24.81
N LEU A 345 2.16 11.27 -25.63
CA LEU A 345 0.97 12.07 -25.39
C LEU A 345 -0.20 11.64 -26.29
N MET A 346 -0.25 10.35 -26.65
CA MET A 346 -1.37 9.75 -27.37
C MET A 346 -1.66 10.46 -28.69
N GLN A 347 -0.63 11.02 -29.30
CA GLN A 347 -0.73 11.71 -30.58
C GLN A 347 -1.76 12.83 -30.51
N ASN A 348 -1.88 13.43 -29.32
CA ASN A 348 -2.79 14.54 -29.05
C ASN A 348 -2.08 15.85 -29.40
N ASP A 349 -2.54 16.49 -30.48
CA ASP A 349 -1.88 17.71 -30.95
C ASP A 349 -1.88 18.78 -29.86
N ASP A 350 -3.04 19.06 -29.26
CA ASP A 350 -3.11 20.09 -28.23
C ASP A 350 -2.16 19.79 -27.08
N ALA A 351 -2.11 18.55 -26.62
CA ALA A 351 -1.21 18.19 -25.53
C ALA A 351 0.25 18.37 -25.93
N TYR A 352 0.61 17.97 -27.16
CA TYR A 352 1.99 18.09 -27.59
C TYR A 352 2.40 19.55 -27.74
N ILE A 353 1.54 20.40 -28.31
CA ILE A 353 1.90 21.81 -28.41
C ILE A 353 1.98 22.45 -27.02
N ALA A 354 1.04 22.13 -26.14
CA ALA A 354 1.06 22.70 -24.80
C ALA A 354 2.33 22.31 -24.08
N ALA A 355 2.78 21.07 -24.28
CA ALA A 355 4.03 20.62 -23.71
C ALA A 355 5.20 21.46 -24.23
N ARG A 356 5.28 21.64 -25.55
CA ARG A 356 6.39 22.41 -26.12
C ARG A 356 6.37 23.85 -25.65
N ALA A 357 5.17 24.44 -25.51
CA ALA A 357 5.10 25.79 -24.97
C ALA A 357 5.69 25.84 -23.57
N ILE A 358 5.30 24.90 -22.72
CA ILE A 358 5.83 24.89 -21.37
C ILE A 358 7.34 24.72 -21.38
N GLN A 359 7.85 23.83 -22.24
CA GLN A 359 9.29 23.73 -22.43
C GLN A 359 9.88 25.09 -22.80
N PHE A 360 9.25 25.78 -23.76
CA PHE A 360 9.84 27.02 -24.28
C PHE A 360 9.82 28.13 -23.24
N PHE A 361 8.89 28.09 -22.28
CA PHE A 361 8.95 29.10 -21.23
C PHE A 361 9.76 28.65 -20.02
N THR A 362 10.26 27.42 -20.01
CA THR A 362 11.17 27.01 -18.95
C THR A 362 12.50 27.76 -19.11
N PRO A 363 13.07 28.26 -18.03
CA PRO A 363 14.37 28.92 -18.13
C PRO A 363 15.40 27.97 -18.74
N GLY A 364 16.08 28.45 -19.76
CA GLY A 364 17.14 27.69 -20.42
C GLY A 364 16.96 27.63 -21.91
N ILE A 365 17.99 27.10 -22.57
CA ILE A 365 17.97 26.93 -24.02
C ILE A 365 17.13 25.70 -24.36
N PRO A 366 16.06 25.84 -25.14
CA PRO A 366 15.25 24.66 -25.47
C PRO A 366 15.79 23.92 -26.67
N GLN A 367 15.98 22.61 -26.56
CA GLN A 367 16.30 21.77 -27.70
C GLN A 367 15.05 21.01 -28.13
N VAL A 368 14.83 20.97 -29.45
CA VAL A 368 13.76 20.19 -30.07
C VAL A 368 14.41 19.06 -30.87
N TYR A 369 14.03 17.82 -30.57
CA TYR A 369 14.52 16.67 -31.31
C TYR A 369 13.79 16.55 -32.63
N TYR A 370 14.52 16.12 -33.67
CA TYR A 370 13.99 16.27 -35.02
C TYR A 370 12.73 15.44 -35.22
N VAL A 371 12.66 14.26 -34.62
CA VAL A 371 11.43 13.47 -34.70
C VAL A 371 10.28 14.24 -34.07
N GLY A 372 10.51 14.81 -32.88
CA GLY A 372 9.49 15.64 -32.27
C GLY A 372 9.13 16.85 -33.12
N LEU A 373 10.13 17.47 -33.74
CA LEU A 373 9.87 18.58 -34.66
C LEU A 373 8.82 18.19 -35.67
N LEU A 374 8.91 16.96 -36.17
CA LEU A 374 8.07 16.50 -37.26
C LEU A 374 6.92 15.63 -36.77
N ALA A 375 6.66 15.65 -35.45
CA ALA A 375 5.59 14.88 -34.83
C ALA A 375 5.62 13.42 -35.28
N GLY A 376 6.78 12.79 -35.09
CA GLY A 376 6.95 11.42 -35.48
C GLY A 376 6.35 10.46 -34.48
N CYS A 377 5.83 9.35 -35.02
CA CYS A 377 5.28 8.25 -34.24
C CYS A 377 6.32 7.15 -34.08
N ASN A 378 6.06 6.23 -33.15
CA ASN A 378 6.99 5.13 -32.91
C ASN A 378 7.25 4.39 -34.21
N ASP A 379 8.54 4.19 -34.53
CA ASP A 379 8.92 3.55 -35.79
C ASP A 379 9.07 2.05 -35.53
N GLN A 380 7.93 1.35 -35.56
CA GLN A 380 7.92 -0.10 -35.42
C GLN A 380 8.78 -0.75 -36.48
N GLU A 381 8.59 -0.35 -37.74
CA GLU A 381 9.29 -1.02 -38.83
C GLU A 381 10.79 -0.86 -38.70
N LEU A 382 11.25 0.35 -38.37
CA LEU A 382 12.69 0.56 -38.23
C LEU A 382 13.24 -0.21 -37.04
N MET A 383 12.51 -0.24 -35.93
CA MET A 383 12.98 -0.96 -34.76
C MET A 383 13.10 -2.46 -35.04
N GLU A 384 12.15 -3.03 -35.78
CA GLU A 384 12.16 -4.47 -35.98
C GLU A 384 13.33 -4.91 -36.84
N LYS A 385 13.81 -4.08 -37.77
CA LYS A 385 15.12 -4.39 -38.32
C LYS A 385 16.18 -3.63 -37.52
N THR A 386 17.43 -4.01 -37.72
CA THR A 386 18.58 -3.43 -37.02
C THR A 386 18.61 -3.79 -35.54
N GLY A 387 17.49 -4.29 -35.00
CA GLY A 387 17.44 -4.70 -33.61
C GLY A 387 17.58 -3.61 -32.59
N GLU A 388 17.92 -2.39 -32.98
CA GLU A 388 18.12 -1.34 -31.99
C GLU A 388 16.80 -0.87 -31.40
N LEU A 389 16.69 -1.03 -30.08
CA LEU A 389 15.45 -0.74 -29.38
C LEU A 389 15.15 0.75 -29.42
N ARG A 390 16.18 1.58 -29.44
CA ARG A 390 16.01 3.01 -29.47
C ARG A 390 15.70 3.57 -30.85
N ASP A 391 15.86 2.79 -31.92
CA ASP A 391 15.50 3.30 -33.23
C ASP A 391 14.00 3.56 -33.36
N ILE A 392 13.22 3.15 -32.37
CA ILE A 392 11.79 3.47 -32.38
C ILE A 392 11.59 4.96 -32.28
N ASN A 393 12.60 5.71 -31.85
CA ASN A 393 12.57 7.16 -31.74
C ASN A 393 13.58 7.82 -32.67
N ARG A 394 14.08 7.09 -33.66
CA ARG A 394 15.14 7.57 -34.57
C ARG A 394 14.73 7.41 -36.03
N ASN A 395 13.50 7.84 -36.35
CA ASN A 395 12.98 7.82 -37.71
C ASN A 395 13.99 8.32 -38.73
N TYR A 396 14.04 7.66 -39.89
CA TYR A 396 14.68 8.25 -41.06
C TYR A 396 13.65 9.03 -41.86
N TYR A 397 14.04 10.22 -42.34
CA TYR A 397 13.19 11.00 -43.22
C TYR A 397 13.90 11.32 -44.52
N THR A 398 13.22 11.09 -45.65
CA THR A 398 13.68 11.70 -46.87
C THR A 398 13.27 13.17 -46.89
N LEU A 399 13.96 13.95 -47.72
CA LEU A 399 13.67 15.39 -47.76
C LEU A 399 12.21 15.65 -48.13
N ASN A 400 11.65 14.84 -49.02
CA ASN A 400 10.22 14.95 -49.31
C ASN A 400 9.39 14.63 -48.07
N GLU A 401 9.69 13.49 -47.42
CA GLU A 401 8.93 13.10 -46.25
C GLU A 401 8.99 14.16 -45.16
N MET A 402 10.11 14.88 -45.08
CA MET A 402 10.19 15.99 -44.14
C MET A 402 9.39 17.18 -44.62
N ASP A 403 9.50 17.53 -45.91
CA ASP A 403 8.68 18.59 -46.47
C ASP A 403 7.20 18.32 -46.20
N GLU A 404 6.79 17.06 -46.33
CA GLU A 404 5.40 16.69 -46.13
C GLU A 404 5.02 16.78 -44.65
N ALA A 405 5.91 16.31 -43.78
CA ALA A 405 5.65 16.39 -42.34
C ALA A 405 5.57 17.83 -41.88
N MET A 406 6.33 18.73 -42.49
CA MET A 406 6.28 20.14 -42.16
C MET A 406 4.92 20.76 -42.44
N GLU A 407 4.08 20.15 -43.30
CA GLU A 407 2.77 20.71 -43.55
C GLU A 407 1.69 20.20 -42.59
N LYS A 408 2.01 19.25 -41.72
CA LYS A 408 1.03 18.83 -40.73
C LYS A 408 0.62 20.03 -39.88
N PRO A 409 -0.68 20.20 -39.59
CA PRO A 409 -1.11 21.32 -38.73
C PRO A 409 -0.35 21.38 -37.41
N VAL A 410 -0.09 20.25 -36.74
CA VAL A 410 0.60 20.28 -35.46
C VAL A 410 2.03 20.78 -35.63
N VAL A 411 2.65 20.50 -36.77
CA VAL A 411 4.02 20.98 -36.96
C VAL A 411 4.01 22.47 -37.29
N GLN A 412 3.03 22.95 -38.06
CA GLN A 412 2.92 24.40 -38.26
C GLN A 412 2.75 25.12 -36.92
N ARG A 413 1.98 24.53 -36.02
CA ARG A 413 1.82 25.11 -34.69
C ARG A 413 3.13 25.11 -33.94
N LEU A 414 3.81 23.97 -33.90
CA LEU A 414 5.13 23.92 -33.28
C LEU A 414 6.08 24.92 -33.91
N LEU A 415 5.95 25.13 -35.22
CA LEU A 415 6.86 26.02 -35.94
C LEU A 415 6.64 27.48 -35.56
N THR A 416 5.40 27.87 -35.26
CA THR A 416 5.15 29.22 -34.76
C THR A 416 5.74 29.40 -33.36
N LEU A 417 5.55 28.42 -32.46
CA LEU A 417 6.19 28.51 -31.15
C LEU A 417 7.69 28.68 -31.27
N MET A 418 8.31 27.91 -32.16
CA MET A 418 9.76 27.98 -32.33
C MET A 418 10.17 29.36 -32.83
N LYS A 419 9.44 29.92 -33.80
CA LYS A 419 9.73 31.28 -34.25
C LYS A 419 9.55 32.27 -33.11
N PHE A 420 8.48 32.13 -32.33
CA PHE A 420 8.23 33.06 -31.24
C PHE A 420 9.30 32.95 -30.16
N ARG A 421 9.64 31.73 -29.75
CA ARG A 421 10.67 31.56 -28.71
C ARG A 421 12.03 32.01 -29.17
N THR A 422 12.34 31.86 -30.47
CA THR A 422 13.66 32.22 -30.97
C THR A 422 13.82 33.73 -31.16
N ASN A 423 12.74 34.44 -31.46
CA ASN A 423 12.81 35.84 -31.86
C ASN A 423 12.28 36.81 -30.81
N TYR A 424 11.22 36.49 -30.09
CA TYR A 424 10.59 37.50 -29.23
C TYR A 424 11.53 37.84 -28.08
N PRO A 425 11.77 39.13 -27.83
CA PRO A 425 12.86 39.51 -26.93
C PRO A 425 12.61 39.24 -25.46
N ALA A 426 11.36 39.01 -25.03
CA ALA A 426 11.11 38.86 -23.60
C ALA A 426 11.87 37.71 -22.99
N PHE A 427 12.16 36.67 -23.79
CA PHE A 427 12.85 35.50 -23.24
C PHE A 427 14.28 35.82 -22.82
N ASP A 428 14.82 36.96 -23.25
CA ASP A 428 16.14 37.38 -22.80
C ASP A 428 16.09 38.09 -21.45
N GLY A 429 14.91 38.21 -20.85
CA GLY A 429 14.75 38.90 -19.58
C GLY A 429 14.76 37.97 -18.40
N HIS A 430 13.76 38.08 -17.54
CA HIS A 430 13.67 37.26 -16.35
C HIS A 430 12.36 36.48 -16.36
N PHE A 431 12.42 35.28 -15.80
CA PHE A 431 11.29 34.35 -15.72
C PHE A 431 10.45 34.68 -14.49
N GLU A 432 9.14 34.74 -14.68
CA GLU A 432 8.26 35.00 -13.55
C GLU A 432 7.07 34.05 -13.59
N LEU A 433 7.16 33.02 -12.75
CA LEU A 433 6.08 32.07 -12.58
C LEU A 433 4.87 32.75 -11.94
N ASN A 434 3.68 32.39 -12.40
CA ASN A 434 2.46 33.00 -11.89
C ASN A 434 1.62 31.99 -11.11
N TYR A 435 0.75 32.54 -10.28
CA TYR A 435 -0.15 31.72 -9.50
C TYR A 435 -1.11 30.99 -10.42
N SER A 436 -1.48 29.78 -10.01
CA SER A 436 -2.48 29.00 -10.75
C SER A 436 -3.01 27.92 -9.85
N ASN A 437 -4.14 27.34 -10.26
CA ASN A 437 -4.72 26.23 -9.53
C ASN A 437 -3.92 24.98 -9.84
N ASP A 438 -4.28 23.88 -9.20
CA ASP A 438 -3.48 22.66 -9.28
C ASP A 438 -3.68 21.94 -10.60
N SER A 439 -4.40 22.53 -11.55
CA SER A 439 -4.59 21.87 -12.83
C SER A 439 -4.25 22.78 -14.00
N SER A 440 -3.58 23.90 -13.76
CA SER A 440 -3.24 24.76 -14.88
C SER A 440 -1.99 25.51 -14.49
N VAL A 441 -1.23 25.96 -15.50
CA VAL A 441 0.06 26.58 -15.28
C VAL A 441 0.13 27.89 -16.01
N ALA A 442 0.67 28.91 -15.35
CA ALA A 442 0.85 30.22 -15.94
C ALA A 442 2.31 30.63 -15.82
N MET A 443 2.97 30.81 -16.96
CA MET A 443 4.39 31.14 -17.06
C MET A 443 4.55 32.41 -17.90
N ALA A 444 5.49 33.27 -17.51
CA ALA A 444 5.65 34.54 -18.20
C ALA A 444 7.12 34.95 -18.22
N TRP A 445 7.46 35.78 -19.20
CA TRP A 445 8.79 36.37 -19.34
C TRP A 445 8.68 37.88 -19.48
N ARG A 446 9.62 38.59 -18.86
CA ARG A 446 9.63 40.05 -18.91
C ARG A 446 11.04 40.53 -19.16
N HIS A 447 11.20 41.36 -20.20
CA HIS A 447 12.49 41.99 -20.52
C HIS A 447 12.16 43.42 -20.92
N GLY A 448 12.16 44.33 -19.96
CA GLY A 448 11.81 45.70 -20.27
C GLY A 448 10.36 45.79 -20.69
N GLU A 449 10.13 46.51 -21.78
CA GLU A 449 8.78 46.66 -22.31
C GLU A 449 8.25 45.33 -22.83
N HIS A 450 9.13 44.37 -23.11
CA HIS A 450 8.73 43.09 -23.67
C HIS A 450 8.16 42.16 -22.62
N TYR A 451 7.08 41.47 -22.98
CA TYR A 451 6.39 40.58 -22.06
C TYR A 451 5.59 39.57 -22.87
N CYS A 452 5.68 38.31 -22.45
CA CYS A 452 4.87 37.24 -23.02
C CYS A 452 4.43 36.34 -21.89
N HIS A 453 3.24 35.74 -22.04
CA HIS A 453 2.60 35.01 -20.96
C HIS A 453 1.95 33.75 -21.50
N LEU A 454 2.38 32.59 -20.98
CA LEU A 454 1.79 31.31 -21.31
C LEU A 454 0.77 30.91 -20.27
N PHE A 455 -0.34 30.35 -20.71
CA PHE A 455 -1.28 29.70 -19.82
C PHE A 455 -1.73 28.39 -20.42
N VAL A 456 -1.52 27.31 -19.70
CA VAL A 456 -1.90 25.98 -20.16
C VAL A 456 -2.85 25.38 -19.15
N ASP A 457 -4.06 25.05 -19.61
CA ASP A 457 -5.02 24.30 -18.81
C ASP A 457 -4.89 22.82 -19.14
N LEU A 458 -4.37 22.02 -18.19
CA LEU A 458 -4.12 20.60 -18.41
C LEU A 458 -5.41 19.79 -18.49
N ASN A 459 -6.53 20.35 -18.01
CA ASN A 459 -7.81 19.69 -18.18
C ASN A 459 -8.20 19.60 -19.66
N PHE A 460 -7.87 20.61 -20.46
CA PHE A 460 -8.31 20.59 -21.85
C PHE A 460 -7.16 20.79 -22.83
N ASN A 461 -5.92 20.81 -22.34
CA ASN A 461 -4.74 20.87 -23.18
C ASN A 461 -4.72 22.12 -24.04
N THR A 462 -5.23 23.22 -23.52
CA THR A 462 -5.21 24.46 -24.28
C THR A 462 -3.95 25.25 -23.96
N SER A 463 -3.45 25.95 -24.98
CA SER A 463 -2.26 26.79 -24.92
C SER A 463 -2.65 28.19 -25.37
N LYS A 464 -2.39 29.18 -24.53
CA LYS A 464 -2.59 30.58 -24.90
C LYS A 464 -1.34 31.35 -24.54
N ILE A 465 -0.81 32.10 -25.51
CA ILE A 465 0.33 32.97 -25.30
C ILE A 465 -0.11 34.38 -25.68
N GLN A 466 0.01 35.30 -24.73
CA GLN A 466 -0.20 36.73 -24.95
C GLN A 466 1.12 37.45 -24.83
N TYR A 467 1.43 38.28 -25.81
CA TYR A 467 2.69 39.01 -25.85
C TYR A 467 2.42 40.48 -26.14
N VAL A 468 3.38 41.31 -25.76
CA VAL A 468 3.29 42.76 -25.96
C VAL A 468 4.08 43.09 -27.22
N ASP A 469 3.40 43.62 -28.23
CA ASP A 469 4.08 44.08 -29.44
C ASP A 469 4.63 45.48 -29.19
N VAL A 470 5.96 45.60 -29.12
CA VAL A 470 6.54 46.89 -28.74
C VAL A 470 6.38 47.91 -29.86
N LYS A 471 6.31 47.46 -31.11
CA LYS A 471 6.15 48.38 -32.23
C LYS A 471 4.77 49.03 -32.26
N SER A 472 3.83 48.56 -31.42
CA SER A 472 2.51 49.15 -31.28
C SER A 472 2.04 49.31 -29.84
N GLY A 473 2.69 48.66 -28.87
CA GLY A 473 2.34 48.78 -27.47
C GLY A 473 1.15 47.95 -27.02
N GLU A 474 0.43 47.30 -27.93
CA GLU A 474 -0.75 46.55 -27.54
C GLU A 474 -0.41 45.08 -27.32
N THR A 475 -1.32 44.38 -26.64
CA THR A 475 -1.11 42.98 -26.29
C THR A 475 -1.88 42.10 -27.29
N ARG A 476 -1.15 41.23 -27.98
CA ARG A 476 -1.72 40.36 -29.01
C ARG A 476 -1.70 38.91 -28.58
N ASP A 477 -2.52 38.11 -29.25
CA ASP A 477 -2.58 36.67 -29.07
C ASP A 477 -1.72 36.00 -30.14
N LEU A 478 -0.76 35.19 -29.73
CA LEU A 478 -0.03 34.38 -30.69
C LEU A 478 -0.98 33.36 -31.29
N GLU A 479 -0.98 33.23 -32.62
CA GLU A 479 -1.88 32.29 -33.30
C GLU A 479 -1.11 30.98 -33.48
N PHE A 480 -1.37 30.02 -32.60
CA PHE A 480 -0.68 28.73 -32.64
C PHE A 480 -1.56 27.67 -32.02
N LEU B 2 27.33 42.64 5.08
CA LEU B 2 27.85 41.28 4.95
C LEU B 2 27.95 40.68 6.35
N LEU B 3 27.41 39.48 6.51
CA LEU B 3 27.35 38.84 7.81
C LEU B 3 28.63 38.05 8.10
N LYS B 4 28.84 37.77 9.39
CA LYS B 4 29.93 36.90 9.80
C LYS B 4 29.56 35.44 9.55
N ASN B 5 30.44 34.71 8.85
CA ASN B 5 30.23 33.29 8.58
C ASN B 5 30.53 32.48 9.85
N ALA B 6 29.71 32.69 10.86
CA ALA B 6 29.94 32.09 12.17
C ALA B 6 28.62 31.61 12.72
N VAL B 7 28.71 30.74 13.72
CA VAL B 7 27.52 30.22 14.38
C VAL B 7 26.73 31.38 14.98
N GLN B 8 25.40 31.30 14.87
CA GLN B 8 24.52 32.28 15.49
C GLN B 8 23.71 31.63 16.60
N LEU B 9 23.35 32.43 17.60
CA LEU B 9 22.52 32.00 18.71
C LEU B 9 21.09 32.49 18.50
N ILE B 10 20.13 31.56 18.59
CA ILE B 10 18.72 31.91 18.67
C ILE B 10 18.30 31.88 20.13
N CYS B 11 17.73 32.98 20.60
CA CYS B 11 17.35 33.06 22.01
C CYS B 11 16.27 34.12 22.20
N TYR B 12 15.43 33.90 23.20
CA TYR B 12 14.50 34.91 23.68
C TYR B 12 15.24 35.96 24.50
N PRO B 13 14.58 37.09 24.78
CA PRO B 13 15.19 38.06 25.71
C PRO B 13 15.24 37.61 27.16
N ASP B 14 14.17 36.96 27.68
CA ASP B 14 14.02 36.77 29.12
C ASP B 14 14.08 35.31 29.56
N ARG B 15 14.59 34.40 28.72
CA ARG B 15 14.59 32.98 29.06
C ARG B 15 15.99 32.42 29.31
N ILE B 16 17.03 33.25 29.20
CA ILE B 16 18.32 33.01 29.83
C ILE B 16 18.49 34.15 30.83
N GLY B 17 18.47 33.81 32.12
CA GLY B 17 18.33 34.85 33.13
C GLY B 17 16.93 35.43 33.11
N ASN B 18 16.84 36.76 33.29
CA ASN B 18 15.56 37.44 33.41
C ASN B 18 15.37 38.58 32.43
N ASN B 19 16.38 38.93 31.65
CA ASN B 19 16.34 40.13 30.81
C ASN B 19 17.50 40.10 29.82
N LEU B 20 17.58 41.15 28.98
CA LEU B 20 18.61 41.23 27.96
C LEU B 20 20.00 41.39 28.58
N THR B 21 20.08 41.97 29.77
CA THR B 21 21.38 42.13 30.42
C THR B 21 21.92 40.79 30.89
N ASP B 22 21.06 39.94 31.46
CA ASP B 22 21.51 38.62 31.87
C ASP B 22 21.88 37.76 30.66
N LEU B 23 21.16 37.92 29.54
CA LEU B 23 21.55 37.22 28.32
C LEU B 23 22.96 37.59 27.91
N HIS B 24 23.25 38.89 27.84
CA HIS B 24 24.58 39.35 27.47
C HIS B 24 25.62 38.80 28.44
N THR B 25 25.30 38.78 29.74
CA THR B 25 26.22 38.20 30.72
C THR B 25 26.50 36.76 30.39
N ALA B 26 25.47 36.02 29.97
CA ALA B 26 25.62 34.60 29.65
C ALA B 26 26.47 34.38 28.40
N VAL B 27 26.32 35.25 27.40
CA VAL B 27 27.05 35.10 26.15
C VAL B 27 28.55 35.31 26.36
N GLU B 28 28.91 36.37 27.09
CA GLU B 28 30.32 36.67 27.29
C GLU B 28 31.01 35.61 28.14
N LYS B 29 30.30 35.00 29.08
CA LYS B 29 30.91 34.03 29.97
C LYS B 29 31.24 32.71 29.26
N HIS B 30 30.42 32.30 28.27
CA HIS B 30 30.53 30.98 27.65
C HIS B 30 30.75 30.98 26.15
N LEU B 31 30.15 31.92 25.42
CA LEU B 31 30.04 31.83 23.97
C LEU B 31 30.87 32.87 23.24
N SER B 32 31.70 33.63 23.95
CA SER B 32 32.31 34.84 23.39
C SER B 32 33.13 34.55 22.14
N ASP B 33 33.64 33.34 22.00
CA ASP B 33 34.37 32.96 20.79
C ASP B 33 33.79 31.68 20.21
N ALA B 34 32.48 31.47 20.42
CA ALA B 34 31.75 30.36 19.83
C ALA B 34 30.63 30.79 18.90
N ILE B 35 30.23 32.07 18.92
CA ILE B 35 29.23 32.59 18.02
C ILE B 35 29.69 33.93 17.45
N GLY B 36 29.12 34.29 16.31
CA GLY B 36 29.39 35.56 15.69
C GLY B 36 28.16 36.45 15.63
N GLY B 37 27.01 35.92 16.07
CA GLY B 37 25.79 36.70 16.05
C GLY B 37 24.71 36.09 16.92
N LEU B 38 23.66 36.88 17.13
CA LEU B 38 22.48 36.46 17.87
C LEU B 38 21.24 36.81 17.07
N HIS B 39 20.27 35.90 17.07
CA HIS B 39 18.89 36.22 16.68
C HIS B 39 18.07 36.29 17.97
N ILE B 40 17.81 37.51 18.40
CA ILE B 40 17.01 37.74 19.60
C ILE B 40 15.55 37.80 19.20
N LEU B 41 14.77 36.84 19.68
CA LEU B 41 13.36 36.74 19.35
C LEU B 41 12.63 38.01 19.80
N PRO B 42 11.42 38.28 19.22
CA PRO B 42 10.77 39.60 19.38
C PRO B 42 10.75 40.13 20.81
N PHE B 43 11.36 41.30 20.97
CA PHE B 43 11.62 41.91 22.26
C PHE B 43 10.93 43.26 22.40
N PHE B 44 9.99 43.54 21.52
CA PHE B 44 9.24 44.79 21.47
C PHE B 44 8.04 44.71 22.40
N PRO B 45 7.37 45.84 22.66
CA PRO B 45 6.04 45.75 23.30
C PRO B 45 5.10 44.93 22.44
N SER B 46 4.56 43.86 23.01
CA SER B 46 3.71 42.93 22.30
C SER B 46 2.60 42.43 23.22
N ASN B 47 1.44 42.12 22.62
CA ASN B 47 0.28 41.67 23.38
C ASN B 47 -0.27 40.33 22.90
N ALA B 48 0.50 39.55 22.15
CA ALA B 48 0.02 38.23 21.74
C ALA B 48 1.15 37.44 21.11
N ASP B 49 1.06 36.11 21.25
CA ASP B 49 1.83 35.14 20.47
C ASP B 49 3.34 35.32 20.65
N GLY B 50 3.79 35.18 21.90
CA GLY B 50 5.20 35.11 22.22
C GLY B 50 6.06 36.23 21.64
N GLY B 51 5.50 37.44 21.56
CA GLY B 51 6.22 38.60 21.11
C GLY B 51 5.95 39.03 19.69
N PHE B 52 5.26 38.21 18.90
CA PHE B 52 5.06 38.47 17.48
C PHE B 52 3.84 39.34 17.20
N SER B 53 3.39 40.11 18.17
CA SER B 53 2.33 41.10 17.95
C SER B 53 2.79 42.47 18.42
N PRO B 54 3.84 43.01 17.81
CA PRO B 54 4.47 44.22 18.37
C PRO B 54 3.63 45.46 18.12
N LEU B 55 3.55 46.32 19.15
CA LEU B 55 2.92 47.64 19.02
C LEU B 55 3.80 48.60 18.23
N THR B 56 5.11 48.40 18.26
CA THR B 56 6.05 49.15 17.45
C THR B 56 7.36 48.38 17.46
N HIS B 57 8.14 48.55 16.41
CA HIS B 57 9.47 47.99 16.35
C HIS B 57 10.51 48.96 16.90
N LYS B 58 10.08 50.08 17.47
CA LYS B 58 10.95 51.17 17.88
C LYS B 58 11.16 51.23 19.38
N GLU B 59 10.51 50.37 20.15
CA GLU B 59 10.66 50.35 21.59
C GLU B 59 11.09 48.96 22.05
N VAL B 60 11.74 48.90 23.21
CA VAL B 60 12.07 47.64 23.85
C VAL B 60 11.17 47.49 25.06
N ASP B 61 10.53 46.34 25.20
CA ASP B 61 9.70 46.08 26.36
C ASP B 61 10.54 46.25 27.62
N PRO B 62 10.24 47.22 28.48
CA PRO B 62 11.07 47.47 29.67
C PRO B 62 11.27 46.24 30.52
N ALA B 63 10.36 45.29 30.43
CA ALA B 63 10.54 44.03 31.14
C ALA B 63 11.80 43.32 30.69
N PHE B 64 12.31 43.63 29.50
CA PHE B 64 13.48 42.99 28.93
C PHE B 64 14.74 43.83 29.05
N GLY B 65 14.58 45.15 29.05
CA GLY B 65 15.71 46.06 29.09
C GLY B 65 15.46 47.28 28.24
N THR B 66 16.54 47.90 27.75
CA THR B 66 16.48 49.10 26.94
C THR B 66 17.24 48.88 25.65
N TRP B 67 17.15 49.86 24.74
CA TRP B 67 17.92 49.76 23.50
C TRP B 67 19.41 49.71 23.77
N ASP B 68 19.88 50.36 24.85
CA ASP B 68 21.29 50.24 25.21
C ASP B 68 21.65 48.80 25.51
N ASP B 69 20.73 48.04 26.07
CA ASP B 69 20.96 46.62 26.30
C ASP B 69 21.06 45.85 24.99
N ILE B 70 20.43 46.38 23.93
CA ILE B 70 20.55 45.78 22.60
C ILE B 70 21.91 46.08 21.99
N GLU B 71 22.29 47.36 21.96
CA GLU B 71 23.55 47.77 21.36
C GLU B 71 24.75 47.16 22.06
N ALA B 72 24.59 46.60 23.26
CA ALA B 72 25.71 45.93 23.91
C ALA B 72 26.17 44.73 23.10
N PHE B 73 25.28 44.15 22.30
CA PHE B 73 25.63 43.01 21.45
C PHE B 73 26.24 43.44 20.13
N THR B 74 25.78 44.56 19.56
CA THR B 74 26.11 44.94 18.18
C THR B 74 27.58 45.26 17.96
N GLY B 75 28.35 45.52 19.02
CA GLY B 75 29.75 45.87 18.84
C GLY B 75 30.62 44.68 18.53
N LYS B 76 30.22 43.48 18.97
CA LYS B 76 31.00 42.28 18.80
C LYS B 76 30.29 41.17 18.02
N TYR B 77 28.97 41.22 17.89
CA TYR B 77 28.18 40.13 17.31
C TYR B 77 27.23 40.68 16.25
N ASP B 78 26.98 39.89 15.22
CA ASP B 78 25.89 40.23 14.31
C ASP B 78 24.56 40.18 15.05
N LEU B 79 23.58 40.93 14.56
CA LEU B 79 22.30 41.02 15.24
C LEU B 79 21.16 40.76 14.27
N CYS B 80 20.44 39.67 14.51
CA CYS B 80 19.26 39.31 13.74
C CYS B 80 18.02 39.61 14.58
N VAL B 81 17.10 40.38 14.01
CA VAL B 81 15.90 40.81 14.73
C VAL B 81 14.70 40.64 13.81
N ASP B 82 13.55 40.35 14.41
CA ASP B 82 12.33 40.09 13.67
C ASP B 82 11.65 41.36 13.19
N LEU B 83 11.18 41.32 11.94
CA LEU B 83 10.36 42.39 11.36
C LEU B 83 9.04 41.77 10.92
N THR B 84 7.98 41.99 11.70
CA THR B 84 6.67 41.39 11.42
C THR B 84 6.00 42.13 10.27
N VAL B 85 6.47 41.82 9.04
CA VAL B 85 6.00 42.51 7.84
C VAL B 85 4.53 42.26 7.55
N ASN B 86 3.93 41.22 8.12
CA ASN B 86 2.54 40.91 7.81
C ASN B 86 1.55 41.74 8.64
N HIS B 87 1.87 41.97 9.91
CA HIS B 87 0.88 42.43 10.86
C HIS B 87 1.53 43.23 11.97
N ILE B 88 0.74 44.09 12.60
CA ILE B 88 1.12 44.80 13.80
C ILE B 88 -0.03 44.68 14.79
N SER B 89 0.24 45.06 16.03
CA SER B 89 -0.73 44.90 17.11
C SER B 89 -1.93 45.83 16.94
N ASP B 90 -3.06 45.42 17.55
CA ASP B 90 -4.21 46.30 17.65
C ASP B 90 -4.03 47.36 18.73
N GLU B 91 -3.04 47.19 19.61
CA GLU B 91 -2.69 48.22 20.57
C GLU B 91 -1.59 49.15 20.04
N SER B 92 -1.15 48.95 18.81
CA SER B 92 -0.14 49.82 18.21
C SER B 92 -0.71 51.23 18.06
N PRO B 93 0.14 52.26 18.05
CA PRO B 93 -0.40 53.61 17.84
C PRO B 93 -1.20 53.74 16.56
N GLU B 94 -0.73 53.09 15.48
CA GLU B 94 -1.36 53.24 14.18
C GLU B 94 -2.77 52.67 14.14
N PHE B 95 -2.99 51.49 14.74
CA PHE B 95 -4.32 50.89 14.67
C PHE B 95 -5.27 51.53 15.67
N ARG B 96 -4.78 51.95 16.84
CA ARG B 96 -5.64 52.64 17.79
C ARG B 96 -6.20 53.91 17.17
N ASP B 97 -5.42 54.59 16.32
CA ASP B 97 -5.93 55.75 15.63
C ASP B 97 -7.06 55.39 14.67
N PHE B 98 -7.03 54.17 14.11
CA PHE B 98 -8.13 53.73 13.24
C PHE B 98 -9.43 53.56 14.02
N ILE B 99 -9.36 53.01 15.24
CA ILE B 99 -10.57 52.82 16.03
C ILE B 99 -11.15 54.17 16.43
N ALA B 100 -10.29 55.12 16.80
CA ALA B 100 -10.76 56.43 17.24
C ALA B 100 -11.38 57.22 16.10
N ASN B 101 -10.62 57.40 15.02
CA ASN B 101 -11.04 58.29 13.95
C ASN B 101 -11.80 57.60 12.81
N GLY B 102 -11.69 56.28 12.70
CA GLY B 102 -12.36 55.60 11.60
C GLY B 102 -11.57 55.76 10.31
N PHE B 103 -12.31 55.77 9.19
CA PHE B 103 -11.69 55.95 7.88
C PHE B 103 -11.15 57.36 7.67
N ASP B 104 -11.50 58.31 8.54
CA ASP B 104 -10.87 59.62 8.52
C ASP B 104 -9.44 59.58 9.04
N SER B 105 -9.02 58.46 9.63
CA SER B 105 -7.66 58.31 10.12
C SER B 105 -6.67 58.38 8.97
N GLU B 106 -5.53 59.06 9.22
CA GLU B 106 -4.47 59.05 8.23
C GLU B 106 -3.80 57.70 8.12
N TYR B 107 -4.09 56.78 9.06
CA TYR B 107 -3.56 55.43 9.01
C TYR B 107 -4.60 54.41 8.52
N ALA B 108 -5.67 54.88 7.90
CA ALA B 108 -6.74 53.96 7.50
C ALA B 108 -6.31 52.99 6.42
N ASP B 109 -5.62 53.47 5.37
CA ASP B 109 -5.23 52.62 4.26
C ASP B 109 -4.05 51.73 4.61
N LEU B 110 -3.66 51.69 5.89
CA LEU B 110 -2.60 50.81 6.36
C LEU B 110 -3.09 49.38 6.57
N PHE B 111 -4.39 49.16 6.64
CA PHE B 111 -4.96 47.86 6.98
C PHE B 111 -5.91 47.38 5.88
N VAL B 112 -6.18 46.08 5.87
CA VAL B 112 -6.96 45.44 4.81
C VAL B 112 -8.42 45.38 5.20
N HIS B 113 -9.28 46.03 4.43
CA HIS B 113 -10.69 46.12 4.75
C HIS B 113 -11.48 45.12 3.91
N VAL B 114 -12.16 44.20 4.60
CA VAL B 114 -12.76 43.05 3.94
C VAL B 114 -13.84 43.46 2.94
N ASP B 115 -14.53 44.57 3.22
CA ASP B 115 -15.62 44.99 2.33
C ASP B 115 -15.11 45.46 0.99
N ARG B 116 -13.80 45.73 0.88
CA ARG B 116 -13.20 46.07 -0.40
C ARG B 116 -13.42 44.98 -1.43
N PHE B 117 -13.40 43.72 -1.01
CA PHE B 117 -13.45 42.60 -1.93
C PHE B 117 -14.86 42.26 -2.39
N GLY B 118 -15.89 42.79 -1.72
CA GLY B 118 -17.25 42.41 -2.03
C GLY B 118 -17.55 40.97 -1.62
N ASP B 119 -18.52 40.36 -2.32
CA ASP B 119 -18.88 38.98 -2.05
C ASP B 119 -17.72 38.06 -2.45
N ILE B 120 -17.37 37.14 -1.56
CA ILE B 120 -16.30 36.18 -1.78
C ILE B 120 -16.92 34.80 -1.92
N SER B 121 -16.74 34.18 -3.09
CA SER B 121 -17.37 32.89 -3.34
C SER B 121 -16.82 31.83 -2.39
N PRO B 122 -17.60 30.78 -2.13
CA PRO B 122 -17.10 29.69 -1.27
C PRO B 122 -15.80 29.09 -1.77
N ASP B 123 -15.61 28.99 -3.09
CA ASP B 123 -14.34 28.47 -3.59
C ASP B 123 -13.19 29.41 -3.26
N ASP B 124 -13.39 30.72 -3.44
CA ASP B 124 -12.32 31.66 -3.16
C ASP B 124 -12.01 31.76 -1.67
N MET B 125 -12.97 31.44 -0.79
CA MET B 125 -12.67 31.34 0.64
C MET B 125 -11.84 30.11 0.95
N ALA B 126 -12.23 28.94 0.43
CA ALA B 126 -11.54 27.70 0.76
C ALA B 126 -10.12 27.67 0.19
N LYS B 127 -9.84 28.44 -0.86
CA LYS B 127 -8.48 28.53 -1.37
C LYS B 127 -7.52 29.12 -0.34
N ILE B 128 -8.08 30.03 0.47
CA ILE B 128 -7.25 30.85 1.40
C ILE B 128 -6.41 29.99 2.34
N HIS B 129 -5.15 30.36 2.44
CA HIS B 129 -4.22 29.64 3.32
C HIS B 129 -4.17 30.34 4.69
N ILE B 130 -5.22 30.19 5.50
CA ILE B 130 -5.18 30.63 6.93
C ILE B 130 -5.44 29.35 7.74
N ARG B 131 -4.55 28.96 8.66
CA ARG B 131 -4.66 27.62 9.34
C ARG B 131 -5.59 27.56 10.56
N LYS B 132 -6.29 28.62 10.90
CA LYS B 132 -7.24 28.53 12.04
C LYS B 132 -8.60 28.08 11.50
N GLU B 133 -9.46 27.52 12.36
CA GLU B 133 -10.78 27.23 11.78
C GLU B 133 -11.68 28.46 11.77
N LYS B 134 -11.07 29.62 11.59
CA LYS B 134 -11.76 30.90 11.52
C LYS B 134 -11.53 31.52 10.15
N GLU B 135 -12.51 32.26 9.69
CA GLU B 135 -12.27 33.16 8.58
C GLU B 135 -11.19 34.15 9.01
N PRO B 136 -10.30 34.56 8.11
CA PRO B 136 -9.22 35.48 8.47
C PRO B 136 -9.70 36.93 8.58
N PHE B 137 -10.83 37.13 9.25
CA PHE B 137 -11.53 38.40 9.28
C PHE B 137 -11.86 38.71 10.74
N ARG B 138 -11.43 39.86 11.24
CA ARG B 138 -11.82 40.32 12.57
C ARG B 138 -12.82 41.48 12.46
N GLU B 139 -13.90 41.39 13.23
CA GLU B 139 -14.87 42.49 13.32
C GLU B 139 -14.50 43.36 14.52
N VAL B 140 -14.11 44.62 14.24
CA VAL B 140 -13.77 45.57 15.30
C VAL B 140 -14.88 46.62 15.40
N THR B 141 -15.06 47.13 16.62
CA THR B 141 -16.03 48.19 16.88
C THR B 141 -15.27 49.53 16.97
N LEU B 142 -15.68 50.48 16.14
CA LEU B 142 -15.07 51.79 16.15
C LEU B 142 -15.55 52.61 17.35
N ALA B 143 -14.87 53.73 17.60
CA ALA B 143 -15.23 54.58 18.72
C ALA B 143 -16.64 55.14 18.56
N ASP B 144 -17.02 55.49 17.33
CA ASP B 144 -18.34 56.05 17.06
C ASP B 144 -19.42 54.98 16.96
N GLY B 145 -19.08 53.72 17.22
CA GLY B 145 -20.04 52.64 17.24
C GLY B 145 -20.10 51.80 15.98
N THR B 146 -19.44 52.21 14.91
CA THR B 146 -19.51 51.48 13.66
C THR B 146 -18.72 50.19 13.74
N LYS B 147 -19.27 49.11 13.16
CA LYS B 147 -18.60 47.82 13.06
C LYS B 147 -18.12 47.60 11.63
N THR B 148 -16.83 47.31 11.49
CA THR B 148 -16.21 46.97 10.22
C THR B 148 -15.25 45.81 10.46
N ARG B 149 -14.83 45.16 9.37
CA ARG B 149 -14.00 43.97 9.45
C ARG B 149 -12.64 44.24 8.81
N VAL B 150 -11.58 43.72 9.42
CA VAL B 150 -10.24 43.85 8.88
C VAL B 150 -9.66 42.46 8.73
N TRP B 151 -8.66 42.34 7.85
CA TRP B 151 -8.04 41.06 7.61
C TRP B 151 -7.19 40.69 8.82
N CYS B 152 -7.31 39.45 9.26
CA CYS B 152 -6.63 39.01 10.49
C CYS B 152 -6.26 37.54 10.34
N THR B 153 -5.02 37.30 9.89
CA THR B 153 -4.53 35.93 9.72
C THR B 153 -4.37 35.21 11.05
N PHE B 154 -3.63 35.79 11.97
CA PHE B 154 -3.27 35.16 13.22
C PHE B 154 -4.26 35.56 14.33
N THR B 155 -3.84 35.44 15.60
CA THR B 155 -4.66 35.86 16.73
C THR B 155 -5.23 37.26 16.52
N GLU B 156 -6.38 37.52 17.14
CA GLU B 156 -7.14 38.73 16.84
C GLU B 156 -6.45 40.01 17.26
N GLN B 157 -5.37 39.94 18.03
CA GLN B 157 -4.60 41.12 18.39
C GLN B 157 -3.54 41.48 17.36
N GLN B 158 -3.52 40.78 16.22
CA GLN B 158 -2.57 40.98 15.12
C GLN B 158 -3.34 41.38 13.87
N ILE B 159 -3.30 42.65 13.50
CA ILE B 159 -4.05 43.15 12.35
C ILE B 159 -3.15 43.16 11.13
N ASP B 160 -3.58 42.53 10.04
CA ASP B 160 -2.71 42.39 8.87
C ASP B 160 -2.54 43.70 8.14
N LEU B 161 -1.36 43.88 7.54
CA LEU B 161 -1.01 45.10 6.83
C LEU B 161 -1.38 45.01 5.36
N ASN B 162 -1.61 46.17 4.75
CA ASN B 162 -2.15 46.29 3.39
C ASN B 162 -1.05 46.70 2.42
N TYR B 163 -0.49 45.74 1.68
CA TYR B 163 0.57 46.07 0.74
C TYR B 163 0.04 46.41 -0.65
N ASP B 164 -1.26 46.58 -0.82
CA ASP B 164 -1.76 47.16 -2.05
C ASP B 164 -1.79 48.69 -2.00
N GLY B 165 -1.65 49.26 -0.80
CA GLY B 165 -1.46 50.68 -0.63
C GLY B 165 -0.01 51.02 -0.36
N ASP B 166 0.22 52.28 -0.01
CA ASP B 166 1.58 52.77 0.22
C ASP B 166 1.96 52.87 1.69
N LEU B 167 1.00 53.12 2.59
CA LEU B 167 1.35 53.36 3.99
C LEU B 167 2.12 52.21 4.59
N ALA B 168 1.82 50.98 4.19
CA ALA B 168 2.49 49.82 4.77
C ALA B 168 3.97 49.80 4.46
N TYR B 169 4.33 50.15 3.23
CA TYR B 169 5.75 50.20 2.87
C TYR B 169 6.48 51.26 3.68
N ARG B 170 5.83 52.41 3.88
CA ARG B 170 6.42 53.47 4.71
C ARG B 170 6.69 52.97 6.11
N LEU B 171 5.69 52.31 6.72
CA LEU B 171 5.85 51.83 8.09
C LEU B 171 7.00 50.84 8.18
N MET B 172 7.08 49.91 7.22
CA MET B 172 8.20 48.98 7.20
C MET B 172 9.52 49.70 7.02
N GLU B 173 9.57 50.67 6.11
CA GLU B 173 10.82 51.39 5.90
C GLU B 173 11.24 52.13 7.15
N SER B 174 10.27 52.68 7.89
CA SER B 174 10.58 53.35 9.14
C SER B 174 11.12 52.36 10.17
N TYR B 175 10.42 51.24 10.35
CA TYR B 175 10.91 50.20 11.26
C TYR B 175 12.33 49.77 10.88
N ILE B 176 12.58 49.57 9.59
CA ILE B 176 13.91 49.12 9.14
C ILE B 176 14.96 50.17 9.47
N GLY B 177 14.67 51.43 9.16
CA GLY B 177 15.61 52.48 9.49
C GLY B 177 15.92 52.52 10.98
N PHE B 178 14.90 52.37 11.81
CA PHE B 178 15.14 52.44 13.24
C PHE B 178 15.93 51.23 13.74
N LEU B 179 15.58 50.03 13.26
CA LEU B 179 16.27 48.82 13.72
C LEU B 179 17.73 48.79 13.27
N THR B 180 18.01 49.15 12.00
CA THR B 180 19.38 49.16 11.53
C THR B 180 20.22 50.24 12.20
N SER B 181 19.61 51.36 12.60
CA SER B 181 20.33 52.39 13.35
C SER B 181 20.80 51.89 14.70
N LYS B 182 20.16 50.86 15.21
CA LYS B 182 20.55 50.24 16.46
C LYS B 182 21.52 49.07 16.27
N GLY B 183 21.95 48.81 15.04
CA GLY B 183 22.95 47.81 14.78
C GLY B 183 22.47 46.48 14.25
N VAL B 184 21.23 46.40 13.78
CA VAL B 184 20.68 45.16 13.24
C VAL B 184 21.27 44.89 11.86
N ASN B 185 21.88 43.72 11.68
CA ASN B 185 22.44 43.25 10.42
C ASN B 185 21.46 42.49 9.55
N LEU B 186 20.65 41.63 10.16
CA LEU B 186 19.87 40.61 9.47
C LEU B 186 18.43 40.71 9.94
N LEU B 187 17.53 41.04 9.01
CA LEU B 187 16.13 41.24 9.32
C LEU B 187 15.37 39.96 9.02
N ARG B 188 14.93 39.26 10.05
CA ARG B 188 14.09 38.09 9.87
C ARG B 188 12.69 38.56 9.52
N LEU B 189 12.26 38.31 8.29
CA LEU B 189 10.96 38.75 7.80
C LEU B 189 9.93 37.74 8.26
N ASP B 190 9.28 38.06 9.37
CA ASP B 190 8.32 37.14 9.97
C ASP B 190 7.08 37.02 9.10
N ALA B 191 6.78 35.79 8.68
CA ALA B 191 5.50 35.44 8.06
C ALA B 191 5.22 36.27 6.81
N PHE B 192 6.26 36.57 6.04
CA PHE B 192 6.08 37.43 4.88
C PHE B 192 5.12 36.81 3.87
N GLY B 193 4.98 35.49 3.91
CA GLY B 193 4.17 34.80 2.93
C GLY B 193 2.73 35.25 2.87
N TYR B 194 2.21 35.83 3.95
CA TYR B 194 0.80 36.23 3.95
C TYR B 194 0.60 37.67 3.54
N THR B 195 1.68 38.38 3.17
CA THR B 195 1.54 39.79 2.81
C THR B 195 0.71 39.95 1.54
N THR B 196 0.72 38.94 0.69
CA THR B 196 0.03 38.99 -0.60
C THR B 196 -1.41 38.54 -0.40
N LYS B 197 -2.35 39.46 -0.57
CA LYS B 197 -3.77 39.16 -0.56
C LYS B 197 -4.31 39.39 -1.96
N ARG B 198 -4.95 38.37 -2.53
CA ARG B 198 -5.68 38.52 -3.79
C ARG B 198 -6.77 37.48 -3.82
N ILE B 199 -8.03 37.92 -3.75
CA ILE B 199 -9.16 37.00 -3.78
C ILE B 199 -9.13 36.20 -5.07
N GLY B 200 -9.30 34.89 -4.95
CA GLY B 200 -9.13 33.98 -6.06
C GLY B 200 -7.81 33.25 -6.05
N THR B 201 -6.89 33.62 -5.17
CA THR B 201 -5.63 32.91 -4.96
C THR B 201 -5.61 32.40 -3.52
N SER B 202 -4.53 31.71 -3.17
CA SER B 202 -4.38 31.21 -1.81
C SER B 202 -4.08 32.30 -0.80
N CYS B 203 -3.77 33.50 -1.26
CA CYS B 203 -3.38 34.60 -0.37
C CYS B 203 -2.14 34.24 0.42
N PHE B 204 -1.30 33.39 -0.14
CA PHE B 204 -0.09 32.95 0.53
C PHE B 204 0.96 32.65 -0.53
N LEU B 205 2.08 33.36 -0.47
CA LEU B 205 3.17 33.19 -1.45
C LEU B 205 2.65 33.35 -2.87
N VAL B 206 1.77 34.33 -3.07
CA VAL B 206 1.20 34.54 -4.39
C VAL B 206 2.27 35.12 -5.29
N GLU B 207 2.61 34.40 -6.34
CA GLU B 207 3.60 34.69 -7.36
C GLU B 207 2.95 35.47 -8.50
N PRO B 208 3.62 36.49 -9.06
CA PRO B 208 4.96 36.99 -8.72
C PRO B 208 4.97 38.17 -7.75
N GLU B 209 3.80 38.56 -7.24
CA GLU B 209 3.70 39.64 -6.26
C GLU B 209 4.60 39.43 -5.04
N VAL B 210 4.68 38.20 -4.53
CA VAL B 210 5.44 37.98 -3.30
C VAL B 210 6.90 38.38 -3.49
N TYR B 211 7.42 38.22 -4.71
CA TYR B 211 8.83 38.53 -4.93
C TYR B 211 9.06 40.03 -5.12
N ARG B 212 8.06 40.75 -5.65
CA ARG B 212 8.19 42.19 -5.68
C ARG B 212 8.24 42.76 -4.27
N ILE B 213 7.34 42.30 -3.38
CA ILE B 213 7.41 42.75 -1.99
C ILE B 213 8.79 42.43 -1.41
N LEU B 214 9.35 41.29 -1.79
CA LEU B 214 10.65 40.90 -1.22
C LEU B 214 11.79 41.69 -1.85
N ASP B 215 11.76 41.93 -3.16
CA ASP B 215 12.80 42.76 -3.77
C ASP B 215 12.76 44.17 -3.19
N TRP B 216 11.57 44.66 -2.88
CA TRP B 216 11.47 46.02 -2.32
C TRP B 216 12.07 46.08 -0.93
N ILE B 217 11.64 45.20 -0.03
CA ILE B 217 12.17 45.19 1.33
C ILE B 217 13.68 44.96 1.31
N ASN B 218 14.16 44.06 0.44
CA ASN B 218 15.59 43.78 0.38
C ASN B 218 16.38 45.03 0.00
N GLU B 219 15.88 45.78 -1.00
CA GLU B 219 16.54 47.02 -1.38
C GLU B 219 16.53 48.01 -0.22
N VAL B 220 15.38 48.18 0.44
CA VAL B 220 15.29 49.06 1.59
C VAL B 220 16.28 48.63 2.68
N ALA B 221 16.38 47.34 2.93
CA ALA B 221 17.33 46.85 3.94
C ALA B 221 18.76 47.12 3.52
N PHE B 222 19.08 46.94 2.23
CA PHE B 222 20.45 47.12 1.78
C PHE B 222 20.92 48.55 1.91
N LYS B 223 20.03 49.51 1.62
CA LYS B 223 20.36 50.92 1.84
C LYS B 223 20.80 51.15 3.28
N HIS B 224 20.10 50.54 4.23
CA HIS B 224 20.39 50.72 5.65
C HIS B 224 21.39 49.69 6.18
N GLY B 225 22.11 49.00 5.30
CA GLY B 225 23.16 48.10 5.71
C GLY B 225 22.68 46.83 6.38
N ALA B 226 21.70 46.15 5.80
CA ALA B 226 21.14 44.95 6.37
C ALA B 226 20.76 43.96 5.28
N GLU B 227 20.80 42.69 5.62
CA GLU B 227 20.35 41.60 4.77
C GLU B 227 19.05 41.03 5.34
N CYS B 228 18.38 40.18 4.55
CA CYS B 228 17.07 39.68 4.92
C CYS B 228 17.07 38.16 5.08
N LEU B 229 16.21 37.68 5.96
CA LEU B 229 16.01 36.26 6.24
C LEU B 229 14.50 36.03 6.24
N PRO B 230 13.90 35.81 5.07
CA PRO B 230 12.45 35.63 5.01
C PRO B 230 12.02 34.29 5.60
N GLU B 231 11.04 34.32 6.50
CA GLU B 231 10.51 33.09 7.08
C GLU B 231 9.35 32.59 6.24
N VAL B 232 9.54 31.45 5.59
CA VAL B 232 8.44 30.78 4.92
C VAL B 232 8.54 29.28 5.19
N HIS B 233 7.45 28.69 5.66
CA HIS B 233 7.33 27.26 5.89
C HIS B 233 6.39 26.72 4.82
N ASP B 234 6.99 26.23 3.73
CA ASP B 234 6.24 25.60 2.66
C ASP B 234 7.24 24.77 1.85
N HIS B 235 6.89 24.42 0.62
CA HIS B 235 7.76 23.60 -0.21
C HIS B 235 9.13 24.27 -0.41
N THR B 236 10.19 23.45 -0.44
CA THR B 236 11.53 24.04 -0.53
C THR B 236 11.72 24.84 -1.80
N SER B 237 10.92 24.61 -2.84
CA SER B 237 11.07 25.41 -4.06
C SER B 237 11.03 26.89 -3.75
N TYR B 238 10.24 27.30 -2.74
CA TYR B 238 10.23 28.71 -2.34
C TYR B 238 11.56 29.14 -1.73
N GLN B 239 12.28 28.23 -1.05
CA GLN B 239 13.56 28.63 -0.49
C GLN B 239 14.57 28.95 -1.59
N TYR B 240 14.46 28.30 -2.76
CA TYR B 240 15.40 28.65 -3.81
C TYR B 240 15.04 29.97 -4.45
N ALA B 241 13.73 30.21 -4.60
CA ALA B 241 13.28 31.52 -5.09
C ALA B 241 13.83 32.63 -4.22
N ILE B 242 13.79 32.45 -2.90
CA ILE B 242 14.41 33.42 -2.00
C ILE B 242 15.90 33.51 -2.28
N SER B 243 16.59 32.36 -2.27
CA SER B 243 18.02 32.32 -2.49
C SER B 243 18.42 33.05 -3.77
N ARG B 244 17.60 32.94 -4.80
CA ARG B 244 17.93 33.50 -6.09
C ARG B 244 17.61 34.98 -6.19
N ARG B 245 17.19 35.61 -5.10
CA ARG B 245 16.93 37.05 -5.08
C ARG B 245 17.77 37.75 -4.04
N ASN B 246 18.96 37.19 -3.78
CA ASN B 246 19.97 37.77 -2.88
C ASN B 246 19.45 37.95 -1.47
N MET B 247 18.62 37.00 -1.02
CA MET B 247 18.16 36.96 0.35
C MET B 247 18.52 35.60 0.94
N HIS B 248 18.49 35.52 2.27
CA HIS B 248 18.88 34.30 2.95
C HIS B 248 17.65 33.44 3.15
N PRO B 249 17.56 32.26 2.55
CA PRO B 249 16.48 31.34 2.87
C PRO B 249 16.79 30.55 4.14
N TYR B 250 15.75 29.92 4.69
CA TYR B 250 15.92 29.04 5.84
C TYR B 250 16.14 27.61 5.40
N GLY B 251 17.09 26.94 6.05
CA GLY B 251 17.32 25.53 5.82
C GLY B 251 16.35 24.63 6.58
N PHE B 252 15.07 24.98 6.53
CA PHE B 252 14.04 24.25 7.25
C PHE B 252 13.96 22.78 6.84
N ALA B 253 14.45 22.42 5.64
CA ALA B 253 14.41 21.02 5.23
C ALA B 253 15.37 20.16 6.03
N LEU B 254 16.44 20.74 6.54
CA LEU B 254 17.48 19.95 7.19
C LEU B 254 17.01 19.24 8.45
N PRO B 255 16.32 19.88 9.39
CA PRO B 255 16.03 19.24 10.68
C PRO B 255 15.32 17.91 10.51
N PRO B 256 14.15 17.84 9.86
CA PRO B 256 13.53 16.52 9.73
C PRO B 256 14.32 15.61 8.80
N LEU B 257 15.07 16.17 7.85
CA LEU B 257 15.93 15.37 6.97
C LEU B 257 17.02 14.66 7.77
N LEU B 258 17.67 15.39 8.69
CA LEU B 258 18.66 14.75 9.56
C LEU B 258 18.04 13.78 10.55
N LEU B 259 16.91 14.14 11.14
CA LEU B 259 16.28 13.23 12.10
C LEU B 259 16.09 11.87 11.47
N TYR B 260 15.50 11.83 10.28
CA TYR B 260 15.36 10.58 9.56
C TYR B 260 16.72 9.94 9.30
N SER B 261 17.66 10.75 8.83
CA SER B 261 18.96 10.20 8.45
C SER B 261 19.63 9.53 9.64
N LEU B 262 19.55 10.16 10.82
CA LEU B 262 20.16 9.58 12.01
C LEU B 262 19.34 8.41 12.52
N LEU B 263 18.01 8.55 12.54
CA LEU B 263 17.20 7.50 13.10
C LEU B 263 17.29 6.22 12.30
N ASP B 264 17.51 6.33 10.99
CA ASP B 264 17.41 5.19 10.09
C ASP B 264 18.74 4.80 9.46
N ALA B 265 19.82 5.52 9.78
CA ALA B 265 21.15 5.28 9.20
C ALA B 265 21.03 5.26 7.67
N ASN B 266 20.59 6.40 7.12
CA ASN B 266 20.33 6.54 5.70
C ASN B 266 20.76 7.94 5.28
N SER B 267 21.74 8.03 4.40
CA SER B 267 22.22 9.33 3.98
C SER B 267 21.78 9.73 2.58
N VAL B 268 21.04 8.87 1.87
CA VAL B 268 20.73 9.11 0.47
C VAL B 268 20.02 10.46 0.30
N TYR B 269 18.90 10.64 1.00
CA TYR B 269 18.14 11.85 0.77
C TYR B 269 18.89 13.05 1.31
N LEU B 270 19.71 12.84 2.35
CA LEU B 270 20.55 13.91 2.89
C LEU B 270 21.61 14.36 1.88
N LYS B 271 22.37 13.41 1.34
CA LYS B 271 23.40 13.77 0.38
C LYS B 271 22.78 14.42 -0.84
N ASN B 272 21.67 13.87 -1.32
CA ASN B 272 20.99 14.46 -2.47
C ASN B 272 20.61 15.91 -2.20
N TRP B 273 20.10 16.20 -1.01
CA TRP B 273 19.74 17.58 -0.69
C TRP B 273 20.99 18.46 -0.61
N LEU B 274 22.03 18.01 0.11
CA LEU B 274 23.25 18.80 0.23
C LEU B 274 23.82 19.16 -1.13
N ARG B 275 23.78 18.23 -2.07
CA ARG B 275 24.33 18.46 -3.40
C ARG B 275 23.61 19.59 -4.13
N MET B 276 22.36 19.88 -3.76
CA MET B 276 21.57 20.88 -4.44
C MET B 276 20.94 21.90 -3.51
N CYS B 277 21.35 21.94 -2.24
CA CYS B 277 20.71 22.81 -1.27
C CYS B 277 20.90 24.27 -1.67
N PRO B 278 19.94 25.14 -1.35
CA PRO B 278 20.02 26.52 -1.82
C PRO B 278 21.18 27.30 -1.21
N ARG B 279 21.69 28.26 -2.00
CA ARG B 279 22.83 29.04 -1.55
C ARG B 279 22.40 30.09 -0.54
N ASN B 280 23.36 30.57 0.24
CA ASN B 280 23.16 31.68 1.15
C ASN B 280 22.09 31.40 2.20
N MET B 281 21.89 30.15 2.60
CA MET B 281 20.83 29.94 3.58
C MET B 281 21.33 29.98 5.02
N VAL B 282 20.38 30.18 5.92
CA VAL B 282 20.61 30.11 7.36
C VAL B 282 20.11 28.74 7.80
N THR B 283 21.03 27.85 8.15
CA THR B 283 20.68 26.50 8.50
C THR B 283 20.33 26.43 9.97
N VAL B 284 19.35 25.58 10.29
CA VAL B 284 18.90 25.35 11.66
C VAL B 284 18.67 23.87 11.84
N LEU B 285 18.74 23.42 13.10
CA LEU B 285 18.12 22.16 13.49
C LEU B 285 16.82 22.42 14.24
N ASP B 286 16.91 23.11 15.37
CA ASP B 286 15.73 23.54 16.10
C ASP B 286 15.57 25.04 15.99
N THR B 287 14.33 25.48 16.14
CA THR B 287 13.98 26.88 16.16
C THR B 287 13.18 27.10 17.45
N HIS B 288 12.53 28.25 17.59
CA HIS B 288 11.57 28.45 18.68
C HIS B 288 10.21 27.81 18.42
N ASP B 289 10.02 27.13 17.27
CA ASP B 289 8.70 26.63 16.88
C ASP B 289 8.56 25.11 16.84
N GLY B 290 9.63 24.37 16.71
CA GLY B 290 9.45 22.94 16.62
C GLY B 290 9.40 22.47 15.17
N ILE B 291 9.73 21.20 14.99
CA ILE B 291 10.16 20.69 13.68
C ILE B 291 9.01 20.75 12.69
N CYS B 292 9.23 21.43 11.58
CA CYS B 292 8.21 21.72 10.60
C CYS B 292 8.29 20.70 9.49
N ILE B 293 7.17 20.08 9.16
CA ILE B 293 7.10 18.99 8.19
C ILE B 293 7.01 19.44 6.74
N PRO B 294 6.11 20.37 6.37
CA PRO B 294 5.96 20.72 4.94
C PRO B 294 7.27 21.07 4.25
N ASP B 295 8.23 21.57 5.03
CA ASP B 295 9.49 22.04 4.52
C ASP B 295 10.40 20.93 4.02
N VAL B 296 10.05 19.66 4.25
CA VAL B 296 10.87 18.55 3.78
C VAL B 296 10.13 17.70 2.77
N GLU B 297 8.84 17.98 2.54
CA GLU B 297 8.09 17.30 1.50
C GLU B 297 8.82 17.44 0.17
N GLY B 298 8.89 16.35 -0.56
CA GLY B 298 9.75 16.38 -1.75
C GLY B 298 11.21 16.09 -1.41
N VAL B 299 11.78 16.81 -0.43
CA VAL B 299 13.15 16.55 -0.01
C VAL B 299 13.30 15.11 0.48
N LEU B 300 12.26 14.56 1.07
CA LEU B 300 12.25 13.27 1.73
C LEU B 300 10.95 12.65 1.23
N PRO B 301 10.96 11.38 0.82
CA PRO B 301 9.72 10.77 0.32
C PRO B 301 8.67 10.71 1.41
N ASP B 302 7.40 10.71 1.01
CA ASP B 302 6.31 10.72 1.98
C ASP B 302 6.39 9.52 2.93
N ASP B 303 6.60 8.33 2.39
CA ASP B 303 6.68 7.17 3.28
C ASP B 303 7.80 7.34 4.32
N LYS B 304 8.92 7.99 3.98
CA LYS B 304 9.93 8.15 5.04
C LYS B 304 9.54 9.25 6.01
N ILE B 305 8.78 10.25 5.55
CA ILE B 305 8.29 11.26 6.47
C ILE B 305 7.34 10.63 7.48
N LYS B 306 6.45 9.74 7.02
CA LYS B 306 5.56 9.10 7.97
C LYS B 306 6.34 8.27 8.97
N VAL B 307 7.42 7.62 8.52
CA VAL B 307 8.33 6.97 9.46
C VAL B 307 8.80 7.97 10.50
N LEU B 308 9.23 9.16 10.05
CA LEU B 308 9.70 10.16 10.99
C LEU B 308 8.60 10.54 11.97
N ILE B 309 7.42 10.90 11.45
CA ILE B 309 6.31 11.33 12.28
C ILE B 309 5.92 10.26 13.29
N ASP B 310 5.81 9.01 12.84
CA ASP B 310 5.47 7.96 13.78
C ASP B 310 6.59 7.75 14.79
N ASN B 311 7.83 7.95 14.40
CA ASN B 311 8.92 7.71 15.34
C ASN B 311 8.97 8.79 16.42
N ILE B 312 8.63 10.03 16.08
CA ILE B 312 8.69 11.10 17.07
C ILE B 312 7.44 11.15 17.96
N ASP B 313 6.35 10.48 17.55
CA ASP B 313 5.06 10.69 18.23
C ASP B 313 5.12 10.41 19.72
N ALA B 314 5.87 9.37 20.12
CA ALA B 314 5.90 8.97 21.52
C ALA B 314 6.69 9.94 22.37
N ARG B 315 7.73 10.54 21.80
CA ARG B 315 8.63 11.42 22.52
C ARG B 315 8.25 12.88 22.42
N SER B 316 7.09 13.19 21.87
CA SER B 316 6.72 14.56 21.54
C SER B 316 5.31 14.86 22.01
N ALA B 317 5.05 16.14 22.26
CA ALA B 317 3.71 16.57 22.66
C ALA B 317 2.78 16.48 21.45
N ASP B 318 1.53 16.90 21.66
CA ASP B 318 0.56 16.93 20.58
C ASP B 318 1.11 17.79 19.44
N PRO B 319 1.06 17.33 18.20
CA PRO B 319 1.66 18.12 17.13
C PRO B 319 0.79 19.31 16.78
N ILE B 320 1.42 20.35 16.24
CA ILE B 320 0.65 21.45 15.69
C ILE B 320 0.12 21.01 14.33
N MET B 321 -1.15 21.24 14.09
CA MET B 321 -1.82 20.65 12.95
C MET B 321 -2.15 21.70 11.89
N ARG B 322 -2.23 21.25 10.66
CA ARG B 322 -2.76 22.06 9.58
C ARG B 322 -4.29 21.81 9.47
N ARG B 323 -4.95 22.80 8.87
CA ARG B 323 -6.43 22.89 8.89
C ARG B 323 -7.25 21.70 8.46
N SER B 324 -8.32 21.47 9.19
CA SER B 324 -9.29 20.46 8.80
C SER B 324 -8.66 19.10 8.53
N ALA B 325 -7.62 18.79 9.30
CA ALA B 325 -6.88 17.54 9.15
C ALA B 325 -7.46 16.52 10.11
N ALA B 326 -8.49 15.80 9.66
CA ALA B 326 -9.05 14.78 10.52
C ALA B 326 -8.20 13.52 10.60
N ASN B 327 -7.20 13.37 9.72
CA ASN B 327 -6.35 12.19 9.68
C ASN B 327 -5.06 12.52 10.43
N ILE B 328 -5.13 12.43 11.76
CA ILE B 328 -4.16 13.11 12.61
C ILE B 328 -2.83 12.34 12.74
N HIS B 329 -2.63 11.34 11.90
CA HIS B 329 -1.39 10.58 11.86
C HIS B 329 -0.90 10.45 10.43
N SER B 330 -1.06 11.51 9.65
CA SER B 330 -0.78 11.49 8.22
C SER B 330 0.10 12.67 7.86
N VAL B 331 1.11 12.39 7.04
CA VAL B 331 2.08 13.41 6.64
C VAL B 331 1.38 14.71 6.30
N GLY B 332 0.25 14.60 5.60
CA GLY B 332 -0.51 15.79 5.22
C GLY B 332 -1.20 16.50 6.36
N ALA B 333 -1.14 15.99 7.58
CA ALA B 333 -1.86 16.64 8.65
C ALA B 333 -0.98 17.41 9.62
N ILE B 334 0.22 16.90 9.89
CA ILE B 334 1.14 17.55 10.82
C ILE B 334 1.79 18.76 10.15
N TYR B 335 1.83 19.88 10.87
CA TYR B 335 2.53 21.10 10.47
C TYR B 335 3.87 21.25 11.17
N GLN B 336 3.88 21.12 12.49
CA GLN B 336 5.10 21.17 13.28
C GLN B 336 5.02 20.12 14.39
N LEU B 337 6.10 19.37 14.57
CA LEU B 337 6.21 18.40 15.66
C LEU B 337 6.72 19.14 16.90
N THR B 338 5.96 19.09 17.98
CA THR B 338 6.31 19.86 19.18
C THR B 338 7.22 19.02 20.07
N CYS B 339 8.51 19.29 19.99
CA CYS B 339 9.53 18.43 20.56
C CYS B 339 10.86 19.18 20.48
N THR B 340 11.67 19.10 21.54
CA THR B 340 13.01 19.65 21.43
C THR B 340 13.83 18.74 20.53
N PHE B 341 14.84 19.32 19.88
CA PHE B 341 15.62 18.51 18.95
C PHE B 341 16.40 17.44 19.69
N TYR B 342 16.78 17.69 20.95
CA TYR B 342 17.54 16.70 21.71
C TYR B 342 16.67 15.49 22.09
N ASP B 343 15.41 15.73 22.47
CA ASP B 343 14.51 14.59 22.68
C ASP B 343 14.18 13.88 21.38
N ALA B 344 14.21 14.58 20.25
CA ALA B 344 13.91 13.93 18.99
C ALA B 344 14.95 12.88 18.59
N LEU B 345 16.18 13.02 19.10
CA LEU B 345 17.23 12.04 18.90
C LEU B 345 17.41 11.15 20.12
N MET B 346 16.33 10.91 20.86
CA MET B 346 16.30 9.99 21.98
C MET B 346 17.37 10.32 23.01
N GLN B 347 17.72 11.61 23.09
CA GLN B 347 18.71 12.12 24.04
C GLN B 347 20.06 11.42 23.87
N ASN B 348 20.36 11.04 22.64
CA ASN B 348 21.62 10.37 22.31
C ASN B 348 22.69 11.41 22.03
N ASP B 349 23.69 11.51 22.92
CA ASP B 349 24.71 12.53 22.77
C ASP B 349 25.41 12.42 21.41
N ASP B 350 25.85 11.21 21.06
CA ASP B 350 26.60 11.03 19.82
C ASP B 350 25.82 11.50 18.62
N ALA B 351 24.56 11.10 18.54
CA ALA B 351 23.73 11.49 17.41
C ALA B 351 23.50 12.99 17.40
N TYR B 352 23.31 13.60 18.57
CA TYR B 352 23.03 15.03 18.61
C TYR B 352 24.24 15.83 18.14
N ILE B 353 25.43 15.46 18.59
CA ILE B 353 26.63 16.14 18.14
C ILE B 353 26.81 15.94 16.64
N ALA B 354 26.57 14.71 16.17
CA ALA B 354 26.73 14.42 14.75
C ALA B 354 25.80 15.27 13.91
N ALA B 355 24.58 15.49 14.40
CA ALA B 355 23.65 16.37 13.71
C ALA B 355 24.21 17.77 13.63
N ARG B 356 24.69 18.30 14.76
CA ARG B 356 25.25 19.65 14.75
C ARG B 356 26.47 19.72 13.84
N ALA B 357 27.29 18.66 13.82
CA ALA B 357 28.43 18.66 12.90
C ALA B 357 27.97 18.81 11.46
N ILE B 358 27.00 17.98 11.06
CA ILE B 358 26.48 18.03 9.69
C ILE B 358 25.83 19.39 9.42
N GLN B 359 25.07 19.92 10.38
CA GLN B 359 24.58 21.29 10.23
C GLN B 359 25.73 22.25 9.99
N PHE B 360 26.79 22.14 10.80
CA PHE B 360 27.88 23.10 10.71
C PHE B 360 28.65 22.98 9.39
N PHE B 361 28.62 21.82 8.73
CA PHE B 361 29.23 21.76 7.41
C PHE B 361 28.23 21.97 6.27
N THR B 362 26.94 22.11 6.57
CA THR B 362 26.01 22.47 5.51
C THR B 362 26.29 23.91 5.06
N PRO B 363 26.35 24.19 3.76
CA PRO B 363 26.62 25.56 3.32
C PRO B 363 25.59 26.54 3.85
N GLY B 364 26.07 27.60 4.50
CA GLY B 364 25.22 28.63 5.05
C GLY B 364 25.55 28.92 6.49
N ILE B 365 24.94 30.00 6.98
CA ILE B 365 25.15 30.45 8.35
C ILE B 365 24.39 29.56 9.31
N PRO B 366 25.06 28.87 10.23
CA PRO B 366 24.35 27.99 11.16
C PRO B 366 23.81 28.71 12.39
N GLN B 367 22.52 28.57 12.65
CA GLN B 367 21.95 29.03 13.89
C GLN B 367 21.78 27.85 14.84
N VAL B 368 22.14 28.08 16.11
CA VAL B 368 21.96 27.11 17.18
C VAL B 368 20.92 27.70 18.13
N TYR B 369 19.83 26.97 18.34
CA TYR B 369 18.81 27.42 19.27
C TYR B 369 19.24 27.14 20.71
N TYR B 370 18.90 28.07 21.61
CA TYR B 370 19.55 28.08 22.92
C TYR B 370 19.24 26.82 23.69
N VAL B 371 18.02 26.30 23.56
CA VAL B 371 17.69 25.03 24.22
C VAL B 371 18.55 23.91 23.65
N GLY B 372 18.68 23.86 22.33
CA GLY B 372 19.60 22.91 21.74
C GLY B 372 21.03 23.12 22.20
N LEU B 373 21.44 24.38 22.30
CA LEU B 373 22.77 24.70 22.81
C LEU B 373 23.03 24.00 24.14
N LEU B 374 22.02 23.96 25.00
CA LEU B 374 22.13 23.51 26.37
C LEU B 374 21.61 22.08 26.56
N ALA B 375 21.41 21.35 25.47
CA ALA B 375 20.90 19.97 25.51
C ALA B 375 19.66 19.87 26.40
N GLY B 376 18.70 20.74 26.12
CA GLY B 376 17.48 20.78 26.88
C GLY B 376 16.53 19.69 26.43
N CYS B 377 15.80 19.14 27.39
CA CYS B 377 14.77 18.14 27.16
C CYS B 377 13.40 18.81 27.16
N ASN B 378 12.39 18.08 26.69
CA ASN B 378 11.03 18.63 26.66
C ASN B 378 10.62 19.14 28.02
N ASP B 379 10.10 20.36 28.06
CA ASP B 379 9.65 20.93 29.33
C ASP B 379 8.16 20.65 29.49
N GLN B 380 7.86 19.45 30.00
CA GLN B 380 6.48 19.08 30.29
C GLN B 380 5.85 20.10 31.23
N GLU B 381 6.55 20.46 32.30
CA GLU B 381 5.97 21.35 33.29
C GLU B 381 5.62 22.70 32.69
N LEU B 382 6.50 23.25 31.86
CA LEU B 382 6.24 24.57 31.31
C LEU B 382 5.06 24.56 30.36
N MET B 383 4.94 23.53 29.52
CA MET B 383 3.79 23.45 28.61
C MET B 383 2.49 23.33 29.39
N GLU B 384 2.50 22.51 30.43
CA GLU B 384 1.32 22.30 31.26
C GLU B 384 1.01 23.52 32.10
N LYS B 385 2.00 24.38 32.36
CA LYS B 385 1.78 25.57 33.17
C LYS B 385 1.19 26.74 32.38
N THR B 386 1.46 26.84 31.07
CA THR B 386 1.01 27.98 30.28
C THR B 386 0.02 27.63 29.18
N GLY B 387 -0.19 26.35 28.87
CA GLY B 387 -1.05 25.94 27.80
C GLY B 387 -0.51 26.18 26.41
N GLU B 388 0.59 26.91 26.27
CA GLU B 388 1.18 27.06 24.95
C GLU B 388 1.91 25.77 24.58
N LEU B 389 1.48 25.15 23.49
CA LEU B 389 2.01 23.84 23.12
C LEU B 389 3.48 23.93 22.72
N ARG B 390 3.89 25.07 22.16
CA ARG B 390 5.28 25.23 21.76
C ARG B 390 6.21 25.53 22.92
N ASP B 391 5.69 25.88 24.10
CA ASP B 391 6.60 26.11 25.23
C ASP B 391 7.30 24.83 25.68
N ILE B 392 6.96 23.68 25.11
CA ILE B 392 7.72 22.45 25.37
C ILE B 392 9.14 22.57 24.83
N ASN B 393 9.38 23.55 23.94
CA ASN B 393 10.67 23.82 23.34
C ASN B 393 11.22 25.17 23.78
N ARG B 394 10.68 25.77 24.83
CA ARG B 394 11.04 27.13 25.21
C ARG B 394 11.39 27.18 26.69
N ASN B 395 12.18 26.21 27.14
CA ASN B 395 12.69 26.11 28.50
C ASN B 395 13.16 27.45 29.02
N TYR B 396 12.87 27.71 30.31
CA TYR B 396 13.54 28.79 31.00
C TYR B 396 14.80 28.28 31.68
N TYR B 397 15.87 29.07 31.57
CA TYR B 397 17.13 28.82 32.25
C TYR B 397 17.45 30.02 33.12
N THR B 398 17.76 29.77 34.39
CA THR B 398 18.41 30.79 35.20
C THR B 398 19.90 30.82 34.86
N LEU B 399 20.56 31.91 35.26
CA LEU B 399 21.99 31.99 34.96
C LEU B 399 22.74 30.80 35.57
N ASN B 400 22.34 30.37 36.78
CA ASN B 400 22.94 29.17 37.36
C ASN B 400 22.67 27.95 36.51
N GLU B 401 21.41 27.74 36.13
CA GLU B 401 21.04 26.57 35.35
C GLU B 401 21.77 26.52 34.01
N MET B 402 22.11 27.69 33.45
CA MET B 402 22.92 27.68 32.23
C MET B 402 24.36 27.33 32.55
N ASP B 403 24.92 27.91 33.61
CA ASP B 403 26.26 27.53 34.04
C ASP B 403 26.34 26.02 34.25
N GLU B 404 25.26 25.41 34.76
CA GLU B 404 25.23 23.97 35.00
C GLU B 404 25.18 23.20 33.69
N ALA B 405 24.32 23.62 32.76
CA ALA B 405 24.19 22.92 31.48
C ALA B 405 25.46 22.99 30.65
N MET B 406 26.17 24.10 30.73
CA MET B 406 27.43 24.23 30.00
C MET B 406 28.46 23.20 30.43
N GLU B 407 28.34 22.62 31.62
CA GLU B 407 29.31 21.64 32.07
C GLU B 407 28.95 20.20 31.68
N LYS B 408 27.76 19.98 31.14
CA LYS B 408 27.41 18.65 30.65
C LYS B 408 28.37 18.23 29.54
N PRO B 409 28.84 16.99 29.54
CA PRO B 409 29.78 16.56 28.50
C PRO B 409 29.29 16.84 27.08
N VAL B 410 28.01 16.61 26.81
CA VAL B 410 27.50 16.79 25.45
C VAL B 410 27.55 18.26 25.03
N VAL B 411 27.31 19.19 25.97
CA VAL B 411 27.35 20.60 25.60
C VAL B 411 28.79 21.06 25.42
N GLN B 412 29.73 20.53 26.21
CA GLN B 412 31.13 20.81 25.96
C GLN B 412 31.53 20.39 24.55
N ARG B 413 31.00 19.26 24.08
CA ARG B 413 31.30 18.82 22.73
C ARG B 413 30.76 19.81 21.71
N LEU B 414 29.48 20.17 21.85
CA LEU B 414 28.87 21.13 20.95
C LEU B 414 29.64 22.44 20.98
N LEU B 415 30.12 22.82 22.16
CA LEU B 415 30.85 24.07 22.31
C LEU B 415 32.20 23.99 21.60
N THR B 416 32.81 22.81 21.54
CA THR B 416 34.03 22.65 20.75
C THR B 416 33.73 22.75 19.25
N LEU B 417 32.67 22.10 18.78
CA LEU B 417 32.27 22.25 17.38
C LEU B 417 31.98 23.70 17.04
N MET B 418 31.24 24.38 17.92
CA MET B 418 30.88 25.78 17.66
C MET B 418 32.13 26.66 17.57
N LYS B 419 33.10 26.43 18.44
CA LYS B 419 34.36 27.15 18.33
C LYS B 419 35.03 26.85 16.98
N PHE B 420 34.97 25.59 16.54
CA PHE B 420 35.60 25.22 15.29
C PHE B 420 34.90 25.87 14.10
N ARG B 421 33.57 25.76 14.02
CA ARG B 421 32.83 26.32 12.90
C ARG B 421 32.91 27.84 12.86
N THR B 422 32.99 28.50 14.01
CA THR B 422 33.03 29.95 14.03
C THR B 422 34.40 30.50 13.65
N ASN B 423 35.47 29.76 13.93
CA ASN B 423 36.82 30.29 13.78
C ASN B 423 37.61 29.68 12.63
N TYR B 424 37.47 28.38 12.36
CA TYR B 424 38.36 27.74 11.40
C TYR B 424 38.08 28.30 10.00
N PRO B 425 39.10 28.74 9.27
CA PRO B 425 38.85 29.52 8.06
C PRO B 425 38.33 28.75 6.87
N ALA B 426 38.42 27.41 6.87
CA ALA B 426 38.04 26.64 5.68
C ALA B 426 36.59 26.88 5.28
N PHE B 427 35.72 27.20 6.23
CA PHE B 427 34.32 27.44 5.91
C PHE B 427 34.13 28.67 5.05
N ASP B 428 35.13 29.55 5.00
CA ASP B 428 35.07 30.72 4.14
C ASP B 428 35.45 30.38 2.71
N GLY B 429 35.74 29.13 2.42
CA GLY B 429 36.04 28.71 1.06
C GLY B 429 34.85 28.10 0.37
N HIS B 430 35.04 26.92 -0.21
CA HIS B 430 33.99 26.27 -0.96
C HIS B 430 33.67 24.90 -0.35
N PHE B 431 32.41 24.52 -0.47
CA PHE B 431 31.90 23.26 0.02
C PHE B 431 32.15 22.18 -1.01
N GLU B 432 32.72 21.06 -0.58
CA GLU B 432 32.94 19.94 -1.50
C GLU B 432 32.44 18.67 -0.83
N LEU B 433 31.26 18.25 -1.29
CA LEU B 433 30.67 16.99 -0.84
C LEU B 433 31.54 15.85 -1.32
N ASN B 434 31.70 14.84 -0.47
CA ASN B 434 32.51 13.67 -0.82
C ASN B 434 31.61 12.46 -1.04
N TYR B 435 32.15 11.48 -1.76
CA TYR B 435 31.44 10.23 -1.95
C TYR B 435 31.31 9.49 -0.62
N SER B 436 30.22 8.74 -0.48
CA SER B 436 30.02 7.92 0.71
C SER B 436 28.97 6.86 0.40
N ASN B 437 28.88 5.86 1.28
CA ASN B 437 27.85 4.84 1.15
C ASN B 437 26.49 5.37 1.59
N ASP B 438 25.47 4.52 1.51
CA ASP B 438 24.09 4.92 1.75
C ASP B 438 23.75 5.02 3.23
N SER B 439 24.74 4.92 4.10
CA SER B 439 24.54 5.03 5.55
C SER B 439 25.53 5.98 6.21
N SER B 440 26.20 6.84 5.44
CA SER B 440 27.17 7.76 6.03
C SER B 440 27.31 8.98 5.13
N VAL B 441 27.83 10.05 5.72
CA VAL B 441 28.02 11.34 5.05
C VAL B 441 29.47 11.78 5.21
N ALA B 442 30.05 12.31 4.14
CA ALA B 442 31.41 12.84 4.14
C ALA B 442 31.36 14.26 3.58
N MET B 443 31.71 15.23 4.41
CA MET B 443 31.60 16.65 4.06
C MET B 443 32.93 17.35 4.29
N ALA B 444 33.26 18.28 3.40
CA ALA B 444 34.53 18.98 3.56
C ALA B 444 34.43 20.41 3.06
N TRP B 445 35.27 21.26 3.64
CA TRP B 445 35.43 22.66 3.26
C TRP B 445 36.90 22.91 3.00
N ARG B 446 37.17 23.72 1.97
CA ARG B 446 38.53 24.03 1.59
C ARG B 446 38.58 25.52 1.28
N HIS B 447 39.52 26.23 1.91
CA HIS B 447 39.77 27.65 1.65
C HIS B 447 41.28 27.85 1.66
N GLY B 448 41.90 27.76 0.48
CA GLY B 448 43.34 27.86 0.38
C GLY B 448 44.01 26.68 1.05
N GLU B 449 45.04 26.98 1.84
CA GLU B 449 45.74 25.93 2.55
C GLU B 449 44.87 25.31 3.63
N HIS B 450 43.80 25.99 4.03
CA HIS B 450 42.90 25.51 5.07
C HIS B 450 41.93 24.47 4.52
N TYR B 451 41.72 23.41 5.29
CA TYR B 451 40.88 22.30 4.87
C TYR B 451 40.35 21.58 6.10
N CYS B 452 39.06 21.27 6.13
CA CYS B 452 38.46 20.48 7.20
C CYS B 452 37.46 19.51 6.61
N HIS B 453 37.33 18.34 7.23
CA HIS B 453 36.60 17.20 6.67
C HIS B 453 35.78 16.51 7.77
N LEU B 454 34.47 16.44 7.56
CA LEU B 454 33.57 15.71 8.46
C LEU B 454 33.25 14.33 7.91
N PHE B 455 33.26 13.34 8.80
CA PHE B 455 32.78 12.00 8.49
C PHE B 455 31.84 11.56 9.60
N VAL B 456 30.63 11.20 9.23
CA VAL B 456 29.61 10.74 10.16
C VAL B 456 29.18 9.36 9.69
N ASP B 457 29.26 8.36 10.57
CA ASP B 457 28.71 7.05 10.29
C ASP B 457 27.33 7.00 10.95
N LEU B 458 26.28 7.09 10.13
CA LEU B 458 24.90 7.19 10.65
C LEU B 458 24.47 5.91 11.35
N ASN B 459 25.20 4.80 11.15
CA ASN B 459 24.92 3.59 11.89
C ASN B 459 25.24 3.75 13.37
N PHE B 460 26.34 4.41 13.69
CA PHE B 460 26.85 4.42 15.06
C PHE B 460 26.96 5.82 15.62
N ASN B 461 26.45 6.80 14.88
CA ASN B 461 26.37 8.18 15.34
C ASN B 461 27.76 8.74 15.64
N THR B 462 28.76 8.30 14.88
CA THR B 462 30.10 8.79 15.15
C THR B 462 30.35 10.02 14.29
N SER B 463 31.10 10.96 14.88
CA SER B 463 31.43 12.24 14.28
C SER B 463 32.94 12.32 14.31
N LYS B 464 33.54 12.53 13.15
CA LYS B 464 34.99 12.60 13.10
C LYS B 464 35.34 13.79 12.22
N ILE B 465 36.17 14.70 12.72
CA ILE B 465 36.59 15.89 11.98
C ILE B 465 38.12 15.98 11.94
N GLN B 466 38.68 16.07 10.74
CA GLN B 466 40.10 16.35 10.53
C GLN B 466 40.27 17.74 9.92
N TYR B 467 41.20 18.52 10.47
CA TYR B 467 41.48 19.86 9.99
C TYR B 467 42.98 20.02 9.78
N VAL B 468 43.34 20.98 8.93
CA VAL B 468 44.73 21.27 8.60
C VAL B 468 45.19 22.49 9.40
N ASP B 469 46.17 22.30 10.27
CA ASP B 469 46.76 23.42 10.99
C ASP B 469 47.79 24.09 10.08
N VAL B 470 47.49 25.31 9.62
CA VAL B 470 48.35 25.95 8.64
C VAL B 470 49.67 26.41 9.25
N LYS B 471 49.67 26.76 10.54
CA LYS B 471 50.91 27.21 11.17
C LYS B 471 51.89 26.06 11.38
N SER B 472 51.46 24.82 11.13
CA SER B 472 52.33 23.65 11.22
C SER B 472 52.22 22.70 10.03
N GLY B 473 51.18 22.80 9.21
CA GLY B 473 51.04 21.98 8.01
C GLY B 473 50.52 20.57 8.23
N GLU B 474 50.36 20.12 9.47
CA GLU B 474 49.93 18.76 9.71
C GLU B 474 48.40 18.70 9.87
N THR B 475 47.86 17.50 9.73
CA THR B 475 46.43 17.27 9.82
C THR B 475 46.10 16.72 11.20
N ARG B 476 45.30 17.45 11.96
CA ARG B 476 44.94 17.10 13.32
C ARG B 476 43.46 16.70 13.40
N ASP B 477 43.13 15.97 14.46
CA ASP B 477 41.76 15.54 14.74
C ASP B 477 41.14 16.52 15.72
N LEU B 478 40.00 17.08 15.36
CA LEU B 478 39.26 17.89 16.32
C LEU B 478 38.74 16.99 17.44
N GLU B 479 39.03 17.38 18.68
CA GLU B 479 38.68 16.57 19.85
C GLU B 479 37.30 17.02 20.31
N PHE B 480 36.28 16.25 19.95
CA PHE B 480 34.93 16.60 20.36
C PHE B 480 34.06 15.35 20.43
N LEU C 2 22.83 -38.71 26.65
CA LEU C 2 21.50 -38.69 26.04
C LEU C 2 20.53 -38.23 27.13
N LEU C 3 19.69 -37.26 26.78
CA LEU C 3 18.75 -36.60 27.70
C LEU C 3 17.44 -37.36 27.84
N LYS C 4 16.69 -37.03 28.89
CA LYS C 4 15.34 -37.53 29.05
C LYS C 4 14.40 -36.77 28.11
N ASN C 5 13.61 -37.53 27.33
CA ASN C 5 12.60 -36.94 26.43
C ASN C 5 11.42 -36.46 27.27
N ALA C 6 11.66 -35.43 28.08
CA ALA C 6 10.69 -34.97 29.06
C ALA C 6 10.66 -33.45 29.07
N VAL C 7 9.56 -32.91 29.62
CA VAL C 7 9.43 -31.46 29.74
C VAL C 7 10.57 -30.94 30.59
N GLN C 8 11.12 -29.80 30.19
CA GLN C 8 12.14 -29.12 30.97
C GLN C 8 11.60 -27.80 31.51
N LEU C 9 12.11 -27.40 32.67
CA LEU C 9 11.74 -26.14 33.29
C LEU C 9 12.83 -25.10 33.00
N ILE C 10 12.43 -23.95 32.48
CA ILE C 10 13.31 -22.79 32.36
C ILE C 10 13.03 -21.92 33.57
N CYS C 11 14.06 -21.61 34.34
CA CYS C 11 13.85 -20.86 35.57
C CYS C 11 15.14 -20.15 35.97
N TYR C 12 14.97 -19.00 36.61
CA TYR C 12 16.08 -18.34 37.27
C TYR C 12 16.41 -19.01 38.59
N PRO C 13 17.60 -18.74 39.14
CA PRO C 13 17.90 -19.26 40.49
C PRO C 13 17.11 -18.57 41.59
N ASP C 14 16.94 -17.25 41.52
CA ASP C 14 16.46 -16.47 42.66
C ASP C 14 15.07 -15.89 42.44
N ARG C 15 14.34 -16.34 41.44
CA ARG C 15 13.04 -15.74 41.13
C ARG C 15 11.88 -16.68 41.38
N ILE C 16 12.15 -17.90 41.84
CA ILE C 16 11.17 -18.75 42.51
C ILE C 16 11.66 -18.92 43.93
N GLY C 17 10.93 -18.35 44.89
CA GLY C 17 11.49 -18.25 46.23
C GLY C 17 12.61 -17.22 46.25
N ASN C 18 13.69 -17.55 46.97
CA ASN C 18 14.78 -16.61 47.18
C ASN C 18 16.15 -17.13 46.77
N ASN C 19 16.29 -18.41 46.42
CA ASN C 19 17.59 -19.00 46.15
C ASN C 19 17.38 -20.38 45.54
N LEU C 20 18.48 -21.09 45.30
CA LEU C 20 18.40 -22.41 44.68
C LEU C 20 17.74 -23.46 45.58
N THR C 21 17.84 -23.30 46.91
CA THR C 21 17.23 -24.28 47.80
C THR C 21 15.71 -24.17 47.75
N ASP C 22 15.19 -22.94 47.72
CA ASP C 22 13.74 -22.76 47.57
C ASP C 22 13.27 -23.24 46.21
N LEU C 23 14.10 -23.07 45.17
CA LEU C 23 13.78 -23.63 43.86
C LEU C 23 13.63 -25.15 43.94
N HIS C 24 14.61 -25.81 44.56
CA HIS C 24 14.52 -27.26 44.73
C HIS C 24 13.28 -27.63 45.51
N THR C 25 12.95 -26.85 46.56
CA THR C 25 11.73 -27.11 47.32
C THR C 25 10.49 -26.98 46.44
N ALA C 26 10.44 -25.95 45.59
CA ALA C 26 9.27 -25.73 44.75
C ALA C 26 9.15 -26.80 43.67
N VAL C 27 10.28 -27.24 43.11
CA VAL C 27 10.26 -28.25 42.05
C VAL C 27 9.72 -29.57 42.58
N GLU C 28 10.24 -30.01 43.73
CA GLU C 28 9.81 -31.29 44.29
C GLU C 28 8.35 -31.26 44.73
N LYS C 29 7.87 -30.11 45.19
CA LYS C 29 6.52 -30.04 45.72
C LYS C 29 5.46 -30.19 44.63
N HIS C 30 5.74 -29.69 43.43
CA HIS C 30 4.74 -29.62 42.36
C HIS C 30 5.15 -30.32 41.07
N LEU C 31 6.42 -30.31 40.71
CA LEU C 31 6.87 -30.72 39.38
C LEU C 31 7.66 -32.02 39.38
N SER C 32 7.72 -32.73 40.52
CA SER C 32 8.69 -33.82 40.70
C SER C 32 8.52 -34.93 39.66
N ASP C 33 7.31 -35.10 39.13
CA ASP C 33 7.05 -36.07 38.07
C ASP C 33 6.33 -35.43 36.89
N ALA C 34 6.57 -34.14 36.66
CA ALA C 34 6.04 -33.45 35.49
C ALA C 34 7.12 -32.88 34.59
N ILE C 35 8.37 -32.82 35.05
CA ILE C 35 9.50 -32.38 34.23
C ILE C 35 10.63 -33.39 34.41
N GLY C 36 11.51 -33.46 33.42
CA GLY C 36 12.64 -34.36 33.47
C GLY C 36 13.99 -33.66 33.51
N GLY C 37 13.96 -32.33 33.45
CA GLY C 37 15.17 -31.53 33.47
C GLY C 37 14.87 -30.08 33.78
N LEU C 38 15.93 -29.33 34.03
CA LEU C 38 15.83 -27.90 34.31
C LEU C 38 16.84 -27.15 33.47
N HIS C 39 16.44 -25.98 33.00
CA HIS C 39 17.38 -24.97 32.51
C HIS C 39 17.48 -23.88 33.57
N ILE C 40 18.56 -23.92 34.35
CA ILE C 40 18.81 -22.91 35.36
C ILE C 40 19.58 -21.78 34.69
N LEU C 41 18.94 -20.63 34.57
CA LEU C 41 19.56 -19.47 33.97
C LEU C 41 20.80 -19.07 34.75
N PRO C 42 21.72 -18.31 34.14
CA PRO C 42 23.04 -18.10 34.74
C PRO C 42 23.02 -17.74 36.21
N PHE C 43 23.69 -18.57 37.00
CA PHE C 43 23.76 -18.44 38.45
C PHE C 43 25.18 -18.17 38.93
N PHE C 44 26.04 -17.73 38.01
CA PHE C 44 27.44 -17.45 38.29
C PHE C 44 27.58 -16.04 38.85
N PRO C 45 28.74 -15.71 39.40
CA PRO C 45 29.03 -14.30 39.70
C PRO C 45 28.99 -13.46 38.44
N SER C 46 28.11 -12.47 38.43
CA SER C 46 27.91 -11.65 37.24
C SER C 46 27.70 -10.19 37.61
N ASN C 47 28.11 -9.30 36.69
CA ASN C 47 27.99 -7.86 36.89
C ASN C 47 27.24 -7.16 35.76
N ALA C 48 26.51 -7.90 34.94
CA ALA C 48 25.79 -7.25 33.85
C ALA C 48 24.84 -8.24 33.20
N ASP C 49 23.74 -7.71 32.68
CA ASP C 49 22.85 -8.40 31.75
C ASP C 49 22.29 -9.69 32.35
N GLY C 50 21.59 -9.53 33.47
CA GLY C 50 20.81 -10.62 34.05
C GLY C 50 21.56 -11.92 34.22
N GLY C 51 22.85 -11.85 34.56
CA GLY C 51 23.65 -13.03 34.81
C GLY C 51 24.57 -13.46 33.69
N PHE C 52 24.46 -12.88 32.51
CA PHE C 52 25.21 -13.33 31.35
C PHE C 52 26.58 -12.67 31.19
N SER C 53 27.17 -12.16 32.26
CA SER C 53 28.54 -11.63 32.24
C SER C 53 29.36 -12.29 33.33
N PRO C 54 29.60 -13.61 33.23
CA PRO C 54 30.22 -14.33 34.34
C PRO C 54 31.70 -14.02 34.48
N LEU C 55 32.13 -13.87 35.74
CA LEU C 55 33.56 -13.78 36.03
C LEU C 55 34.23 -15.14 35.89
N THR C 56 33.48 -16.22 36.12
CA THR C 56 33.95 -17.58 35.93
C THR C 56 32.73 -18.48 35.86
N HIS C 57 32.86 -19.58 35.13
CA HIS C 57 31.84 -20.61 35.15
C HIS C 57 32.12 -21.66 36.22
N LYS C 58 33.09 -21.40 37.09
CA LYS C 58 33.53 -22.37 38.08
C LYS C 58 33.02 -22.05 39.47
N GLU C 59 32.31 -20.95 39.66
CA GLU C 59 31.79 -20.56 40.96
C GLU C 59 30.29 -20.33 40.85
N VAL C 60 29.62 -20.46 41.99
CA VAL C 60 28.22 -20.08 42.12
C VAL C 60 28.17 -18.83 42.99
N ASP C 61 27.42 -17.83 42.55
CA ASP C 61 27.23 -16.60 43.33
C ASP C 61 26.64 -16.94 44.69
N PRO C 62 27.35 -16.66 45.78
CA PRO C 62 26.83 -17.02 47.11
C PRO C 62 25.44 -16.44 47.36
N ALA C 63 25.08 -15.37 46.67
CA ALA C 63 23.73 -14.83 46.77
C ALA C 63 22.68 -15.85 46.33
N PHE C 64 23.07 -16.83 45.53
CA PHE C 64 22.17 -17.86 44.99
C PHE C 64 22.25 -19.19 45.72
N GLY C 65 23.42 -19.51 46.29
CA GLY C 65 23.66 -20.80 46.93
C GLY C 65 25.08 -21.31 46.74
N THR C 66 25.25 -22.62 46.73
CA THR C 66 26.53 -23.28 46.52
C THR C 66 26.37 -24.35 45.44
N TRP C 67 27.50 -24.90 44.98
CA TRP C 67 27.44 -25.99 44.00
C TRP C 67 26.68 -27.20 44.54
N ASP C 68 26.68 -27.39 45.86
CA ASP C 68 25.88 -28.47 46.42
C ASP C 68 24.39 -28.26 46.15
N ASP C 69 23.94 -27.00 46.13
CA ASP C 69 22.55 -26.72 45.79
C ASP C 69 22.25 -27.06 44.35
N ILE C 70 23.27 -26.99 43.49
CA ILE C 70 23.12 -27.39 42.10
C ILE C 70 23.02 -28.91 41.98
N GLU C 71 23.96 -29.63 42.59
CA GLU C 71 23.96 -31.08 42.50
C GLU C 71 22.73 -31.73 43.11
N ALA C 72 21.95 -30.99 43.91
CA ALA C 72 20.69 -31.54 44.42
C ALA C 72 19.70 -31.82 43.30
N PHE C 73 19.82 -31.13 42.16
CA PHE C 73 18.92 -31.41 41.06
C PHE C 73 19.40 -32.60 40.23
N THR C 74 20.70 -32.74 40.07
CA THR C 74 21.23 -33.81 39.23
C THR C 74 20.94 -35.16 39.91
N GLY C 75 20.99 -36.21 39.10
CA GLY C 75 20.64 -37.54 39.56
C GLY C 75 19.17 -37.84 39.37
N LYS C 76 18.33 -36.82 39.39
CA LYS C 76 16.90 -36.96 39.16
C LYS C 76 16.41 -36.14 37.98
N TYR C 77 17.14 -35.11 37.58
CA TYR C 77 16.73 -34.19 36.53
C TYR C 77 17.89 -33.94 35.59
N ASP C 78 17.58 -33.72 34.32
CA ASP C 78 18.59 -33.18 33.42
C ASP C 78 18.91 -31.74 33.82
N LEU C 79 20.12 -31.30 33.48
CA LEU C 79 20.59 -29.99 33.90
C LEU C 79 21.15 -29.24 32.70
N CYS C 80 20.47 -28.16 32.32
CA CYS C 80 20.90 -27.28 31.25
C CYS C 80 21.45 -25.99 31.84
N VAL C 81 22.68 -25.64 31.48
CA VAL C 81 23.38 -24.49 32.07
C VAL C 81 24.03 -23.70 30.95
N ASP C 82 24.11 -22.39 31.13
CA ASP C 82 24.65 -21.50 30.10
C ASP C 82 26.18 -21.52 30.05
N LEU C 83 26.70 -21.51 28.82
CA LEU C 83 28.13 -21.35 28.55
C LEU C 83 28.30 -20.15 27.63
N THR C 84 28.66 -19.00 28.20
CA THR C 84 28.77 -17.76 27.43
C THR C 84 30.05 -17.83 26.60
N VAL C 85 29.98 -18.58 25.50
CA VAL C 85 31.15 -18.84 24.68
C VAL C 85 31.70 -17.57 24.05
N ASN C 86 30.91 -16.50 23.98
CA ASN C 86 31.38 -15.29 23.32
C ASN C 86 32.25 -14.45 24.23
N HIS C 87 31.89 -14.35 25.50
CA HIS C 87 32.41 -13.30 26.33
C HIS C 87 32.46 -13.74 27.79
N ILE C 88 33.33 -13.08 28.54
CA ILE C 88 33.40 -13.20 29.99
C ILE C 88 33.47 -11.78 30.55
N SER C 89 33.24 -11.66 31.86
CA SER C 89 33.14 -10.36 32.50
C SER C 89 34.46 -9.60 32.48
N ASP C 90 34.39 -8.27 32.58
CA ASP C 90 35.61 -7.48 32.72
C ASP C 90 36.20 -7.56 34.12
N GLU C 91 35.44 -8.05 35.10
CA GLU C 91 35.95 -8.29 36.44
C GLU C 91 36.49 -9.71 36.60
N SER C 92 36.50 -10.51 35.53
CA SER C 92 36.99 -11.88 35.62
C SER C 92 38.47 -11.91 35.97
N PRO C 93 38.95 -12.99 36.57
CA PRO C 93 40.40 -13.11 36.83
C PRO C 93 41.24 -13.00 35.56
N GLU C 94 40.77 -13.59 34.46
CA GLU C 94 41.56 -13.61 33.22
C GLU C 94 41.74 -12.21 32.64
N PHE C 95 40.69 -11.39 32.66
CA PHE C 95 40.78 -10.06 32.06
C PHE C 95 41.45 -9.05 32.99
N ARG C 96 41.26 -9.17 34.31
CA ARG C 96 41.96 -8.25 35.21
C ARG C 96 43.46 -8.38 35.06
N ASP C 97 43.96 -9.61 34.82
CA ASP C 97 45.38 -9.79 34.57
C ASP C 97 45.83 -9.05 33.32
N PHE C 98 44.93 -8.90 32.34
CA PHE C 98 45.25 -8.10 31.17
C PHE C 98 45.40 -6.63 31.53
N ILE C 99 44.56 -6.12 32.44
CA ILE C 99 44.66 -4.72 32.84
C ILE C 99 45.95 -4.48 33.63
N ALA C 100 46.30 -5.42 34.49
CA ALA C 100 47.48 -5.24 35.35
C ALA C 100 48.77 -5.24 34.55
N ASN C 101 49.01 -6.31 33.78
CA ASN C 101 50.29 -6.49 33.13
C ASN C 101 50.34 -5.95 31.70
N GLY C 102 49.20 -5.69 31.08
CA GLY C 102 49.20 -5.27 29.69
C GLY C 102 49.37 -6.46 28.77
N PHE C 103 50.01 -6.22 27.61
CA PHE C 103 50.23 -7.32 26.68
C PHE C 103 51.25 -8.33 27.21
N ASP C 104 51.95 -8.02 28.30
CA ASP C 104 52.82 -8.98 28.94
C ASP C 104 52.02 -10.07 29.66
N SER C 105 50.71 -9.90 29.80
CA SER C 105 49.87 -10.90 30.43
C SER C 105 49.85 -12.19 29.60
N GLU C 106 49.85 -13.33 30.29
CA GLU C 106 49.71 -14.62 29.62
C GLU C 106 48.32 -14.82 29.06
N TYR C 107 47.35 -13.97 29.43
CA TYR C 107 45.99 -14.04 28.92
C TYR C 107 45.72 -12.98 27.85
N ALA C 108 46.78 -12.42 27.26
CA ALA C 108 46.60 -11.34 26.29
C ALA C 108 45.89 -11.83 25.04
N ASP C 109 46.30 -12.98 24.51
CA ASP C 109 45.73 -13.51 23.28
C ASP C 109 44.33 -14.11 23.47
N LEU C 110 43.76 -13.94 24.66
CA LEU C 110 42.40 -14.41 24.93
C LEU C 110 41.34 -13.46 24.40
N PHE C 111 41.70 -12.22 24.07
CA PHE C 111 40.74 -11.18 23.74
C PHE C 111 41.05 -10.59 22.37
N VAL C 112 40.05 -9.93 21.79
CA VAL C 112 40.16 -9.38 20.44
C VAL C 112 40.60 -7.93 20.55
N HIS C 113 41.74 -7.61 19.94
CA HIS C 113 42.29 -6.27 19.98
C HIS C 113 41.99 -5.56 18.66
N VAL C 114 41.28 -4.43 18.74
CA VAL C 114 40.77 -3.77 17.54
C VAL C 114 41.88 -3.28 16.64
N ASP C 115 43.02 -2.87 17.22
CA ASP C 115 44.09 -2.33 16.39
C ASP C 115 44.76 -3.41 15.55
N ARG C 116 44.54 -4.68 15.88
CA ARG C 116 45.07 -5.80 15.09
C ARG C 116 44.58 -5.72 13.65
N PHE C 117 43.35 -5.29 13.45
CA PHE C 117 42.75 -5.32 12.13
C PHE C 117 43.23 -4.16 11.26
N GLY C 118 43.92 -3.19 11.84
CA GLY C 118 44.26 -1.99 11.10
C GLY C 118 43.01 -1.15 10.84
N ASP C 119 43.05 -0.38 9.76
CA ASP C 119 41.90 0.42 9.38
C ASP C 119 40.74 -0.47 8.96
N ILE C 120 39.55 -0.14 9.44
CA ILE C 120 38.31 -0.79 9.03
C ILE C 120 37.52 0.22 8.24
N SER C 121 37.26 -0.09 6.96
CA SER C 121 36.55 0.85 6.11
C SER C 121 35.14 1.05 6.63
N PRO C 122 34.50 2.15 6.26
CA PRO C 122 33.11 2.36 6.69
C PRO C 122 32.19 1.22 6.28
N ASP C 123 32.38 0.67 5.09
CA ASP C 123 31.53 -0.44 4.67
C ASP C 123 31.72 -1.66 5.57
N ASP C 124 32.97 -1.95 5.95
CA ASP C 124 33.23 -3.11 6.80
C ASP C 124 32.67 -2.93 8.20
N MET C 125 32.56 -1.68 8.69
CA MET C 125 31.86 -1.44 9.96
C MET C 125 30.35 -1.62 9.82
N ALA C 126 29.75 -1.09 8.75
CA ALA C 126 28.30 -1.19 8.59
C ALA C 126 27.83 -2.63 8.40
N LYS C 127 28.71 -3.53 7.95
CA LYS C 127 28.36 -4.94 7.83
C LYS C 127 28.09 -5.61 9.17
N ILE C 128 28.62 -5.07 10.25
CA ILE C 128 28.71 -5.81 11.49
C ILE C 128 27.31 -5.93 12.09
N HIS C 129 26.91 -7.16 12.38
CA HIS C 129 25.56 -7.45 12.89
C HIS C 129 25.55 -7.16 14.39
N ILE C 130 25.31 -5.91 14.73
CA ILE C 130 25.29 -5.42 16.10
C ILE C 130 23.94 -4.77 16.32
N ARG C 131 23.29 -5.03 17.46
CA ARG C 131 21.94 -4.46 17.51
C ARG C 131 21.94 -3.17 18.32
N LYS C 132 23.10 -2.69 18.77
CA LYS C 132 23.18 -1.40 19.43
C LYS C 132 23.73 -0.36 18.48
N GLU C 133 23.65 0.90 18.89
CA GLU C 133 24.04 2.00 18.02
C GLU C 133 25.45 2.51 18.33
N LYS C 134 26.29 1.67 18.91
CA LYS C 134 27.68 2.04 19.19
C LYS C 134 28.61 1.00 18.57
N GLU C 135 29.79 1.46 18.17
CA GLU C 135 30.80 0.52 17.67
C GLU C 135 31.07 -0.55 18.73
N PRO C 136 31.22 -1.80 18.33
CA PRO C 136 31.40 -2.88 19.31
C PRO C 136 32.83 -2.87 19.88
N PHE C 137 33.31 -1.68 20.23
CA PHE C 137 34.69 -1.45 20.59
C PHE C 137 34.69 -0.71 21.92
N ARG C 138 35.31 -1.30 22.94
CA ARG C 138 35.46 -0.65 24.24
C ARG C 138 36.89 -0.19 24.43
N GLU C 139 37.06 1.07 24.83
CA GLU C 139 38.36 1.63 25.16
C GLU C 139 38.60 1.45 26.66
N VAL C 140 39.58 0.62 26.99
CA VAL C 140 39.92 0.36 28.37
C VAL C 140 41.24 1.07 28.68
N THR C 141 41.39 1.48 29.93
CA THR C 141 42.61 2.09 30.42
C THR C 141 43.41 1.06 31.22
N LEU C 142 44.65 0.82 30.81
CA LEU C 142 45.50 -0.14 31.51
C LEU C 142 46.01 0.45 32.82
N ALA C 143 46.57 -0.43 33.65
CA ALA C 143 47.15 0.01 34.91
C ALA C 143 48.31 0.96 34.68
N ASP C 144 49.09 0.73 33.61
CA ASP C 144 50.21 1.60 33.30
C ASP C 144 49.80 2.88 32.59
N GLY C 145 48.50 3.08 32.35
CA GLY C 145 48.01 4.27 31.71
C GLY C 145 47.77 4.14 30.23
N THR C 146 48.21 3.03 29.62
CA THR C 146 48.07 2.86 28.17
C THR C 146 46.61 2.61 27.79
N LYS C 147 46.19 3.22 26.70
CA LYS C 147 44.82 3.06 26.19
C LYS C 147 44.81 2.12 24.99
N THR C 148 43.99 1.07 25.08
CA THR C 148 43.80 0.15 23.98
C THR C 148 42.31 -0.22 23.90
N ARG C 149 41.91 -0.78 22.76
CA ARG C 149 40.52 -1.08 22.48
C ARG C 149 40.33 -2.58 22.31
N VAL C 150 39.23 -3.11 22.84
CA VAL C 150 38.89 -4.52 22.71
C VAL C 150 37.49 -4.66 22.11
N TRP C 151 37.23 -5.80 21.51
CA TRP C 151 35.93 -6.05 20.92
C TRP C 151 34.91 -6.28 22.01
N CYS C 152 33.73 -5.65 21.87
CA CYS C 152 32.70 -5.69 22.92
C CYS C 152 31.33 -5.63 22.24
N THR C 153 30.74 -6.81 21.99
CA THR C 153 29.43 -6.87 21.34
C THR C 153 28.33 -6.31 22.23
N PHE C 154 28.22 -6.85 23.44
CA PHE C 154 27.13 -6.51 24.35
C PHE C 154 27.59 -5.39 25.29
N THR C 155 26.92 -5.23 26.44
CA THR C 155 27.28 -4.23 27.43
C THR C 155 28.78 -4.25 27.72
N GLU C 156 29.31 -3.10 28.16
CA GLU C 156 30.75 -2.92 28.30
C GLU C 156 31.36 -3.79 29.37
N GLN C 157 30.55 -4.43 30.21
CA GLN C 157 31.10 -5.37 31.19
C GLN C 157 31.28 -6.75 30.60
N GLN C 158 31.01 -6.91 29.31
CA GLN C 158 31.11 -8.18 28.59
C GLN C 158 32.15 -8.05 27.48
N ILE C 159 33.33 -8.61 27.70
CA ILE C 159 34.46 -8.53 26.78
C ILE C 159 34.48 -9.80 25.94
N ASP C 160 34.51 -9.64 24.61
CA ASP C 160 34.42 -10.80 23.72
C ASP C 160 35.71 -11.60 23.68
N LEU C 161 35.57 -12.90 23.45
CA LEU C 161 36.70 -13.82 23.40
C LEU C 161 37.21 -13.96 21.96
N ASN C 162 38.49 -14.33 21.85
CA ASN C 162 39.23 -14.36 20.58
C ASN C 162 39.39 -15.79 20.09
N TYR C 163 38.55 -16.21 19.15
CA TYR C 163 38.71 -17.56 18.63
C TYR C 163 39.66 -17.64 17.45
N ASP C 164 40.46 -16.59 17.20
CA ASP C 164 41.63 -16.72 16.35
C ASP C 164 42.87 -17.18 17.11
N GLY C 165 42.85 -17.10 18.44
CA GLY C 165 43.91 -17.63 19.27
C GLY C 165 43.55 -18.96 19.91
N ASP C 166 44.40 -19.39 20.83
CA ASP C 166 44.23 -20.67 21.50
C ASP C 166 43.63 -20.56 22.89
N LEU C 167 43.89 -19.46 23.60
CA LEU C 167 43.45 -19.32 24.99
C LEU C 167 41.94 -19.46 25.13
N ALA C 168 41.19 -19.00 24.13
CA ALA C 168 39.74 -19.06 24.20
C ALA C 168 39.24 -20.49 24.23
N TYR C 169 39.83 -21.38 23.44
CA TYR C 169 39.37 -22.76 23.43
C TYR C 169 39.61 -23.46 24.77
N ARG C 170 40.75 -23.26 25.42
CA ARG C 170 40.90 -23.84 26.75
C ARG C 170 39.88 -23.34 27.73
N LEU C 171 39.69 -22.03 27.77
CA LEU C 171 38.81 -21.47 28.77
C LEU C 171 37.45 -22.14 28.65
N MET C 172 36.96 -22.32 27.42
CA MET C 172 35.74 -23.09 27.24
C MET C 172 35.93 -24.54 27.68
N GLU C 173 37.03 -25.17 27.26
CA GLU C 173 37.27 -26.56 27.66
C GLU C 173 37.39 -26.68 29.17
N SER C 174 38.00 -25.67 29.82
CA SER C 174 38.04 -25.65 31.28
C SER C 174 36.64 -25.50 31.87
N TYR C 175 35.87 -24.53 31.37
CA TYR C 175 34.50 -24.35 31.82
C TYR C 175 33.67 -25.62 31.62
N ILE C 176 33.75 -26.21 30.44
CA ILE C 176 32.94 -27.38 30.12
C ILE C 176 33.31 -28.52 31.05
N GLY C 177 34.61 -28.78 31.21
CA GLY C 177 35.04 -29.81 32.13
C GLY C 177 34.51 -29.60 33.53
N PHE C 178 34.54 -28.35 34.00
CA PHE C 178 34.07 -28.08 35.35
C PHE C 178 32.56 -28.25 35.45
N LEU C 179 31.82 -27.74 34.46
CA LEU C 179 30.35 -27.80 34.52
C LEU C 179 29.84 -29.23 34.42
N THR C 180 30.38 -30.02 33.50
CA THR C 180 29.94 -31.40 33.37
C THR C 180 30.27 -32.21 34.62
N SER C 181 31.36 -31.88 35.30
CA SER C 181 31.72 -32.58 36.53
C SER C 181 30.71 -32.37 37.62
N LYS C 182 29.91 -31.33 37.54
CA LYS C 182 28.85 -31.07 38.52
C LYS C 182 27.51 -31.67 38.10
N GLY C 183 27.46 -32.39 36.97
CA GLY C 183 26.24 -33.04 36.53
C GLY C 183 25.46 -32.35 35.44
N VAL C 184 26.06 -31.39 34.75
CA VAL C 184 25.38 -30.67 33.67
C VAL C 184 25.29 -31.56 32.44
N ASN C 185 24.07 -31.77 31.93
CA ASN C 185 23.86 -32.55 30.72
C ASN C 185 23.97 -31.75 29.44
N LEU C 186 23.39 -30.54 29.43
CA LEU C 186 23.11 -29.80 28.21
C LEU C 186 23.68 -28.40 28.35
N LEU C 187 24.63 -28.05 27.49
CA LEU C 187 25.28 -26.75 27.54
C LEU C 187 24.59 -25.81 26.56
N ARG C 188 23.86 -24.84 27.09
CA ARG C 188 23.29 -23.79 26.25
C ARG C 188 24.42 -22.84 25.86
N LEU C 189 24.78 -22.85 24.58
CA LEU C 189 25.89 -22.04 24.06
C LEU C 189 25.35 -20.64 23.78
N ASP C 190 25.50 -19.75 24.76
CA ASP C 190 24.92 -18.42 24.65
C ASP C 190 25.65 -17.56 23.61
N ALA C 191 24.88 -17.04 22.66
CA ALA C 191 25.34 -16.00 21.72
C ALA C 191 26.52 -16.46 20.87
N PHE C 192 26.57 -17.75 20.54
CA PHE C 192 27.71 -18.31 19.82
C PHE C 192 27.90 -17.67 18.45
N GLY C 193 26.84 -17.07 17.89
CA GLY C 193 26.92 -16.49 16.56
C GLY C 193 27.95 -15.40 16.43
N TYR C 194 28.31 -14.76 17.53
CA TYR C 194 29.26 -13.65 17.50
C TYR C 194 30.70 -14.09 17.68
N THR C 195 30.98 -15.39 17.87
CA THR C 195 32.36 -15.82 18.10
C THR C 195 33.23 -15.63 16.86
N THR C 196 32.62 -15.61 15.68
CA THR C 196 33.36 -15.47 14.44
C THR C 196 33.53 -14.00 14.11
N LYS C 197 34.77 -13.52 14.12
CA LYS C 197 35.07 -12.16 13.70
C LYS C 197 35.93 -12.24 12.45
N ARG C 198 35.50 -11.53 11.40
CA ARG C 198 36.34 -11.37 10.22
C ARG C 198 35.95 -10.05 9.56
N ILE C 199 36.87 -9.09 9.57
CA ILE C 199 36.57 -7.80 8.97
C ILE C 199 36.21 -7.98 7.50
N GLY C 200 35.15 -7.31 7.07
CA GLY C 200 34.58 -7.53 5.77
C GLY C 200 33.37 -8.45 5.76
N THR C 201 33.03 -9.04 6.90
CA THR C 201 31.88 -9.92 7.06
C THR C 201 30.92 -9.32 8.08
N SER C 202 29.81 -10.02 8.30
CA SER C 202 28.85 -9.56 9.29
C SER C 202 29.32 -9.81 10.72
N CYS C 203 30.39 -10.60 10.90
CA CYS C 203 30.88 -10.99 12.21
C CYS C 203 29.82 -11.72 13.02
N PHE C 204 28.92 -12.42 12.32
CA PHE C 204 27.83 -13.15 12.95
C PHE C 204 27.51 -14.36 12.08
N LEU C 205 27.64 -15.56 12.66
CA LEU C 205 27.38 -16.81 11.94
C LEU C 205 28.22 -16.91 10.66
N VAL C 206 29.50 -16.54 10.75
CA VAL C 206 30.32 -16.54 9.54
C VAL C 206 30.64 -17.97 9.13
N GLU C 207 30.18 -18.35 7.96
CA GLU C 207 30.32 -19.67 7.35
C GLU C 207 31.59 -19.72 6.50
N PRO C 208 32.35 -20.82 6.52
CA PRO C 208 32.04 -22.02 7.30
C PRO C 208 32.74 -22.04 8.66
N GLU C 209 33.40 -20.93 9.00
CA GLU C 209 34.10 -20.84 10.28
C GLU C 209 33.20 -21.20 11.45
N VAL C 210 31.93 -20.78 11.41
CA VAL C 210 31.04 -20.98 12.56
C VAL C 210 30.88 -22.46 12.88
N TYR C 211 30.91 -23.33 11.86
CA TYR C 211 30.73 -24.75 12.12
C TYR C 211 32.03 -25.36 12.59
N ARG C 212 33.16 -24.78 12.16
CA ARG C 212 34.47 -25.18 12.66
C ARG C 212 34.53 -25.02 14.17
N ILE C 213 34.09 -23.86 14.67
CA ILE C 213 33.98 -23.63 16.10
C ILE C 213 32.91 -24.50 16.74
N LEU C 214 31.79 -24.70 16.06
CA LEU C 214 30.66 -25.33 16.70
C LEU C 214 30.83 -26.85 16.79
N ASP C 215 31.39 -27.49 15.75
CA ASP C 215 31.71 -28.92 15.85
C ASP C 215 32.73 -29.19 16.94
N TRP C 216 33.62 -28.22 17.20
CA TRP C 216 34.65 -28.39 18.22
C TRP C 216 34.03 -28.46 19.61
N ILE C 217 33.23 -27.46 19.99
CA ILE C 217 32.65 -27.46 21.33
C ILE C 217 31.79 -28.70 21.56
N ASN C 218 31.02 -29.09 20.55
CA ASN C 218 30.11 -30.22 20.72
C ASN C 218 30.86 -31.49 21.11
N GLU C 219 32.00 -31.75 20.48
CA GLU C 219 32.80 -32.90 20.87
C GLU C 219 33.38 -32.75 22.26
N VAL C 220 33.97 -31.58 22.58
CA VAL C 220 34.49 -31.38 23.94
C VAL C 220 33.38 -31.64 24.94
N ALA C 221 32.16 -31.20 24.61
CA ALA C 221 31.02 -31.51 25.46
C ALA C 221 30.71 -33.01 25.46
N PHE C 222 30.83 -33.66 24.29
CA PHE C 222 30.55 -35.10 24.21
C PHE C 222 31.57 -35.88 25.00
N LYS C 223 32.82 -35.42 24.96
CA LYS C 223 33.90 -36.00 25.75
C LYS C 223 33.52 -36.08 27.23
N HIS C 224 32.92 -35.01 27.75
CA HIS C 224 32.52 -34.90 29.15
C HIS C 224 31.07 -35.31 29.40
N GLY C 225 30.46 -36.04 28.48
CA GLY C 225 29.11 -36.56 28.66
C GLY C 225 28.04 -35.49 28.61
N ALA C 226 28.11 -34.60 27.63
CA ALA C 226 27.14 -33.52 27.52
C ALA C 226 26.82 -33.23 26.07
N GLU C 227 25.59 -32.79 25.84
CA GLU C 227 25.13 -32.33 24.54
C GLU C 227 25.03 -30.81 24.57
N CYS C 228 24.88 -30.21 23.39
CA CYS C 228 24.91 -28.76 23.27
C CYS C 228 23.58 -28.21 22.79
N LEU C 229 23.29 -26.98 23.20
CA LEU C 229 22.09 -26.25 22.80
C LEU C 229 22.54 -24.86 22.39
N PRO C 230 22.99 -24.70 21.14
CA PRO C 230 23.43 -23.38 20.67
C PRO C 230 22.21 -22.49 20.47
N GLU C 231 22.25 -21.29 21.06
CA GLU C 231 21.18 -20.31 20.87
C GLU C 231 21.59 -19.31 19.79
N VAL C 232 20.82 -19.25 18.71
CA VAL C 232 20.99 -18.23 17.69
C VAL C 232 19.62 -17.68 17.28
N HIS C 233 19.49 -16.35 17.24
CA HIS C 233 18.28 -15.67 16.79
C HIS C 233 18.55 -15.05 15.41
N ASP C 234 18.16 -15.79 14.37
CA ASP C 234 18.25 -15.36 12.97
C ASP C 234 17.38 -16.32 12.17
N HIS C 235 17.56 -16.36 10.85
CA HIS C 235 16.76 -17.22 9.97
C HIS C 235 16.83 -18.69 10.38
N THR C 236 15.70 -19.41 10.20
CA THR C 236 15.63 -20.82 10.62
C THR C 236 16.60 -21.71 9.86
N SER C 237 17.10 -21.29 8.71
CA SER C 237 18.05 -22.13 8.00
C SER C 237 19.22 -22.52 8.89
N TYR C 238 19.64 -21.62 9.79
CA TYR C 238 20.69 -21.92 10.75
C TYR C 238 20.26 -23.00 11.74
N GLN C 239 18.96 -23.08 12.03
CA GLN C 239 18.49 -24.11 12.95
C GLN C 239 18.74 -25.51 12.39
N TYR C 240 18.60 -25.68 11.08
CA TYR C 240 18.85 -27.00 10.54
C TYR C 240 20.35 -27.23 10.43
N ALA C 241 21.07 -26.16 10.10
CA ALA C 241 22.52 -26.22 10.07
C ALA C 241 23.06 -26.75 11.39
N ILE C 242 22.51 -26.26 12.51
CA ILE C 242 22.84 -26.80 13.82
C ILE C 242 22.38 -28.25 13.92
N SER C 243 21.11 -28.50 13.56
CA SER C 243 20.53 -29.84 13.66
C SER C 243 21.38 -30.90 12.97
N ARG C 244 21.97 -30.56 11.83
CA ARG C 244 22.71 -31.51 11.01
C ARG C 244 24.11 -31.73 11.51
N ARG C 245 24.45 -31.20 12.67
CA ARG C 245 25.77 -31.38 13.26
C ARG C 245 25.66 -31.95 14.66
N ASN C 246 24.62 -32.74 14.92
CA ASN C 246 24.41 -33.44 16.20
C ASN C 246 24.34 -32.50 17.40
N MET C 247 23.74 -31.34 17.20
CA MET C 247 23.45 -30.40 18.27
C MET C 247 21.96 -30.07 18.28
N HIS C 248 21.50 -29.57 19.41
CA HIS C 248 20.09 -29.26 19.59
C HIS C 248 19.81 -27.82 19.19
N PRO C 249 19.05 -27.58 18.14
CA PRO C 249 18.62 -26.21 17.83
C PRO C 249 17.43 -25.76 18.68
N TYR C 250 17.21 -24.47 18.68
CA TYR C 250 16.05 -23.89 19.34
C TYR C 250 14.88 -23.80 18.37
N GLY C 251 13.69 -24.20 18.85
CA GLY C 251 12.46 -24.08 18.08
C GLY C 251 11.88 -22.66 18.14
N PHE C 252 12.76 -21.70 17.96
CA PHE C 252 12.41 -20.29 18.07
C PHE C 252 11.32 -19.87 17.08
N ALA C 253 11.13 -20.63 16.00
CA ALA C 253 10.07 -20.30 15.05
C ALA C 253 8.70 -20.57 15.65
N LEU C 254 8.59 -21.54 16.55
CA LEU C 254 7.28 -21.97 17.04
C LEU C 254 6.51 -20.89 17.78
N PRO C 255 7.10 -20.14 18.73
CA PRO C 255 6.29 -19.22 19.55
C PRO C 255 5.49 -18.24 18.72
N PRO C 256 6.10 -17.42 17.85
CA PRO C 256 5.27 -16.48 17.08
C PRO C 256 4.40 -17.18 16.04
N LEU C 257 4.81 -18.37 15.57
CA LEU C 257 3.99 -19.13 14.64
C LEU C 257 2.66 -19.52 15.28
N LEU C 258 2.70 -20.06 16.51
CA LEU C 258 1.45 -20.40 17.18
C LEU C 258 0.63 -19.16 17.50
N LEU C 259 1.28 -18.10 17.99
CA LEU C 259 0.56 -16.88 18.29
C LEU C 259 -0.24 -16.41 17.09
N TYR C 260 0.39 -16.35 15.92
CA TYR C 260 -0.37 -16.05 14.71
C TYR C 260 -1.46 -17.08 14.47
N SER C 261 -1.12 -18.36 14.55
CA SER C 261 -2.06 -19.41 14.19
C SER C 261 -3.31 -19.35 15.04
N LEU C 262 -3.14 -19.11 16.34
CA LEU C 262 -4.30 -19.03 17.23
C LEU C 262 -5.06 -17.73 17.05
N LEU C 263 -4.34 -16.60 16.93
CA LEU C 263 -5.03 -15.31 16.83
C LEU C 263 -5.83 -15.20 15.54
N ASP C 264 -5.37 -15.83 14.46
CA ASP C 264 -5.98 -15.68 13.15
C ASP C 264 -6.61 -16.98 12.63
N ALA C 265 -6.64 -18.03 13.44
CA ALA C 265 -7.26 -19.31 13.10
C ALA C 265 -6.74 -19.83 11.76
N ASN C 266 -5.42 -20.06 11.73
CA ASN C 266 -4.72 -20.44 10.51
C ASN C 266 -3.69 -21.50 10.85
N SER C 267 -3.87 -22.69 10.30
CA SER C 267 -2.96 -23.80 10.54
C SER C 267 -2.06 -24.09 9.35
N VAL C 268 -2.21 -23.32 8.27
CA VAL C 268 -1.48 -23.60 7.04
C VAL C 268 0.02 -23.54 7.30
N TYR C 269 0.50 -22.42 7.80
CA TYR C 269 1.94 -22.24 7.95
C TYR C 269 2.46 -23.11 9.08
N LEU C 270 1.62 -23.38 10.09
CA LEU C 270 2.00 -24.24 11.21
C LEU C 270 2.21 -25.68 10.75
N LYS C 271 1.24 -26.23 10.01
CA LYS C 271 1.39 -27.60 9.53
C LYS C 271 2.60 -27.72 8.61
N ASN C 272 2.79 -26.73 7.73
CA ASN C 272 3.94 -26.74 6.84
C ASN C 272 5.23 -26.82 7.64
N TRP C 273 5.30 -26.06 8.74
CA TRP C 273 6.50 -26.08 9.56
C TRP C 273 6.67 -27.42 10.25
N LEU C 274 5.59 -27.91 10.88
CA LEU C 274 5.66 -29.19 11.58
C LEU C 274 6.09 -30.31 10.63
N ARG C 275 5.63 -30.25 9.38
CA ARG C 275 5.98 -31.30 8.42
C ARG C 275 7.48 -31.31 8.13
N MET C 276 8.16 -30.16 8.27
CA MET C 276 9.56 -30.05 7.90
C MET C 276 10.43 -29.45 8.99
N CYS C 277 9.90 -29.30 10.20
CA CYS C 277 10.64 -28.62 11.24
C CYS C 277 11.91 -29.42 11.58
N PRO C 278 13.01 -28.75 11.90
CA PRO C 278 14.21 -29.49 12.26
C PRO C 278 13.95 -30.21 13.56
N ARG C 279 14.51 -31.39 13.69
CA ARG C 279 14.26 -32.12 14.92
C ARG C 279 15.58 -32.50 15.59
N ASN C 280 15.44 -33.03 16.80
CA ASN C 280 16.42 -32.91 17.85
C ASN C 280 16.55 -31.47 18.32
N MET C 281 15.49 -30.69 18.15
CA MET C 281 15.48 -29.32 18.63
C MET C 281 14.80 -29.27 20.00
N VAL C 282 15.06 -28.17 20.71
CA VAL C 282 14.42 -27.89 22.00
C VAL C 282 13.35 -26.84 21.76
N THR C 283 12.08 -27.22 21.92
CA THR C 283 10.97 -26.32 21.64
C THR C 283 10.66 -25.45 22.84
N VAL C 284 10.30 -24.19 22.57
CA VAL C 284 9.93 -23.22 23.59
C VAL C 284 8.71 -22.46 23.10
N LEU C 285 7.91 -21.93 24.04
CA LEU C 285 6.95 -20.89 23.70
C LEU C 285 7.40 -19.53 24.22
N ASP C 286 7.57 -19.38 25.52
CA ASP C 286 8.13 -18.19 26.10
C ASP C 286 9.52 -18.51 26.61
N THR C 287 10.37 -17.49 26.67
CA THR C 287 11.71 -17.67 27.21
C THR C 287 11.98 -16.60 28.26
N HIS C 288 13.23 -16.48 28.68
CA HIS C 288 13.59 -15.35 29.54
C HIS C 288 13.76 -14.07 28.73
N ASP C 289 13.64 -14.16 27.42
CA ASP C 289 13.78 -13.02 26.51
C ASP C 289 12.43 -12.78 25.87
N GLY C 290 12.35 -11.69 25.12
CA GLY C 290 11.11 -11.35 24.44
C GLY C 290 10.86 -12.25 23.25
N ILE C 291 9.61 -12.27 22.81
CA ILE C 291 9.22 -13.16 21.73
C ILE C 291 9.92 -12.69 20.47
N CYS C 292 10.75 -13.56 19.90
CA CYS C 292 11.69 -13.12 18.87
C CYS C 292 11.12 -13.29 17.47
N ILE C 293 11.12 -12.19 16.71
CA ILE C 293 10.50 -12.11 15.39
C ILE C 293 11.38 -12.67 14.27
N PRO C 294 12.67 -12.29 14.16
CA PRO C 294 13.47 -12.80 13.04
C PRO C 294 13.49 -14.31 12.90
N ASP C 295 13.26 -15.04 14.00
CA ASP C 295 13.29 -16.49 13.98
C ASP C 295 12.12 -17.11 13.23
N VAL C 296 11.14 -16.33 12.80
CA VAL C 296 9.98 -16.84 12.09
C VAL C 296 9.87 -16.28 10.69
N GLU C 297 10.76 -15.37 10.30
CA GLU C 297 10.81 -14.91 8.92
C GLU C 297 10.93 -16.12 7.99
N GLY C 298 10.15 -16.11 6.93
CA GLY C 298 10.09 -17.27 6.03
C GLY C 298 9.09 -18.31 6.48
N VAL C 299 9.21 -18.75 7.74
CA VAL C 299 8.22 -19.68 8.29
C VAL C 299 6.85 -19.06 8.24
N LEU C 300 6.78 -17.73 8.27
CA LEU C 300 5.53 -17.05 8.30
C LEU C 300 5.70 -15.91 7.31
N PRO C 301 4.72 -15.66 6.43
CA PRO C 301 4.84 -14.54 5.49
C PRO C 301 4.88 -13.20 6.23
N ASP C 302 5.51 -12.20 5.59
CA ASP C 302 5.65 -10.89 6.23
C ASP C 302 4.28 -10.33 6.61
N ASP C 303 3.32 -10.37 5.69
CA ASP C 303 2.01 -9.80 5.98
C ASP C 303 1.37 -10.46 7.18
N LYS C 304 1.60 -11.76 7.37
CA LYS C 304 1.03 -12.43 8.52
C LYS C 304 1.81 -12.14 9.80
N ILE C 305 3.12 -11.88 9.69
CA ILE C 305 3.88 -11.47 10.87
C ILE C 305 3.37 -10.13 11.37
N LYS C 306 3.09 -9.22 10.44
CA LYS C 306 2.59 -7.90 10.83
C LYS C 306 1.23 -8.01 11.51
N VAL C 307 0.38 -8.91 11.02
CA VAL C 307 -0.88 -9.22 11.71
C VAL C 307 -0.59 -9.56 13.17
N LEU C 308 0.42 -10.40 13.40
CA LEU C 308 0.82 -10.74 14.75
C LEU C 308 1.30 -9.52 15.52
N ILE C 309 2.21 -8.74 14.91
CA ILE C 309 2.77 -7.58 15.61
C ILE C 309 1.67 -6.60 15.99
N ASP C 310 0.74 -6.31 15.08
CA ASP C 310 -0.31 -5.36 15.39
C ASP C 310 -1.24 -5.89 16.47
N ASN C 311 -1.49 -7.20 16.49
CA ASN C 311 -2.37 -7.75 17.51
C ASN C 311 -1.71 -7.71 18.89
N ILE C 312 -0.40 -7.90 18.94
CA ILE C 312 0.30 -7.92 20.22
C ILE C 312 0.63 -6.51 20.72
N ASP C 313 0.55 -5.50 19.84
CA ASP C 313 1.07 -4.18 20.19
C ASP C 313 0.42 -3.63 21.45
N ALA C 314 -0.89 -3.86 21.61
CA ALA C 314 -1.63 -3.31 22.75
C ALA C 314 -1.33 -4.05 24.06
N ARG C 315 -1.02 -5.33 23.99
CA ARG C 315 -0.78 -6.16 25.17
C ARG C 315 0.71 -6.30 25.49
N SER C 316 1.57 -5.51 24.87
CA SER C 316 3.00 -5.65 25.04
C SER C 316 3.65 -4.31 25.31
N ALA C 317 4.76 -4.36 26.03
CA ALA C 317 5.56 -3.18 26.31
C ALA C 317 6.26 -2.75 25.02
N ASP C 318 7.14 -1.75 25.13
CA ASP C 318 7.91 -1.35 23.98
C ASP C 318 8.74 -2.53 23.50
N PRO C 319 8.73 -2.84 22.20
CA PRO C 319 9.51 -3.98 21.73
C PRO C 319 10.98 -3.62 21.65
N ILE C 320 11.82 -4.64 21.77
CA ILE C 320 13.24 -4.45 21.51
C ILE C 320 13.46 -4.34 20.02
N MET C 321 14.28 -3.38 19.60
CA MET C 321 14.41 -3.00 18.21
C MET C 321 15.76 -3.44 17.66
N ARG C 322 15.81 -3.68 16.35
CA ARG C 322 17.09 -3.92 15.71
C ARG C 322 17.62 -2.57 15.23
N ARG C 323 18.82 -2.55 14.65
CA ARG C 323 19.58 -1.31 14.64
C ARG C 323 19.04 -0.31 13.62
N SER C 324 19.00 0.96 14.03
CA SER C 324 18.60 2.08 13.18
C SER C 324 17.28 1.82 12.46
N ALA C 325 16.37 1.12 13.15
CA ALA C 325 15.07 0.81 12.55
C ALA C 325 14.09 1.92 12.91
N ALA C 326 14.15 3.00 12.14
CA ALA C 326 13.26 4.13 12.34
C ALA C 326 11.79 3.81 12.05
N ASN C 327 11.51 2.72 11.35
CA ASN C 327 10.15 2.37 10.93
C ASN C 327 9.62 1.40 11.97
N ILE C 328 9.01 1.94 13.03
CA ILE C 328 8.77 1.16 14.24
C ILE C 328 7.53 0.30 14.15
N HIS C 329 6.95 0.19 12.96
CA HIS C 329 5.79 -0.64 12.72
C HIS C 329 6.01 -1.50 11.50
N SER C 330 7.22 -2.02 11.36
CA SER C 330 7.65 -2.79 10.19
C SER C 330 8.31 -4.07 10.66
N VAL C 331 7.87 -5.19 10.08
CA VAL C 331 8.38 -6.51 10.45
C VAL C 331 9.89 -6.50 10.58
N GLY C 332 10.57 -5.86 9.63
CA GLY C 332 12.01 -5.83 9.64
C GLY C 332 12.65 -5.03 10.74
N ALA C 333 11.85 -4.39 11.59
CA ALA C 333 12.37 -3.48 12.62
C ALA C 333 12.35 -4.10 14.02
N ILE C 334 11.34 -4.89 14.33
CA ILE C 334 11.22 -5.51 15.64
C ILE C 334 12.17 -6.69 15.75
N TYR C 335 12.86 -6.79 16.88
CA TYR C 335 13.69 -7.94 17.19
C TYR C 335 13.01 -8.91 18.14
N GLN C 336 12.53 -8.40 19.28
CA GLN C 336 11.83 -9.22 20.27
C GLN C 336 10.64 -8.45 20.82
N LEU C 337 9.52 -9.15 20.97
CA LEU C 337 8.32 -8.59 21.58
C LEU C 337 8.40 -8.79 23.10
N THR C 338 8.30 -7.68 23.85
CA THR C 338 8.45 -7.70 25.30
C THR C 338 7.08 -7.99 25.91
N CYS C 339 6.87 -9.25 26.29
CA CYS C 339 5.54 -9.73 26.62
C CYS C 339 5.65 -11.13 27.19
N THR C 340 4.87 -11.43 28.23
CA THR C 340 4.74 -12.82 28.66
C THR C 340 3.84 -13.54 27.67
N PHE C 341 4.04 -14.86 27.55
CA PHE C 341 3.28 -15.57 26.53
C PHE C 341 1.80 -15.62 26.89
N TYR C 342 1.47 -15.59 28.18
CA TYR C 342 0.07 -15.68 28.58
C TYR C 342 -0.70 -14.40 28.21
N ASP C 343 -0.10 -13.22 28.43
CA ASP C 343 -0.75 -12.00 27.95
C ASP C 343 -0.78 -11.93 26.42
N ALA C 344 0.19 -12.56 25.74
CA ALA C 344 0.19 -12.54 24.28
C ALA C 344 -1.01 -13.26 23.69
N LEU C 345 -1.60 -14.19 24.44
CA LEU C 345 -2.85 -14.84 24.06
C LEU C 345 -4.04 -14.29 24.84
N MET C 346 -3.95 -13.03 25.27
CA MET C 346 -5.08 -12.30 25.87
C MET C 346 -5.66 -13.00 27.10
N GLN C 347 -4.84 -13.71 27.86
CA GLN C 347 -5.27 -14.38 29.09
C GLN C 347 -6.38 -15.40 28.81
N ASN C 348 -6.37 -15.98 27.61
CA ASN C 348 -7.34 -16.99 27.22
C ASN C 348 -6.82 -18.35 27.66
N ASP C 349 -7.48 -18.95 28.65
CA ASP C 349 -7.02 -20.22 29.16
C ASP C 349 -7.01 -21.28 28.06
N ASP C 350 -8.12 -21.39 27.31
CA ASP C 350 -8.18 -22.40 26.26
C ASP C 350 -7.06 -22.21 25.24
N ALA C 351 -6.85 -20.97 24.78
CA ALA C 351 -5.83 -20.72 23.77
C ALA C 351 -4.44 -21.03 24.31
N TYR C 352 -4.16 -20.69 25.56
CA TYR C 352 -2.83 -20.95 26.11
C TYR C 352 -2.57 -22.45 26.23
N ILE C 353 -3.55 -23.21 26.70
CA ILE C 353 -3.37 -24.66 26.80
C ILE C 353 -3.20 -25.27 25.42
N ALA C 354 -3.99 -24.81 24.45
CA ALA C 354 -3.90 -25.35 23.10
C ALA C 354 -2.50 -25.13 22.52
N ALA C 355 -1.90 -23.97 22.81
CA ALA C 355 -0.54 -23.71 22.38
C ALA C 355 0.44 -24.70 23.02
N ARG C 356 0.33 -24.88 24.34
CA ARG C 356 1.23 -25.82 25.02
C ARG C 356 1.05 -27.24 24.50
N ALA C 357 -0.20 -27.62 24.18
CA ALA C 357 -0.47 -28.94 23.61
C ALA C 357 0.28 -29.12 22.30
N ILE C 358 0.20 -28.13 21.41
CA ILE C 358 0.89 -28.20 20.13
C ILE C 358 2.41 -28.26 20.34
N GLN C 359 2.92 -27.45 21.26
CA GLN C 359 4.33 -27.53 21.63
C GLN C 359 4.72 -28.94 22.06
N PHE C 360 3.94 -29.54 22.96
CA PHE C 360 4.35 -30.82 23.51
C PHE C 360 4.33 -31.92 22.46
N PHE C 361 3.50 -31.78 21.42
CA PHE C 361 3.54 -32.76 20.34
C PHE C 361 4.48 -32.38 19.21
N THR C 362 5.08 -31.19 19.24
CA THR C 362 6.09 -30.85 18.25
C THR C 362 7.34 -31.68 18.50
N PRO C 363 7.94 -32.27 17.46
CA PRO C 363 9.16 -33.07 17.67
C PRO C 363 10.26 -32.25 18.32
N GLY C 364 10.74 -32.73 19.45
CA GLY C 364 11.79 -32.10 20.21
C GLY C 364 11.44 -31.95 21.67
N ILE C 365 12.45 -31.60 22.46
CA ILE C 365 12.30 -31.47 23.91
C ILE C 365 11.57 -30.17 24.25
N PRO C 366 10.43 -30.25 24.92
CA PRO C 366 9.70 -29.02 25.26
C PRO C 366 10.23 -28.41 26.53
N GLN C 367 10.57 -27.13 26.47
CA GLN C 367 10.88 -26.36 27.67
C GLN C 367 9.68 -25.49 28.03
N VAL C 368 9.38 -25.43 29.32
CA VAL C 368 8.33 -24.56 29.85
C VAL C 368 9.01 -23.52 30.72
N TYR C 369 8.84 -22.25 30.37
CA TYR C 369 9.38 -21.14 31.15
C TYR C 369 8.50 -20.91 32.37
N TYR C 370 9.13 -20.55 33.48
CA TYR C 370 8.41 -20.61 34.76
C TYR C 370 7.25 -19.62 34.79
N VAL C 371 7.41 -18.45 34.16
CA VAL C 371 6.29 -17.51 34.08
C VAL C 371 5.13 -18.15 33.34
N GLY C 372 5.42 -18.80 32.22
CA GLY C 372 4.38 -19.57 31.54
C GLY C 372 3.83 -20.70 32.40
N LEU C 373 4.71 -21.38 33.14
CA LEU C 373 4.26 -22.44 34.05
C LEU C 373 3.17 -21.94 34.97
N LEU C 374 3.30 -20.72 35.47
CA LEU C 374 2.38 -20.17 36.46
C LEU C 374 1.36 -19.24 35.85
N ALA C 375 1.26 -19.21 34.51
CA ALA C 375 0.35 -18.32 33.79
C ALA C 375 0.48 -16.88 34.26
N GLY C 376 1.71 -16.38 34.22
CA GLY C 376 1.99 -15.05 34.69
C GLY C 376 1.62 -13.99 33.67
N CYS C 377 1.16 -12.85 34.18
CA CYS C 377 0.82 -11.69 33.37
C CYS C 377 1.98 -10.69 33.34
N ASN C 378 1.89 -9.73 32.42
CA ASN C 378 2.92 -8.69 32.31
C ASN C 378 3.10 -7.99 33.64
N ASP C 379 4.35 -7.90 34.09
CA ASP C 379 4.67 -7.31 35.38
C ASP C 379 5.04 -5.85 35.15
N GLN C 380 4.02 -4.99 35.12
CA GLN C 380 4.28 -3.56 34.99
C GLN C 380 5.19 -3.06 36.10
N GLU C 381 4.90 -3.44 37.36
CA GLU C 381 5.63 -2.90 38.49
C GLU C 381 7.12 -3.23 38.41
N LEU C 382 7.43 -4.50 38.11
CA LEU C 382 8.84 -4.91 38.05
C LEU C 382 9.57 -4.24 36.90
N MET C 383 8.90 -4.07 35.75
CA MET C 383 9.53 -3.42 34.61
C MET C 383 9.85 -1.95 34.87
N GLU C 384 8.91 -1.21 35.46
CA GLU C 384 9.13 0.23 35.63
C GLU C 384 10.24 0.50 36.63
N LYS C 385 10.44 -0.41 37.57
CA LYS C 385 11.59 -0.41 38.45
C LYS C 385 12.70 -1.19 37.74
N THR C 386 13.95 -0.87 38.06
CA THR C 386 15.14 -1.48 37.46
C THR C 386 15.33 -1.10 36.00
N GLY C 387 14.32 -0.50 35.37
CA GLY C 387 14.43 -0.05 34.01
C GLY C 387 14.60 -1.13 32.96
N GLU C 388 14.80 -2.38 33.35
CA GLU C 388 15.02 -3.44 32.36
C GLU C 388 13.72 -3.79 31.66
N LEU C 389 13.73 -3.60 30.33
CA LEU C 389 12.52 -3.75 29.54
C LEU C 389 12.06 -5.20 29.53
N ARG C 390 12.99 -6.14 29.57
CA ARG C 390 12.66 -7.56 29.53
C ARG C 390 12.16 -8.09 30.86
N ASP C 391 12.29 -7.35 31.97
CA ASP C 391 11.74 -7.85 33.23
C ASP C 391 10.22 -7.89 33.23
N ILE C 392 9.55 -7.42 32.18
CA ILE C 392 8.12 -7.62 32.11
C ILE C 392 7.77 -9.10 31.99
N ASN C 393 8.74 -9.94 31.60
CA ASN C 393 8.55 -11.38 31.46
C ASN C 393 9.38 -12.16 32.48
N ARG C 394 9.88 -11.50 33.51
CA ARG C 394 10.79 -12.13 34.47
C ARG C 394 10.25 -11.95 35.89
N ASN C 395 8.96 -12.22 36.03
CA ASN C 395 8.24 -12.14 37.31
C ASN C 395 9.04 -12.76 38.45
N TYR C 396 8.95 -12.13 39.62
CA TYR C 396 9.38 -12.75 40.87
C TYR C 396 8.21 -13.46 41.54
N TYR C 397 8.46 -14.67 42.01
CA TYR C 397 7.48 -15.45 42.78
C TYR C 397 8.10 -15.84 44.11
N THR C 398 7.35 -15.63 45.20
CA THR C 398 7.66 -16.27 46.46
C THR C 398 7.09 -17.69 46.45
N LEU C 399 7.55 -18.52 47.38
CA LEU C 399 7.06 -19.88 47.46
C LEU C 399 5.54 -19.93 47.64
N ASN C 400 4.99 -18.99 48.43
CA ASN C 400 3.52 -18.89 48.55
C ASN C 400 2.89 -18.55 47.21
N GLU C 401 3.40 -17.53 46.54
CA GLU C 401 2.80 -17.09 45.29
C GLU C 401 2.78 -18.21 44.27
N MET C 402 3.76 -19.11 44.30
CA MET C 402 3.76 -20.24 43.37
C MET C 402 2.72 -21.28 43.75
N ASP C 403 2.67 -21.64 45.04
CA ASP C 403 1.63 -22.55 45.51
C ASP C 403 0.26 -22.04 45.12
N GLU C 404 0.07 -20.73 45.16
CA GLU C 404 -1.23 -20.15 44.85
C GLU C 404 -1.52 -20.23 43.35
N ALA C 405 -0.54 -19.90 42.51
CA ALA C 405 -0.75 -19.98 41.07
C ALA C 405 -0.97 -21.41 40.61
N MET C 406 -0.35 -22.38 41.29
CA MET C 406 -0.56 -23.78 40.96
C MET C 406 -2.01 -24.19 41.12
N GLU C 407 -2.79 -23.46 41.91
CA GLU C 407 -4.19 -23.78 42.08
C GLU C 407 -5.08 -23.12 41.05
N LYS C 408 -4.52 -22.26 40.20
CA LYS C 408 -5.30 -21.69 39.10
C LYS C 408 -5.81 -22.80 38.20
N PRO C 409 -7.07 -22.75 37.76
CA PRO C 409 -7.57 -23.79 36.85
C PRO C 409 -6.69 -24.00 35.62
N VAL C 410 -6.22 -22.90 35.00
CA VAL C 410 -5.42 -23.02 33.79
C VAL C 410 -4.07 -23.68 34.07
N VAL C 411 -3.50 -23.46 35.25
CA VAL C 411 -2.22 -24.08 35.56
C VAL C 411 -2.41 -25.56 35.86
N GLN C 412 -3.52 -25.92 36.49
CA GLN C 412 -3.83 -27.34 36.67
C GLN C 412 -3.92 -28.07 35.33
N ARG C 413 -4.54 -27.44 34.34
CA ARG C 413 -4.62 -28.05 33.01
C ARG C 413 -3.23 -28.22 32.39
N LEU C 414 -2.43 -27.15 32.40
CA LEU C 414 -1.05 -27.24 31.91
C LEU C 414 -0.25 -28.29 32.66
N LEU C 415 -0.47 -28.41 33.97
CA LEU C 415 0.25 -29.38 34.78
C LEU C 415 -0.15 -30.81 34.42
N THR C 416 -1.39 -31.00 33.97
CA THR C 416 -1.80 -32.32 33.48
C THR C 416 -1.06 -32.67 32.19
N LEU C 417 -0.98 -31.71 31.25
CA LEU C 417 -0.23 -31.94 30.01
C LEU C 417 1.23 -32.28 30.29
N MET C 418 1.86 -31.53 31.19
CA MET C 418 3.28 -31.75 31.46
C MET C 418 3.55 -33.16 31.96
N LYS C 419 2.69 -33.66 32.86
CA LYS C 419 2.81 -35.04 33.32
C LYS C 419 2.65 -36.01 32.15
N PHE C 420 1.66 -35.75 31.28
CA PHE C 420 1.41 -36.65 30.17
C PHE C 420 2.57 -36.66 29.19
N ARG C 421 3.05 -35.46 28.81
CA ARG C 421 4.15 -35.37 27.86
C ARG C 421 5.44 -35.96 28.41
N THR C 422 5.65 -35.87 29.73
CA THR C 422 6.87 -36.40 30.31
C THR C 422 6.82 -37.91 30.48
N ASN C 423 5.65 -38.50 30.71
CA ASN C 423 5.56 -39.89 31.11
C ASN C 423 5.05 -40.81 30.01
N TYR C 424 4.09 -40.38 29.21
CA TYR C 424 3.49 -41.28 28.24
C TYR C 424 4.54 -41.67 27.21
N PRO C 425 4.72 -42.97 26.95
CA PRO C 425 5.90 -43.41 26.19
C PRO C 425 5.83 -43.13 24.70
N ALA C 426 4.65 -42.82 24.15
CA ALA C 426 4.53 -42.66 22.70
C ALA C 426 5.45 -41.56 22.17
N PHE C 427 5.76 -40.58 22.99
CA PHE C 427 6.61 -39.48 22.55
C PHE C 427 8.04 -39.92 22.26
N ASP C 428 8.44 -41.10 22.74
CA ASP C 428 9.75 -41.67 22.42
C ASP C 428 9.77 -42.38 21.07
N GLY C 429 8.66 -42.37 20.33
CA GLY C 429 8.57 -43.02 19.03
C GLY C 429 8.78 -42.09 17.85
N HIS C 430 7.85 -42.11 16.90
CA HIS C 430 7.96 -41.31 15.70
C HIS C 430 6.75 -40.38 15.56
N PHE C 431 7.01 -39.22 14.99
CA PHE C 431 6.01 -38.17 14.79
C PHE C 431 5.28 -38.40 13.48
N GLU C 432 3.95 -38.29 13.51
CA GLU C 432 3.16 -38.41 12.28
C GLU C 432 2.10 -37.31 12.25
N LEU C 433 2.33 -36.30 11.40
CA LEU C 433 1.34 -35.26 11.19
C LEU C 433 0.12 -35.84 10.47
N ASN C 434 -1.07 -35.40 10.87
CA ASN C 434 -2.31 -35.86 10.27
C ASN C 434 -2.96 -34.77 9.42
N TYR C 435 -3.85 -35.21 8.53
CA TYR C 435 -4.64 -34.28 7.74
C TYR C 435 -5.63 -33.52 8.61
N SER C 436 -5.86 -32.27 8.26
CA SER C 436 -6.86 -31.41 8.90
C SER C 436 -7.11 -30.23 7.98
N ASN C 437 -8.19 -29.50 8.28
CA ASN C 437 -8.51 -28.33 7.46
C ASN C 437 -7.51 -27.22 7.78
N ASP C 438 -7.65 -26.10 7.08
CA ASP C 438 -6.66 -25.03 7.21
C ASP C 438 -6.86 -24.18 8.45
N SER C 439 -7.76 -24.56 9.36
CA SER C 439 -7.99 -23.82 10.59
C SER C 439 -7.93 -24.72 11.81
N SER C 440 -7.31 -25.90 11.67
CA SER C 440 -7.16 -26.83 12.78
C SER C 440 -5.91 -27.66 12.56
N VAL C 441 -5.42 -28.26 13.62
CA VAL C 441 -4.18 -29.03 13.59
C VAL C 441 -4.44 -30.42 14.18
N ALA C 442 -3.90 -31.45 13.54
CA ALA C 442 -4.02 -32.82 14.01
C ALA C 442 -2.63 -33.44 14.10
N MET C 443 -2.18 -33.75 15.32
CA MET C 443 -0.83 -34.24 15.57
C MET C 443 -0.90 -35.54 16.36
N ALA C 444 -0.04 -36.50 16.03
CA ALA C 444 -0.08 -37.78 16.71
C ALA C 444 1.32 -38.36 16.85
N TRP C 445 1.48 -39.18 17.89
CA TRP C 445 2.72 -39.89 18.18
C TRP C 445 2.42 -41.36 18.39
N ARG C 446 3.32 -42.21 17.90
CA ARG C 446 3.18 -43.65 18.00
C ARG C 446 4.52 -44.25 18.38
N HIS C 447 4.53 -45.10 19.41
CA HIS C 447 5.72 -45.84 19.84
C HIS C 447 5.28 -47.23 20.23
N GLY C 448 5.31 -48.18 19.29
CA GLY C 448 4.84 -49.51 19.62
C GLY C 448 3.35 -49.52 19.89
N GLU C 449 2.95 -50.14 21.01
CA GLU C 449 1.55 -50.20 21.38
C GLU C 449 0.99 -48.82 21.75
N HIS C 450 1.87 -47.87 22.08
CA HIS C 450 1.46 -46.56 22.54
C HIS C 450 1.07 -45.64 21.39
N TYR C 451 0.03 -44.84 21.62
CA TYR C 451 -0.50 -43.91 20.63
C TYR C 451 -1.23 -42.78 21.34
N CYS C 452 -0.96 -41.54 20.93
CA CYS C 452 -1.70 -40.39 21.43
C CYS C 452 -1.93 -39.39 20.29
N HIS C 453 -3.06 -38.71 20.35
CA HIS C 453 -3.55 -37.89 19.23
C HIS C 453 -4.13 -36.57 19.72
N LEU C 454 -3.55 -35.46 19.26
CA LEU C 454 -4.05 -34.12 19.54
C LEU C 454 -4.88 -33.58 18.38
N PHE C 455 -6.00 -32.93 18.72
CA PHE C 455 -6.76 -32.16 17.75
C PHE C 455 -7.08 -30.81 18.35
N VAL C 456 -6.63 -29.75 17.68
CA VAL C 456 -6.81 -28.37 18.13
C VAL C 456 -7.59 -27.62 17.07
N ASP C 457 -8.73 -27.07 17.44
CA ASP C 457 -9.50 -26.21 16.57
C ASP C 457 -9.10 -24.76 16.85
N LEU C 458 -8.39 -24.16 15.90
CA LEU C 458 -7.90 -22.80 16.10
C LEU C 458 -9.01 -21.76 16.07
N ASN C 459 -10.19 -22.11 15.55
CA ASN C 459 -11.33 -21.19 15.58
C ASN C 459 -11.83 -20.98 16.99
N PHE C 460 -11.89 -22.04 17.80
CA PHE C 460 -12.52 -22.01 19.11
C PHE C 460 -11.58 -22.40 20.23
N ASN C 461 -10.30 -22.64 19.94
CA ASN C 461 -9.27 -22.88 20.95
C ASN C 461 -9.57 -24.13 21.77
N THR C 462 -10.16 -25.13 21.15
CA THR C 462 -10.50 -26.37 21.83
C THR C 462 -9.33 -27.33 21.74
N SER C 463 -9.13 -28.10 22.81
CA SER C 463 -8.02 -29.03 22.91
C SER C 463 -8.55 -30.40 23.30
N LYS C 464 -8.26 -31.40 22.48
CA LYS C 464 -8.61 -32.78 22.80
C LYS C 464 -7.41 -33.67 22.54
N ILE C 465 -7.06 -34.49 23.53
CA ILE C 465 -6.01 -35.49 23.39
C ILE C 465 -6.62 -36.85 23.71
N GLN C 466 -6.55 -37.76 22.76
CA GLN C 466 -6.95 -39.14 22.95
C GLN C 466 -5.69 -40.00 22.94
N TYR C 467 -5.55 -40.86 23.94
CA TYR C 467 -4.40 -41.74 24.04
C TYR C 467 -4.87 -43.16 24.27
N VAL C 468 -4.00 -44.10 23.93
CA VAL C 468 -4.27 -45.52 24.11
C VAL C 468 -3.67 -45.88 25.46
N ASP C 469 -4.53 -46.22 26.41
CA ASP C 469 -4.08 -46.55 27.74
C ASP C 469 -3.61 -47.99 27.77
N VAL C 470 -2.30 -48.19 27.95
CA VAL C 470 -1.77 -49.54 27.94
C VAL C 470 -2.22 -50.28 29.18
N LYS C 471 -2.54 -49.57 30.26
CA LYS C 471 -2.96 -50.28 31.47
C LYS C 471 -4.36 -50.91 31.30
N SER C 472 -5.07 -50.59 30.22
CA SER C 472 -6.36 -51.22 29.88
C SER C 472 -6.51 -51.56 28.40
N GLY C 473 -5.69 -51.03 27.50
CA GLY C 473 -5.78 -51.30 26.07
C GLY C 473 -6.80 -50.47 25.30
N GLU C 474 -7.63 -49.69 25.98
CA GLU C 474 -8.67 -48.88 25.36
C GLU C 474 -8.20 -47.43 25.15
N THR C 475 -8.97 -46.69 24.35
CA THR C 475 -8.65 -45.31 24.03
C THR C 475 -9.43 -44.37 24.94
N ARG C 476 -8.71 -43.58 25.73
CA ARG C 476 -9.28 -42.65 26.69
C ARG C 476 -9.01 -41.21 26.26
N ASP C 477 -9.78 -40.29 26.85
CA ASP C 477 -9.58 -38.85 26.65
C ASP C 477 -8.74 -38.31 27.80
N LEU C 478 -7.63 -37.66 27.49
CA LEU C 478 -6.88 -36.95 28.51
C LEU C 478 -7.71 -35.77 29.00
N GLU C 479 -7.85 -35.64 30.32
CA GLU C 479 -8.71 -34.63 30.92
C GLU C 479 -7.90 -33.39 31.25
N PHE C 480 -8.00 -32.38 30.39
CA PHE C 480 -7.29 -31.12 30.58
C PHE C 480 -8.05 -29.99 29.89
N LEU D 2 -49.13 3.39 -16.84
CA LEU D 2 -48.51 2.20 -16.26
C LEU D 2 -47.93 1.28 -17.32
N LEU D 3 -46.69 0.85 -17.09
CA LEU D 3 -45.98 -0.08 -17.95
C LEU D 3 -46.31 -1.51 -17.57
N LYS D 4 -46.00 -2.44 -18.46
CA LYS D 4 -46.08 -3.84 -18.11
C LYS D 4 -44.86 -4.20 -17.24
N ASN D 5 -45.12 -4.82 -16.09
CA ASN D 5 -44.07 -5.29 -15.18
C ASN D 5 -43.47 -6.57 -15.77
N ALA D 6 -42.83 -6.43 -16.92
CA ALA D 6 -42.38 -7.59 -17.67
C ALA D 6 -40.98 -7.31 -18.19
N VAL D 7 -40.26 -8.38 -18.52
CA VAL D 7 -38.92 -8.22 -19.07
C VAL D 7 -39.02 -7.41 -20.35
N GLN D 8 -38.06 -6.49 -20.51
CA GLN D 8 -37.96 -5.67 -21.71
C GLN D 8 -36.69 -6.02 -22.48
N LEU D 9 -36.75 -5.87 -23.80
CA LEU D 9 -35.61 -6.11 -24.67
C LEU D 9 -34.95 -4.80 -25.03
N ILE D 10 -33.65 -4.72 -24.80
CA ILE D 10 -32.84 -3.61 -25.31
C ILE D 10 -32.20 -4.11 -26.59
N CYS D 11 -32.40 -3.38 -27.69
CA CYS D 11 -31.93 -3.86 -28.97
C CYS D 11 -31.74 -2.67 -29.91
N TYR D 12 -30.76 -2.79 -30.80
CA TYR D 12 -30.66 -1.87 -31.91
C TYR D 12 -31.70 -2.19 -32.98
N PRO D 13 -31.97 -1.25 -33.88
CA PRO D 13 -32.86 -1.58 -35.02
C PRO D 13 -32.25 -2.54 -36.03
N ASP D 14 -30.96 -2.39 -36.34
CA ASP D 14 -30.37 -3.04 -37.50
C ASP D 14 -29.35 -4.13 -37.14
N ARG D 15 -29.32 -4.60 -35.90
CA ARG D 15 -28.33 -5.59 -35.49
C ARG D 15 -28.94 -6.94 -35.15
N ILE D 16 -30.26 -7.06 -35.23
CA ILE D 16 -30.93 -8.36 -35.31
C ILE D 16 -31.54 -8.39 -36.71
N GLY D 17 -30.98 -9.22 -37.58
CA GLY D 17 -31.29 -9.04 -38.97
C GLY D 17 -30.65 -7.74 -39.44
N ASN D 18 -31.36 -7.00 -40.29
CA ASN D 18 -30.81 -5.79 -40.88
C ASN D 18 -31.68 -4.55 -40.75
N ASN D 19 -32.86 -4.64 -40.14
CA ASN D 19 -33.78 -3.52 -40.05
C ASN D 19 -34.86 -3.84 -39.03
N LEU D 20 -35.81 -2.91 -38.89
CA LEU D 20 -36.89 -3.08 -37.92
C LEU D 20 -37.82 -4.22 -38.28
N THR D 21 -37.92 -4.56 -39.57
CA THR D 21 -38.81 -5.64 -39.98
C THR D 21 -38.26 -7.00 -39.53
N ASP D 22 -36.95 -7.19 -39.67
CA ASP D 22 -36.35 -8.42 -39.16
C ASP D 22 -36.41 -8.48 -37.63
N LEU D 23 -36.26 -7.34 -36.97
CA LEU D 23 -36.37 -7.30 -35.52
C LEU D 23 -37.72 -7.82 -35.08
N HIS D 24 -38.79 -7.29 -35.68
CA HIS D 24 -40.12 -7.77 -35.35
C HIS D 24 -40.26 -9.25 -35.64
N THR D 25 -39.66 -9.71 -36.75
CA THR D 25 -39.70 -11.13 -37.07
C THR D 25 -39.03 -11.96 -35.98
N ALA D 26 -37.89 -11.51 -35.47
CA ALA D 26 -37.17 -12.26 -34.45
C ALA D 26 -37.89 -12.25 -33.10
N VAL D 27 -38.47 -11.11 -32.74
CA VAL D 27 -39.15 -10.99 -31.45
C VAL D 27 -40.35 -11.94 -31.40
N GLU D 28 -41.16 -11.97 -32.47
CA GLU D 28 -42.35 -12.80 -32.47
C GLU D 28 -41.99 -14.29 -32.47
N LYS D 29 -40.92 -14.67 -33.16
CA LYS D 29 -40.59 -16.09 -33.28
C LYS D 29 -40.10 -16.68 -31.95
N HIS D 30 -39.42 -15.89 -31.13
CA HIS D 30 -38.75 -16.38 -29.94
C HIS D 30 -39.23 -15.76 -28.64
N LEU D 31 -39.59 -14.48 -28.66
CA LEU D 31 -39.82 -13.74 -27.44
C LEU D 31 -41.28 -13.35 -27.22
N SER D 32 -42.20 -13.89 -28.03
CA SER D 32 -43.56 -13.37 -28.10
C SER D 32 -44.27 -13.37 -26.75
N ASP D 33 -43.91 -14.28 -25.86
CA ASP D 33 -44.47 -14.32 -24.52
C ASP D 33 -43.36 -14.39 -23.47
N ALA D 34 -42.21 -13.81 -23.78
CA ALA D 34 -41.12 -13.72 -22.84
C ALA D 34 -40.76 -12.29 -22.47
N ILE D 35 -41.23 -11.31 -23.24
CA ILE D 35 -40.99 -9.90 -22.94
C ILE D 35 -42.31 -9.17 -23.07
N GLY D 36 -42.41 -8.03 -22.39
CA GLY D 36 -43.60 -7.21 -22.49
C GLY D 36 -43.33 -5.87 -23.14
N GLY D 37 -42.06 -5.59 -23.44
CA GLY D 37 -41.72 -4.31 -24.04
C GLY D 37 -40.35 -4.34 -24.69
N LEU D 38 -40.08 -3.27 -25.44
CA LEU D 38 -38.81 -3.10 -26.12
C LEU D 38 -38.26 -1.71 -25.85
N HIS D 39 -36.95 -1.64 -25.64
CA HIS D 39 -36.21 -0.39 -25.78
C HIS D 39 -35.41 -0.47 -27.07
N ILE D 40 -35.93 0.19 -28.12
CA ILE D 40 -35.26 0.24 -29.41
C ILE D 40 -34.30 1.43 -29.37
N LEU D 41 -33.00 1.15 -29.41
CA LEU D 41 -31.99 2.19 -29.39
C LEU D 41 -32.16 3.12 -30.59
N PRO D 42 -31.61 4.35 -30.52
CA PRO D 42 -31.96 5.39 -31.50
C PRO D 42 -31.99 4.94 -32.95
N PHE D 43 -33.16 5.10 -33.57
CA PHE D 43 -33.42 4.70 -34.94
C PHE D 43 -33.73 5.90 -35.82
N PHE D 44 -33.38 7.10 -35.35
CA PHE D 44 -33.63 8.34 -36.05
C PHE D 44 -32.49 8.63 -37.02
N PRO D 45 -32.67 9.58 -37.93
CA PRO D 45 -31.53 10.07 -38.73
C PRO D 45 -30.44 10.67 -37.84
N SER D 46 -29.24 10.10 -37.92
CA SER D 46 -28.15 10.56 -37.06
C SER D 46 -26.82 10.52 -37.81
N ASN D 47 -25.91 11.40 -37.39
CA ASN D 47 -24.58 11.53 -38.00
C ASN D 47 -23.46 11.37 -36.98
N ALA D 48 -23.75 10.81 -35.81
CA ALA D 48 -22.73 10.67 -34.81
C ALA D 48 -23.23 9.76 -33.70
N ASP D 49 -22.29 9.08 -33.06
CA ASP D 49 -22.46 8.44 -31.75
C ASP D 49 -23.63 7.44 -31.75
N GLY D 50 -23.52 6.45 -32.64
CA GLY D 50 -24.42 5.32 -32.63
C GLY D 50 -25.90 5.64 -32.61
N GLY D 51 -26.30 6.74 -33.23
CA GLY D 51 -27.69 7.14 -33.31
C GLY D 51 -28.10 8.27 -32.37
N PHE D 52 -27.23 8.65 -31.44
CA PHE D 52 -27.55 9.64 -30.41
C PHE D 52 -27.25 11.06 -30.82
N SER D 53 -27.20 11.33 -32.13
CA SER D 53 -27.07 12.67 -32.66
C SER D 53 -28.22 12.94 -33.61
N PRO D 54 -29.46 12.93 -33.13
CA PRO D 54 -30.61 12.93 -34.05
C PRO D 54 -30.82 14.28 -34.71
N LEU D 55 -31.04 14.23 -36.03
CA LEU D 55 -31.48 15.40 -36.77
C LEU D 55 -32.91 15.74 -36.43
N THR D 56 -33.69 14.73 -36.03
CA THR D 56 -35.03 14.90 -35.51
C THR D 56 -35.45 13.62 -34.82
N HIS D 57 -36.36 13.75 -33.86
CA HIS D 57 -37.05 12.60 -33.28
C HIS D 57 -38.35 12.27 -34.01
N LYS D 58 -38.62 12.94 -35.14
CA LYS D 58 -39.90 12.81 -35.83
C LYS D 58 -39.82 11.95 -37.08
N GLU D 59 -38.64 11.47 -37.44
CA GLU D 59 -38.46 10.64 -38.62
C GLU D 59 -37.76 9.35 -38.23
N VAL D 60 -37.95 8.32 -39.05
CA VAL D 60 -37.19 7.07 -38.92
C VAL D 60 -36.19 7.02 -40.06
N ASP D 61 -34.94 6.73 -39.75
CA ASP D 61 -33.92 6.61 -40.79
C ASP D 61 -34.36 5.54 -41.78
N PRO D 62 -34.62 5.89 -43.04
CA PRO D 62 -35.14 4.90 -43.99
C PRO D 62 -34.30 3.64 -44.10
N ALA D 63 -33.01 3.72 -43.78
CA ALA D 63 -32.20 2.51 -43.77
C ALA D 63 -32.74 1.47 -42.79
N PHE D 64 -33.49 1.91 -41.79
CA PHE D 64 -34.07 1.07 -40.73
C PHE D 64 -35.52 0.71 -40.98
N GLY D 65 -36.27 1.57 -41.66
CA GLY D 65 -37.68 1.29 -41.84
C GLY D 65 -38.55 2.52 -41.81
N THR D 66 -39.80 2.33 -41.40
CA THR D 66 -40.76 3.42 -41.33
C THR D 66 -41.40 3.42 -39.95
N TRP D 67 -42.17 4.48 -39.67
CA TRP D 67 -42.90 4.53 -38.40
C TRP D 67 -43.88 3.37 -38.28
N ASP D 68 -44.38 2.86 -39.41
CA ASP D 68 -45.26 1.70 -39.34
C ASP D 68 -44.53 0.49 -38.79
N ASP D 69 -43.25 0.34 -39.09
CA ASP D 69 -42.50 -0.76 -38.51
C ASP D 69 -42.36 -0.59 -37.00
N ILE D 70 -42.36 0.66 -36.51
CA ILE D 70 -42.36 0.90 -35.08
C ILE D 70 -43.73 0.58 -34.49
N GLU D 71 -44.79 1.12 -35.11
CA GLU D 71 -46.14 0.88 -34.58
C GLU D 71 -46.54 -0.59 -34.60
N ALA D 72 -45.83 -1.45 -35.34
CA ALA D 72 -46.11 -2.87 -35.27
C ALA D 72 -45.81 -3.46 -33.89
N PHE D 73 -44.89 -2.85 -33.16
CA PHE D 73 -44.56 -3.34 -31.82
C PHE D 73 -45.54 -2.84 -30.77
N THR D 74 -46.06 -1.62 -30.94
CA THR D 74 -46.82 -0.96 -29.88
C THR D 74 -48.12 -1.66 -29.54
N GLY D 75 -48.68 -2.47 -30.44
CA GLY D 75 -49.93 -3.13 -30.15
C GLY D 75 -49.81 -4.24 -29.11
N LYS D 76 -48.64 -4.86 -29.01
CA LYS D 76 -48.44 -5.99 -28.10
C LYS D 76 -47.39 -5.75 -27.02
N TYR D 77 -46.52 -4.75 -27.18
CA TYR D 77 -45.38 -4.55 -26.30
C TYR D 77 -45.28 -3.09 -25.86
N ASP D 78 -44.74 -2.89 -24.67
CA ASP D 78 -44.30 -1.55 -24.30
C ASP D 78 -43.16 -1.12 -25.22
N LEU D 79 -43.02 0.18 -25.42
CA LEU D 79 -42.02 0.70 -26.36
C LEU D 79 -41.24 1.78 -25.64
N CYS D 80 -39.95 1.54 -25.44
CA CYS D 80 -39.05 2.50 -24.82
C CYS D 80 -38.17 3.12 -25.89
N VAL D 81 -38.14 4.44 -25.95
CA VAL D 81 -37.45 5.15 -27.01
C VAL D 81 -36.64 6.29 -26.39
N ASP D 82 -35.51 6.58 -27.02
CA ASP D 82 -34.61 7.61 -26.52
C ASP D 82 -35.10 9.00 -26.89
N LEU D 83 -35.02 9.91 -25.93
CA LEU D 83 -35.27 11.34 -26.15
C LEU D 83 -34.02 12.07 -25.70
N THR D 84 -33.17 12.46 -26.66
CA THR D 84 -31.89 13.11 -26.34
C THR D 84 -32.19 14.55 -25.94
N VAL D 85 -32.59 14.70 -24.68
CA VAL D 85 -32.97 16.00 -24.14
C VAL D 85 -31.81 16.98 -24.13
N ASN D 86 -30.57 16.51 -24.19
CA ASN D 86 -29.45 17.43 -24.07
C ASN D 86 -29.12 18.14 -25.37
N HIS D 87 -29.22 17.43 -26.49
CA HIS D 87 -28.58 17.88 -27.71
C HIS D 87 -29.31 17.35 -28.92
N ILE D 88 -29.11 18.04 -30.05
CA ILE D 88 -29.54 17.59 -31.36
C ILE D 88 -28.39 17.80 -32.33
N SER D 89 -28.48 17.15 -33.50
CA SER D 89 -27.39 17.19 -34.46
C SER D 89 -27.21 18.60 -35.03
N ASP D 90 -25.99 18.86 -35.53
CA ASP D 90 -25.74 20.13 -36.21
C ASP D 90 -26.35 20.18 -37.61
N GLU D 91 -26.73 19.04 -38.17
CA GLU D 91 -27.43 19.00 -39.45
C GLU D 91 -28.94 19.03 -39.29
N SER D 92 -29.44 19.18 -38.06
CA SER D 92 -30.87 19.26 -37.84
C SER D 92 -31.41 20.48 -38.57
N PRO D 93 -32.71 20.47 -38.90
CA PRO D 93 -33.31 21.67 -39.49
C PRO D 93 -33.14 22.91 -38.63
N GLU D 94 -33.32 22.77 -37.30
CA GLU D 94 -33.24 23.92 -36.43
C GLU D 94 -31.82 24.50 -36.37
N PHE D 95 -30.78 23.64 -36.30
CA PHE D 95 -29.44 24.18 -36.19
C PHE D 95 -28.88 24.67 -37.53
N ARG D 96 -29.25 24.03 -38.65
CA ARG D 96 -28.83 24.56 -39.95
C ARG D 96 -29.40 25.96 -40.17
N ASP D 97 -30.62 26.19 -39.71
CA ASP D 97 -31.22 27.53 -39.83
C ASP D 97 -30.42 28.56 -39.03
N PHE D 98 -29.80 28.14 -37.93
CA PHE D 98 -28.93 29.02 -37.16
C PHE D 98 -27.70 29.42 -37.97
N ILE D 99 -27.13 28.47 -38.72
CA ILE D 99 -25.96 28.75 -39.54
C ILE D 99 -26.35 29.69 -40.68
N ALA D 100 -27.54 29.49 -41.26
CA ALA D 100 -27.97 30.30 -42.39
C ALA D 100 -28.23 31.74 -41.96
N ASN D 101 -29.12 31.94 -40.99
CA ASN D 101 -29.58 33.29 -40.66
C ASN D 101 -28.78 33.96 -39.54
N GLY D 102 -28.00 33.21 -38.77
CA GLY D 102 -27.28 33.83 -37.67
C GLY D 102 -28.19 34.07 -36.47
N PHE D 103 -27.89 35.12 -35.72
CA PHE D 103 -28.71 35.46 -34.57
C PHE D 103 -30.10 36.00 -34.95
N ASP D 104 -30.33 36.32 -36.22
CA ASP D 104 -31.66 36.65 -36.68
C ASP D 104 -32.57 35.42 -36.76
N SER D 105 -32.01 34.21 -36.63
CA SER D 105 -32.80 32.99 -36.70
C SER D 105 -33.80 32.90 -35.55
N GLU D 106 -35.01 32.42 -35.88
CA GLU D 106 -36.04 32.19 -34.87
C GLU D 106 -35.72 31.00 -33.97
N TYR D 107 -34.72 30.19 -34.32
CA TYR D 107 -34.27 29.09 -33.47
C TYR D 107 -32.97 29.42 -32.76
N ALA D 108 -32.60 30.71 -32.70
CA ALA D 108 -31.31 31.09 -32.12
C ALA D 108 -31.25 30.79 -30.63
N ASP D 109 -32.30 31.11 -29.89
CA ASP D 109 -32.29 30.92 -28.44
C ASP D 109 -32.47 29.46 -28.04
N LEU D 110 -32.41 28.55 -29.01
CA LEU D 110 -32.45 27.12 -28.73
C LEU D 110 -31.11 26.56 -28.29
N PHE D 111 -30.01 27.29 -28.48
CA PHE D 111 -28.66 26.80 -28.27
C PHE D 111 -27.91 27.68 -27.28
N VAL D 112 -26.84 27.13 -26.71
CA VAL D 112 -26.08 27.80 -25.67
C VAL D 112 -24.91 28.54 -26.33
N HIS D 113 -24.88 29.87 -26.18
CA HIS D 113 -23.85 30.68 -26.81
C HIS D 113 -22.79 31.08 -25.78
N VAL D 114 -21.55 30.65 -26.03
CA VAL D 114 -20.51 30.75 -25.02
C VAL D 114 -20.20 32.19 -24.65
N ASP D 115 -20.31 33.11 -25.60
CA ASP D 115 -19.94 34.49 -25.31
C ASP D 115 -20.91 35.12 -24.32
N ARG D 116 -22.08 34.51 -24.11
CA ARG D 116 -22.99 34.96 -23.08
C ARG D 116 -22.33 34.92 -21.71
N PHE D 117 -21.47 33.94 -21.48
CA PHE D 117 -20.93 33.74 -20.15
C PHE D 117 -19.78 34.68 -19.80
N GLY D 118 -19.19 35.38 -20.78
CA GLY D 118 -18.02 36.18 -20.50
C GLY D 118 -16.80 35.34 -20.16
N ASP D 119 -15.90 35.92 -19.38
CA ASP D 119 -14.70 35.20 -18.96
C ASP D 119 -15.06 34.05 -18.04
N ILE D 120 -14.47 32.89 -18.29
CA ILE D 120 -14.63 31.72 -17.43
C ILE D 120 -13.27 31.42 -16.82
N SER D 121 -13.19 31.51 -15.49
CA SER D 121 -11.93 31.32 -14.81
C SER D 121 -11.45 29.89 -14.97
N PRO D 122 -10.13 29.66 -14.86
CA PRO D 122 -9.63 28.27 -14.87
C PRO D 122 -10.30 27.38 -13.84
N ASP D 123 -10.66 27.93 -12.67
CA ASP D 123 -11.34 27.11 -11.68
C ASP D 123 -12.73 26.71 -12.15
N ASP D 124 -13.48 27.66 -12.73
CA ASP D 124 -14.81 27.32 -13.20
C ASP D 124 -14.74 26.39 -14.42
N MET D 125 -13.66 26.44 -15.20
CA MET D 125 -13.50 25.49 -16.29
C MET D 125 -13.21 24.09 -15.75
N ALA D 126 -12.29 24.00 -14.80
CA ALA D 126 -11.94 22.68 -14.27
C ALA D 126 -13.10 22.05 -13.52
N LYS D 127 -14.04 22.84 -13.02
CA LYS D 127 -15.22 22.28 -12.36
C LYS D 127 -16.05 21.44 -13.30
N ILE D 128 -15.99 21.73 -14.60
CA ILE D 128 -17.01 21.26 -15.52
C ILE D 128 -16.87 19.76 -15.70
N HIS D 129 -17.95 19.04 -15.45
CA HIS D 129 -17.98 17.58 -15.44
C HIS D 129 -18.19 17.05 -16.86
N ILE D 130 -17.10 17.09 -17.61
CA ILE D 130 -17.01 16.62 -19.00
C ILE D 130 -15.90 15.60 -19.06
N ARG D 131 -16.15 14.54 -19.81
CA ARG D 131 -15.29 13.36 -19.91
C ARG D 131 -14.33 13.40 -21.09
N LYS D 132 -14.33 14.45 -21.87
CA LYS D 132 -13.32 14.54 -22.90
C LYS D 132 -12.26 15.55 -22.50
N GLU D 133 -11.16 15.51 -23.24
CA GLU D 133 -10.02 16.38 -22.97
C GLU D 133 -10.06 17.62 -23.84
N LYS D 134 -11.26 18.04 -24.24
CA LYS D 134 -11.45 19.27 -24.99
C LYS D 134 -12.47 20.12 -24.24
N GLU D 135 -12.31 21.44 -24.35
CA GLU D 135 -13.34 22.33 -23.83
C GLU D 135 -14.67 22.00 -24.51
N PRO D 136 -15.80 22.09 -23.78
CA PRO D 136 -17.11 21.73 -24.34
C PRO D 136 -17.64 22.85 -25.23
N PHE D 137 -16.78 23.37 -26.09
CA PHE D 137 -17.03 24.55 -26.90
C PHE D 137 -16.70 24.20 -28.34
N ARG D 138 -17.69 24.30 -29.22
CA ARG D 138 -17.48 24.13 -30.65
C ARG D 138 -17.60 25.47 -31.34
N GLU D 139 -16.62 25.77 -32.19
CA GLU D 139 -16.66 26.97 -33.02
C GLU D 139 -17.29 26.63 -34.35
N VAL D 140 -18.44 27.23 -34.64
CA VAL D 140 -19.12 27.03 -35.92
C VAL D 140 -18.94 28.30 -36.74
N THR D 141 -18.88 28.13 -38.05
CA THR D 141 -18.77 29.25 -38.98
C THR D 141 -20.15 29.51 -39.58
N LEU D 142 -20.63 30.75 -39.44
CA LEU D 142 -21.94 31.10 -39.97
C LEU D 142 -21.90 31.24 -41.49
N ALA D 143 -23.10 31.28 -42.07
CA ALA D 143 -23.22 31.48 -43.51
C ALA D 143 -22.64 32.83 -43.92
N ASP D 144 -22.78 33.85 -43.07
CA ASP D 144 -22.28 35.18 -43.38
C ASP D 144 -20.78 35.34 -43.14
N GLY D 145 -20.10 34.29 -42.68
CA GLY D 145 -18.67 34.34 -42.43
C GLY D 145 -18.30 34.59 -40.99
N THR D 146 -19.25 34.95 -40.13
CA THR D 146 -18.96 35.22 -38.73
C THR D 146 -18.72 33.91 -37.99
N LYS D 147 -17.74 33.92 -37.08
CA LYS D 147 -17.43 32.77 -36.25
C LYS D 147 -17.95 32.98 -34.82
N THR D 148 -18.74 32.02 -34.33
CA THR D 148 -19.24 32.04 -32.96
C THR D 148 -19.12 30.65 -32.35
N ARG D 149 -19.22 30.59 -31.02
CA ARG D 149 -18.98 29.38 -30.25
C ARG D 149 -20.23 28.93 -29.50
N VAL D 150 -20.49 27.61 -29.51
CA VAL D 150 -21.64 27.02 -28.86
C VAL D 150 -21.18 25.94 -27.88
N TRP D 151 -22.04 25.65 -26.90
CA TRP D 151 -21.71 24.60 -25.94
C TRP D 151 -21.86 23.24 -26.62
N CYS D 152 -20.89 22.36 -26.39
CA CYS D 152 -20.88 21.08 -27.09
C CYS D 152 -20.27 20.03 -26.15
N THR D 153 -21.15 19.34 -25.41
CA THR D 153 -20.69 18.36 -24.43
C THR D 153 -20.02 17.17 -25.11
N PHE D 154 -20.72 16.56 -26.05
CA PHE D 154 -20.29 15.33 -26.70
C PHE D 154 -19.58 15.70 -28.02
N THR D 155 -19.51 14.75 -28.96
CA THR D 155 -18.96 14.99 -30.29
C THR D 155 -19.50 16.25 -30.92
N GLU D 156 -18.71 16.83 -31.83
CA GLU D 156 -19.02 18.14 -32.39
C GLU D 156 -20.28 18.15 -33.24
N GLN D 157 -20.84 16.98 -33.59
CA GLN D 157 -22.09 16.94 -34.31
C GLN D 157 -23.29 17.00 -33.39
N GLN D 158 -23.07 17.12 -32.08
CA GLN D 158 -24.12 17.13 -31.07
C GLN D 158 -24.05 18.48 -30.36
N ILE D 159 -24.98 19.38 -30.70
CA ILE D 159 -25.01 20.74 -30.16
C ILE D 159 -25.96 20.76 -28.98
N ASP D 160 -25.50 21.28 -27.85
CA ASP D 160 -26.28 21.26 -26.62
C ASP D 160 -27.40 22.29 -26.64
N LEU D 161 -28.49 21.96 -25.96
CA LEU D 161 -29.69 22.78 -25.91
C LEU D 161 -29.66 23.74 -24.72
N ASN D 162 -30.41 24.83 -24.85
CA ASN D 162 -30.39 25.92 -23.87
C ASN D 162 -31.64 25.84 -23.03
N TYR D 163 -31.53 25.29 -21.82
CA TYR D 163 -32.70 25.21 -20.95
C TYR D 163 -32.87 26.45 -20.07
N ASP D 164 -32.12 27.53 -20.31
CA ASP D 164 -32.44 28.84 -19.76
C ASP D 164 -33.40 29.63 -20.65
N GLY D 165 -33.59 29.22 -21.89
CA GLY D 165 -34.59 29.81 -22.75
C GLY D 165 -35.84 28.97 -22.84
N ASP D 166 -36.71 29.35 -23.78
CA ASP D 166 -37.98 28.66 -23.95
C ASP D 166 -37.95 27.66 -25.10
N LEU D 167 -37.18 27.94 -26.15
CA LEU D 167 -37.21 27.12 -27.36
C LEU D 167 -36.87 25.67 -27.06
N ALA D 168 -36.01 25.42 -26.08
CA ALA D 168 -35.63 24.05 -25.79
C ALA D 168 -36.79 23.26 -25.19
N TYR D 169 -37.50 23.85 -24.22
CA TYR D 169 -38.67 23.16 -23.68
C TYR D 169 -39.73 23.05 -24.75
N ARG D 170 -39.91 24.13 -25.51
CA ARG D 170 -40.88 24.18 -26.58
C ARG D 170 -40.61 23.06 -27.59
N LEU D 171 -39.33 22.85 -27.95
CA LEU D 171 -38.95 21.79 -28.88
C LEU D 171 -39.17 20.38 -28.32
N MET D 172 -38.78 20.16 -27.06
CA MET D 172 -38.93 18.83 -26.46
C MET D 172 -40.39 18.38 -26.42
N GLU D 173 -41.30 19.27 -26.04
CA GLU D 173 -42.70 18.89 -25.98
C GLU D 173 -43.20 18.43 -27.34
N SER D 174 -42.71 19.07 -28.41
CA SER D 174 -43.07 18.65 -29.75
C SER D 174 -42.57 17.24 -30.04
N TYR D 175 -41.30 16.96 -29.73
CA TYR D 175 -40.80 15.60 -29.89
C TYR D 175 -41.65 14.61 -29.11
N ILE D 176 -41.90 14.91 -27.83
CA ILE D 176 -42.63 13.99 -26.96
C ILE D 176 -44.02 13.73 -27.51
N GLY D 177 -44.71 14.81 -27.89
CA GLY D 177 -46.02 14.64 -28.48
C GLY D 177 -46.00 13.74 -29.69
N PHE D 178 -45.02 13.94 -30.58
CA PHE D 178 -44.96 13.13 -31.78
C PHE D 178 -44.63 11.68 -31.45
N LEU D 179 -43.67 11.45 -30.55
CA LEU D 179 -43.24 10.09 -30.20
C LEU D 179 -44.35 9.32 -29.49
N THR D 180 -45.05 9.97 -28.55
CA THR D 180 -46.13 9.28 -27.85
C THR D 180 -47.29 8.93 -28.78
N SER D 181 -47.50 9.72 -29.83
CA SER D 181 -48.54 9.39 -30.82
C SER D 181 -48.24 8.11 -31.57
N LYS D 182 -46.98 7.70 -31.62
CA LYS D 182 -46.60 6.47 -32.27
C LYS D 182 -46.61 5.27 -31.32
N GLY D 183 -47.03 5.47 -30.08
CA GLY D 183 -47.15 4.37 -29.15
C GLY D 183 -46.01 4.22 -28.17
N VAL D 184 -45.18 5.25 -28.01
CA VAL D 184 -44.06 5.15 -27.09
C VAL D 184 -44.60 5.26 -25.67
N ASN D 185 -44.31 4.26 -24.84
CA ASN D 185 -44.71 4.25 -23.44
C ASN D 185 -43.70 4.93 -22.53
N LEU D 186 -42.41 4.69 -22.77
CA LEU D 186 -41.35 5.03 -21.83
C LEU D 186 -40.30 5.85 -22.55
N LEU D 187 -40.12 7.10 -22.10
CA LEU D 187 -39.14 8.00 -22.71
C LEU D 187 -37.85 7.92 -21.91
N ARG D 188 -36.83 7.29 -22.50
CA ARG D 188 -35.51 7.28 -21.90
C ARG D 188 -34.88 8.65 -22.09
N LEU D 189 -34.71 9.39 -20.99
CA LEU D 189 -34.17 10.75 -21.06
C LEU D 189 -32.64 10.65 -21.11
N ASP D 190 -32.12 10.70 -22.34
CA ASP D 190 -30.69 10.52 -22.57
C ASP D 190 -29.90 11.72 -22.07
N ALA D 191 -28.94 11.48 -21.19
CA ALA D 191 -27.92 12.45 -20.78
C ALA D 191 -28.53 13.69 -20.11
N PHE D 192 -29.62 13.54 -19.36
CA PHE D 192 -30.29 14.71 -18.80
C PHE D 192 -29.38 15.50 -17.87
N GLY D 193 -28.37 14.87 -17.28
CA GLY D 193 -27.52 15.55 -16.32
C GLY D 193 -26.78 16.75 -16.86
N TYR D 194 -26.58 16.80 -18.18
CA TYR D 194 -25.82 17.87 -18.80
C TYR D 194 -26.70 19.04 -19.24
N THR D 195 -28.02 18.95 -19.03
CA THR D 195 -28.92 20.01 -19.47
C THR D 195 -28.73 21.30 -18.69
N THR D 196 -28.30 21.21 -17.45
CA THR D 196 -28.14 22.35 -16.56
C THR D 196 -26.76 22.95 -16.75
N LYS D 197 -26.69 24.16 -17.28
CA LYS D 197 -25.43 24.88 -17.42
C LYS D 197 -25.46 26.09 -16.51
N ARG D 198 -24.46 26.21 -15.63
CA ARG D 198 -24.28 27.44 -14.85
C ARG D 198 -22.79 27.54 -14.50
N ILE D 199 -22.13 28.56 -15.05
CA ILE D 199 -20.72 28.77 -14.73
C ILE D 199 -20.57 29.01 -13.25
N GLY D 200 -19.57 28.36 -12.66
CA GLY D 200 -19.39 28.27 -11.23
C GLY D 200 -19.84 26.96 -10.64
N THR D 201 -20.48 26.10 -11.45
CA THR D 201 -20.92 24.77 -11.05
C THR D 201 -20.22 23.72 -11.91
N SER D 202 -20.49 22.45 -11.61
CA SER D 202 -19.93 21.36 -12.40
C SER D 202 -20.62 21.21 -13.75
N CYS D 203 -21.73 21.92 -13.97
CA CYS D 203 -22.55 21.80 -15.17
C CYS D 203 -23.04 20.38 -15.38
N PHE D 204 -23.25 19.67 -14.28
CA PHE D 204 -23.73 18.29 -14.34
C PHE D 204 -24.54 18.03 -13.09
N LEU D 205 -25.83 17.71 -13.28
CA LEU D 205 -26.74 17.42 -12.19
C LEU D 205 -26.77 18.57 -11.18
N VAL D 206 -26.78 19.80 -11.68
CA VAL D 206 -26.79 20.95 -10.78
C VAL D 206 -28.16 21.05 -10.14
N GLU D 207 -28.20 20.93 -8.82
CA GLU D 207 -29.35 20.95 -7.95
C GLU D 207 -29.65 22.37 -7.48
N PRO D 208 -30.92 22.77 -7.38
CA PRO D 208 -32.07 21.93 -7.70
C PRO D 208 -32.60 22.11 -9.11
N GLU D 209 -31.91 22.89 -9.95
CA GLU D 209 -32.35 23.10 -11.33
C GLU D 209 -32.61 21.78 -12.04
N VAL D 210 -31.77 20.78 -11.79
CA VAL D 210 -31.91 19.52 -12.52
C VAL D 210 -33.27 18.87 -12.25
N TYR D 211 -33.80 19.02 -11.04
CA TYR D 211 -35.07 18.37 -10.73
C TYR D 211 -36.25 19.17 -11.26
N ARG D 212 -36.10 20.49 -11.34
CA ARG D 212 -37.14 21.30 -11.98
C ARG D 212 -37.26 20.94 -13.46
N ILE D 213 -36.13 20.80 -14.15
CA ILE D 213 -36.15 20.35 -15.54
C ILE D 213 -36.76 18.96 -15.64
N LEU D 214 -36.46 18.11 -14.67
CA LEU D 214 -36.85 16.71 -14.76
C LEU D 214 -38.32 16.53 -14.42
N ASP D 215 -38.82 17.30 -13.44
CA ASP D 215 -40.25 17.29 -13.13
C ASP D 215 -41.08 17.76 -14.32
N TRP D 216 -40.56 18.72 -15.10
CA TRP D 216 -41.31 19.25 -16.22
C TRP D 216 -41.51 18.20 -17.30
N ILE D 217 -40.42 17.56 -17.73
CA ILE D 217 -40.53 16.52 -18.75
C ILE D 217 -41.46 15.43 -18.29
N ASN D 218 -41.37 15.05 -17.01
CA ASN D 218 -42.23 13.99 -16.50
C ASN D 218 -43.70 14.37 -16.62
N GLU D 219 -44.03 15.62 -16.28
CA GLU D 219 -45.39 16.12 -16.43
C GLU D 219 -45.81 16.09 -17.90
N VAL D 220 -44.95 16.61 -18.78
CA VAL D 220 -45.24 16.63 -20.21
C VAL D 220 -45.43 15.21 -20.73
N ALA D 221 -44.56 14.28 -20.31
CA ALA D 221 -44.72 12.90 -20.76
C ALA D 221 -46.01 12.29 -20.21
N PHE D 222 -46.33 12.58 -18.95
CA PHE D 222 -47.53 12.02 -18.34
C PHE D 222 -48.78 12.56 -19.01
N LYS D 223 -48.76 13.84 -19.38
CA LYS D 223 -49.86 14.42 -20.14
C LYS D 223 -50.10 13.61 -21.42
N HIS D 224 -49.03 13.19 -22.10
CA HIS D 224 -49.11 12.40 -23.32
C HIS D 224 -49.10 10.90 -23.04
N GLY D 225 -49.38 10.50 -21.80
CA GLY D 225 -49.52 9.09 -21.46
C GLY D 225 -48.24 8.29 -21.53
N ALA D 226 -47.16 8.81 -20.96
CA ALA D 226 -45.85 8.17 -21.02
C ALA D 226 -45.09 8.39 -19.71
N GLU D 227 -44.25 7.43 -19.36
CA GLU D 227 -43.35 7.55 -18.23
C GLU D 227 -41.93 7.80 -18.71
N CYS D 228 -41.06 8.21 -17.79
CA CYS D 228 -39.71 8.64 -18.14
C CYS D 228 -38.64 7.74 -17.51
N LEU D 229 -37.50 7.65 -18.20
CA LEU D 229 -36.36 6.86 -17.75
C LEU D 229 -35.10 7.71 -17.92
N PRO D 230 -34.81 8.60 -16.97
CA PRO D 230 -33.61 9.44 -17.09
C PRO D 230 -32.36 8.63 -16.84
N GLU D 231 -31.42 8.67 -17.77
CA GLU D 231 -30.17 7.93 -17.62
C GLU D 231 -29.10 8.84 -17.04
N VAL D 232 -28.59 8.49 -15.86
CA VAL D 232 -27.45 9.20 -15.30
C VAL D 232 -26.45 8.17 -14.77
N HIS D 233 -25.19 8.38 -15.12
CA HIS D 233 -24.09 7.57 -14.60
C HIS D 233 -23.34 8.46 -13.62
N ASP D 234 -23.68 8.33 -12.35
CA ASP D 234 -23.00 9.02 -11.27
C ASP D 234 -23.39 8.30 -9.97
N HIS D 235 -23.15 8.95 -8.84
CA HIS D 235 -23.40 8.31 -7.55
C HIS D 235 -24.85 7.85 -7.43
N THR D 236 -25.06 6.71 -6.75
CA THR D 236 -26.40 6.14 -6.70
C THR D 236 -27.42 7.07 -6.05
N SER D 237 -26.97 8.01 -5.19
CA SER D 237 -27.91 8.91 -4.55
C SER D 237 -28.78 9.64 -5.57
N TYR D 238 -28.22 9.96 -6.75
CA TYR D 238 -29.03 10.57 -7.79
C TYR D 238 -30.10 9.63 -8.29
N GLN D 239 -29.87 8.32 -8.24
CA GLN D 239 -30.93 7.39 -8.64
C GLN D 239 -32.11 7.47 -7.68
N TYR D 240 -31.88 7.73 -6.40
CA TYR D 240 -33.03 7.81 -5.50
C TYR D 240 -33.74 9.13 -5.69
N ALA D 241 -32.99 10.20 -5.95
CA ALA D 241 -33.62 11.48 -6.25
C ALA D 241 -34.58 11.35 -7.42
N ILE D 242 -34.17 10.65 -8.47
CA ILE D 242 -35.08 10.35 -9.57
C ILE D 242 -36.27 9.55 -9.07
N SER D 243 -35.99 8.46 -8.33
CA SER D 243 -37.04 7.59 -7.81
C SER D 243 -38.08 8.37 -7.04
N ARG D 244 -37.67 9.37 -6.28
CA ARG D 244 -38.58 10.11 -5.42
C ARG D 244 -39.34 11.20 -6.15
N ARG D 245 -39.27 11.25 -7.49
CA ARG D 245 -40.02 12.23 -8.27
C ARG D 245 -40.87 11.54 -9.33
N ASN D 246 -41.32 10.31 -9.02
CA ASN D 246 -42.22 9.53 -9.87
C ASN D 246 -41.62 9.24 -11.23
N MET D 247 -40.32 8.99 -11.26
CA MET D 247 -39.61 8.57 -12.46
C MET D 247 -38.86 7.27 -12.22
N HIS D 248 -38.51 6.61 -13.32
CA HIS D 248 -37.82 5.33 -13.24
C HIS D 248 -36.32 5.56 -13.24
N PRO D 249 -35.61 5.28 -12.16
CA PRO D 249 -34.15 5.31 -12.20
C PRO D 249 -33.60 4.03 -12.82
N TYR D 250 -32.34 4.09 -13.18
CA TYR D 250 -31.63 2.92 -13.67
C TYR D 250 -30.94 2.16 -12.55
N GLY D 251 -31.06 0.83 -12.58
CA GLY D 251 -30.36 -0.01 -11.64
C GLY D 251 -28.91 -0.25 -12.02
N PHE D 252 -28.24 0.82 -12.42
CA PHE D 252 -26.86 0.74 -12.88
C PHE D 252 -25.93 0.18 -11.83
N ALA D 253 -26.31 0.26 -10.55
CA ALA D 253 -25.46 -0.29 -9.50
C ALA D 253 -25.39 -1.80 -9.58
N LEU D 254 -26.45 -2.43 -10.08
CA LEU D 254 -26.55 -3.89 -10.05
C LEU D 254 -25.47 -4.60 -10.86
N PRO D 255 -25.17 -4.22 -12.12
CA PRO D 255 -24.26 -5.03 -12.94
C PRO D 255 -22.91 -5.27 -12.26
N PRO D 256 -22.18 -4.23 -11.84
CA PRO D 256 -20.89 -4.52 -11.18
C PRO D 256 -21.06 -5.11 -9.78
N LEU D 257 -22.17 -4.81 -9.10
CA LEU D 257 -22.42 -5.40 -7.79
C LEU D 257 -22.52 -6.92 -7.87
N LEU D 258 -23.30 -7.43 -8.85
CA LEU D 258 -23.42 -8.87 -9.06
C LEU D 258 -22.12 -9.49 -9.57
N LEU D 259 -21.44 -8.81 -10.49
CA LEU D 259 -20.16 -9.31 -10.98
C LEU D 259 -19.22 -9.56 -9.82
N TYR D 260 -19.09 -8.58 -8.93
CA TYR D 260 -18.27 -8.79 -7.73
C TYR D 260 -18.80 -9.96 -6.91
N SER D 261 -20.10 -9.97 -6.63
CA SER D 261 -20.67 -10.98 -5.74
C SER D 261 -20.47 -12.39 -6.29
N LEU D 262 -20.64 -12.57 -7.59
CA LEU D 262 -20.44 -13.89 -8.16
C LEU D 262 -18.96 -14.24 -8.24
N LEU D 263 -18.12 -13.29 -8.67
CA LEU D 263 -16.70 -13.57 -8.84
C LEU D 263 -16.01 -13.82 -7.52
N ASP D 264 -16.49 -13.22 -6.43
CA ASP D 264 -15.81 -13.29 -5.15
C ASP D 264 -16.60 -14.07 -4.11
N ALA D 265 -17.76 -14.63 -4.48
CA ALA D 265 -18.62 -15.39 -3.57
C ALA D 265 -18.96 -14.60 -2.30
N ASN D 266 -19.58 -13.45 -2.51
CA ASN D 266 -19.87 -12.53 -1.43
C ASN D 266 -21.23 -11.91 -1.65
N SER D 267 -22.16 -12.17 -0.73
CA SER D 267 -23.52 -11.66 -0.81
C SER D 267 -23.77 -10.50 0.14
N VAL D 268 -22.76 -10.09 0.91
CA VAL D 268 -22.95 -9.05 1.92
C VAL D 268 -23.43 -7.75 1.28
N TYR D 269 -22.66 -7.23 0.32
CA TYR D 269 -23.00 -5.93 -0.26
C TYR D 269 -24.23 -6.02 -1.14
N LEU D 270 -24.46 -7.18 -1.77
CA LEU D 270 -25.66 -7.35 -2.58
C LEU D 270 -26.91 -7.30 -1.73
N LYS D 271 -26.92 -8.04 -0.61
CA LYS D 271 -28.10 -8.02 0.26
C LYS D 271 -28.37 -6.63 0.81
N ASN D 272 -27.31 -5.91 1.23
CA ASN D 272 -27.50 -4.56 1.73
C ASN D 272 -28.16 -3.66 0.68
N TRP D 273 -27.71 -3.76 -0.58
CA TRP D 273 -28.27 -2.91 -1.61
C TRP D 273 -29.72 -3.28 -1.87
N LEU D 274 -30.01 -4.58 -2.00
CA LEU D 274 -31.37 -5.03 -2.22
C LEU D 274 -32.29 -4.55 -1.12
N ARG D 275 -31.80 -4.55 0.12
CA ARG D 275 -32.63 -4.13 1.24
C ARG D 275 -33.01 -2.66 1.15
N MET D 276 -32.24 -1.84 0.45
CA MET D 276 -32.46 -0.41 0.37
C MET D 276 -32.50 0.11 -1.06
N CYS D 277 -32.62 -0.82 -2.01
CA CYS D 277 -32.58 -0.48 -3.44
C CYS D 277 -33.56 0.63 -3.82
N PRO D 278 -33.19 1.52 -4.75
CA PRO D 278 -34.15 2.54 -5.24
C PRO D 278 -35.25 1.80 -5.96
N ARG D 279 -36.44 1.75 -5.39
CA ARG D 279 -37.48 0.94 -6.06
C ARG D 279 -38.11 1.77 -7.18
N ASN D 280 -38.94 1.15 -8.01
CA ASN D 280 -39.55 1.85 -9.19
C ASN D 280 -38.44 2.02 -10.23
N MET D 281 -37.44 1.14 -10.20
CA MET D 281 -36.28 1.33 -11.11
C MET D 281 -36.31 0.31 -12.24
N VAL D 282 -35.54 0.58 -13.29
CA VAL D 282 -35.38 -0.36 -14.37
C VAL D 282 -34.03 -1.04 -14.20
N THR D 283 -34.04 -2.34 -13.92
CA THR D 283 -32.81 -3.06 -13.64
C THR D 283 -32.17 -3.54 -14.93
N VAL D 284 -30.85 -3.52 -14.98
CA VAL D 284 -30.10 -3.98 -16.15
C VAL D 284 -28.89 -4.78 -15.68
N LEU D 285 -28.42 -5.71 -16.50
CA LEU D 285 -27.07 -6.24 -16.32
C LEU D 285 -26.08 -5.66 -17.34
N ASP D 286 -26.32 -5.91 -18.61
CA ASP D 286 -25.54 -5.28 -19.66
C ASP D 286 -26.42 -4.27 -20.37
N THR D 287 -25.77 -3.26 -20.92
CA THR D 287 -26.46 -2.24 -21.72
C THR D 287 -25.74 -2.15 -23.05
N HIS D 288 -26.09 -1.14 -23.83
CA HIS D 288 -25.36 -0.84 -25.05
C HIS D 288 -24.06 -0.07 -24.80
N ASP D 289 -23.75 0.27 -23.54
CA ASP D 289 -22.61 1.13 -23.23
C ASP D 289 -21.45 0.48 -22.48
N GLY D 290 -21.64 -0.66 -21.85
CA GLY D 290 -20.53 -1.22 -21.11
C GLY D 290 -20.59 -0.93 -19.62
N ILE D 291 -19.94 -1.78 -18.84
CA ILE D 291 -20.19 -1.84 -17.40
C ILE D 291 -19.64 -0.59 -16.74
N CYS D 292 -20.53 0.20 -16.12
CA CYS D 292 -20.22 1.53 -15.62
C CYS D 292 -19.87 1.49 -14.14
N ILE D 293 -18.71 2.04 -13.80
CA ILE D 293 -18.15 1.96 -12.45
C ILE D 293 -18.66 3.01 -11.47
N PRO D 294 -18.70 4.30 -11.84
CA PRO D 294 -19.17 5.29 -10.85
C PRO D 294 -20.52 4.97 -10.24
N ASP D 295 -21.35 4.21 -10.94
CA ASP D 295 -22.68 3.86 -10.45
C ASP D 295 -22.66 2.87 -9.30
N VAL D 296 -21.50 2.32 -8.94
CA VAL D 296 -21.43 1.36 -7.84
C VAL D 296 -20.55 1.85 -6.70
N GLU D 297 -19.90 2.99 -6.84
CA GLU D 297 -19.19 3.59 -5.72
C GLU D 297 -20.14 3.76 -4.55
N GLY D 298 -19.67 3.40 -3.35
CA GLY D 298 -20.50 3.39 -2.17
C GLY D 298 -21.26 2.11 -1.96
N VAL D 299 -21.97 1.65 -2.99
CA VAL D 299 -22.65 0.37 -2.90
C VAL D 299 -21.65 -0.73 -2.60
N LEU D 300 -20.41 -0.55 -3.05
CA LEU D 300 -19.38 -1.55 -2.97
C LEU D 300 -18.12 -0.81 -2.53
N PRO D 301 -17.35 -1.33 -1.56
CA PRO D 301 -16.14 -0.63 -1.12
C PRO D 301 -15.09 -0.54 -2.22
N ASP D 302 -14.24 0.50 -2.15
CA ASP D 302 -13.25 0.73 -3.20
C ASP D 302 -12.39 -0.51 -3.41
N ASP D 303 -11.91 -1.11 -2.32
CA ASP D 303 -11.08 -2.30 -2.45
C ASP D 303 -11.83 -3.42 -3.15
N LYS D 304 -13.14 -3.49 -2.98
CA LYS D 304 -13.89 -4.53 -3.67
C LYS D 304 -14.08 -4.22 -5.14
N ILE D 305 -14.20 -2.93 -5.49
CA ILE D 305 -14.27 -2.55 -6.89
C ILE D 305 -12.96 -2.86 -7.61
N LYS D 306 -11.83 -2.57 -6.96
CA LYS D 306 -10.55 -2.89 -7.57
C LYS D 306 -10.39 -4.39 -7.76
N VAL D 307 -10.88 -5.19 -6.82
CA VAL D 307 -10.94 -6.64 -7.03
C VAL D 307 -11.69 -6.95 -8.31
N LEU D 308 -12.84 -6.30 -8.52
CA LEU D 308 -13.60 -6.51 -9.75
C LEU D 308 -12.83 -6.08 -10.98
N ILE D 309 -12.30 -4.84 -10.97
CA ILE D 309 -11.59 -4.32 -12.13
C ILE D 309 -10.41 -5.22 -12.49
N ASP D 310 -9.63 -5.64 -11.49
CA ASP D 310 -8.49 -6.50 -11.78
C ASP D 310 -8.94 -7.84 -12.32
N ASN D 311 -10.11 -8.33 -11.89
CA ASN D 311 -10.62 -9.59 -12.41
C ASN D 311 -11.10 -9.45 -13.85
N ILE D 312 -11.76 -8.35 -14.20
CA ILE D 312 -12.32 -8.23 -15.54
C ILE D 312 -11.25 -7.84 -16.56
N ASP D 313 -10.10 -7.37 -16.10
CA ASP D 313 -9.11 -6.78 -17.00
C ASP D 313 -8.69 -7.75 -18.10
N ALA D 314 -8.59 -9.04 -17.76
CA ALA D 314 -8.04 -10.01 -18.70
C ALA D 314 -8.99 -10.33 -19.84
N ARG D 315 -10.29 -10.41 -19.57
CA ARG D 315 -11.30 -10.73 -20.58
C ARG D 315 -12.01 -9.49 -21.12
N SER D 316 -11.43 -8.30 -20.95
CA SER D 316 -12.07 -7.06 -21.35
C SER D 316 -11.11 -6.18 -22.16
N ALA D 317 -11.70 -5.42 -23.08
CA ALA D 317 -10.93 -4.48 -23.88
C ALA D 317 -10.50 -3.29 -23.03
N ASP D 318 -9.86 -2.31 -23.69
CA ASP D 318 -9.47 -1.10 -23.00
C ASP D 318 -10.70 -0.41 -22.43
N PRO D 319 -10.68 0.00 -21.16
CA PRO D 319 -11.87 0.63 -20.59
C PRO D 319 -11.99 2.07 -21.05
N ILE D 320 -13.22 2.55 -21.06
CA ILE D 320 -13.46 3.96 -21.28
C ILE D 320 -13.11 4.71 -20.01
N MET D 321 -12.36 5.79 -20.14
CA MET D 321 -11.76 6.49 -19.02
C MET D 321 -12.47 7.82 -18.79
N ARG D 322 -12.45 8.25 -17.54
CA ARG D 322 -12.92 9.57 -17.18
C ARG D 322 -11.75 10.56 -17.26
N ARG D 323 -12.08 11.84 -17.45
CA ARG D 323 -11.15 12.84 -17.98
C ARG D 323 -9.83 12.90 -17.21
N SER D 324 -8.73 12.93 -17.98
CA SER D 324 -7.37 13.15 -17.48
C SER D 324 -7.00 12.20 -16.33
N ALA D 325 -7.49 10.96 -16.37
CA ALA D 325 -7.18 9.97 -15.33
C ALA D 325 -5.97 9.14 -15.77
N ALA D 326 -4.77 9.60 -15.41
CA ALA D 326 -3.56 8.88 -15.80
C ALA D 326 -3.30 7.61 -15.01
N ASN D 327 -4.02 7.37 -13.93
CA ASN D 327 -3.77 6.18 -13.09
C ASN D 327 -4.78 5.11 -13.51
N ILE D 328 -4.41 4.32 -14.51
CA ILE D 328 -5.36 3.48 -15.24
C ILE D 328 -5.68 2.21 -14.48
N HIS D 329 -5.20 2.11 -13.25
CA HIS D 329 -5.48 0.96 -12.39
C HIS D 329 -6.05 1.45 -11.07
N SER D 330 -6.92 2.45 -11.14
CA SER D 330 -7.52 3.08 -9.98
C SER D 330 -9.01 3.19 -10.21
N VAL D 331 -9.79 2.78 -9.20
CA VAL D 331 -11.24 2.84 -9.27
C VAL D 331 -11.71 4.19 -9.78
N GLY D 332 -11.08 5.27 -9.32
CA GLY D 332 -11.50 6.60 -9.70
C GLY D 332 -11.15 7.02 -11.11
N ALA D 333 -10.60 6.10 -11.90
CA ALA D 333 -10.17 6.39 -13.27
C ALA D 333 -11.05 5.75 -14.32
N ILE D 334 -11.50 4.53 -14.09
CA ILE D 334 -12.35 3.83 -15.04
C ILE D 334 -13.76 4.39 -15.00
N TYR D 335 -14.33 4.67 -16.17
CA TYR D 335 -15.72 5.06 -16.31
C TYR D 335 -16.60 3.90 -16.70
N GLN D 336 -16.24 3.19 -17.78
CA GLN D 336 -17.00 2.02 -18.23
C GLN D 336 -16.06 0.89 -18.64
N LEU D 337 -16.41 -0.33 -18.25
CA LEU D 337 -15.69 -1.53 -18.67
C LEU D 337 -16.29 -2.00 -19.99
N THR D 338 -15.45 -2.10 -21.02
CA THR D 338 -15.88 -2.44 -22.37
C THR D 338 -15.86 -3.95 -22.53
N CYS D 339 -17.03 -4.58 -22.36
CA CYS D 339 -17.06 -6.02 -22.18
C CYS D 339 -18.51 -6.47 -22.22
N THR D 340 -18.78 -7.60 -22.89
CA THR D 340 -20.10 -8.22 -22.80
C THR D 340 -20.25 -8.86 -21.44
N PHE D 341 -21.50 -8.94 -20.97
CA PHE D 341 -21.71 -9.42 -19.60
C PHE D 341 -21.38 -10.90 -19.46
N TYR D 342 -21.54 -11.69 -20.52
CA TYR D 342 -21.25 -13.12 -20.44
C TYR D 342 -19.75 -13.38 -20.31
N ASP D 343 -18.91 -12.67 -21.07
CA ASP D 343 -17.47 -12.75 -20.85
C ASP D 343 -17.08 -12.16 -19.50
N ALA D 344 -17.86 -11.21 -18.99
CA ALA D 344 -17.53 -10.65 -17.69
C ALA D 344 -17.71 -11.67 -16.59
N LEU D 345 -18.55 -12.68 -16.82
CA LEU D 345 -18.73 -13.81 -15.91
C LEU D 345 -18.00 -15.07 -16.39
N MET D 346 -16.89 -14.87 -17.10
CA MET D 346 -16.01 -15.95 -17.54
C MET D 346 -16.76 -16.99 -18.34
N GLN D 347 -17.83 -16.56 -19.01
CA GLN D 347 -18.56 -17.41 -19.93
C GLN D 347 -19.10 -18.66 -19.22
N ASN D 348 -19.37 -18.50 -17.92
CA ASN D 348 -19.92 -19.54 -17.05
C ASN D 348 -21.44 -19.51 -17.08
N ASP D 349 -22.03 -20.57 -17.64
CA ASP D 349 -23.49 -20.63 -17.80
C ASP D 349 -24.20 -20.50 -16.46
N ASP D 350 -23.79 -21.27 -15.46
CA ASP D 350 -24.49 -21.23 -14.18
C ASP D 350 -24.46 -19.82 -13.58
N ALA D 351 -23.29 -19.19 -13.56
CA ALA D 351 -23.17 -17.86 -12.97
C ALA D 351 -23.99 -16.83 -13.74
N TYR D 352 -24.01 -16.93 -15.06
CA TYR D 352 -24.77 -15.96 -15.85
C TYR D 352 -26.27 -16.09 -15.58
N ILE D 353 -26.78 -17.32 -15.52
CA ILE D 353 -28.20 -17.53 -15.22
C ILE D 353 -28.53 -17.04 -13.82
N ALA D 354 -27.64 -17.29 -12.86
CA ALA D 354 -27.87 -16.83 -11.50
C ALA D 354 -27.98 -15.32 -11.47
N ALA D 355 -27.16 -14.62 -12.26
CA ALA D 355 -27.23 -13.17 -12.32
C ALA D 355 -28.58 -12.71 -12.82
N ARG D 356 -29.05 -13.27 -13.94
CA ARG D 356 -30.34 -12.85 -14.49
C ARG D 356 -31.48 -13.15 -13.52
N ALA D 357 -31.42 -14.28 -12.83
CA ALA D 357 -32.43 -14.56 -11.82
C ALA D 357 -32.44 -13.50 -10.73
N ILE D 358 -31.25 -13.14 -10.22
CA ILE D 358 -31.19 -12.14 -9.18
C ILE D 358 -31.68 -10.79 -9.69
N GLN D 359 -31.29 -10.43 -10.92
CA GLN D 359 -31.83 -9.23 -11.55
C GLN D 359 -33.35 -9.28 -11.61
N PHE D 360 -33.89 -10.40 -12.09
CA PHE D 360 -35.33 -10.49 -12.29
C PHE D 360 -36.08 -10.46 -10.98
N PHE D 361 -35.46 -10.88 -9.88
CA PHE D 361 -36.12 -10.76 -8.58
C PHE D 361 -35.81 -9.45 -7.87
N THR D 362 -34.94 -8.63 -8.44
CA THR D 362 -34.73 -7.30 -7.91
C THR D 362 -35.97 -6.43 -8.19
N PRO D 363 -36.43 -5.66 -7.21
CA PRO D 363 -37.59 -4.80 -7.46
C PRO D 363 -37.33 -3.86 -8.64
N GLY D 364 -38.24 -3.89 -9.60
CA GLY D 364 -38.17 -3.05 -10.78
C GLY D 364 -38.31 -3.85 -12.05
N ILE D 365 -38.46 -3.11 -13.14
CA ILE D 365 -38.61 -3.73 -14.46
C ILE D 365 -37.26 -4.20 -14.96
N PRO D 366 -37.10 -5.48 -15.27
CA PRO D 366 -35.82 -5.95 -15.83
C PRO D 366 -35.73 -5.78 -17.34
N GLN D 367 -34.67 -5.14 -17.81
CA GLN D 367 -34.34 -5.11 -19.21
C GLN D 367 -33.21 -6.09 -19.49
N VAL D 368 -33.32 -6.82 -20.61
CA VAL D 368 -32.28 -7.73 -21.07
C VAL D 368 -31.71 -7.18 -22.37
N TYR D 369 -30.41 -6.96 -22.40
CA TYR D 369 -29.74 -6.51 -23.61
C TYR D 369 -29.59 -7.67 -24.57
N TYR D 370 -29.72 -7.38 -25.87
CA TYR D 370 -29.89 -8.45 -26.84
C TYR D 370 -28.67 -9.35 -26.88
N VAL D 371 -27.47 -8.78 -26.74
CA VAL D 371 -26.27 -9.60 -26.68
C VAL D 371 -26.32 -10.53 -25.47
N GLY D 372 -26.74 -10.00 -24.32
CA GLY D 372 -26.94 -10.85 -23.17
C GLY D 372 -27.99 -11.94 -23.39
N LEU D 373 -29.10 -11.58 -24.04
CA LEU D 373 -30.10 -12.58 -24.39
C LEU D 373 -29.50 -13.76 -25.12
N LEU D 374 -28.52 -13.50 -25.99
CA LEU D 374 -27.95 -14.52 -26.86
C LEU D 374 -26.62 -15.05 -26.35
N ALA D 375 -26.27 -14.74 -25.10
CA ALA D 375 -25.01 -15.18 -24.50
C ALA D 375 -23.84 -14.86 -25.43
N GLY D 376 -23.79 -13.60 -25.85
CA GLY D 376 -22.77 -13.17 -26.79
C GLY D 376 -21.44 -12.93 -26.13
N CYS D 377 -20.38 -13.24 -26.88
CA CYS D 377 -19.01 -13.01 -26.44
C CYS D 377 -18.47 -11.71 -27.02
N ASN D 378 -17.35 -11.26 -26.47
CA ASN D 378 -16.69 -10.06 -26.95
C ASN D 378 -16.41 -10.16 -28.45
N ASP D 379 -16.82 -9.13 -29.19
CA ASP D 379 -16.65 -9.14 -30.65
C ASP D 379 -15.36 -8.41 -30.98
N GLN D 380 -14.24 -9.14 -30.89
CA GLN D 380 -12.94 -8.59 -31.24
C GLN D 380 -12.94 -8.05 -32.67
N GLU D 381 -13.45 -8.84 -33.62
CA GLU D 381 -13.40 -8.43 -35.03
C GLU D 381 -14.16 -7.14 -35.26
N LEU D 382 -15.37 -7.02 -34.71
CA LEU D 382 -16.15 -5.82 -34.95
C LEU D 382 -15.50 -4.58 -34.35
N MET D 383 -14.99 -4.71 -33.13
CA MET D 383 -14.33 -3.57 -32.49
C MET D 383 -13.12 -3.12 -33.29
N GLU D 384 -12.31 -4.07 -33.74
CA GLU D 384 -11.12 -3.75 -34.51
C GLU D 384 -11.48 -3.21 -35.88
N LYS D 385 -12.67 -3.52 -36.38
CA LYS D 385 -13.07 -3.05 -37.69
C LYS D 385 -13.63 -1.63 -37.65
N THR D 386 -14.41 -1.28 -36.64
CA THR D 386 -15.03 0.02 -36.57
C THR D 386 -14.26 1.02 -35.73
N GLY D 387 -13.29 0.57 -34.94
CA GLY D 387 -12.57 1.42 -34.02
C GLY D 387 -13.40 1.88 -32.84
N GLU D 388 -14.72 1.68 -32.85
CA GLU D 388 -15.56 2.06 -31.72
C GLU D 388 -15.35 1.04 -30.61
N LEU D 389 -14.88 1.52 -29.47
CA LEU D 389 -14.48 0.63 -28.39
C LEU D 389 -15.69 -0.10 -27.80
N ARG D 390 -16.87 0.51 -27.83
CA ARG D 390 -18.07 -0.11 -27.28
C ARG D 390 -18.69 -1.15 -28.20
N ASP D 391 -18.27 -1.24 -29.47
CA ASP D 391 -18.80 -2.28 -30.34
C ASP D 391 -18.39 -3.69 -29.93
N ILE D 392 -17.48 -3.83 -28.95
CA ILE D 392 -17.16 -5.16 -28.47
C ILE D 392 -18.36 -5.80 -27.79
N ASN D 393 -19.35 -5.00 -27.42
CA ASN D 393 -20.59 -5.46 -26.81
C ASN D 393 -21.80 -5.20 -27.73
N ARG D 394 -21.57 -4.96 -29.02
CA ARG D 394 -22.64 -4.62 -29.96
C ARG D 394 -22.61 -5.56 -31.16
N ASN D 395 -22.51 -6.85 -30.87
CA ASN D 395 -22.52 -7.93 -31.86
C ASN D 395 -23.61 -7.75 -32.92
N TYR D 396 -23.27 -8.08 -34.16
CA TYR D 396 -24.28 -8.23 -35.22
C TYR D 396 -24.76 -9.67 -35.32
N TYR D 397 -26.08 -9.84 -35.42
CA TYR D 397 -26.73 -11.13 -35.59
C TYR D 397 -27.63 -11.14 -36.82
N THR D 398 -27.47 -12.15 -37.66
CA THR D 398 -28.51 -12.47 -38.64
C THR D 398 -29.61 -13.28 -37.96
N LEU D 399 -30.78 -13.34 -38.60
CA LEU D 399 -31.88 -14.11 -38.02
C LEU D 399 -31.50 -15.57 -37.80
N ASN D 400 -30.76 -16.15 -38.73
CA ASN D 400 -30.27 -17.51 -38.52
C ASN D 400 -29.35 -17.56 -37.31
N GLU D 401 -28.40 -16.64 -37.25
CA GLU D 401 -27.44 -16.65 -36.14
C GLU D 401 -28.15 -16.51 -34.80
N MET D 402 -29.27 -15.79 -34.76
CA MET D 402 -30.03 -15.72 -33.52
C MET D 402 -30.77 -17.02 -33.24
N ASP D 403 -31.40 -17.59 -34.27
CA ASP D 403 -32.05 -18.89 -34.09
C ASP D 403 -31.07 -19.90 -33.54
N GLU D 404 -29.82 -19.82 -33.97
CA GLU D 404 -28.79 -20.76 -33.53
C GLU D 404 -28.40 -20.47 -32.09
N ALA D 405 -28.27 -19.19 -31.73
CA ALA D 405 -27.96 -18.84 -30.35
C ALA D 405 -29.09 -19.21 -29.42
N MET D 406 -30.33 -19.12 -29.89
CA MET D 406 -31.48 -19.50 -29.07
C MET D 406 -31.49 -20.98 -28.68
N GLU D 407 -30.78 -21.83 -29.41
CA GLU D 407 -30.72 -23.23 -29.06
C GLU D 407 -29.59 -23.54 -28.08
N LYS D 408 -28.75 -22.56 -27.75
CA LYS D 408 -27.72 -22.77 -26.75
C LYS D 408 -28.38 -23.18 -25.45
N PRO D 409 -27.84 -24.17 -24.75
CA PRO D 409 -28.43 -24.57 -23.46
C PRO D 409 -28.60 -23.41 -22.47
N VAL D 410 -27.59 -22.54 -22.37
CA VAL D 410 -27.69 -21.45 -21.39
C VAL D 410 -28.77 -20.46 -21.79
N VAL D 411 -28.99 -20.25 -23.09
CA VAL D 411 -30.01 -19.31 -23.52
C VAL D 411 -31.39 -19.90 -23.31
N GLN D 412 -31.55 -21.21 -23.49
CA GLN D 412 -32.82 -21.83 -23.13
C GLN D 412 -33.13 -21.61 -21.65
N ARG D 413 -32.11 -21.68 -20.79
CA ARG D 413 -32.32 -21.40 -19.38
C ARG D 413 -32.72 -19.95 -19.17
N LEU D 414 -31.98 -19.01 -19.77
CA LEU D 414 -32.33 -17.60 -19.67
C LEU D 414 -33.74 -17.34 -20.22
N LEU D 415 -34.12 -18.06 -21.27
CA LEU D 415 -35.44 -17.86 -21.88
C LEU D 415 -36.55 -18.42 -20.99
N THR D 416 -36.27 -19.45 -20.19
CA THR D 416 -37.26 -19.94 -19.23
C THR D 416 -37.51 -18.91 -18.12
N LEU D 417 -36.42 -18.31 -17.58
CA LEU D 417 -36.57 -17.27 -16.57
C LEU D 417 -37.39 -16.10 -17.09
N MET D 418 -37.11 -15.66 -18.31
CA MET D 418 -37.79 -14.50 -18.88
C MET D 418 -39.30 -14.73 -18.98
N LYS D 419 -39.70 -15.93 -19.43
CA LYS D 419 -41.12 -16.25 -19.43
C LYS D 419 -41.69 -16.19 -18.02
N PHE D 420 -40.96 -16.75 -17.05
CA PHE D 420 -41.44 -16.78 -15.68
C PHE D 420 -41.55 -15.37 -15.11
N ARG D 421 -40.50 -14.56 -15.27
CA ARG D 421 -40.54 -13.20 -14.74
C ARG D 421 -41.59 -12.35 -15.46
N THR D 422 -41.83 -12.59 -16.75
CA THR D 422 -42.77 -11.78 -17.51
C THR D 422 -44.23 -12.13 -17.23
N ASN D 423 -44.52 -13.38 -16.89
CA ASN D 423 -45.90 -13.85 -16.76
C ASN D 423 -46.33 -14.11 -15.33
N TYR D 424 -45.44 -14.62 -14.49
CA TYR D 424 -45.86 -15.05 -13.15
C TYR D 424 -46.31 -13.85 -12.34
N PRO D 425 -47.51 -13.87 -11.75
CA PRO D 425 -48.08 -12.65 -11.18
C PRO D 425 -47.46 -12.21 -9.85
N ALA D 426 -46.70 -13.07 -9.18
CA ALA D 426 -46.19 -12.72 -7.86
C ALA D 426 -45.34 -11.45 -7.88
N PHE D 427 -44.68 -11.16 -9.00
CA PHE D 427 -43.82 -9.99 -9.07
C PHE D 427 -44.62 -8.68 -9.00
N ASP D 428 -45.94 -8.73 -9.19
CA ASP D 428 -46.77 -7.54 -9.04
C ASP D 428 -47.12 -7.24 -7.58
N GLY D 429 -46.60 -8.04 -6.64
CA GLY D 429 -46.88 -7.84 -5.23
C GLY D 429 -45.80 -7.06 -4.51
N HIS D 430 -45.27 -7.60 -3.42
CA HIS D 430 -44.24 -6.92 -2.64
C HIS D 430 -42.99 -7.78 -2.51
N PHE D 431 -41.84 -7.10 -2.45
CA PHE D 431 -40.52 -7.73 -2.32
C PHE D 431 -40.16 -7.93 -0.84
N GLU D 432 -39.72 -9.14 -0.50
CA GLU D 432 -39.32 -9.45 0.88
C GLU D 432 -38.03 -10.27 0.85
N LEU D 433 -36.93 -9.65 1.24
CA LEU D 433 -35.65 -10.34 1.35
C LEU D 433 -35.67 -11.33 2.52
N ASN D 434 -35.05 -12.50 2.32
CA ASN D 434 -34.96 -13.51 3.37
C ASN D 434 -33.54 -13.60 3.92
N TYR D 435 -33.41 -14.13 5.13
CA TYR D 435 -32.11 -14.32 5.75
C TYR D 435 -31.28 -15.36 5.00
N SER D 436 -29.97 -15.12 4.98
CA SER D 436 -29.01 -16.02 4.37
C SER D 436 -27.62 -15.66 4.88
N ASN D 437 -26.68 -16.57 4.68
CA ASN D 437 -25.29 -16.35 5.07
C ASN D 437 -24.61 -15.39 4.11
N ASP D 438 -23.34 -15.09 4.37
CA ASP D 438 -22.61 -14.08 3.61
C ASP D 438 -22.11 -14.56 2.26
N SER D 439 -22.52 -15.74 1.80
CA SER D 439 -22.09 -16.22 0.50
C SER D 439 -23.27 -16.69 -0.35
N SER D 440 -24.49 -16.32 0.02
CA SER D 440 -25.68 -16.70 -0.73
C SER D 440 -26.77 -15.67 -0.51
N VAL D 441 -27.75 -15.67 -1.42
CA VAL D 441 -28.84 -14.70 -1.45
C VAL D 441 -30.18 -15.43 -1.51
N ALA D 442 -31.17 -14.92 -0.77
CA ALA D 442 -32.52 -15.49 -0.76
C ALA D 442 -33.53 -14.38 -1.02
N MET D 443 -34.24 -14.47 -2.15
CA MET D 443 -35.17 -13.41 -2.57
C MET D 443 -36.54 -14.02 -2.84
N ALA D 444 -37.60 -13.31 -2.45
CA ALA D 444 -38.95 -13.85 -2.61
C ALA D 444 -39.95 -12.75 -2.92
N TRP D 445 -41.01 -13.11 -3.65
CA TRP D 445 -42.10 -12.22 -4.02
C TRP D 445 -43.43 -12.85 -3.68
N ARG D 446 -44.37 -12.02 -3.24
CA ARG D 446 -45.71 -12.49 -2.86
C ARG D 446 -46.74 -11.50 -3.39
N HIS D 447 -47.76 -12.00 -4.09
CA HIS D 447 -48.88 -11.20 -4.57
C HIS D 447 -50.14 -12.04 -4.31
N GLY D 448 -50.72 -11.87 -3.13
CA GLY D 448 -51.87 -12.70 -2.80
C GLY D 448 -51.40 -14.14 -2.64
N GLU D 449 -52.14 -15.06 -3.28
CA GLU D 449 -51.79 -16.47 -3.23
C GLU D 449 -50.50 -16.78 -3.99
N HIS D 450 -50.06 -15.90 -4.88
CA HIS D 450 -48.87 -16.14 -5.69
C HIS D 450 -47.60 -15.90 -4.89
N TYR D 451 -46.61 -16.78 -5.08
CA TYR D 451 -45.35 -16.73 -4.33
C TYR D 451 -44.24 -17.40 -5.14
N CYS D 452 -43.08 -16.76 -5.19
CA CYS D 452 -41.90 -17.36 -5.81
C CYS D 452 -40.65 -16.99 -4.99
N HIS D 453 -39.69 -17.92 -4.95
CA HIS D 453 -38.52 -17.81 -4.08
C HIS D 453 -37.27 -18.26 -4.80
N LEU D 454 -36.30 -17.36 -4.95
CA LEU D 454 -34.97 -17.64 -5.52
C LEU D 454 -33.93 -17.83 -4.43
N PHE D 455 -33.08 -18.84 -4.61
CA PHE D 455 -31.91 -19.04 -3.76
C PHE D 455 -30.70 -19.24 -4.65
N VAL D 456 -29.69 -18.39 -4.47
CA VAL D 456 -28.47 -18.40 -5.27
C VAL D 456 -27.30 -18.59 -4.32
N ASP D 457 -26.52 -19.65 -4.55
CA ASP D 457 -25.28 -19.88 -3.83
C ASP D 457 -24.13 -19.31 -4.65
N LEU D 458 -23.54 -18.23 -4.18
CA LEU D 458 -22.49 -17.57 -4.94
C LEU D 458 -21.19 -18.37 -4.99
N ASN D 459 -21.02 -19.35 -4.08
CA ASN D 459 -19.83 -20.21 -4.14
C ASN D 459 -19.85 -21.11 -5.38
N PHE D 460 -21.01 -21.67 -5.71
CA PHE D 460 -21.10 -22.68 -6.74
C PHE D 460 -22.06 -22.30 -7.87
N ASN D 461 -22.60 -21.07 -7.85
CA ASN D 461 -23.40 -20.52 -8.93
C ASN D 461 -24.69 -21.32 -9.17
N THR D 462 -25.30 -21.80 -8.09
CA THR D 462 -26.52 -22.57 -8.20
C THR D 462 -27.73 -21.63 -8.15
N SER D 463 -28.77 -22.00 -8.90
CA SER D 463 -29.99 -21.21 -9.00
C SER D 463 -31.16 -22.14 -8.68
N LYS D 464 -31.97 -21.77 -7.70
CA LYS D 464 -33.11 -22.57 -7.31
C LYS D 464 -34.30 -21.63 -7.16
N ILE D 465 -35.40 -21.92 -7.85
CA ILE D 465 -36.63 -21.13 -7.74
C ILE D 465 -37.79 -22.04 -7.41
N GLN D 466 -38.50 -21.74 -6.33
CA GLN D 466 -39.74 -22.40 -5.96
C GLN D 466 -40.90 -21.42 -6.12
N TYR D 467 -41.95 -21.85 -6.81
CA TYR D 467 -43.12 -21.00 -7.03
C TYR D 467 -44.40 -21.78 -6.73
N VAL D 468 -45.46 -21.05 -6.47
CA VAL D 468 -46.77 -21.63 -6.14
C VAL D 468 -47.62 -21.63 -7.42
N ASP D 469 -47.97 -22.83 -7.90
CA ASP D 469 -48.83 -22.99 -9.06
C ASP D 469 -50.29 -22.83 -8.61
N VAL D 470 -50.93 -21.76 -9.07
CA VAL D 470 -52.29 -21.46 -8.59
C VAL D 470 -53.31 -22.45 -9.14
N LYS D 471 -53.06 -23.02 -10.33
CA LYS D 471 -54.02 -23.96 -10.90
C LYS D 471 -54.04 -25.29 -10.16
N SER D 472 -53.11 -25.52 -9.24
CA SER D 472 -53.04 -26.73 -8.44
C SER D 472 -52.78 -26.50 -6.96
N GLY D 473 -52.36 -25.30 -6.55
CA GLY D 473 -52.13 -25.02 -5.15
C GLY D 473 -50.82 -25.54 -4.58
N GLU D 474 -50.05 -26.30 -5.36
CA GLU D 474 -48.80 -26.89 -4.89
C GLU D 474 -47.60 -26.00 -5.24
N THR D 475 -46.48 -26.26 -4.56
CA THR D 475 -45.25 -25.52 -4.77
C THR D 475 -44.34 -26.33 -5.66
N ARG D 476 -43.99 -25.78 -6.83
CA ARG D 476 -43.17 -26.46 -7.81
C ARG D 476 -41.83 -25.77 -7.97
N ASP D 477 -40.89 -26.51 -8.53
CA ASP D 477 -39.58 -25.99 -8.90
C ASP D 477 -39.63 -25.59 -10.37
N LEU D 478 -39.28 -24.35 -10.66
CA LEU D 478 -39.09 -23.93 -12.04
C LEU D 478 -37.88 -24.65 -12.59
N GLU D 479 -37.98 -25.18 -13.79
CA GLU D 479 -36.88 -25.97 -14.38
C GLU D 479 -36.00 -25.05 -15.19
N PHE D 480 -34.89 -24.60 -14.61
CA PHE D 480 -33.96 -23.74 -15.34
C PHE D 480 -32.55 -23.87 -14.78
N LEU E 2 23.69 -48.12 -3.60
CA LEU E 2 24.12 -46.74 -3.41
C LEU E 2 24.33 -46.19 -4.81
N LEU E 3 23.79 -45.01 -5.09
CA LEU E 3 23.88 -44.46 -6.43
C LEU E 3 25.22 -43.77 -6.65
N LYS E 4 25.56 -43.60 -7.92
CA LYS E 4 26.75 -42.83 -8.26
C LYS E 4 26.45 -41.35 -8.10
N ASN E 5 27.33 -40.66 -7.36
CA ASN E 5 27.25 -39.23 -7.16
C ASN E 5 27.68 -38.50 -8.42
N ALA E 6 26.89 -38.62 -9.49
CA ALA E 6 27.28 -38.08 -10.79
C ALA E 6 26.09 -37.41 -11.45
N VAL E 7 26.39 -36.53 -12.41
CA VAL E 7 25.33 -35.87 -13.17
C VAL E 7 24.53 -36.92 -13.91
N GLN E 8 23.20 -36.78 -13.90
CA GLN E 8 22.34 -37.68 -14.64
C GLN E 8 21.70 -36.94 -15.80
N LEU E 9 21.44 -37.68 -16.87
CA LEU E 9 20.79 -37.12 -18.05
C LEU E 9 19.32 -37.50 -18.01
N ILE E 10 18.45 -36.51 -18.13
CA ILE E 10 17.04 -36.74 -18.33
C ILE E 10 16.79 -36.67 -19.82
N CYS E 11 16.23 -37.74 -20.38
CA CYS E 11 16.03 -37.77 -21.82
C CYS E 11 14.93 -38.74 -22.16
N TYR E 12 14.22 -38.44 -23.22
CA TYR E 12 13.26 -39.35 -23.83
C TYR E 12 13.99 -40.44 -24.63
N PRO E 13 13.28 -41.52 -24.97
CA PRO E 13 13.90 -42.50 -25.88
C PRO E 13 14.04 -42.00 -27.31
N ASP E 14 13.05 -41.27 -27.83
CA ASP E 14 12.96 -41.03 -29.27
C ASP E 14 13.19 -39.57 -29.68
N ARG E 15 13.74 -38.73 -28.80
CA ARG E 15 13.89 -37.31 -29.14
C ARG E 15 15.35 -36.89 -29.29
N ILE E 16 16.30 -37.81 -29.10
CA ILE E 16 17.65 -37.66 -29.63
C ILE E 16 17.84 -38.78 -30.63
N GLY E 17 17.94 -38.42 -31.90
CA GLY E 17 17.83 -39.45 -32.94
C GLY E 17 16.41 -39.96 -33.06
N ASN E 18 16.25 -41.26 -33.26
CA ASN E 18 14.94 -41.83 -33.53
C ASN E 18 14.53 -42.95 -32.59
N ASN E 19 15.40 -43.41 -31.71
CA ASN E 19 15.11 -44.57 -30.88
C ASN E 19 16.19 -44.69 -29.82
N LEU E 20 16.08 -45.75 -29.02
CA LEU E 20 17.04 -46.00 -27.94
C LEU E 20 18.42 -46.31 -28.49
N THR E 21 18.49 -46.82 -29.70
CA THR E 21 19.79 -47.13 -30.30
C THR E 21 20.53 -45.86 -30.67
N ASP E 22 19.83 -44.89 -31.27
CA ASP E 22 20.46 -43.61 -31.57
C ASP E 22 20.81 -42.84 -30.30
N LEU E 23 19.98 -42.97 -29.26
CA LEU E 23 20.29 -42.34 -27.98
C LEU E 23 21.62 -42.84 -27.42
N HIS E 24 21.81 -44.16 -27.41
CA HIS E 24 23.05 -44.73 -26.89
C HIS E 24 24.26 -44.24 -27.66
N THR E 25 24.13 -44.07 -28.98
CA THR E 25 25.25 -43.56 -29.79
C THR E 25 25.70 -42.17 -29.33
N ALA E 26 24.74 -41.28 -29.05
CA ALA E 26 25.09 -39.91 -28.67
C ALA E 26 25.77 -39.86 -27.31
N VAL E 27 25.34 -40.71 -26.39
CA VAL E 27 25.91 -40.70 -25.05
C VAL E 27 27.39 -41.06 -25.10
N GLU E 28 27.74 -42.11 -25.84
CA GLU E 28 29.14 -42.49 -25.92
C GLU E 28 29.98 -41.47 -26.65
N LYS E 29 29.43 -40.78 -27.66
CA LYS E 29 30.22 -39.83 -28.44
C LYS E 29 30.54 -38.55 -27.67
N HIS E 30 29.63 -38.07 -26.82
CA HIS E 30 29.76 -36.75 -26.21
C HIS E 30 29.81 -36.80 -24.69
N LEU E 31 29.09 -37.72 -24.07
CA LEU E 31 28.87 -37.68 -22.64
C LEU E 31 29.53 -38.86 -21.93
N SER E 32 30.37 -39.64 -22.63
CA SER E 32 30.79 -40.94 -22.11
C SER E 32 31.46 -40.84 -20.74
N ASP E 33 32.08 -39.70 -20.45
CA ASP E 33 32.69 -39.47 -19.13
C ASP E 33 32.17 -38.16 -18.55
N ALA E 34 30.94 -37.79 -18.88
CA ALA E 34 30.29 -36.62 -18.33
C ALA E 34 29.03 -36.92 -17.53
N ILE E 35 28.50 -38.14 -17.62
CA ILE E 35 27.33 -38.53 -16.84
C ILE E 35 27.61 -39.88 -16.19
N GLY E 36 26.93 -40.14 -15.07
CA GLY E 36 27.08 -41.40 -14.39
C GLY E 36 25.82 -42.25 -14.33
N GLY E 37 24.72 -41.69 -14.84
CA GLY E 37 23.44 -42.37 -14.88
C GLY E 37 22.53 -41.64 -15.84
N LEU E 38 21.41 -42.30 -16.16
CA LEU E 38 20.39 -41.74 -17.02
C LEU E 38 19.03 -41.89 -16.40
N HIS E 39 18.19 -40.87 -16.52
CA HIS E 39 16.76 -41.01 -16.32
C HIS E 39 16.11 -41.03 -17.69
N ILE E 40 15.80 -42.22 -18.18
CA ILE E 40 15.11 -42.37 -19.46
C ILE E 40 13.61 -42.29 -19.23
N LEU E 41 13.00 -41.25 -19.77
CA LEU E 41 11.57 -41.01 -19.63
C LEU E 41 10.79 -42.21 -20.17
N PRO E 42 9.49 -42.35 -19.76
CA PRO E 42 8.76 -43.59 -20.03
C PRO E 42 8.91 -44.12 -21.45
N PHE E 43 9.40 -45.35 -21.54
CA PHE E 43 9.66 -46.02 -22.80
C PHE E 43 8.79 -47.26 -22.97
N PHE E 44 7.73 -47.37 -22.17
CA PHE E 44 6.83 -48.50 -22.23
C PHE E 44 5.78 -48.25 -23.30
N PRO E 45 5.01 -49.27 -23.67
CA PRO E 45 3.83 -49.05 -24.51
C PRO E 45 2.85 -48.13 -23.80
N SER E 46 2.52 -47.01 -24.45
CA SER E 46 1.67 -45.99 -23.86
C SER E 46 0.73 -45.44 -24.92
N ASN E 47 -0.43 -44.97 -24.48
CA ASN E 47 -1.44 -44.44 -25.39
C ASN E 47 -1.85 -43.00 -25.06
N ALA E 48 -1.09 -42.29 -24.23
CA ALA E 48 -1.41 -40.91 -23.89
C ALA E 48 -0.26 -40.29 -23.11
N ASP E 49 -0.14 -38.96 -23.24
CA ASP E 49 0.65 -38.12 -22.34
C ASP E 49 2.12 -38.55 -22.31
N GLY E 50 2.73 -38.50 -23.49
CA GLY E 50 4.17 -38.65 -23.64
C GLY E 50 4.80 -39.86 -22.99
N GLY E 51 4.09 -40.99 -22.96
CA GLY E 51 4.60 -42.21 -22.37
C GLY E 51 4.08 -42.52 -20.99
N PHE E 52 3.37 -41.58 -20.36
CA PHE E 52 2.93 -41.75 -18.98
C PHE E 52 1.59 -42.44 -18.85
N SER E 53 1.18 -43.20 -19.85
CA SER E 53 -0.01 -44.03 -19.77
C SER E 53 0.36 -45.47 -20.13
N PRO E 54 1.22 -46.10 -19.33
CA PRO E 54 1.76 -47.40 -19.76
C PRO E 54 0.72 -48.51 -19.63
N LEU E 55 0.66 -49.35 -20.67
CA LEU E 55 -0.15 -50.56 -20.59
C LEU E 55 0.51 -51.59 -19.67
N THR E 56 1.83 -51.56 -19.60
CA THR E 56 2.59 -52.38 -18.67
C THR E 56 3.99 -51.78 -18.59
N HIS E 57 4.63 -51.99 -17.45
CA HIS E 57 6.03 -51.62 -17.26
C HIS E 57 6.99 -52.75 -17.62
N LYS E 58 6.48 -53.82 -18.25
CA LYS E 58 7.25 -55.02 -18.54
C LYS E 58 7.65 -55.15 -20.00
N GLU E 59 7.20 -54.23 -20.86
CA GLU E 59 7.50 -54.24 -22.29
C GLU E 59 8.10 -52.91 -22.70
N VAL E 60 8.85 -52.92 -23.79
CA VAL E 60 9.37 -51.72 -24.42
C VAL E 60 8.60 -51.50 -25.72
N ASP E 61 8.10 -50.28 -25.91
CA ASP E 61 7.40 -49.93 -27.14
C ASP E 61 8.34 -50.19 -28.30
N PRO E 62 8.02 -51.13 -29.20
CA PRO E 62 8.93 -51.48 -30.31
C PRO E 62 9.36 -50.29 -31.16
N ALA E 63 8.57 -49.22 -31.16
CA ALA E 63 8.97 -47.99 -31.84
C ALA E 63 10.24 -47.40 -31.25
N PHE E 64 10.58 -47.77 -30.01
CA PHE E 64 11.74 -47.24 -29.29
C PHE E 64 12.92 -48.20 -29.27
N GLY E 65 12.67 -49.50 -29.27
CA GLY E 65 13.73 -50.50 -29.16
C GLY E 65 13.25 -51.70 -28.36
N THR E 66 14.21 -52.37 -27.72
CA THR E 66 13.98 -53.57 -26.92
C THR E 66 14.61 -53.42 -25.54
N TRP E 67 14.34 -54.39 -24.66
CA TRP E 67 15.01 -54.39 -23.35
C TRP E 67 16.52 -54.50 -23.48
N ASP E 68 17.00 -55.12 -24.55
CA ASP E 68 18.44 -55.19 -24.77
C ASP E 68 19.03 -53.80 -24.94
N ASP E 69 18.29 -52.89 -25.56
CA ASP E 69 18.76 -51.52 -25.73
C ASP E 69 18.84 -50.78 -24.39
N ILE E 70 18.01 -51.17 -23.43
CA ILE E 70 18.07 -50.55 -22.10
C ILE E 70 19.31 -51.05 -21.34
N GLU E 71 19.51 -52.36 -21.30
CA GLU E 71 20.64 -52.92 -20.55
C GLU E 71 21.99 -52.47 -21.09
N ALA E 72 22.06 -51.95 -22.32
CA ALA E 72 23.32 -51.40 -22.79
C ALA E 72 23.74 -50.19 -21.95
N PHE E 73 22.78 -49.51 -21.32
CA PHE E 73 23.10 -48.37 -20.47
C PHE E 73 23.49 -48.81 -19.07
N THR E 74 22.88 -49.88 -18.55
CA THR E 74 23.07 -50.26 -17.15
C THR E 74 24.49 -50.73 -16.85
N GLY E 75 25.19 -51.26 -17.84
CA GLY E 75 26.53 -51.78 -17.59
C GLY E 75 27.53 -50.70 -17.23
N LYS E 76 27.30 -49.48 -17.69
CA LYS E 76 28.20 -48.37 -17.43
C LYS E 76 27.55 -47.23 -16.66
N TYR E 77 26.23 -47.12 -16.64
CA TYR E 77 25.53 -45.97 -16.08
C TYR E 77 24.40 -46.41 -15.14
N ASP E 78 24.13 -45.58 -14.13
CA ASP E 78 22.93 -45.77 -13.33
C ASP E 78 21.69 -45.61 -14.20
N LEU E 79 20.60 -46.24 -13.80
CA LEU E 79 19.38 -46.19 -14.59
C LEU E 79 18.20 -45.82 -13.70
N CYS E 80 17.63 -44.64 -13.95
CA CYS E 80 16.43 -44.16 -13.29
C CYS E 80 15.26 -44.24 -14.25
N VAL E 81 14.20 -44.97 -13.86
CA VAL E 81 13.06 -45.22 -14.72
C VAL E 81 11.79 -44.99 -13.91
N ASP E 82 10.74 -44.57 -14.63
CA ASP E 82 9.46 -44.20 -14.02
C ASP E 82 8.63 -45.40 -13.60
N LEU E 83 7.96 -45.25 -12.47
CA LEU E 83 6.96 -46.20 -11.98
C LEU E 83 5.68 -45.39 -11.77
N THR E 84 4.73 -45.48 -12.70
CA THR E 84 3.50 -44.70 -12.57
C THR E 84 2.65 -45.32 -11.48
N VAL E 85 3.02 -45.03 -10.23
CA VAL E 85 2.32 -45.60 -9.08
C VAL E 85 0.88 -45.14 -9.01
N ASN E 86 0.54 -44.04 -9.67
CA ASN E 86 -0.82 -43.52 -9.60
C ASN E 86 -1.75 -44.23 -10.56
N HIS E 87 -1.28 -44.55 -11.77
CA HIS E 87 -2.19 -44.90 -12.85
C HIS E 87 -1.53 -45.86 -13.83
N ILE E 88 -2.37 -46.60 -14.54
CA ILE E 88 -1.97 -47.40 -15.68
C ILE E 88 -2.98 -47.15 -16.80
N SER E 89 -2.62 -47.58 -18.00
CA SER E 89 -3.42 -47.28 -19.19
C SER E 89 -4.78 -47.98 -19.15
N ASP E 90 -5.75 -47.40 -19.86
CA ASP E 90 -7.03 -48.08 -20.03
C ASP E 90 -6.96 -49.20 -21.06
N GLU E 91 -5.91 -49.25 -21.86
CA GLU E 91 -5.70 -50.37 -22.77
C GLU E 91 -4.86 -51.47 -22.13
N SER E 92 -4.49 -51.31 -20.87
CA SER E 92 -3.71 -52.33 -20.17
C SER E 92 -4.51 -53.63 -20.07
N PRO E 93 -3.82 -54.78 -19.99
CA PRO E 93 -4.55 -56.04 -19.80
C PRO E 93 -5.42 -56.03 -18.56
N GLU E 94 -4.93 -55.42 -17.47
CA GLU E 94 -5.67 -55.46 -16.21
C GLU E 94 -6.98 -54.68 -16.33
N PHE E 95 -6.96 -53.53 -16.99
CA PHE E 95 -8.16 -52.73 -17.11
C PHE E 95 -9.09 -53.26 -18.21
N ARG E 96 -8.53 -53.80 -19.31
CA ARG E 96 -9.37 -54.40 -20.34
C ARG E 96 -10.16 -55.59 -19.78
N ASP E 97 -9.55 -56.35 -18.86
CA ASP E 97 -10.28 -57.42 -18.20
C ASP E 97 -11.44 -56.87 -17.39
N PHE E 98 -11.29 -55.65 -16.88
CA PHE E 98 -12.39 -55.00 -16.17
C PHE E 98 -13.53 -54.64 -17.10
N ILE E 99 -13.21 -54.18 -18.32
CA ILE E 99 -14.25 -53.82 -19.28
C ILE E 99 -15.03 -55.04 -19.75
N ALA E 100 -14.33 -56.15 -20.01
CA ALA E 100 -14.98 -57.34 -20.55
C ALA E 100 -15.90 -57.97 -19.52
N ASN E 101 -15.35 -58.30 -18.35
CA ASN E 101 -16.07 -59.10 -17.37
C ASN E 101 -16.85 -58.28 -16.34
N GLY E 102 -16.56 -56.99 -16.21
CA GLY E 102 -17.24 -56.18 -15.22
C GLY E 102 -16.67 -56.35 -13.83
N PHE E 103 -17.53 -56.20 -12.82
CA PHE E 103 -17.07 -56.36 -11.44
C PHE E 103 -16.69 -57.78 -11.11
N ASP E 104 -17.06 -58.75 -11.95
CA ASP E 104 -16.62 -60.13 -11.76
C ASP E 104 -15.15 -60.33 -12.10
N SER E 105 -14.52 -59.35 -12.74
CA SER E 105 -13.11 -59.46 -13.07
C SER E 105 -12.28 -59.53 -11.79
N GLU E 106 -11.22 -60.34 -11.83
CA GLU E 106 -10.32 -60.42 -10.68
C GLU E 106 -9.50 -59.15 -10.50
N TYR E 107 -9.51 -58.25 -11.48
CA TYR E 107 -8.80 -56.98 -11.38
C TYR E 107 -9.74 -55.81 -11.09
N ALA E 108 -10.96 -56.09 -10.65
CA ALA E 108 -11.93 -55.02 -10.45
C ALA E 108 -11.50 -54.10 -9.30
N ASP E 109 -11.07 -54.69 -8.19
CA ASP E 109 -10.69 -53.94 -6.99
C ASP E 109 -9.32 -53.25 -7.13
N LEU E 110 -8.75 -53.28 -8.34
CA LEU E 110 -7.50 -52.58 -8.64
C LEU E 110 -7.72 -51.10 -8.92
N PHE E 111 -8.96 -50.69 -9.16
CA PHE E 111 -9.25 -49.35 -9.63
C PHE E 111 -10.22 -48.65 -8.69
N VAL E 112 -10.27 -47.32 -8.78
CA VAL E 112 -11.07 -46.52 -7.86
C VAL E 112 -12.44 -46.26 -8.47
N HIS E 113 -13.48 -46.75 -7.79
CA HIS E 113 -14.85 -46.63 -8.26
C HIS E 113 -15.54 -45.51 -7.51
N VAL E 114 -16.05 -44.53 -8.25
CA VAL E 114 -16.58 -43.30 -7.68
C VAL E 114 -17.76 -43.60 -6.76
N ASP E 115 -18.47 -44.70 -7.01
CA ASP E 115 -19.69 -45.06 -6.30
C ASP E 115 -19.47 -45.51 -4.86
N ARG E 116 -18.22 -45.75 -4.43
CA ARG E 116 -17.98 -46.08 -3.01
C ARG E 116 -18.53 -45.01 -2.09
N PHE E 117 -18.40 -43.75 -2.49
CA PHE E 117 -18.68 -42.61 -1.64
C PHE E 117 -20.14 -42.19 -1.62
N GLY E 118 -20.97 -42.70 -2.54
CA GLY E 118 -22.29 -42.12 -2.59
C GLY E 118 -22.22 -40.71 -3.12
N ASP E 119 -23.18 -39.88 -2.68
CA ASP E 119 -23.18 -38.48 -3.07
C ASP E 119 -21.95 -37.78 -2.52
N ILE E 120 -21.30 -36.97 -3.35
CA ILE E 120 -20.18 -36.14 -2.93
C ILE E 120 -20.65 -34.69 -2.97
N SER E 121 -20.68 -34.05 -1.80
CA SER E 121 -21.19 -32.70 -1.72
C SER E 121 -20.28 -31.74 -2.47
N PRO E 122 -20.82 -30.61 -2.92
CA PRO E 122 -19.96 -29.59 -3.52
C PRO E 122 -18.81 -29.15 -2.62
N ASP E 123 -19.02 -29.10 -1.30
CA ASP E 123 -17.93 -28.70 -0.40
C ASP E 123 -16.78 -29.70 -0.46
N ASP E 124 -17.10 -30.99 -0.47
CA ASP E 124 -16.06 -32.00 -0.55
C ASP E 124 -15.38 -31.99 -1.92
N MET E 125 -16.08 -31.52 -2.96
CA MET E 125 -15.47 -31.37 -4.26
C MET E 125 -14.42 -30.27 -4.26
N ALA E 126 -14.72 -29.14 -3.62
CA ALA E 126 -13.81 -27.99 -3.64
C ALA E 126 -12.47 -28.29 -2.99
N LYS E 127 -12.38 -29.31 -2.14
CA LYS E 127 -11.11 -29.67 -1.52
C LYS E 127 -10.10 -30.24 -2.54
N ILE E 128 -10.57 -30.86 -3.61
CA ILE E 128 -9.73 -31.64 -4.51
C ILE E 128 -9.24 -30.78 -5.68
N HIS E 129 -7.93 -30.72 -5.91
CA HIS E 129 -7.53 -29.95 -7.09
C HIS E 129 -7.58 -30.86 -8.32
N ILE E 130 -7.70 -30.23 -9.49
CA ILE E 130 -7.92 -30.92 -10.75
C ILE E 130 -6.83 -30.55 -11.77
N ARG E 131 -6.33 -31.56 -12.49
CA ARG E 131 -5.26 -31.36 -13.45
C ARG E 131 -5.75 -31.36 -14.89
N LYS E 132 -7.04 -31.60 -15.09
CA LYS E 132 -7.79 -31.55 -16.33
C LYS E 132 -8.84 -30.44 -16.25
N GLU E 133 -9.61 -30.27 -17.32
CA GLU E 133 -10.64 -29.23 -17.38
C GLU E 133 -11.99 -29.73 -16.88
N LYS E 134 -12.09 -31.01 -16.52
CA LYS E 134 -13.31 -31.64 -16.05
C LYS E 134 -13.07 -32.35 -14.72
N GLU E 135 -14.16 -32.62 -14.02
CA GLU E 135 -14.09 -33.42 -12.80
C GLU E 135 -13.32 -34.71 -13.08
N PRO E 136 -12.55 -35.22 -12.11
CA PRO E 136 -11.70 -36.38 -12.38
C PRO E 136 -12.45 -37.70 -12.38
N PHE E 137 -13.60 -37.73 -13.05
CA PHE E 137 -14.50 -38.88 -13.02
C PHE E 137 -14.81 -39.24 -14.46
N ARG E 138 -14.45 -40.44 -14.88
CA ARG E 138 -14.74 -40.92 -16.22
C ARG E 138 -15.87 -41.94 -16.18
N GLU E 139 -16.85 -41.77 -17.05
CA GLU E 139 -17.92 -42.74 -17.22
C GLU E 139 -17.53 -43.69 -18.34
N VAL E 140 -17.26 -44.95 -18.01
CA VAL E 140 -16.88 -45.94 -19.00
C VAL E 140 -18.05 -46.89 -19.24
N THR E 141 -18.13 -47.41 -20.45
CA THR E 141 -19.18 -48.35 -20.82
C THR E 141 -18.60 -49.76 -20.79
N LEU E 142 -19.23 -50.63 -20.00
CA LEU E 142 -18.82 -52.01 -19.87
C LEU E 142 -19.25 -52.80 -21.11
N ALA E 143 -18.72 -54.03 -21.22
CA ALA E 143 -19.07 -54.88 -22.35
C ALA E 143 -20.55 -55.21 -22.36
N ASP E 144 -21.16 -55.41 -21.18
CA ASP E 144 -22.58 -55.76 -21.08
C ASP E 144 -23.52 -54.55 -21.18
N GLY E 145 -22.99 -53.35 -21.38
CA GLY E 145 -23.80 -52.15 -21.53
C GLY E 145 -23.94 -51.30 -20.28
N THR E 146 -23.50 -51.79 -19.13
CA THR E 146 -23.66 -51.04 -17.89
C THR E 146 -22.69 -49.85 -17.86
N LYS E 147 -23.16 -48.73 -17.32
CA LYS E 147 -22.35 -47.53 -17.16
C LYS E 147 -21.89 -47.42 -15.71
N THR E 148 -20.58 -47.30 -15.50
CA THR E 148 -19.99 -47.06 -14.19
C THR E 148 -18.86 -46.04 -14.33
N ARG E 149 -18.45 -45.46 -13.21
CA ARG E 149 -17.46 -44.39 -13.20
C ARG E 149 -16.23 -44.79 -12.40
N VAL E 150 -15.05 -44.40 -12.90
CA VAL E 150 -13.78 -44.64 -12.24
C VAL E 150 -13.04 -43.31 -12.06
N TRP E 151 -12.14 -43.29 -11.09
CA TRP E 151 -11.38 -42.07 -10.83
C TRP E 151 -10.34 -41.87 -11.92
N CYS E 152 -10.23 -40.64 -12.43
CA CYS E 152 -9.33 -40.38 -13.55
C CYS E 152 -8.80 -38.95 -13.40
N THR E 153 -7.62 -38.82 -12.78
CA THR E 153 -7.03 -37.51 -12.53
C THR E 153 -6.61 -36.82 -13.82
N PHE E 154 -5.82 -37.49 -14.62
CA PHE E 154 -5.19 -36.96 -15.83
C PHE E 154 -6.08 -37.25 -17.04
N THR E 155 -5.50 -37.30 -18.23
CA THR E 155 -6.21 -37.70 -19.44
C THR E 155 -7.00 -38.99 -19.22
N GLU E 156 -8.11 -39.14 -19.95
CA GLU E 156 -9.03 -40.25 -19.69
C GLU E 156 -8.46 -41.62 -20.03
N GLN E 157 -7.32 -41.69 -20.72
CA GLN E 157 -6.66 -42.96 -21.00
C GLN E 157 -5.72 -43.41 -19.89
N GLN E 158 -5.67 -42.67 -18.79
CA GLN E 158 -4.82 -42.95 -17.64
C GLN E 158 -5.73 -43.23 -16.45
N ILE E 159 -5.88 -44.50 -16.08
CA ILE E 159 -6.81 -44.93 -15.03
C ILE E 159 -6.07 -45.08 -13.71
N ASP E 160 -6.58 -44.41 -12.68
CA ASP E 160 -5.92 -44.39 -11.38
C ASP E 160 -6.16 -45.70 -10.63
N LEU E 161 -5.17 -46.07 -9.84
CA LEU E 161 -5.15 -47.31 -9.06
C LEU E 161 -5.75 -47.11 -7.67
N ASN E 162 -6.22 -48.21 -7.08
CA ASN E 162 -6.94 -48.19 -5.80
C ASN E 162 -6.00 -48.69 -4.69
N TYR E 163 -5.42 -47.75 -3.92
CA TYR E 163 -4.51 -48.14 -2.84
C TYR E 163 -5.22 -48.37 -1.52
N ASP E 164 -6.55 -48.43 -1.52
CA ASP E 164 -7.31 -48.96 -0.39
C ASP E 164 -7.52 -50.46 -0.50
N GLY E 165 -7.28 -51.06 -1.67
CA GLY E 165 -7.33 -52.49 -1.84
C GLY E 165 -5.94 -53.10 -1.85
N ASP E 166 -5.90 -54.40 -2.17
CA ASP E 166 -4.64 -55.13 -2.16
C ASP E 166 -4.01 -55.30 -3.53
N LEU E 167 -4.84 -55.39 -4.57
CA LEU E 167 -4.33 -55.67 -5.91
C LEU E 167 -3.32 -54.63 -6.38
N ALA E 168 -3.50 -53.38 -5.98
CA ALA E 168 -2.62 -52.31 -6.45
C ALA E 168 -1.20 -52.50 -5.95
N TYR E 169 -1.04 -52.94 -4.70
CA TYR E 169 0.30 -53.19 -4.20
C TYR E 169 0.96 -54.35 -4.95
N ARG E 170 0.18 -55.37 -5.31
CA ARG E 170 0.73 -56.50 -6.07
C ARG E 170 1.36 -56.02 -7.38
N LEU E 171 0.60 -55.23 -8.15
CA LEU E 171 1.05 -54.81 -9.46
C LEU E 171 2.31 -53.99 -9.38
N MET E 172 2.38 -53.08 -8.41
CA MET E 172 3.60 -52.30 -8.24
C MET E 172 4.78 -53.19 -7.89
N GLU E 173 4.58 -54.14 -6.96
CA GLU E 173 5.66 -55.03 -6.58
C GLU E 173 6.12 -55.86 -7.77
N SER E 174 5.19 -56.28 -8.62
CA SER E 174 5.57 -56.99 -9.84
C SER E 174 6.33 -56.07 -10.78
N TYR E 175 5.79 -54.87 -11.03
CA TYR E 175 6.49 -53.91 -11.87
C TYR E 175 7.90 -53.63 -11.37
N ILE E 176 8.06 -53.44 -10.05
CA ILE E 176 9.37 -53.12 -9.50
C ILE E 176 10.36 -54.25 -9.76
N GLY E 177 9.93 -55.49 -9.47
CA GLY E 177 10.81 -56.63 -9.66
C GLY E 177 11.35 -56.74 -11.07
N PHE E 178 10.50 -56.52 -12.07
CA PHE E 178 10.93 -56.69 -13.45
C PHE E 178 11.93 -55.61 -13.85
N LEU E 179 11.67 -54.36 -13.46
CA LEU E 179 12.54 -53.25 -13.85
C LEU E 179 13.92 -53.39 -13.21
N THR E 180 13.97 -53.74 -11.92
CA THR E 180 15.27 -53.91 -11.28
C THR E 180 16.05 -55.06 -11.90
N SER E 181 15.36 -56.09 -12.39
CA SER E 181 16.02 -57.20 -13.05
C SER E 181 16.72 -56.78 -14.34
N LYS E 182 16.30 -55.66 -14.94
CA LYS E 182 16.94 -55.12 -16.12
C LYS E 182 18.03 -54.11 -15.78
N GLY E 183 18.34 -53.92 -14.49
CA GLY E 183 19.40 -53.03 -14.08
C GLY E 183 18.99 -51.66 -13.59
N VAL E 184 17.71 -51.46 -13.28
CA VAL E 184 17.19 -50.17 -12.81
C VAL E 184 17.61 -49.93 -11.36
N ASN E 185 18.30 -48.81 -11.12
CA ASN E 185 18.72 -48.39 -9.79
C ASN E 185 17.70 -47.49 -9.09
N LEU E 186 17.11 -46.55 -9.82
CA LEU E 186 16.37 -45.45 -9.22
C LEU E 186 14.96 -45.43 -9.79
N LEU E 187 13.98 -45.65 -8.92
CA LEU E 187 12.58 -45.72 -9.32
C LEU E 187 11.94 -44.36 -9.07
N ARG E 188 11.65 -43.63 -10.13
CA ARG E 188 10.90 -42.39 -10.02
C ARG E 188 9.42 -42.71 -9.83
N LEU E 189 8.91 -42.44 -8.63
CA LEU E 189 7.50 -42.71 -8.32
C LEU E 189 6.67 -41.56 -8.88
N ASP E 190 6.10 -41.75 -10.06
CA ASP E 190 5.39 -40.67 -10.75
C ASP E 190 4.09 -40.33 -10.03
N ALA E 191 3.96 -39.05 -9.67
CA ALA E 191 2.69 -38.47 -9.21
C ALA E 191 2.13 -39.22 -8.01
N PHE E 192 3.02 -39.71 -7.14
CA PHE E 192 2.58 -40.55 -6.04
C PHE E 192 1.60 -39.83 -5.12
N GLY E 193 1.63 -38.50 -5.11
CA GLY E 193 0.74 -37.74 -4.26
C GLY E 193 -0.73 -37.96 -4.52
N TYR E 194 -1.09 -38.43 -5.70
CA TYR E 194 -2.50 -38.60 -6.05
C TYR E 194 -3.04 -39.96 -5.65
N THR E 195 -2.18 -40.84 -5.10
CA THR E 195 -2.61 -42.18 -4.73
C THR E 195 -3.54 -42.17 -3.53
N THR E 196 -3.43 -41.18 -2.64
CA THR E 196 -4.24 -41.14 -1.43
C THR E 196 -5.57 -40.46 -1.74
N LYS E 197 -6.65 -41.24 -1.70
CA LYS E 197 -8.00 -40.73 -1.89
C LYS E 197 -8.83 -41.00 -0.65
N ARG E 198 -9.44 -39.95 -0.10
CA ARG E 198 -10.42 -40.08 0.98
C ARG E 198 -11.34 -38.87 0.93
N ILE E 199 -12.63 -39.10 0.62
CA ILE E 199 -13.57 -37.98 0.58
C ILE E 199 -13.64 -37.28 1.92
N GLY E 200 -13.65 -35.95 1.87
CA GLY E 200 -13.49 -35.11 3.03
C GLY E 200 -12.09 -34.55 3.17
N THR E 201 -11.16 -35.04 2.36
CA THR E 201 -9.80 -34.56 2.31
C THR E 201 -9.51 -34.01 0.92
N SER E 202 -8.29 -33.52 0.74
CA SER E 202 -7.87 -32.98 -0.55
C SER E 202 -7.63 -34.04 -1.60
N CYS E 203 -7.62 -35.31 -1.21
CA CYS E 203 -7.29 -36.40 -2.13
C CYS E 203 -5.93 -36.20 -2.76
N PHE E 204 -5.04 -35.53 -2.02
CA PHE E 204 -3.69 -35.25 -2.50
C PHE E 204 -2.77 -35.14 -1.29
N LEU E 205 -1.78 -36.02 -1.24
CA LEU E 205 -0.81 -36.06 -0.14
C LEU E 205 -1.51 -36.16 1.22
N VAL E 206 -2.55 -36.99 1.29
CA VAL E 206 -3.31 -37.10 2.54
C VAL E 206 -2.45 -37.86 3.54
N GLU E 207 -2.16 -37.22 4.66
CA GLU E 207 -1.33 -37.59 5.80
C GLU E 207 -2.16 -38.34 6.83
N PRO E 208 -1.65 -39.43 7.42
CA PRO E 208 -0.32 -40.03 7.21
C PRO E 208 -0.34 -41.19 6.22
N GLU E 209 -1.49 -41.43 5.56
CA GLU E 209 -1.58 -42.50 4.58
C GLU E 209 -0.48 -42.42 3.54
N VAL E 210 -0.17 -41.20 3.07
CA VAL E 210 0.78 -41.06 1.98
C VAL E 210 2.15 -41.60 2.36
N TYR E 211 2.51 -41.52 3.64
CA TYR E 211 3.84 -41.96 4.02
C TYR E 211 3.89 -43.48 4.18
N ARG E 212 2.80 -44.09 4.62
CA ARG E 212 2.72 -45.54 4.67
C ARG E 212 2.78 -46.13 3.27
N ILE E 213 2.01 -45.56 2.33
CA ILE E 213 2.13 -45.97 0.93
C ILE E 213 3.55 -45.78 0.46
N LEU E 214 4.18 -44.70 0.90
CA LEU E 214 5.51 -44.37 0.39
C LEU E 214 6.57 -45.24 1.06
N ASP E 215 6.45 -45.50 2.36
CA ASP E 215 7.35 -46.45 3.03
C ASP E 215 7.23 -47.85 2.46
N TRP E 216 6.03 -48.23 1.99
CA TRP E 216 5.84 -49.58 1.47
C TRP E 216 6.61 -49.76 0.16
N ILE E 217 6.40 -48.88 -0.81
CA ILE E 217 7.10 -48.99 -2.09
C ILE E 217 8.60 -48.93 -1.86
N ASN E 218 9.05 -48.08 -0.94
CA ASN E 218 10.46 -48.02 -0.62
C ASN E 218 10.97 -49.37 -0.14
N GLU E 219 10.14 -50.06 0.67
CA GLU E 219 10.48 -51.39 1.15
C GLU E 219 10.67 -52.35 -0.01
N VAL E 220 9.73 -52.39 -0.95
CA VAL E 220 9.82 -53.28 -2.11
C VAL E 220 11.07 -53.00 -2.92
N ALA E 221 11.36 -51.71 -3.17
CA ALA E 221 12.51 -51.36 -3.98
C ALA E 221 13.82 -51.80 -3.32
N PHE E 222 13.93 -51.63 -2.01
CA PHE E 222 15.19 -51.99 -1.35
C PHE E 222 15.43 -53.49 -1.43
N LYS E 223 14.35 -54.28 -1.29
CA LYS E 223 14.45 -55.73 -1.48
C LYS E 223 15.02 -56.04 -2.87
N HIS E 224 14.57 -55.32 -3.89
CA HIS E 224 15.00 -55.55 -5.26
C HIS E 224 16.20 -54.69 -5.64
N GLY E 225 16.88 -54.10 -4.66
CA GLY E 225 18.10 -53.37 -4.92
C GLY E 225 17.91 -52.06 -5.65
N ALA E 226 16.96 -51.24 -5.18
CA ALA E 226 16.66 -49.97 -5.83
C ALA E 226 16.31 -48.93 -4.78
N GLU E 227 16.61 -47.67 -5.11
CA GLU E 227 16.22 -46.52 -4.31
C GLU E 227 15.09 -45.78 -5.04
N CYS E 228 14.44 -44.86 -4.32
CA CYS E 228 13.26 -44.19 -4.87
C CYS E 228 13.46 -42.69 -5.02
N LEU E 229 12.72 -42.14 -5.97
CA LEU E 229 12.68 -40.70 -6.26
C LEU E 229 11.21 -40.34 -6.37
N PRO E 230 10.54 -40.07 -5.25
CA PRO E 230 9.12 -39.73 -5.31
C PRO E 230 8.93 -38.34 -5.91
N GLU E 231 8.07 -38.25 -6.90
CA GLU E 231 7.76 -36.97 -7.52
C GLU E 231 6.52 -36.37 -6.90
N VAL E 232 6.69 -35.25 -6.20
CA VAL E 232 5.59 -34.47 -5.67
C VAL E 232 5.88 -33.00 -5.92
N HIS E 233 4.93 -32.31 -6.51
CA HIS E 233 5.02 -30.86 -6.74
C HIS E 233 4.04 -30.17 -5.79
N ASP E 234 4.56 -29.72 -4.65
CA ASP E 234 3.82 -28.92 -3.69
C ASP E 234 4.85 -28.27 -2.76
N HIS E 235 4.39 -27.82 -1.59
CA HIS E 235 5.23 -27.11 -0.65
C HIS E 235 6.49 -27.92 -0.32
N THR E 236 7.61 -27.22 -0.10
CA THR E 236 8.87 -27.95 0.12
C THR E 236 8.82 -28.82 1.36
N SER E 237 7.93 -28.52 2.30
CA SER E 237 7.83 -29.35 3.49
C SER E 237 7.59 -30.81 3.12
N TYR E 238 6.82 -31.06 2.05
CA TYR E 238 6.63 -32.43 1.62
C TYR E 238 7.94 -33.05 1.14
N GLN E 239 8.80 -32.24 0.53
CA GLN E 239 10.10 -32.75 0.12
C GLN E 239 10.96 -33.16 1.32
N TYR E 240 10.78 -32.54 2.49
CA TYR E 240 11.63 -32.95 3.60
C TYR E 240 11.16 -34.26 4.22
N ALA E 241 9.85 -34.47 4.33
CA ALA E 241 9.34 -35.73 4.84
C ALA E 241 9.88 -36.90 4.02
N ILE E 242 9.93 -36.74 2.70
CA ILE E 242 10.54 -37.76 1.86
C ILE E 242 11.99 -37.99 2.26
N SER E 243 12.75 -36.90 2.35
CA SER E 243 14.16 -37.00 2.71
C SER E 243 14.35 -37.80 3.99
N ARG E 244 13.44 -37.65 4.94
CA ARG E 244 13.54 -38.26 6.25
C ARG E 244 13.06 -39.70 6.27
N ARG E 245 12.76 -40.26 5.10
CA ARG E 245 12.33 -41.64 4.99
C ARG E 245 13.21 -42.42 4.03
N ASN E 246 14.50 -42.05 3.95
CA ASN E 246 15.50 -42.76 3.16
C ASN E 246 15.12 -42.83 1.69
N MET E 247 14.48 -41.78 1.22
CA MET E 247 14.14 -41.63 -0.19
C MET E 247 14.73 -40.33 -0.71
N HIS E 248 14.83 -40.25 -2.03
CA HIS E 248 15.41 -39.09 -2.68
C HIS E 248 14.28 -38.11 -3.00
N PRO E 249 14.22 -36.94 -2.37
CA PRO E 249 13.26 -35.91 -2.77
C PRO E 249 13.77 -35.12 -3.98
N TYR E 250 12.86 -34.37 -4.58
CA TYR E 250 13.25 -33.48 -5.67
C TYR E 250 13.66 -32.10 -5.14
N GLY E 251 14.76 -31.59 -5.70
CA GLY E 251 15.17 -30.23 -5.41
C GLY E 251 14.38 -29.26 -6.26
N PHE E 252 13.07 -29.52 -6.33
CA PHE E 252 12.17 -28.72 -7.17
C PHE E 252 12.19 -27.25 -6.79
N ALA E 253 12.63 -26.92 -5.57
CA ALA E 253 12.67 -25.51 -5.18
C ALA E 253 13.72 -24.74 -5.97
N LEU E 254 14.79 -25.41 -6.39
CA LEU E 254 15.94 -24.72 -6.96
C LEU E 254 15.64 -23.93 -8.25
N PRO E 255 14.97 -24.48 -9.25
CA PRO E 255 14.82 -23.77 -10.53
C PRO E 255 14.23 -22.38 -10.38
N PRO E 256 13.04 -22.22 -9.77
CA PRO E 256 12.50 -20.85 -9.70
C PRO E 256 13.29 -19.96 -8.75
N LEU E 257 13.93 -20.55 -7.74
CA LEU E 257 14.78 -19.80 -6.85
C LEU E 257 15.97 -19.21 -7.59
N LEU E 258 16.67 -20.04 -8.38
CA LEU E 258 17.82 -19.57 -9.16
C LEU E 258 17.39 -18.58 -10.22
N LEU E 259 16.28 -18.85 -10.91
CA LEU E 259 15.78 -17.90 -11.91
C LEU E 259 15.63 -16.53 -11.27
N TYR E 260 14.95 -16.46 -10.13
CA TYR E 260 14.88 -15.20 -9.38
C TYR E 260 16.28 -14.72 -8.97
N SER E 261 17.10 -15.60 -8.38
CA SER E 261 18.36 -15.14 -7.81
C SER E 261 19.25 -14.47 -8.86
N LEU E 262 19.30 -15.05 -10.06
CA LEU E 262 20.08 -14.44 -11.13
C LEU E 262 19.37 -13.21 -11.73
N LEU E 263 18.05 -13.29 -11.95
CA LEU E 263 17.37 -12.17 -12.62
C LEU E 263 17.47 -10.90 -11.80
N ASP E 264 17.45 -11.02 -10.47
CA ASP E 264 17.36 -9.87 -9.61
C ASP E 264 18.64 -9.60 -8.85
N ALA E 265 19.68 -10.43 -9.08
CA ALA E 265 20.97 -10.33 -8.41
C ALA E 265 20.77 -10.31 -6.91
N ASN E 266 20.19 -11.41 -6.42
CA ASN E 266 19.81 -11.55 -5.03
C ASN E 266 20.16 -12.95 -4.58
N SER E 267 21.07 -13.06 -3.63
CA SER E 267 21.55 -14.37 -3.17
C SER E 267 21.02 -14.74 -1.79
N VAL E 268 20.26 -13.87 -1.14
CA VAL E 268 19.80 -14.11 0.22
C VAL E 268 18.94 -15.36 0.30
N TYR E 269 17.88 -15.41 -0.52
CA TYR E 269 16.93 -16.51 -0.39
C TYR E 269 17.55 -17.83 -0.82
N LEU E 270 18.46 -17.77 -1.79
CA LEU E 270 19.18 -18.96 -2.24
C LEU E 270 20.10 -19.48 -1.12
N LYS E 271 20.87 -18.57 -0.52
CA LYS E 271 21.79 -18.98 0.53
C LYS E 271 21.05 -19.58 1.72
N ASN E 272 19.92 -18.98 2.10
CA ASN E 272 19.13 -19.55 3.17
C ASN E 272 18.69 -20.97 2.83
N TRP E 273 18.23 -21.18 1.59
CA TRP E 273 17.74 -22.49 1.19
C TRP E 273 18.87 -23.51 1.17
N LEU E 274 20.03 -23.16 0.59
CA LEU E 274 21.17 -24.07 0.59
C LEU E 274 21.56 -24.49 1.99
N ARG E 275 21.47 -23.56 2.95
CA ARG E 275 21.86 -23.88 4.32
C ARG E 275 20.95 -24.94 4.95
N MET E 276 19.71 -25.09 4.46
CA MET E 276 18.73 -25.99 5.06
C MET E 276 18.12 -26.97 4.07
N CYS E 277 18.74 -27.09 2.90
CA CYS E 277 18.16 -27.91 1.80
C CYS E 277 17.95 -29.37 2.22
N PRO E 278 16.86 -30.01 1.77
CA PRO E 278 16.62 -31.44 2.06
C PRO E 278 17.83 -32.23 1.60
N ARG E 279 18.25 -33.21 2.40
CA ARG E 279 19.49 -33.95 2.05
C ARG E 279 19.16 -35.21 1.26
N ASN E 280 20.11 -35.68 0.46
CA ASN E 280 19.91 -36.90 -0.38
C ASN E 280 18.84 -36.60 -1.42
N MET E 281 19.01 -35.50 -2.15
CA MET E 281 17.97 -35.11 -3.13
C MET E 281 18.52 -35.16 -4.55
N VAL E 282 17.62 -35.24 -5.53
CA VAL E 282 18.04 -35.22 -6.92
C VAL E 282 17.74 -33.80 -7.42
N THR E 283 18.79 -33.04 -7.70
CA THR E 283 18.65 -31.64 -8.08
C THR E 283 18.46 -31.50 -9.59
N VAL E 284 17.61 -30.55 -9.99
CA VAL E 284 17.36 -30.25 -11.39
C VAL E 284 17.24 -28.75 -11.58
N LEU E 285 17.50 -28.27 -12.79
CA LEU E 285 17.01 -26.94 -13.16
C LEU E 285 15.78 -27.06 -14.04
N ASP E 286 15.91 -27.69 -15.20
CA ASP E 286 14.76 -27.96 -16.04
C ASP E 286 14.46 -29.45 -16.01
N THR E 287 13.19 -29.75 -16.27
CA THR E 287 12.72 -31.12 -16.37
C THR E 287 11.99 -31.30 -17.70
N HIS E 288 11.32 -32.43 -17.85
CA HIS E 288 10.45 -32.69 -18.99
C HIS E 288 9.12 -31.97 -18.87
N ASP E 289 8.90 -31.25 -17.76
CA ASP E 289 7.70 -30.47 -17.50
C ASP E 289 8.07 -28.99 -17.44
N GLY E 290 7.09 -28.17 -17.07
CA GLY E 290 7.33 -26.76 -16.95
C GLY E 290 7.84 -26.37 -15.57
N ILE E 291 8.43 -25.17 -15.48
CA ILE E 291 9.07 -24.76 -14.24
C ILE E 291 7.98 -24.54 -13.20
N CYS E 292 8.06 -25.28 -12.09
CA CYS E 292 6.96 -25.38 -11.14
C CYS E 292 7.10 -24.38 -10.01
N ILE E 293 6.05 -23.60 -9.78
CA ILE E 293 6.02 -22.50 -8.82
C ILE E 293 5.71 -22.97 -7.40
N PRO E 294 4.68 -23.81 -7.16
CA PRO E 294 4.37 -24.19 -5.77
C PRO E 294 5.55 -24.77 -5.00
N ASP E 295 6.52 -25.36 -5.70
CA ASP E 295 7.69 -25.97 -5.07
C ASP E 295 8.64 -24.96 -4.44
N VAL E 296 8.39 -23.66 -4.59
CA VAL E 296 9.28 -22.65 -4.02
C VAL E 296 8.59 -21.77 -2.98
N GLU E 297 7.29 -21.95 -2.74
CA GLU E 297 6.60 -21.25 -1.67
C GLU E 297 7.33 -21.46 -0.35
N GLY E 298 7.45 -20.39 0.41
CA GLY E 298 8.23 -20.40 1.65
C GLY E 298 9.69 -20.15 1.38
N VAL E 299 10.29 -20.92 0.48
CA VAL E 299 11.66 -20.67 0.05
C VAL E 299 11.80 -19.27 -0.53
N LEU E 300 10.74 -18.77 -1.15
CA LEU E 300 10.79 -17.52 -1.84
C LEU E 300 9.54 -16.78 -1.43
N PRO E 301 9.64 -15.52 -1.02
CA PRO E 301 8.44 -14.77 -0.62
C PRO E 301 7.46 -14.61 -1.77
N ASP E 302 6.18 -14.49 -1.43
CA ASP E 302 5.16 -14.43 -2.49
C ASP E 302 5.41 -13.27 -3.44
N ASP E 303 5.70 -12.09 -2.90
CA ASP E 303 5.90 -10.92 -3.75
C ASP E 303 7.02 -11.13 -4.76
N LYS E 304 8.06 -11.89 -4.40
CA LYS E 304 9.13 -12.18 -5.33
C LYS E 304 8.71 -13.24 -6.34
N ILE E 305 7.82 -14.15 -5.94
CA ILE E 305 7.29 -15.17 -6.87
C ILE E 305 6.47 -14.51 -7.97
N LYS E 306 5.60 -13.55 -7.62
CA LYS E 306 4.87 -12.85 -8.66
C LYS E 306 5.83 -12.09 -9.56
N VAL E 307 6.88 -11.50 -8.97
CA VAL E 307 7.93 -10.88 -9.76
C VAL E 307 8.53 -11.89 -10.73
N LEU E 308 8.90 -13.06 -10.22
CA LEU E 308 9.52 -14.07 -11.07
C LEU E 308 8.57 -14.49 -12.17
N ILE E 309 7.32 -14.79 -11.81
CA ILE E 309 6.31 -15.18 -12.78
C ILE E 309 6.13 -14.11 -13.84
N ASP E 310 6.01 -12.83 -13.43
CA ASP E 310 5.79 -11.77 -14.42
C ASP E 310 6.97 -11.60 -15.34
N ASN E 311 8.18 -11.86 -14.85
CA ASN E 311 9.36 -11.75 -15.69
C ASN E 311 9.39 -12.86 -16.72
N ILE E 312 8.88 -14.04 -16.38
CA ILE E 312 8.94 -15.14 -17.33
C ILE E 312 7.80 -15.11 -18.32
N ASP E 313 6.73 -14.34 -18.04
CA ASP E 313 5.51 -14.45 -18.84
C ASP E 313 5.79 -14.20 -20.31
N ALA E 314 6.67 -13.24 -20.62
CA ALA E 314 6.94 -12.90 -22.00
C ALA E 314 7.74 -13.99 -22.72
N ARG E 315 8.59 -14.71 -21.98
CA ARG E 315 9.44 -15.73 -22.56
C ARG E 315 8.84 -17.13 -22.45
N SER E 316 7.58 -17.23 -22.01
CA SER E 316 6.95 -18.51 -21.76
C SER E 316 5.53 -18.53 -22.33
N ALA E 317 5.10 -19.73 -22.74
CA ALA E 317 3.77 -19.96 -23.29
C ALA E 317 2.73 -19.91 -22.17
N ASP E 318 1.48 -20.24 -22.50
CA ASP E 318 0.43 -20.24 -21.50
C ASP E 318 0.81 -21.18 -20.36
N PRO E 319 0.66 -20.75 -19.12
CA PRO E 319 1.11 -21.57 -17.99
C PRO E 319 0.12 -22.70 -17.70
N ILE E 320 0.65 -23.76 -17.09
CA ILE E 320 -0.19 -24.85 -16.58
C ILE E 320 -0.83 -24.40 -15.29
N MET E 321 -2.12 -24.68 -15.12
CA MET E 321 -2.84 -24.19 -13.96
C MET E 321 -3.23 -25.37 -13.08
N ARG E 322 -3.27 -25.14 -11.78
CA ARG E 322 -3.81 -26.10 -10.81
C ARG E 322 -5.23 -25.69 -10.45
N ARG E 323 -6.20 -26.26 -11.15
CA ARG E 323 -7.61 -25.94 -10.97
C ARG E 323 -8.21 -26.76 -9.81
N SER E 324 -9.24 -26.23 -9.17
CA SER E 324 -9.95 -27.05 -8.18
C SER E 324 -11.22 -27.62 -8.80
N ALA E 325 -11.85 -28.53 -8.09
CA ALA E 325 -13.10 -29.11 -8.56
C ALA E 325 -14.29 -28.26 -8.08
N ALA E 326 -15.47 -28.57 -8.62
CA ALA E 326 -16.72 -27.86 -8.33
C ALA E 326 -16.70 -26.49 -9.00
N ASN E 327 -15.54 -26.19 -9.57
CA ASN E 327 -15.13 -24.97 -10.25
C ASN E 327 -14.12 -25.28 -11.37
N ILE E 328 -14.60 -25.97 -12.41
CA ILE E 328 -13.70 -26.57 -13.40
C ILE E 328 -13.29 -25.60 -14.50
N HIS E 329 -14.03 -24.51 -14.71
CA HIS E 329 -13.69 -23.54 -15.73
C HIS E 329 -13.23 -22.21 -15.12
N SER E 330 -12.33 -22.30 -14.14
CA SER E 330 -11.84 -21.16 -13.38
C SER E 330 -10.33 -21.10 -13.54
N VAL E 331 -9.81 -19.88 -13.71
CA VAL E 331 -8.38 -19.67 -13.95
C VAL E 331 -7.51 -20.48 -12.98
N GLY E 332 -7.89 -20.52 -11.69
CA GLY E 332 -7.09 -21.30 -10.74
C GLY E 332 -5.73 -20.66 -10.44
N ALA E 333 -4.85 -21.48 -9.88
CA ALA E 333 -3.53 -21.02 -9.45
C ALA E 333 -2.46 -21.48 -10.43
N ILE E 334 -1.39 -20.68 -10.54
CA ILE E 334 -0.34 -21.00 -11.48
C ILE E 334 0.44 -22.20 -10.96
N TYR E 335 0.59 -23.21 -11.82
CA TYR E 335 1.31 -24.42 -11.44
C TYR E 335 2.70 -24.55 -12.06
N GLN E 336 2.81 -24.46 -13.38
CA GLN E 336 4.10 -24.60 -14.03
C GLN E 336 4.21 -23.61 -15.18
N LEU E 337 5.38 -22.99 -15.30
CA LEU E 337 5.65 -22.09 -16.41
C LEU E 337 6.19 -22.88 -17.61
N THR E 338 5.54 -22.72 -18.76
CA THR E 338 5.82 -23.49 -19.97
C THR E 338 6.94 -22.80 -20.74
N CYS E 339 8.15 -23.29 -20.56
CA CYS E 339 9.34 -22.52 -20.92
C CYS E 339 10.58 -23.40 -20.79
N THR E 340 11.53 -23.23 -21.71
CA THR E 340 12.84 -23.85 -21.49
C THR E 340 13.61 -23.07 -20.43
N PHE E 341 14.52 -23.77 -19.74
CA PHE E 341 15.24 -23.07 -18.67
C PHE E 341 16.17 -22.00 -19.25
N TYR E 342 16.69 -22.22 -20.45
CA TYR E 342 17.57 -21.26 -21.10
C TYR E 342 16.78 -20.02 -21.54
N ASP E 343 15.59 -20.21 -22.10
CA ASP E 343 14.77 -19.04 -22.38
C ASP E 343 14.30 -18.35 -21.10
N ALA E 344 14.24 -19.09 -19.99
CA ALA E 344 13.88 -18.44 -18.74
C ALA E 344 14.98 -17.54 -18.24
N LEU E 345 16.22 -17.75 -18.67
CA LEU E 345 17.32 -16.85 -18.35
C LEU E 345 17.69 -15.96 -19.52
N MET E 346 16.68 -15.66 -20.36
CA MET E 346 16.78 -14.73 -21.48
C MET E 346 17.88 -15.15 -22.45
N GLN E 347 18.21 -16.44 -22.45
CA GLN E 347 19.27 -17.03 -23.27
C GLN E 347 20.62 -16.41 -22.96
N ASN E 348 20.81 -15.97 -21.72
CA ASN E 348 22.08 -15.40 -21.32
C ASN E 348 23.02 -16.55 -20.95
N ASP E 349 24.06 -16.76 -21.79
CA ASP E 349 24.97 -17.88 -21.60
C ASP E 349 25.65 -17.87 -20.23
N ASP E 350 26.22 -16.72 -19.85
CA ASP E 350 26.90 -16.64 -18.56
C ASP E 350 25.96 -17.00 -17.41
N ALA E 351 24.72 -16.50 -17.46
CA ALA E 351 23.76 -16.80 -16.42
C ALA E 351 23.41 -18.29 -16.38
N TYR E 352 23.27 -18.92 -17.54
CA TYR E 352 22.89 -20.33 -17.60
C TYR E 352 24.00 -21.21 -17.05
N ILE E 353 25.26 -20.93 -17.41
CA ILE E 353 26.36 -21.71 -16.89
C ILE E 353 26.46 -21.52 -15.38
N ALA E 354 26.21 -20.28 -14.92
CA ALA E 354 26.21 -20.02 -13.49
C ALA E 354 25.10 -20.79 -12.79
N ALA E 355 23.92 -20.90 -13.44
CA ALA E 355 22.84 -21.67 -12.84
C ALA E 355 23.24 -23.11 -12.64
N ARG E 356 23.82 -23.72 -13.68
CA ARG E 356 24.24 -25.11 -13.58
C ARG E 356 25.34 -25.29 -12.54
N ALA E 357 26.27 -24.32 -12.47
CA ALA E 357 27.32 -24.39 -11.45
C ALA E 357 26.73 -24.44 -10.06
N ILE E 358 25.76 -23.57 -9.78
CA ILE E 358 25.12 -23.58 -8.47
C ILE E 358 24.37 -24.89 -8.26
N GLN E 359 23.68 -25.38 -9.30
CA GLN E 359 23.06 -26.70 -9.20
C GLN E 359 24.07 -27.78 -8.83
N PHE E 360 25.20 -27.82 -9.54
CA PHE E 360 26.15 -28.90 -9.37
C PHE E 360 26.84 -28.83 -8.02
N PHE E 361 26.93 -27.66 -7.41
CA PHE E 361 27.46 -27.61 -6.06
C PHE E 361 26.37 -27.72 -5.01
N THR E 362 25.11 -27.77 -5.41
CA THR E 362 24.05 -28.04 -4.46
C THR E 362 24.13 -29.50 -4.02
N PRO E 363 24.03 -29.78 -2.71
CA PRO E 363 24.09 -31.17 -2.25
C PRO E 363 22.97 -32.00 -2.87
N GLY E 364 23.35 -33.12 -3.48
CA GLY E 364 22.44 -34.03 -4.13
C GLY E 364 22.90 -34.37 -5.53
N ILE E 365 22.23 -35.37 -6.10
CA ILE E 365 22.58 -35.84 -7.44
C ILE E 365 21.99 -34.90 -8.48
N PRO E 366 22.81 -34.25 -9.31
CA PRO E 366 22.26 -33.34 -10.31
C PRO E 366 21.80 -34.08 -11.55
N GLN E 367 20.58 -33.82 -11.96
CA GLN E 367 20.09 -34.25 -13.26
C GLN E 367 20.12 -33.08 -14.21
N VAL E 368 20.58 -33.32 -15.43
CA VAL E 368 20.53 -32.34 -16.51
C VAL E 368 19.55 -32.84 -17.56
N TYR E 369 18.52 -32.05 -17.82
CA TYR E 369 17.56 -32.40 -18.85
C TYR E 369 18.17 -32.13 -20.21
N TYR E 370 17.84 -32.98 -21.19
CA TYR E 370 18.62 -33.01 -22.43
C TYR E 370 18.52 -31.69 -23.17
N VAL E 371 17.33 -31.06 -23.18
CA VAL E 371 17.21 -29.76 -23.83
C VAL E 371 18.12 -28.75 -23.17
N GLY E 372 18.10 -28.72 -21.83
CA GLY E 372 19.03 -27.86 -21.13
C GLY E 372 20.46 -28.18 -21.47
N LEU E 373 20.77 -29.47 -21.62
CA LEU E 373 22.11 -29.87 -22.04
C LEU E 373 22.53 -29.16 -23.31
N LEU E 374 21.62 -29.05 -24.27
CA LEU E 374 21.94 -28.55 -25.59
C LEU E 374 21.59 -27.09 -25.74
N ALA E 375 21.29 -26.42 -24.63
CA ALA E 375 20.89 -25.00 -24.62
C ALA E 375 19.80 -24.75 -25.66
N GLY E 376 18.74 -25.54 -25.58
CA GLY E 376 17.65 -25.43 -26.53
C GLY E 376 16.70 -24.29 -26.20
N CYS E 377 16.15 -23.69 -27.25
CA CYS E 377 15.18 -22.61 -27.10
C CYS E 377 13.76 -23.18 -27.19
N ASN E 378 12.80 -22.35 -26.78
CA ASN E 378 11.39 -22.73 -26.86
C ASN E 378 11.05 -23.20 -28.27
N ASP E 379 10.40 -24.37 -28.36
CA ASP E 379 10.01 -24.92 -29.65
C ASP E 379 8.57 -24.54 -29.92
N GLN E 380 8.39 -23.32 -30.46
CA GLN E 380 7.07 -22.87 -30.88
C GLN E 380 6.46 -23.83 -31.90
N GLU E 381 7.24 -24.22 -32.92
CA GLU E 381 6.69 -25.04 -33.99
C GLU E 381 6.17 -26.38 -33.47
N LEU E 382 6.93 -27.02 -32.58
CA LEU E 382 6.50 -28.30 -32.06
C LEU E 382 5.24 -28.15 -31.21
N MET E 383 5.17 -27.11 -30.39
CA MET E 383 4.01 -26.92 -29.54
C MET E 383 2.75 -26.72 -30.38
N GLU E 384 2.85 -25.91 -31.43
CA GLU E 384 1.72 -25.63 -32.30
C GLU E 384 1.35 -26.84 -33.15
N LYS E 385 2.30 -27.74 -33.37
CA LYS E 385 2.03 -28.92 -34.20
C LYS E 385 1.27 -29.99 -33.43
N THR E 386 1.62 -30.22 -32.17
CA THR E 386 1.01 -31.29 -31.40
C THR E 386 -0.04 -30.79 -30.42
N GLY E 387 -0.13 -29.49 -30.19
CA GLY E 387 -1.05 -28.95 -29.21
C GLY E 387 -0.69 -29.21 -27.78
N GLU E 388 0.30 -30.08 -27.51
CA GLU E 388 0.75 -30.31 -26.15
C GLU E 388 1.57 -29.11 -25.70
N LEU E 389 1.11 -28.48 -24.63
CA LEU E 389 1.68 -27.21 -24.22
C LEU E 389 3.13 -27.37 -23.75
N ARG E 390 3.45 -28.50 -23.12
CA ARG E 390 4.80 -28.73 -22.60
C ARG E 390 5.81 -29.12 -23.66
N ASP E 391 5.38 -29.44 -24.89
CA ASP E 391 6.37 -29.77 -25.91
C ASP E 391 7.25 -28.58 -26.25
N ILE E 392 6.91 -27.39 -25.76
CA ILE E 392 7.76 -26.24 -25.95
C ILE E 392 9.10 -26.46 -25.27
N ASN E 393 9.17 -27.44 -24.35
CA ASN E 393 10.37 -27.84 -23.62
C ASN E 393 10.76 -29.29 -23.94
N ARG E 394 10.25 -29.86 -25.02
CA ARG E 394 10.49 -31.25 -25.37
C ARG E 394 11.00 -31.34 -26.81
N ASN E 395 11.93 -30.46 -27.16
CA ASN E 395 12.56 -30.40 -28.47
C ASN E 395 12.96 -31.78 -28.99
N TYR E 396 12.74 -32.01 -30.30
CA TYR E 396 13.38 -33.14 -30.97
C TYR E 396 14.72 -32.72 -31.53
N TYR E 397 15.71 -33.59 -31.36
CA TYR E 397 17.03 -33.42 -31.92
C TYR E 397 17.36 -34.61 -32.81
N THR E 398 17.82 -34.34 -34.02
CA THR E 398 18.45 -35.39 -34.81
C THR E 398 19.90 -35.59 -34.34
N LEU E 399 20.50 -36.71 -34.73
CA LEU E 399 21.87 -36.96 -34.33
C LEU E 399 22.79 -35.82 -34.77
N ASN E 400 22.54 -35.29 -35.97
CA ASN E 400 23.30 -34.14 -36.44
C ASN E 400 23.00 -32.90 -35.59
N GLU E 401 21.72 -32.62 -35.36
CA GLU E 401 21.35 -31.42 -34.60
C GLU E 401 21.96 -31.44 -33.20
N MET E 402 22.14 -32.62 -32.62
CA MET E 402 22.83 -32.69 -31.34
C MET E 402 24.32 -32.49 -31.51
N ASP E 403 24.92 -33.16 -32.50
CA ASP E 403 26.35 -33.00 -32.74
C ASP E 403 26.72 -31.53 -32.97
N GLU E 404 25.88 -30.78 -33.66
CA GLU E 404 26.16 -29.36 -33.90
C GLU E 404 25.97 -28.55 -32.62
N ALA E 405 24.90 -28.82 -31.89
CA ALA E 405 24.63 -28.11 -30.64
C ALA E 405 25.72 -28.36 -29.62
N MET E 406 26.32 -29.55 -29.63
CA MET E 406 27.42 -29.84 -28.72
C MET E 406 28.63 -28.93 -28.92
N GLU E 407 28.80 -28.35 -30.10
CA GLU E 407 29.92 -27.46 -30.37
C GLU E 407 29.61 -26.01 -30.01
N LYS E 408 28.39 -25.69 -29.58
CA LYS E 408 28.11 -24.35 -29.09
C LYS E 408 29.03 -24.04 -27.92
N PRO E 409 29.58 -22.82 -27.84
CA PRO E 409 30.46 -22.49 -26.71
C PRO E 409 29.81 -22.70 -25.35
N VAL E 410 28.53 -22.37 -25.18
CA VAL E 410 27.89 -22.52 -23.88
C VAL E 410 27.75 -24.00 -23.52
N VAL E 411 27.51 -24.86 -24.51
CA VAL E 411 27.38 -26.27 -24.24
C VAL E 411 28.74 -26.86 -23.93
N GLN E 412 29.79 -26.36 -24.59
CA GLN E 412 31.14 -26.75 -24.23
C GLN E 412 31.45 -26.38 -22.78
N ARG E 413 31.00 -25.21 -22.34
CA ARG E 413 31.19 -24.82 -20.94
C ARG E 413 30.40 -25.75 -20.02
N LEU E 414 29.13 -26.00 -20.35
CA LEU E 414 28.34 -26.93 -19.55
C LEU E 414 28.99 -28.30 -19.51
N LEU E 415 29.59 -28.73 -20.62
CA LEU E 415 30.21 -30.05 -20.68
C LEU E 415 31.47 -30.11 -19.82
N THR E 416 32.17 -28.99 -19.67
CA THR E 416 33.33 -28.96 -18.78
C THR E 416 32.91 -29.16 -17.33
N LEU E 417 31.86 -28.43 -16.90
CA LEU E 417 31.32 -28.62 -15.55
C LEU E 417 30.88 -30.06 -15.32
N MET E 418 30.16 -30.62 -16.30
CA MET E 418 29.64 -31.97 -16.13
C MET E 418 30.78 -32.96 -15.94
N LYS E 419 31.86 -32.81 -16.71
CA LYS E 419 33.03 -33.65 -16.48
C LYS E 419 33.63 -33.41 -15.10
N PHE E 420 33.67 -32.16 -14.66
CA PHE E 420 34.24 -31.83 -13.35
C PHE E 420 33.38 -32.38 -12.21
N ARG E 421 32.06 -32.16 -12.28
CA ARG E 421 31.17 -32.62 -11.22
C ARG E 421 31.08 -34.15 -11.14
N THR E 422 31.17 -34.83 -12.27
CA THR E 422 31.08 -36.28 -12.28
C THR E 422 32.37 -36.93 -11.81
N ASN E 423 33.51 -36.28 -12.02
CA ASN E 423 34.81 -36.90 -11.79
C ASN E 423 35.57 -36.38 -10.57
N TYR E 424 35.48 -35.09 -10.26
CA TYR E 424 36.30 -34.55 -9.18
C TYR E 424 35.83 -35.12 -7.84
N PRO E 425 36.75 -35.64 -7.02
CA PRO E 425 36.35 -36.41 -5.84
C PRO E 425 35.80 -35.57 -4.69
N ALA E 426 35.97 -34.24 -4.69
CA ALA E 426 35.54 -33.44 -3.55
C ALA E 426 34.04 -33.54 -3.31
N PHE E 427 33.24 -33.80 -4.34
CA PHE E 427 31.79 -33.86 -4.14
C PHE E 427 31.38 -35.06 -3.31
N ASP E 428 32.25 -36.04 -3.14
CA ASP E 428 31.98 -37.18 -2.28
C ASP E 428 32.22 -36.87 -0.81
N GLY E 429 32.63 -35.65 -0.48
CA GLY E 429 32.85 -35.29 0.90
C GLY E 429 31.66 -34.60 1.51
N HIS E 430 31.90 -33.45 2.14
CA HIS E 430 30.86 -32.69 2.80
C HIS E 430 30.77 -31.30 2.20
N PHE E 431 29.56 -30.75 2.22
CA PHE E 431 29.25 -29.44 1.67
C PHE E 431 29.55 -28.37 2.70
N GLU E 432 30.24 -27.31 2.29
CA GLU E 432 30.51 -26.21 3.22
C GLU E 432 30.23 -24.89 2.51
N LEU E 433 29.07 -24.32 2.82
CA LEU E 433 28.67 -23.01 2.33
C LEU E 433 29.51 -21.90 2.95
N ASN E 434 29.89 -20.91 2.13
CA ASN E 434 30.72 -19.81 2.60
C ASN E 434 29.91 -18.53 2.71
N TYR E 435 30.45 -17.60 3.49
CA TYR E 435 29.86 -16.27 3.62
C TYR E 435 30.00 -15.49 2.31
N SER E 436 29.02 -14.64 2.04
CA SER E 436 29.06 -13.79 0.85
C SER E 436 28.09 -12.62 1.02
N ASN E 437 28.22 -11.63 0.15
CA ASN E 437 27.31 -10.47 0.18
C ASN E 437 25.94 -10.87 -0.39
N ASP E 438 25.02 -9.92 -0.41
CA ASP E 438 23.65 -10.23 -0.83
C ASP E 438 23.50 -10.33 -2.36
N SER E 439 24.60 -10.32 -3.11
CA SER E 439 24.55 -10.47 -4.56
C SER E 439 25.54 -11.52 -5.07
N SER E 440 25.99 -12.44 -4.23
CA SER E 440 26.92 -13.46 -4.71
C SER E 440 26.78 -14.75 -3.88
N VAL E 441 27.23 -15.85 -4.47
CA VAL E 441 27.10 -17.15 -3.83
C VAL E 441 28.48 -17.78 -3.74
N ALA E 442 28.80 -18.37 -2.60
CA ALA E 442 30.07 -19.04 -2.41
C ALA E 442 29.80 -20.45 -1.91
N MET E 443 30.13 -21.44 -2.73
CA MET E 443 29.86 -22.83 -2.42
C MET E 443 31.16 -23.59 -2.55
N ALA E 444 31.38 -24.55 -1.64
CA ALA E 444 32.63 -25.30 -1.63
C ALA E 444 32.35 -26.73 -1.18
N TRP E 445 33.20 -27.63 -1.64
CA TRP E 445 33.14 -29.02 -1.26
C TRP E 445 34.53 -29.48 -0.81
N ARG E 446 34.56 -30.32 0.22
CA ARG E 446 35.81 -30.79 0.76
C ARG E 446 35.69 -32.28 1.02
N HIS E 447 36.65 -33.04 0.50
CA HIS E 447 36.77 -34.48 0.77
C HIS E 447 38.26 -34.78 0.91
N GLY E 448 38.77 -34.70 2.13
CA GLY E 448 40.19 -34.91 2.33
C GLY E 448 40.98 -33.81 1.64
N GLU E 449 42.04 -34.19 0.95
CA GLU E 449 42.85 -33.20 0.25
C GLU E 449 42.08 -32.54 -0.90
N HIS E 450 40.98 -33.13 -1.35
CA HIS E 450 40.26 -32.56 -2.47
C HIS E 450 39.42 -31.38 -2.00
N TYR E 451 39.46 -30.30 -2.78
CA TYR E 451 38.77 -29.08 -2.44
C TYR E 451 38.47 -28.33 -3.72
N CYS E 452 37.23 -27.86 -3.84
CA CYS E 452 36.81 -27.03 -4.96
C CYS E 452 35.88 -25.94 -4.45
N HIS E 453 35.94 -24.77 -5.10
CA HIS E 453 35.29 -23.57 -4.61
C HIS E 453 34.62 -22.82 -5.75
N LEU E 454 33.31 -22.65 -5.64
CA LEU E 454 32.56 -21.88 -6.59
C LEU E 454 32.35 -20.47 -6.07
N PHE E 455 32.51 -19.50 -6.96
CA PHE E 455 32.09 -18.14 -6.69
C PHE E 455 31.29 -17.66 -7.89
N VAL E 456 30.05 -17.27 -7.65
CA VAL E 456 29.15 -16.77 -8.67
C VAL E 456 28.71 -15.39 -8.23
N ASP E 457 29.03 -14.38 -9.04
CA ASP E 457 28.56 -13.01 -8.80
C ASP E 457 27.31 -12.78 -9.63
N LEU E 458 26.17 -12.71 -8.94
CA LEU E 458 24.88 -12.58 -9.62
C LEU E 458 24.72 -11.22 -10.30
N ASN E 459 25.56 -10.24 -9.95
CA ASN E 459 25.54 -8.96 -10.64
C ASN E 459 26.02 -9.08 -12.07
N PHE E 460 27.03 -9.92 -12.31
CA PHE E 460 27.68 -10.01 -13.61
C PHE E 460 27.59 -11.40 -14.20
N ASN E 461 26.91 -12.32 -13.51
CA ASN E 461 26.69 -13.67 -14.01
C ASN E 461 28.02 -14.40 -14.24
N THR E 462 28.99 -14.14 -13.36
CA THR E 462 30.31 -14.76 -13.47
C THR E 462 30.44 -16.06 -12.68
N SER E 463 31.19 -17.01 -13.23
CA SER E 463 31.41 -18.32 -12.62
C SER E 463 32.89 -18.55 -12.49
N LYS E 464 33.37 -18.80 -11.29
CA LYS E 464 34.77 -19.15 -11.07
C LYS E 464 34.85 -20.36 -10.16
N ILE E 465 35.59 -21.38 -10.59
CA ILE E 465 35.85 -22.58 -9.78
C ILE E 465 37.34 -22.77 -9.62
N GLN E 466 37.78 -22.86 -8.37
CA GLN E 466 39.15 -23.23 -8.03
C GLN E 466 39.14 -24.62 -7.43
N TYR E 467 40.00 -25.50 -7.94
CA TYR E 467 40.09 -26.85 -7.40
C TYR E 467 41.57 -27.18 -7.16
N VAL E 468 41.80 -28.15 -6.27
CA VAL E 468 43.15 -28.57 -5.91
C VAL E 468 43.49 -29.86 -6.65
N ASP E 469 44.55 -29.81 -7.47
CA ASP E 469 45.06 -31.01 -8.12
C ASP E 469 45.91 -31.77 -7.10
N VAL E 470 45.43 -32.95 -6.72
CA VAL E 470 46.03 -33.66 -5.60
C VAL E 470 47.41 -34.22 -5.93
N LYS E 471 47.67 -34.57 -7.18
CA LYS E 471 48.98 -35.16 -7.48
C LYS E 471 50.12 -34.14 -7.45
N SER E 472 49.81 -32.84 -7.31
CA SER E 472 50.84 -31.82 -7.24
C SER E 472 50.65 -30.85 -6.09
N GLY E 473 49.48 -30.83 -5.45
CA GLY E 473 49.23 -29.97 -4.32
C GLY E 473 48.86 -28.54 -4.64
N GLU E 474 48.87 -28.15 -5.91
CA GLU E 474 48.60 -26.77 -6.28
C GLU E 474 47.11 -26.55 -6.61
N THR E 475 46.71 -25.27 -6.56
CA THR E 475 45.33 -24.86 -6.82
C THR E 475 45.21 -24.30 -8.24
N ARG E 476 44.35 -24.91 -9.04
CA ARG E 476 44.13 -24.52 -10.43
C ARG E 476 42.73 -23.95 -10.61
N ASP E 477 42.57 -23.21 -11.72
CA ASP E 477 41.28 -22.68 -12.13
C ASP E 477 40.67 -23.62 -13.17
N LEU E 478 39.45 -24.09 -12.91
CA LEU E 478 38.71 -24.79 -13.96
C LEU E 478 38.33 -23.81 -15.06
N GLU E 479 38.58 -24.19 -16.31
CA GLU E 479 38.40 -23.30 -17.45
C GLU E 479 37.02 -23.50 -18.06
N PHE E 480 36.07 -22.63 -17.71
CA PHE E 480 34.73 -22.76 -18.25
C PHE E 480 33.99 -21.41 -18.27
N LEU F 2 -50.67 12.22 12.74
CA LEU F 2 -49.56 12.96 12.15
C LEU F 2 -48.90 13.78 13.27
N LEU F 3 -47.58 13.71 13.35
CA LEU F 3 -46.84 14.40 14.39
C LEU F 3 -46.57 15.85 13.98
N LYS F 4 -46.25 16.67 14.98
CA LYS F 4 -45.82 18.04 14.72
C LYS F 4 -44.39 18.05 14.21
N ASN F 5 -44.19 18.72 13.08
CA ASN F 5 -42.87 18.88 12.47
C ASN F 5 -42.04 19.88 13.27
N ALA F 6 -41.65 19.50 14.48
CA ALA F 6 -40.98 20.40 15.40
C ALA F 6 -39.84 19.68 16.10
N VAL F 7 -38.91 20.48 16.64
CA VAL F 7 -37.81 19.91 17.42
C VAL F 7 -38.37 19.17 18.61
N GLN F 8 -37.78 18.01 18.91
CA GLN F 8 -38.13 17.25 20.10
C GLN F 8 -36.95 17.25 21.05
N LEU F 9 -37.25 17.17 22.34
CA LEU F 9 -36.24 17.08 23.39
C LEU F 9 -36.13 15.64 23.86
N ILE F 10 -34.91 15.10 23.88
CA ILE F 10 -34.63 13.83 24.53
C ILE F 10 -34.09 14.14 25.92
N CYS F 11 -34.72 13.58 26.95
CA CYS F 11 -34.35 13.89 28.32
C CYS F 11 -34.80 12.78 29.27
N TYR F 12 -34.01 12.58 30.32
CA TYR F 12 -34.40 11.70 31.41
C TYR F 12 -35.44 12.38 32.29
N PRO F 13 -36.15 11.60 33.11
CA PRO F 13 -37.10 12.23 34.05
C PRO F 13 -36.42 12.98 35.18
N ASP F 14 -35.34 12.45 35.75
CA ASP F 14 -34.79 12.98 36.99
C ASP F 14 -33.42 13.63 36.80
N ARG F 15 -33.01 13.92 35.57
CA ARG F 15 -31.67 14.46 35.33
C ARG F 15 -31.66 15.90 34.86
N ILE F 16 -32.84 16.52 34.71
CA ILE F 16 -32.98 17.97 34.71
C ILE F 16 -33.86 18.29 35.92
N GLY F 17 -33.29 18.97 36.91
CA GLY F 17 -33.94 19.05 38.20
C GLY F 17 -33.88 17.70 38.91
N ASN F 18 -34.98 17.33 39.59
CA ASN F 18 -34.99 16.12 40.40
C ASN F 18 -36.10 15.14 40.06
N ASN F 19 -37.05 15.51 39.20
CA ASN F 19 -38.21 14.68 38.92
C ASN F 19 -38.94 15.28 37.72
N LEU F 20 -40.08 14.67 37.36
CA LEU F 20 -40.81 15.08 36.16
C LEU F 20 -41.38 16.50 36.29
N THR F 21 -41.67 16.94 37.52
CA THR F 21 -42.23 18.28 37.67
C THR F 21 -41.18 19.35 37.37
N ASP F 22 -39.94 19.14 37.81
CA ASP F 22 -38.87 20.08 37.49
C ASP F 22 -38.58 20.10 35.99
N LEU F 23 -38.70 18.95 35.32
CA LEU F 23 -38.54 18.92 33.86
C LEU F 23 -39.56 19.82 33.17
N HIS F 24 -40.84 19.68 33.53
CA HIS F 24 -41.88 20.52 32.93
C HIS F 24 -41.65 22.00 33.22
N THR F 25 -41.24 22.34 34.44
CA THR F 25 -40.98 23.74 34.77
C THR F 25 -39.88 24.32 33.89
N ALA F 26 -38.83 23.53 33.62
CA ALA F 26 -37.74 24.01 32.79
C ALA F 26 -38.19 24.20 31.35
N VAL F 27 -39.07 23.32 30.85
CA VAL F 27 -39.52 23.40 29.47
C VAL F 27 -40.29 24.69 29.23
N GLU F 28 -41.24 25.01 30.12
CA GLU F 28 -42.07 26.20 29.91
C GLU F 28 -41.24 27.48 30.03
N LYS F 29 -40.22 27.48 30.89
CA LYS F 29 -39.41 28.68 31.06
C LYS F 29 -38.53 28.95 29.86
N HIS F 30 -38.05 27.90 29.19
CA HIS F 30 -37.05 28.06 28.14
C HIS F 30 -37.51 27.55 26.78
N LEU F 31 -38.29 26.47 26.73
CA LEU F 31 -38.56 25.78 25.48
C LEU F 31 -40.00 25.94 25.03
N SER F 32 -40.75 26.85 25.66
CA SER F 32 -42.20 26.92 25.46
C SER F 32 -42.56 27.13 23.99
N ASP F 33 -41.68 27.77 23.22
CA ASP F 33 -41.89 27.96 21.79
C ASP F 33 -40.66 27.51 21.00
N ALA F 34 -39.92 26.53 21.52
CA ALA F 34 -38.80 25.97 20.80
C ALA F 34 -38.93 24.48 20.51
N ILE F 35 -39.85 23.76 21.15
CA ILE F 35 -40.05 22.34 20.88
C ILE F 35 -41.53 22.06 20.72
N GLY F 36 -41.82 20.99 19.98
CA GLY F 36 -43.19 20.56 19.78
C GLY F 36 -43.44 19.19 20.37
N GLY F 37 -42.38 18.56 20.89
CA GLY F 37 -42.53 17.25 21.49
C GLY F 37 -41.35 16.92 22.37
N LEU F 38 -41.51 15.88 23.16
CA LEU F 38 -40.47 15.38 24.06
C LEU F 38 -40.34 13.89 23.89
N HIS F 39 -39.11 13.40 23.96
CA HIS F 39 -38.86 12.00 24.22
C HIS F 39 -38.37 11.87 25.66
N ILE F 40 -39.26 11.44 26.54
CA ILE F 40 -38.92 11.21 27.94
C ILE F 40 -38.38 9.78 28.07
N LEU F 41 -37.11 9.66 28.43
CA LEU F 41 -36.47 8.38 28.57
C LEU F 41 -37.16 7.54 29.65
N PRO F 42 -36.98 6.19 29.63
CA PRO F 42 -37.83 5.31 30.45
C PRO F 42 -38.02 5.75 31.89
N PHE F 43 -39.29 5.96 32.25
CA PHE F 43 -39.67 6.44 33.57
C PHE F 43 -40.51 5.41 34.31
N PHE F 44 -40.44 4.17 33.90
CA PHE F 44 -41.20 3.10 34.53
C PHE F 44 -40.42 2.57 35.72
N PRO F 45 -41.05 1.76 36.58
CA PRO F 45 -40.27 1.03 37.59
C PRO F 45 -39.24 0.14 36.91
N SER F 46 -37.98 0.35 37.24
CA SER F 46 -36.89 -0.36 36.59
C SER F 46 -35.86 -0.72 37.63
N ASN F 47 -35.14 -1.82 37.38
CA ASN F 47 -34.09 -2.27 38.30
C ASN F 47 -32.74 -2.42 37.63
N ALA F 48 -32.55 -1.86 36.43
CA ALA F 48 -31.27 -1.96 35.75
C ALA F 48 -31.29 -1.07 34.51
N ASP F 49 -30.12 -0.59 34.14
CA ASP F 49 -29.86 0.01 32.83
C ASP F 49 -30.74 1.22 32.55
N GLY F 50 -30.62 2.23 33.44
CA GLY F 50 -31.20 3.54 33.24
C GLY F 50 -32.66 3.61 32.87
N GLY F 51 -33.47 2.67 33.38
CA GLY F 51 -34.88 2.63 33.11
C GLY F 51 -35.30 1.59 32.08
N PHE F 52 -34.35 0.96 31.40
CA PHE F 52 -34.66 0.03 30.32
C PHE F 52 -34.87 -1.40 30.80
N SER F 53 -35.20 -1.59 32.08
CA SER F 53 -35.61 -2.88 32.60
C SER F 53 -36.94 -2.74 33.31
N PRO F 54 -38.00 -2.37 32.60
CA PRO F 54 -39.25 -2.04 33.27
C PRO F 54 -39.99 -3.28 33.78
N LEU F 55 -40.46 -3.19 35.03
CA LEU F 55 -41.32 -4.22 35.60
C LEU F 55 -42.71 -4.17 34.97
N THR F 56 -43.11 -2.99 34.52
CA THR F 56 -44.34 -2.77 33.78
C THR F 56 -44.23 -1.41 33.10
N HIS F 57 -44.93 -1.28 31.99
CA HIS F 57 -45.07 0.02 31.33
C HIS F 57 -46.31 0.77 31.78
N LYS F 58 -47.00 0.30 32.82
CA LYS F 58 -48.27 0.87 33.26
C LYS F 58 -48.15 1.71 34.53
N GLU F 59 -46.97 1.78 35.14
CA GLU F 59 -46.75 2.54 36.35
C GLU F 59 -45.63 3.54 36.12
N VAL F 60 -45.64 4.62 36.90
CA VAL F 60 -44.55 5.59 36.92
C VAL F 60 -43.81 5.45 38.25
N ASP F 61 -42.49 5.35 38.19
CA ASP F 61 -41.67 5.26 39.39
C ASP F 61 -41.94 6.47 40.27
N PRO F 62 -42.51 6.28 41.48
CA PRO F 62 -42.86 7.44 42.32
C PRO F 62 -41.71 8.39 42.58
N ALA F 63 -40.48 7.89 42.47
CA ALA F 63 -39.30 8.74 42.55
C ALA F 63 -39.30 9.81 41.46
N PHE F 64 -40.02 9.57 40.37
CA PHE F 64 -40.08 10.49 39.23
C PHE F 64 -41.35 11.32 39.22
N GLY F 65 -42.46 10.77 39.73
CA GLY F 65 -43.75 11.44 39.69
C GLY F 65 -44.90 10.48 39.46
N THR F 66 -45.99 10.98 38.88
CA THR F 66 -47.18 10.20 38.59
C THR F 66 -47.57 10.38 37.14
N TRP F 67 -48.56 9.58 36.68
CA TRP F 67 -49.05 9.71 35.32
C TRP F 67 -49.60 11.10 35.04
N ASP F 68 -50.13 11.76 36.06
CA ASP F 68 -50.60 13.13 35.86
C ASP F 68 -49.47 14.05 35.44
N ASP F 69 -48.25 13.80 35.96
CA ASP F 69 -47.11 14.63 35.57
C ASP F 69 -46.73 14.44 34.12
N ILE F 70 -47.00 13.27 33.54
CA ILE F 70 -46.76 13.07 32.11
C ILE F 70 -47.80 13.81 31.29
N GLU F 71 -49.08 13.64 31.63
CA GLU F 71 -50.16 14.25 30.87
C GLU F 71 -50.12 15.79 30.91
N ALA F 72 -49.35 16.38 31.82
CA ALA F 72 -49.15 17.83 31.78
C ALA F 72 -48.42 18.24 30.51
N PHE F 73 -47.64 17.33 29.92
CA PHE F 73 -46.93 17.62 28.68
C PHE F 73 -47.84 17.44 27.47
N THR F 74 -48.77 16.48 27.54
CA THR F 74 -49.54 16.07 26.37
C THR F 74 -50.46 17.17 25.83
N GLY F 75 -50.83 18.14 26.66
CA GLY F 75 -51.74 19.17 26.19
C GLY F 75 -51.12 20.10 25.17
N LYS F 76 -49.80 20.28 25.20
CA LYS F 76 -49.11 21.19 24.30
C LYS F 76 -48.04 20.53 23.42
N TYR F 77 -47.56 19.35 23.77
CA TYR F 77 -46.42 18.75 23.08
C TYR F 77 -46.72 17.31 22.68
N ASP F 78 -46.07 16.87 21.59
CA ASP F 78 -46.02 15.46 21.28
C ASP F 78 -45.26 14.69 22.35
N LEU F 79 -45.57 13.41 22.49
CA LEU F 79 -44.98 12.59 23.56
C LEU F 79 -44.44 11.30 22.98
N CYS F 80 -43.12 11.14 23.03
CA CYS F 80 -42.42 9.94 22.60
C CYS F 80 -41.92 9.17 23.82
N VAL F 81 -42.27 7.89 23.92
CA VAL F 81 -41.94 7.06 25.06
C VAL F 81 -41.48 5.69 24.59
N ASP F 82 -40.62 5.06 25.38
CA ASP F 82 -40.06 3.76 25.05
C ASP F 82 -41.00 2.60 25.32
N LEU F 83 -40.98 1.63 24.41
CA LEU F 83 -41.64 0.34 24.56
C LEU F 83 -40.56 -0.72 24.39
N THR F 84 -40.10 -1.30 25.50
CA THR F 84 -38.99 -2.26 25.45
C THR F 84 -39.51 -3.59 24.91
N VAL F 85 -39.68 -3.63 23.58
CA VAL F 85 -40.27 -4.82 22.94
C VAL F 85 -39.37 -6.04 23.09
N ASN F 86 -38.10 -5.86 23.42
CA ASN F 86 -37.23 -7.02 23.53
C ASN F 86 -37.39 -7.71 24.87
N HIS F 87 -37.56 -6.95 25.94
CA HIS F 87 -37.33 -7.48 27.28
C HIS F 87 -38.19 -6.75 28.30
N ILE F 88 -38.44 -7.45 29.41
CA ILE F 88 -39.04 -6.87 30.60
C ILE F 88 -38.23 -7.35 31.80
N SER F 89 -38.44 -6.68 32.93
CA SER F 89 -37.62 -6.91 34.11
C SER F 89 -37.82 -8.31 34.66
N ASP F 90 -36.81 -8.79 35.40
CA ASP F 90 -36.97 -10.05 36.14
C ASP F 90 -37.78 -9.89 37.41
N GLU F 91 -37.96 -8.65 37.88
CA GLU F 91 -38.82 -8.38 39.02
C GLU F 91 -40.25 -8.07 38.61
N SER F 92 -40.54 -8.12 37.31
CA SER F 92 -41.89 -7.85 36.82
C SER F 92 -42.85 -8.92 37.33
N PRO F 93 -44.15 -8.58 37.44
CA PRO F 93 -45.13 -9.61 37.83
C PRO F 93 -45.10 -10.83 36.93
N GLU F 94 -44.94 -10.63 35.61
CA GLU F 94 -44.99 -11.76 34.68
C GLU F 94 -43.84 -12.72 34.91
N PHE F 95 -42.64 -12.20 35.13
CA PHE F 95 -41.50 -13.10 35.33
C PHE F 95 -41.44 -13.65 36.75
N ARG F 96 -41.86 -12.86 37.75
CA ARG F 96 -41.91 -13.40 39.11
C ARG F 96 -42.87 -14.57 39.20
N ASP F 97 -43.98 -14.52 38.46
CA ASP F 97 -44.91 -15.64 38.43
C ASP F 97 -44.25 -16.88 37.83
N PHE F 98 -43.29 -16.68 36.91
CA PHE F 98 -42.56 -17.81 36.34
C PHE F 98 -41.68 -18.50 37.39
N ILE F 99 -41.07 -17.71 38.29
CA ILE F 99 -40.21 -18.28 39.30
C ILE F 99 -41.02 -19.11 40.30
N ALA F 100 -42.19 -18.63 40.68
CA ALA F 100 -43.00 -19.33 41.68
C ALA F 100 -43.53 -20.66 41.15
N ASN F 101 -44.20 -20.63 40.00
CA ASN F 101 -44.96 -21.77 39.50
C ASN F 101 -44.19 -22.69 38.55
N GLY F 102 -43.06 -22.23 38.00
CA GLY F 102 -42.33 -23.03 37.03
C GLY F 102 -42.97 -22.96 35.65
N PHE F 103 -42.80 -24.04 34.88
CA PHE F 103 -43.38 -24.06 33.54
C PHE F 103 -44.90 -24.14 33.54
N ASP F 104 -45.52 -24.41 34.70
CA ASP F 104 -46.97 -24.36 34.83
C ASP F 104 -47.52 -22.94 34.88
N SER F 105 -46.66 -21.93 35.00
CA SER F 105 -47.11 -20.55 35.05
C SER F 105 -47.84 -20.16 33.76
N GLU F 106 -48.88 -19.34 33.91
CA GLU F 106 -49.59 -18.86 32.74
C GLU F 106 -48.75 -17.91 31.90
N TYR F 107 -47.61 -17.45 32.41
CA TYR F 107 -46.69 -16.59 31.69
C TYR F 107 -45.44 -17.33 31.21
N ALA F 108 -45.47 -18.66 31.17
CA ALA F 108 -44.26 -19.40 30.82
C ALA F 108 -43.85 -19.16 29.38
N ASP F 109 -44.80 -19.17 28.46
CA ASP F 109 -44.52 -19.01 27.03
C ASP F 109 -44.23 -17.56 26.66
N LEU F 110 -44.11 -16.67 27.66
CA LEU F 110 -43.76 -15.27 27.43
C LEU F 110 -42.26 -15.04 27.28
N PHE F 111 -41.44 -16.01 27.64
CA PHE F 111 -40.00 -15.82 27.68
C PHE F 111 -39.31 -16.87 26.81
N VAL F 112 -38.06 -16.59 26.46
CA VAL F 112 -37.30 -17.46 25.56
C VAL F 112 -36.51 -18.44 26.39
N HIS F 113 -36.80 -19.72 26.22
CA HIS F 113 -36.15 -20.78 26.99
C HIS F 113 -35.10 -21.44 26.11
N VAL F 114 -33.85 -21.42 26.58
CA VAL F 114 -32.72 -21.87 25.76
C VAL F 114 -32.87 -23.34 25.39
N ASP F 115 -33.54 -24.11 26.24
CA ASP F 115 -33.66 -25.55 26.06
C ASP F 115 -34.57 -25.95 24.91
N ARG F 116 -35.40 -25.04 24.37
CA ARG F 116 -36.18 -25.37 23.17
C ARG F 116 -35.27 -25.81 22.03
N PHE F 117 -34.10 -25.17 21.91
CA PHE F 117 -33.25 -25.34 20.75
C PHE F 117 -32.39 -26.60 20.81
N GLY F 118 -32.28 -27.25 21.97
CA GLY F 118 -31.35 -28.35 22.08
C GLY F 118 -29.91 -27.88 22.04
N ASP F 119 -29.03 -28.76 21.57
CA ASP F 119 -27.62 -28.42 21.44
C ASP F 119 -27.45 -27.32 20.40
N ILE F 120 -26.67 -26.31 20.74
CA ILE F 120 -26.33 -25.24 19.81
C ILE F 120 -24.85 -25.36 19.48
N SER F 121 -24.56 -25.63 18.21
CA SER F 121 -23.18 -25.86 17.82
C SER F 121 -22.37 -24.58 17.99
N PRO F 122 -21.05 -24.71 18.15
CA PRO F 122 -20.20 -23.51 18.19
C PRO F 122 -20.34 -22.64 16.95
N ASP F 123 -20.59 -23.22 15.78
CA ASP F 123 -20.75 -22.42 14.57
C ASP F 123 -21.96 -21.51 14.69
N ASP F 124 -23.09 -22.04 15.16
CA ASP F 124 -24.28 -21.21 15.30
C ASP F 124 -24.12 -20.18 16.41
N MET F 125 -23.26 -20.44 17.41
CA MET F 125 -22.98 -19.44 18.44
C MET F 125 -22.25 -18.24 17.85
N ALA F 126 -21.26 -18.48 16.99
CA ALA F 126 -20.45 -17.40 16.46
C ALA F 126 -21.26 -16.43 15.61
N LYS F 127 -22.42 -16.84 15.09
CA LYS F 127 -23.26 -15.92 14.32
C LYS F 127 -23.84 -14.80 15.18
N ILE F 128 -24.10 -15.06 16.47
CA ILE F 128 -24.85 -14.16 17.34
C ILE F 128 -23.91 -13.14 17.95
N HIS F 129 -24.21 -11.84 17.79
CA HIS F 129 -23.34 -10.89 18.48
C HIS F 129 -23.84 -10.69 19.92
N ILE F 130 -22.95 -10.18 20.77
CA ILE F 130 -23.21 -10.07 22.20
C ILE F 130 -23.04 -8.64 22.68
N ARG F 131 -23.93 -8.19 23.57
CA ARG F 131 -23.87 -6.82 24.06
C ARG F 131 -23.27 -6.69 25.46
N LYS F 132 -23.01 -7.80 26.15
CA LYS F 132 -22.14 -7.84 27.34
C LYS F 132 -21.04 -8.87 27.05
N GLU F 133 -20.21 -9.17 28.07
CA GLU F 133 -19.08 -10.08 27.93
C GLU F 133 -19.46 -11.52 28.30
N LYS F 134 -20.74 -11.83 28.23
CA LYS F 134 -21.33 -13.10 28.58
C LYS F 134 -22.26 -13.66 27.51
N GLU F 135 -22.32 -15.01 27.41
CA GLU F 135 -23.28 -15.65 26.52
C GLU F 135 -24.69 -15.16 26.86
N PRO F 136 -25.57 -14.98 25.87
CA PRO F 136 -26.87 -14.37 26.16
C PRO F 136 -27.86 -15.29 26.84
N PHE F 137 -27.42 -16.05 27.83
CA PHE F 137 -28.26 -17.04 28.50
C PHE F 137 -28.06 -16.92 30.00
N ARG F 138 -29.15 -16.67 30.74
CA ARG F 138 -29.10 -16.60 32.19
C ARG F 138 -29.70 -17.85 32.82
N GLU F 139 -28.99 -18.41 33.80
CA GLU F 139 -29.49 -19.54 34.58
C GLU F 139 -30.17 -19.01 35.83
N VAL F 140 -31.49 -19.24 35.94
CA VAL F 140 -32.27 -18.82 37.10
C VAL F 140 -32.64 -20.05 37.92
N THR F 141 -32.80 -19.86 39.22
CA THR F 141 -33.21 -20.92 40.13
C THR F 141 -34.70 -20.76 40.42
N LEU F 142 -35.47 -21.80 40.12
CA LEU F 142 -36.90 -21.76 40.37
C LEU F 142 -37.18 -21.92 41.86
N ALA F 143 -38.44 -21.63 42.25
CA ALA F 143 -38.81 -21.76 43.64
C ALA F 143 -38.68 -23.21 44.12
N ASP F 144 -39.00 -24.17 43.25
CA ASP F 144 -38.93 -25.58 43.60
C ASP F 144 -37.52 -26.15 43.53
N GLY F 145 -36.51 -25.32 43.22
CA GLY F 145 -35.12 -25.75 43.19
C GLY F 145 -34.58 -26.08 41.81
N THR F 146 -35.44 -26.14 40.79
CA THR F 146 -35.01 -26.50 39.45
C THR F 146 -34.22 -25.35 38.82
N LYS F 147 -33.15 -25.70 38.10
CA LYS F 147 -32.32 -24.73 37.37
C LYS F 147 -32.65 -24.82 35.88
N THR F 148 -33.01 -23.67 35.29
CA THR F 148 -33.27 -23.55 33.85
C THR F 148 -32.67 -22.25 33.36
N ARG F 149 -32.50 -22.13 32.04
CA ARG F 149 -31.86 -20.95 31.48
C ARG F 149 -32.81 -20.27 30.52
N VAL F 150 -32.80 -18.94 30.53
CA VAL F 150 -33.62 -18.13 29.65
C VAL F 150 -32.72 -17.19 28.85
N TRP F 151 -33.22 -16.72 27.71
CA TRP F 151 -32.42 -15.85 26.86
C TRP F 151 -32.28 -14.47 27.51
N CYS F 152 -31.06 -13.93 27.48
CA CYS F 152 -30.80 -12.67 28.18
C CYS F 152 -29.74 -11.90 27.40
N THR F 153 -30.19 -11.01 26.52
CA THR F 153 -29.28 -10.23 25.69
C THR F 153 -28.45 -9.26 26.52
N PHE F 154 -29.11 -8.41 27.29
CA PHE F 154 -28.49 -7.33 28.05
C PHE F 154 -28.19 -7.85 29.47
N THR F 155 -28.01 -6.93 30.43
CA THR F 155 -27.80 -7.30 31.83
C THR F 155 -28.82 -8.33 32.30
N GLU F 156 -28.43 -9.13 33.30
CA GLU F 156 -29.22 -10.29 33.70
C GLU F 156 -30.56 -9.96 34.31
N GLN F 157 -30.83 -8.72 34.67
CA GLN F 157 -32.15 -8.36 35.17
C GLN F 157 -33.12 -8.03 34.06
N GLN F 158 -32.71 -8.21 32.81
CA GLN F 158 -33.52 -7.91 31.63
C GLN F 158 -33.75 -9.23 30.87
N ILE F 159 -34.95 -9.79 30.99
CA ILE F 159 -35.29 -11.08 30.40
C ILE F 159 -35.98 -10.84 29.06
N ASP F 160 -35.48 -11.49 28.01
CA ASP F 160 -36.01 -11.28 26.67
C ASP F 160 -37.36 -11.97 26.51
N LEU F 161 -38.20 -11.37 25.67
CA LEU F 161 -39.54 -11.87 25.38
C LEU F 161 -39.52 -12.80 24.17
N ASN F 162 -40.53 -13.68 24.11
CA ASN F 162 -40.60 -14.77 23.13
C ASN F 162 -41.60 -14.39 22.05
N TYR F 163 -41.11 -13.95 20.89
CA TYR F 163 -42.01 -13.61 19.80
C TYR F 163 -42.29 -14.79 18.88
N ASP F 164 -41.91 -15.99 19.27
CA ASP F 164 -42.43 -17.21 18.64
C ASP F 164 -43.70 -17.70 19.32
N GLY F 165 -44.02 -17.20 20.51
CA GLY F 165 -45.28 -17.46 21.15
C GLY F 165 -46.24 -16.30 21.04
N ASP F 166 -47.37 -16.42 21.73
CA ASP F 166 -48.44 -15.42 21.64
C ASP F 166 -48.46 -14.44 22.79
N LEU F 167 -48.03 -14.84 23.99
CA LEU F 167 -48.15 -13.97 25.16
C LEU F 167 -47.43 -12.63 24.96
N ALA F 168 -46.29 -12.64 24.25
CA ALA F 168 -45.51 -11.42 24.09
C ALA F 168 -46.25 -10.35 23.30
N TYR F 169 -46.95 -10.77 22.24
CA TYR F 169 -47.75 -9.81 21.48
C TYR F 169 -48.89 -9.28 22.34
N ARG F 170 -49.50 -10.16 23.13
CA ARG F 170 -50.56 -9.73 24.05
C ARG F 170 -50.03 -8.66 25.00
N LEU F 171 -48.89 -8.93 25.62
CA LEU F 171 -48.35 -8.01 26.62
C LEU F 171 -48.05 -6.65 26.01
N MET F 172 -47.40 -6.63 24.83
CA MET F 172 -47.07 -5.38 24.17
C MET F 172 -48.33 -4.61 23.78
N GLU F 173 -49.33 -5.30 23.22
CA GLU F 173 -50.56 -4.63 22.82
C GLU F 173 -51.27 -4.01 24.03
N SER F 174 -51.20 -4.69 25.19
CA SER F 174 -51.74 -4.12 26.42
C SER F 174 -50.97 -2.87 26.81
N TYR F 175 -49.64 -2.96 26.79
CA TYR F 175 -48.80 -1.80 27.04
C TYR F 175 -49.16 -0.65 26.10
N ILE F 176 -49.29 -0.95 24.80
CA ILE F 176 -49.54 0.10 23.81
C ILE F 176 -50.86 0.81 24.10
N GLY F 177 -51.91 0.04 24.35
CA GLY F 177 -53.19 0.64 24.68
C GLY F 177 -53.11 1.56 25.86
N PHE F 178 -52.35 1.16 26.89
CA PHE F 178 -52.25 1.95 28.11
C PHE F 178 -51.49 3.26 27.86
N LEU F 179 -50.37 3.19 27.12
CA LEU F 179 -49.53 4.36 26.91
C LEU F 179 -50.21 5.41 26.05
N THR F 180 -50.86 4.98 24.95
CA THR F 180 -51.54 5.93 24.07
C THR F 180 -52.69 6.63 24.77
N SER F 181 -53.33 5.95 25.73
CA SER F 181 -54.37 6.58 26.52
C SER F 181 -53.84 7.72 27.39
N LYS F 182 -52.54 7.73 27.66
CA LYS F 182 -51.90 8.78 28.43
C LYS F 182 -51.39 9.93 27.57
N GLY F 183 -51.62 9.89 26.26
CA GLY F 183 -51.21 10.94 25.36
C GLY F 183 -49.95 10.67 24.58
N VAL F 184 -49.49 9.42 24.55
CA VAL F 184 -48.27 9.04 23.84
C VAL F 184 -48.53 9.01 22.33
N ASN F 185 -47.75 9.79 21.59
CA ASN F 185 -47.83 9.82 20.13
C ASN F 185 -46.91 8.82 19.44
N LEU F 186 -45.69 8.69 19.92
CA LEU F 186 -44.62 8.02 19.19
C LEU F 186 -44.02 6.94 20.09
N LEU F 187 -44.12 5.68 19.64
CA LEU F 187 -43.60 4.55 20.39
C LEU F 187 -42.22 4.19 19.87
N ARG F 188 -41.19 4.49 20.65
CA ARG F 188 -39.82 4.07 20.35
C ARG F 188 -39.67 2.60 20.69
N LEU F 189 -39.52 1.76 19.67
CA LEU F 189 -39.42 0.32 19.88
C LEU F 189 -37.96 0.01 20.22
N ASP F 190 -37.67 -0.05 21.52
CA ASP F 190 -36.31 -0.22 21.99
C ASP F 190 -35.76 -1.59 21.62
N ALA F 191 -34.59 -1.61 20.98
CA ALA F 191 -33.85 -2.84 20.72
C ALA F 191 -34.69 -3.78 19.86
N PHE F 192 -35.44 -3.20 18.93
CA PHE F 192 -36.37 -3.98 18.13
C PHE F 192 -35.67 -5.08 17.36
N GLY F 193 -34.41 -4.85 16.98
CA GLY F 193 -33.66 -5.82 16.20
C GLY F 193 -33.42 -7.13 16.91
N TYR F 194 -33.48 -7.15 18.24
CA TYR F 194 -33.12 -8.35 18.99
C TYR F 194 -34.30 -9.27 19.26
N THR F 195 -35.51 -8.88 18.86
CA THR F 195 -36.68 -9.71 19.11
C THR F 195 -36.68 -10.98 18.26
N THR F 196 -36.06 -10.95 17.07
CA THR F 196 -36.10 -12.07 16.15
C THR F 196 -34.97 -13.05 16.49
N LYS F 197 -35.32 -14.21 17.02
CA LYS F 197 -34.37 -15.26 17.34
C LYS F 197 -34.67 -16.52 16.54
N ARG F 198 -33.67 -17.06 15.86
CA ARG F 198 -33.76 -18.36 15.19
C ARG F 198 -32.36 -18.96 15.13
N ILE F 199 -32.16 -20.09 15.82
CA ILE F 199 -30.86 -20.74 15.79
C ILE F 199 -30.48 -21.11 14.37
N GLY F 200 -29.22 -20.84 14.02
CA GLY F 200 -28.75 -20.93 12.66
C GLY F 200 -28.68 -19.59 11.97
N THR F 201 -29.22 -18.55 12.60
CA THR F 201 -29.18 -17.19 12.09
C THR F 201 -28.42 -16.32 13.07
N SER F 202 -28.32 -15.03 12.74
CA SER F 202 -27.66 -14.08 13.63
C SER F 202 -28.47 -13.77 14.88
N CYS F 203 -29.74 -14.17 14.92
CA CYS F 203 -30.63 -13.84 16.02
C CYS F 203 -30.74 -12.33 16.22
N PHE F 204 -30.58 -11.59 15.12
CA PHE F 204 -30.64 -10.14 15.13
C PHE F 204 -31.09 -9.67 13.75
N LEU F 205 -32.22 -8.95 13.70
CA LEU F 205 -32.79 -8.45 12.45
C LEU F 205 -32.98 -9.58 11.45
N VAL F 206 -33.43 -10.73 11.95
CA VAL F 206 -33.60 -11.90 11.09
C VAL F 206 -34.79 -11.66 10.17
N GLU F 207 -34.54 -11.68 8.88
CA GLU F 207 -35.48 -11.47 7.79
C GLU F 207 -36.08 -12.82 7.35
N PRO F 208 -37.39 -12.90 7.05
CA PRO F 208 -38.35 -11.79 7.07
C PRO F 208 -39.15 -11.67 8.36
N GLU F 209 -38.81 -12.47 9.39
CA GLU F 209 -39.53 -12.36 10.67
C GLU F 209 -39.57 -10.91 11.13
N VAL F 210 -38.46 -10.19 10.97
CA VAL F 210 -38.35 -8.83 11.48
C VAL F 210 -39.43 -7.94 10.88
N TYR F 211 -39.82 -8.20 9.63
CA TYR F 211 -40.83 -7.33 9.03
C TYR F 211 -42.22 -7.71 9.49
N ARG F 212 -42.45 -8.98 9.81
CA ARG F 212 -43.73 -9.40 10.37
C ARG F 212 -43.96 -8.80 11.76
N ILE F 213 -42.96 -8.89 12.65
CA ILE F 213 -43.07 -8.27 13.95
C ILE F 213 -43.29 -6.77 13.81
N LEU F 214 -42.66 -6.17 12.81
CA LEU F 214 -42.70 -4.73 12.70
C LEU F 214 -44.04 -4.27 12.13
N ASP F 215 -44.55 -4.96 11.12
CA ASP F 215 -45.88 -4.64 10.61
C ASP F 215 -46.94 -4.83 11.68
N TRP F 216 -46.74 -5.78 12.59
CA TRP F 216 -47.73 -6.03 13.64
C TRP F 216 -47.80 -4.86 14.63
N ILE F 217 -46.67 -4.50 15.24
CA ILE F 217 -46.68 -3.41 16.22
C ILE F 217 -47.16 -2.13 15.58
N ASN F 218 -46.72 -1.85 14.35
CA ASN F 218 -47.13 -0.60 13.69
C ASN F 218 -48.66 -0.54 13.54
N GLU F 219 -49.27 -1.66 13.13
CA GLU F 219 -50.73 -1.73 13.01
C GLU F 219 -51.39 -1.53 14.38
N VAL F 220 -50.89 -2.23 15.40
CA VAL F 220 -51.40 -2.07 16.76
C VAL F 220 -51.28 -0.62 17.21
N ALA F 221 -50.15 0.02 16.90
CA ALA F 221 -49.96 1.42 17.26
C ALA F 221 -50.97 2.30 16.55
N PHE F 222 -51.35 1.95 15.32
CA PHE F 222 -52.25 2.81 14.56
C PHE F 222 -53.69 2.86 15.13
N LYS F 223 -54.29 1.75 15.58
CA LYS F 223 -55.58 1.88 16.29
C LYS F 223 -55.48 2.86 17.46
N HIS F 224 -54.41 2.78 18.24
CA HIS F 224 -54.29 3.57 19.45
C HIS F 224 -53.75 4.97 19.18
N GLY F 225 -53.76 5.39 17.92
CA GLY F 225 -53.43 6.75 17.56
C GLY F 225 -51.97 7.04 17.79
N ALA F 226 -51.10 6.14 17.34
CA ALA F 226 -49.68 6.31 17.57
C ALA F 226 -48.89 5.81 16.37
N GLU F 227 -47.75 6.43 16.14
CA GLU F 227 -46.77 6.02 15.15
C GLU F 227 -45.55 5.43 15.87
N CYS F 228 -44.69 4.75 15.10
CA CYS F 228 -43.58 4.03 15.71
C CYS F 228 -42.22 4.56 15.26
N LEU F 229 -41.24 4.38 16.15
CA LEU F 229 -39.85 4.78 15.94
C LEU F 229 -38.98 3.60 16.34
N PRO F 230 -38.80 2.64 15.44
CA PRO F 230 -37.99 1.47 15.77
C PRO F 230 -36.51 1.84 15.92
N GLU F 231 -35.89 1.38 17.00
CA GLU F 231 -34.48 1.59 17.21
C GLU F 231 -33.71 0.40 16.66
N VAL F 232 -32.89 0.65 15.64
CA VAL F 232 -31.97 -0.37 15.14
C VAL F 232 -30.63 0.30 14.84
N HIS F 233 -29.56 -0.29 15.34
CA HIS F 233 -28.20 0.16 15.08
C HIS F 233 -27.50 -0.87 14.19
N ASP F 234 -27.53 -0.63 12.88
CA ASP F 234 -26.82 -1.47 11.93
C ASP F 234 -26.75 -0.70 10.61
N HIS F 235 -26.45 -1.41 9.53
CA HIS F 235 -26.31 -0.81 8.21
C HIS F 235 -27.56 0.00 7.86
N THR F 236 -27.36 1.15 7.20
CA THR F 236 -28.48 2.06 6.94
C THR F 236 -29.58 1.44 6.10
N SER F 237 -29.28 0.39 5.33
CA SER F 237 -30.33 -0.22 4.53
C SER F 237 -31.52 -0.61 5.40
N TYR F 238 -31.27 -1.05 6.64
CA TYR F 238 -32.37 -1.38 7.53
C TYR F 238 -33.22 -0.16 7.84
N GLN F 239 -32.63 1.04 7.85
CA GLN F 239 -33.44 2.23 8.05
C GLN F 239 -34.39 2.45 6.88
N TYR F 240 -33.98 2.06 5.68
CA TYR F 240 -34.87 2.28 4.55
C TYR F 240 -36.01 1.29 4.59
N ALA F 241 -35.72 0.06 5.02
CA ALA F 241 -36.78 -0.94 5.20
C ALA F 241 -37.85 -0.43 6.15
N ILE F 242 -37.45 0.17 7.27
CA ILE F 242 -38.42 0.75 8.21
C ILE F 242 -39.21 1.86 7.54
N SER F 243 -38.49 2.82 6.95
CA SER F 243 -39.14 3.97 6.31
C SER F 243 -40.18 3.53 5.30
N ARG F 244 -39.92 2.45 4.59
CA ARG F 244 -40.78 2.01 3.51
C ARG F 244 -41.97 1.21 4.01
N ARG F 245 -42.18 1.19 5.33
CA ARG F 245 -43.31 0.52 5.95
C ARG F 245 -44.08 1.49 6.86
N ASN F 246 -44.09 2.78 6.51
CA ASN F 246 -44.84 3.81 7.22
C ASN F 246 -44.43 3.92 8.69
N MET F 247 -43.15 3.72 8.96
CA MET F 247 -42.61 3.94 10.29
C MET F 247 -41.44 4.91 10.19
N HIS F 248 -41.11 5.50 11.34
CA HIS F 248 -40.07 6.50 11.41
C HIS F 248 -38.74 5.82 11.68
N PRO F 249 -37.78 5.84 10.75
CA PRO F 249 -36.43 5.35 11.06
C PRO F 249 -35.62 6.40 11.80
N TYR F 250 -34.51 5.93 12.38
CA TYR F 250 -33.54 6.81 13.02
C TYR F 250 -32.48 7.27 12.01
N GLY F 251 -32.18 8.56 12.02
CA GLY F 251 -31.12 9.08 11.19
C GLY F 251 -29.76 8.88 11.83
N PHE F 252 -29.52 7.68 12.37
CA PHE F 252 -28.29 7.39 13.08
C PHE F 252 -27.04 7.59 12.23
N ALA F 253 -27.16 7.59 10.90
CA ALA F 253 -26.00 7.83 10.05
C ALA F 253 -25.53 9.27 10.17
N LEU F 254 -26.43 10.19 10.46
CA LEU F 254 -26.07 11.61 10.45
C LEU F 254 -24.99 11.96 11.46
N PRO F 255 -25.06 11.53 12.73
CA PRO F 255 -24.08 11.99 13.73
C PRO F 255 -22.63 11.71 13.33
N PRO F 256 -22.26 10.45 13.03
CA PRO F 256 -20.85 10.23 12.67
C PRO F 256 -20.48 10.79 11.30
N LEU F 257 -21.46 10.91 10.41
CA LEU F 257 -21.23 11.54 9.11
C LEU F 257 -20.84 13.00 9.26
N LEU F 258 -21.58 13.76 10.09
CA LEU F 258 -21.23 15.16 10.32
C LEU F 258 -19.92 15.31 11.06
N LEU F 259 -19.69 14.49 12.08
CA LEU F 259 -18.42 14.57 12.78
C LEU F 259 -17.28 14.53 11.80
N TYR F 260 -17.32 13.56 10.87
CA TYR F 260 -16.33 13.53 9.81
C TYR F 260 -16.40 14.78 8.93
N SER F 261 -17.60 15.15 8.49
CA SER F 261 -17.72 16.25 7.54
C SER F 261 -17.16 17.55 8.10
N LEU F 262 -17.42 17.83 9.38
CA LEU F 262 -16.91 19.06 10.00
C LEU F 262 -15.42 18.95 10.27
N LEU F 263 -14.95 17.81 10.77
CA LEU F 263 -13.55 17.68 11.17
C LEU F 263 -12.59 17.77 9.99
N ASP F 264 -13.01 17.32 8.81
CA ASP F 264 -12.15 17.21 7.65
C ASP F 264 -12.56 18.16 6.52
N ALA F 265 -13.56 19.03 6.78
CA ALA F 265 -14.07 19.99 5.82
C ALA F 265 -14.41 19.32 4.49
N ASN F 266 -15.34 18.37 4.57
CA ASN F 266 -15.68 17.50 3.45
C ASN F 266 -17.19 17.32 3.39
N SER F 267 -17.81 17.77 2.29
CA SER F 267 -19.26 17.65 2.14
C SER F 267 -19.66 16.58 1.15
N VAL F 268 -18.70 15.87 0.54
CA VAL F 268 -19.03 14.91 -0.50
C VAL F 268 -19.95 13.83 0.04
N TYR F 269 -19.52 13.14 1.10
CA TYR F 269 -20.29 12.02 1.61
C TYR F 269 -21.56 12.49 2.29
N LEU F 270 -21.53 13.67 2.91
CA LEU F 270 -22.72 14.23 3.53
C LEU F 270 -23.78 14.56 2.49
N LYS F 271 -23.38 15.24 1.42
CA LYS F 271 -24.34 15.61 0.38
C LYS F 271 -24.94 14.38 -0.28
N ASN F 272 -24.12 13.36 -0.53
CA ASN F 272 -24.66 12.13 -1.12
C ASN F 272 -25.75 11.53 -0.23
N TRP F 273 -25.52 11.49 1.09
CA TRP F 273 -26.49 10.89 1.99
C TRP F 273 -27.79 11.69 2.00
N LEU F 274 -27.70 13.02 2.15
CA LEU F 274 -28.89 13.87 2.15
C LEU F 274 -29.71 13.67 0.88
N ARG F 275 -29.03 13.48 -0.26
CA ARG F 275 -29.75 13.30 -1.52
C ARG F 275 -30.62 12.05 -1.51
N MET F 276 -30.26 11.05 -0.69
CA MET F 276 -30.92 9.75 -0.70
C MET F 276 -31.35 9.28 0.68
N CYS F 277 -31.31 10.14 1.69
CA CYS F 277 -31.59 9.70 3.05
C CYS F 277 -33.04 9.23 3.14
N PRO F 278 -33.32 8.24 3.99
CA PRO F 278 -34.70 7.76 4.10
C PRO F 278 -35.58 8.88 4.62
N ARG F 279 -36.85 8.83 4.24
CA ARG F 279 -37.74 9.92 4.57
C ARG F 279 -38.66 9.51 5.71
N ASN F 280 -39.28 10.51 6.35
CA ASN F 280 -40.08 10.32 7.55
C ASN F 280 -39.23 9.83 8.72
N MET F 281 -37.94 10.18 8.73
CA MET F 281 -37.08 9.73 9.83
C MET F 281 -37.00 10.79 10.92
N VAL F 282 -36.57 10.34 12.10
CA VAL F 282 -36.30 11.22 13.23
C VAL F 282 -34.78 11.40 13.31
N THR F 283 -34.32 12.62 13.05
CA THR F 283 -32.90 12.91 13.00
C THR F 283 -32.39 13.24 14.40
N VAL F 284 -31.16 12.80 14.70
CA VAL F 284 -30.49 13.08 15.97
C VAL F 284 -29.02 13.39 15.70
N LEU F 285 -28.39 14.15 16.60
CA LEU F 285 -26.93 14.19 16.66
C LEU F 285 -26.39 13.34 17.80
N ASP F 286 -26.73 13.68 19.03
CA ASP F 286 -26.38 12.85 20.16
C ASP F 286 -27.62 12.18 20.72
N THR F 287 -27.41 11.05 21.38
CA THR F 287 -28.49 10.34 22.06
C THR F 287 -28.08 10.08 23.50
N HIS F 288 -28.87 9.26 24.20
CA HIS F 288 -28.48 8.81 25.52
C HIS F 288 -27.48 7.66 25.48
N ASP F 289 -27.06 7.23 24.27
CA ASP F 289 -26.17 6.07 24.13
C ASP F 289 -24.79 6.38 23.59
N GLY F 290 -24.58 7.51 22.94
CA GLY F 290 -23.27 7.75 22.38
C GLY F 290 -23.20 7.41 20.90
N ILE F 291 -22.22 7.98 20.22
CA ILE F 291 -22.19 7.96 18.77
C ILE F 291 -21.94 6.54 18.27
N CYS F 292 -22.89 6.01 17.49
CA CYS F 292 -22.85 4.63 17.04
C CYS F 292 -22.28 4.59 15.63
N ILE F 293 -21.28 3.73 15.42
CA ILE F 293 -20.53 3.65 14.17
C ILE F 293 -21.18 2.79 13.08
N PRO F 294 -21.63 1.54 13.34
CA PRO F 294 -22.17 0.72 12.25
C PRO F 294 -23.26 1.41 11.44
N ASP F 295 -23.91 2.39 12.05
CA ASP F 295 -24.98 3.12 11.41
C ASP F 295 -24.50 4.00 10.27
N VAL F 296 -23.19 4.11 10.08
CA VAL F 296 -22.63 4.96 9.04
C VAL F 296 -21.84 4.16 8.03
N GLU F 297 -21.73 2.86 8.21
CA GLU F 297 -21.13 2.01 7.18
C GLU F 297 -21.87 2.20 5.87
N GLY F 298 -21.10 2.28 4.78
CA GLY F 298 -21.65 2.58 3.47
C GLY F 298 -21.82 4.05 3.25
N VAL F 299 -22.51 4.72 4.18
CA VAL F 299 -22.67 6.17 4.08
C VAL F 299 -21.31 6.85 4.07
N LEU F 300 -20.33 6.26 4.75
CA LEU F 300 -19.03 6.84 4.93
C LEU F 300 -18.07 5.67 4.66
N PRO F 301 -17.05 5.86 3.83
CA PRO F 301 -16.13 4.75 3.55
C PRO F 301 -15.40 4.31 4.80
N ASP F 302 -15.00 3.03 4.82
CA ASP F 302 -14.38 2.47 6.01
C ASP F 302 -13.15 3.26 6.44
N ASP F 303 -12.27 3.59 5.49
CA ASP F 303 -11.03 4.32 5.82
C ASP F 303 -11.34 5.65 6.48
N LYS F 304 -12.44 6.28 6.12
CA LYS F 304 -12.84 7.52 6.75
C LYS F 304 -13.47 7.27 8.12
N ILE F 305 -14.12 6.11 8.28
CA ILE F 305 -14.63 5.73 9.60
C ILE F 305 -13.48 5.52 10.58
N LYS F 306 -12.42 4.84 10.15
CA LYS F 306 -11.28 4.67 11.03
C LYS F 306 -10.64 6.02 11.36
N VAL F 307 -10.55 6.92 10.38
CA VAL F 307 -10.10 8.27 10.67
C VAL F 307 -10.96 8.92 11.74
N LEU F 308 -12.29 8.80 11.59
CA LEU F 308 -13.21 9.38 12.57
C LEU F 308 -12.99 8.78 13.96
N ILE F 309 -12.92 7.46 14.05
CA ILE F 309 -12.73 6.81 15.34
C ILE F 309 -11.43 7.25 15.98
N ASP F 310 -10.34 7.28 15.20
CA ASP F 310 -9.05 7.69 15.78
C ASP F 310 -9.08 9.14 16.22
N ASN F 311 -9.85 9.98 15.53
CA ASN F 311 -9.89 11.39 15.90
C ASN F 311 -10.63 11.59 17.21
N ILE F 312 -11.67 10.80 17.47
CA ILE F 312 -12.42 10.94 18.71
C ILE F 312 -11.72 10.23 19.87
N ASP F 313 -10.78 9.32 19.58
CA ASP F 313 -10.24 8.44 20.62
C ASP F 313 -9.68 9.21 21.80
N ALA F 314 -9.01 10.33 21.54
CA ALA F 314 -8.38 11.10 22.61
C ALA F 314 -9.43 11.81 23.46
N ARG F 315 -10.55 12.20 22.86
CA ARG F 315 -11.61 12.93 23.51
C ARG F 315 -12.72 12.02 24.01
N SER F 316 -12.52 10.70 24.00
CA SER F 316 -13.56 9.74 24.33
C SER F 316 -13.05 8.67 25.29
N ALA F 317 -13.96 8.18 26.13
CA ALA F 317 -13.68 7.10 27.06
C ALA F 317 -13.61 5.78 26.28
N ASP F 318 -13.50 4.68 27.01
CA ASP F 318 -13.48 3.35 26.40
C ASP F 318 -14.74 3.15 25.56
N PRO F 319 -14.62 2.62 24.34
CA PRO F 319 -15.81 2.44 23.50
C PRO F 319 -16.63 1.22 23.90
N ILE F 320 -17.93 1.29 23.59
CA ILE F 320 -18.82 0.14 23.71
C ILE F 320 -18.61 -0.75 22.49
N MET F 321 -18.49 -2.06 22.70
CA MET F 321 -18.18 -2.93 21.59
C MET F 321 -19.13 -4.14 21.48
N ARG F 322 -19.27 -4.64 20.25
CA ARG F 322 -20.07 -5.86 20.03
C ARG F 322 -19.08 -7.04 19.93
N ARG F 323 -19.45 -8.20 20.45
CA ARG F 323 -18.57 -9.39 20.42
C ARG F 323 -19.39 -10.60 19.98
N SER F 324 -18.78 -11.79 19.94
CA SER F 324 -19.50 -13.00 19.47
C SER F 324 -19.33 -14.14 20.47
N ALA F 325 -19.20 -15.37 19.98
CA ALA F 325 -18.98 -16.54 20.87
C ALA F 325 -17.51 -16.59 21.29
N ALA F 326 -16.89 -15.44 21.51
CA ALA F 326 -15.51 -15.39 22.05
C ALA F 326 -15.57 -14.41 23.23
N ASN F 327 -16.67 -13.66 23.32
CA ASN F 327 -16.90 -12.71 24.45
C ASN F 327 -15.62 -12.32 25.19
N ILE F 328 -15.45 -12.84 26.39
CA ILE F 328 -14.28 -12.46 27.24
C ILE F 328 -13.05 -12.32 26.33
N HIS F 329 -12.53 -11.10 26.20
CA HIS F 329 -11.29 -10.87 25.42
C HIS F 329 -11.52 -11.23 23.94
N SER F 330 -12.37 -10.46 23.26
CA SER F 330 -12.56 -10.68 21.82
C SER F 330 -12.43 -9.32 21.15
N VAL F 331 -12.05 -8.30 21.92
CA VAL F 331 -11.98 -6.91 21.39
C VAL F 331 -13.31 -6.64 20.68
N GLY F 332 -13.41 -6.93 19.39
CA GLY F 332 -14.71 -6.80 18.72
C GLY F 332 -14.80 -5.57 17.84
N ALA F 333 -16.02 -5.10 17.60
CA ALA F 333 -16.21 -3.97 16.66
C ALA F 333 -16.59 -2.70 17.41
N ILE F 334 -15.90 -1.62 17.10
CA ILE F 334 -16.29 -0.32 17.72
C ILE F 334 -17.78 -0.15 17.44
N TYR F 335 -18.59 -0.23 18.48
CA TYR F 335 -20.02 -0.01 18.35
C TYR F 335 -20.44 1.42 18.64
N GLN F 336 -20.09 1.95 19.80
CA GLN F 336 -20.44 3.32 20.17
C GLN F 336 -19.26 4.00 20.84
N LEU F 337 -19.03 5.25 20.45
CA LEU F 337 -18.01 6.08 21.04
C LEU F 337 -18.60 6.79 22.25
N THR F 338 -17.96 6.65 23.40
CA THR F 338 -18.48 7.19 24.65
C THR F 338 -18.01 8.63 24.79
N CYS F 339 -18.88 9.55 24.43
CA CYS F 339 -18.49 10.93 24.18
C CYS F 339 -19.73 11.79 23.97
N THR F 340 -19.74 12.99 24.53
CA THR F 340 -20.80 13.91 24.16
C THR F 340 -20.54 14.46 22.78
N PHE F 341 -21.60 14.86 22.08
CA PHE F 341 -21.42 15.31 20.70
C PHE F 341 -20.61 16.60 20.66
N TYR F 342 -20.71 17.41 21.72
CA TYR F 342 -19.99 18.68 21.78
C TYR F 342 -18.48 18.45 21.97
N ASP F 343 -18.10 17.50 22.81
CA ASP F 343 -16.68 17.12 22.91
C ASP F 343 -16.21 16.44 21.62
N ALA F 344 -17.10 15.77 20.90
CA ALA F 344 -16.69 15.16 19.65
C ALA F 344 -16.31 16.23 18.63
N LEU F 345 -16.83 17.45 18.77
CA LEU F 345 -16.46 18.55 17.92
C LEU F 345 -15.47 19.48 18.61
N MET F 346 -14.66 18.92 19.52
CA MET F 346 -13.59 19.63 20.20
C MET F 346 -14.10 20.87 20.90
N GLN F 347 -15.37 20.84 21.32
CA GLN F 347 -16.02 21.95 22.02
C GLN F 347 -16.03 23.21 21.16
N ASN F 348 -16.10 23.05 19.85
CA ASN F 348 -16.09 24.18 18.93
C ASN F 348 -17.50 24.71 18.77
N ASP F 349 -17.77 25.89 19.33
CA ASP F 349 -19.12 26.45 19.29
C ASP F 349 -19.59 26.63 17.85
N ASP F 350 -18.75 27.23 17.00
CA ASP F 350 -19.13 27.40 15.61
C ASP F 350 -19.43 26.05 14.97
N ALA F 351 -18.56 25.07 15.17
CA ALA F 351 -18.76 23.76 14.55
C ALA F 351 -20.02 23.09 15.07
N TYR F 352 -20.29 23.20 16.37
CA TYR F 352 -21.47 22.55 16.96
C TYR F 352 -22.76 23.16 16.44
N ILE F 353 -22.81 24.49 16.34
CA ILE F 353 -24.01 25.13 15.78
C ILE F 353 -24.19 24.73 14.32
N ALA F 354 -23.09 24.61 13.58
CA ALA F 354 -23.20 24.17 12.19
C ALA F 354 -23.80 22.77 12.09
N ALA F 355 -23.45 21.87 13.00
CA ALA F 355 -24.02 20.54 12.98
C ALA F 355 -25.53 20.58 13.19
N ARG F 356 -25.97 21.33 14.22
CA ARG F 356 -27.40 21.41 14.51
C ARG F 356 -28.16 22.06 13.36
N ALA F 357 -27.58 23.09 12.73
CA ALA F 357 -28.24 23.70 11.58
C ALA F 357 -28.47 22.66 10.49
N ILE F 358 -27.43 21.88 10.18
CA ILE F 358 -27.55 20.85 9.16
C ILE F 358 -28.54 19.78 9.59
N GLN F 359 -28.50 19.38 10.87
CA GLN F 359 -29.51 18.43 11.37
C GLN F 359 -30.92 18.97 11.13
N PHE F 360 -31.17 20.21 11.53
CA PHE F 360 -32.50 20.75 11.45
C PHE F 360 -32.97 20.92 10.01
N PHE F 361 -32.03 21.05 9.06
CA PHE F 361 -32.49 21.08 7.68
C PHE F 361 -32.50 19.70 7.03
N THR F 362 -32.02 18.68 7.71
CA THR F 362 -32.16 17.33 7.17
C THR F 362 -33.63 16.92 7.22
N PRO F 363 -34.17 16.32 6.15
CA PRO F 363 -35.57 15.92 6.15
C PRO F 363 -35.88 14.99 7.31
N GLY F 364 -36.90 15.36 8.10
CA GLY F 364 -37.32 14.59 9.24
C GLY F 364 -37.43 15.43 10.50
N ILE F 365 -38.00 14.80 11.52
CA ILE F 365 -38.20 15.46 12.81
C ILE F 365 -36.87 15.47 13.57
N PRO F 366 -36.33 16.63 13.91
CA PRO F 366 -35.05 16.65 14.64
C PRO F 366 -35.23 16.51 16.14
N GLN F 367 -34.51 15.57 16.73
CA GLN F 367 -34.44 15.47 18.18
C GLN F 367 -33.13 16.09 18.69
N VAL F 368 -33.25 16.87 19.76
CA VAL F 368 -32.10 17.45 20.44
C VAL F 368 -32.02 16.80 21.82
N TYR F 369 -30.89 16.16 22.09
CA TYR F 369 -30.67 15.55 23.40
C TYR F 369 -30.33 16.66 24.39
N TYR F 370 -30.78 16.49 25.64
CA TYR F 370 -30.76 17.61 26.58
C TYR F 370 -29.31 18.04 26.86
N VAL F 371 -28.39 17.08 26.97
CA VAL F 371 -26.98 17.43 27.17
C VAL F 371 -26.48 18.24 25.99
N GLY F 372 -26.80 17.79 24.78
CA GLY F 372 -26.47 18.58 23.61
C GLY F 372 -27.10 19.96 23.66
N LEU F 373 -28.37 20.02 24.10
CA LEU F 373 -29.03 21.32 24.27
C LEU F 373 -28.20 22.28 25.09
N LEU F 374 -27.55 21.78 26.14
CA LEU F 374 -26.85 22.60 27.10
C LEU F 374 -25.35 22.66 26.85
N ALA F 375 -24.89 22.18 25.70
CA ALA F 375 -23.47 22.15 25.36
C ALA F 375 -22.67 21.53 26.49
N GLY F 376 -23.09 20.33 26.90
CA GLY F 376 -22.44 19.66 28.00
C GLY F 376 -21.16 18.95 27.56
N CYS F 377 -20.20 18.95 28.47
CA CYS F 377 -18.93 18.27 28.28
C CYS F 377 -18.97 16.90 28.94
N ASN F 378 -17.98 16.08 28.62
CA ASN F 378 -17.86 14.74 29.22
C ASN F 378 -17.90 14.84 30.74
N ASP F 379 -18.73 13.99 31.35
CA ASP F 379 -18.84 13.96 32.80
C ASP F 379 -17.92 12.84 33.32
N GLN F 380 -16.63 13.18 33.47
CA GLN F 380 -15.67 12.23 34.01
C GLN F 380 -16.07 11.77 35.41
N GLU F 381 -16.41 12.72 36.29
CA GLU F 381 -16.67 12.37 37.68
C GLU F 381 -17.86 11.42 37.80
N LEU F 382 -18.92 11.68 37.04
CA LEU F 382 -20.12 10.84 37.13
C LEU F 382 -19.83 9.42 36.65
N MET F 383 -19.07 9.29 35.56
CA MET F 383 -18.75 7.96 35.04
C MET F 383 -17.94 7.16 36.05
N GLU F 384 -16.98 7.80 36.71
CA GLU F 384 -16.13 7.07 37.65
C GLU F 384 -16.87 6.66 38.92
N LYS F 385 -17.90 7.40 39.34
CA LYS F 385 -18.62 6.99 40.56
C LYS F 385 -19.70 5.95 40.29
N THR F 386 -20.37 5.96 39.13
CA THR F 386 -21.41 4.99 38.86
C THR F 386 -20.91 3.78 38.06
N GLY F 387 -19.71 3.87 37.48
CA GLY F 387 -19.16 2.80 36.67
C GLY F 387 -19.85 2.57 35.34
N GLU F 388 -20.99 3.20 35.09
CA GLU F 388 -21.66 3.07 33.80
C GLU F 388 -20.92 3.91 32.78
N LEU F 389 -20.42 3.25 31.74
CA LEU F 389 -19.56 3.90 30.77
C LEU F 389 -20.31 4.96 29.97
N ARG F 390 -21.61 4.76 29.73
CA ARG F 390 -22.39 5.71 28.96
C ARG F 390 -22.85 6.93 29.76
N ASP F 391 -22.70 6.92 31.09
CA ASP F 391 -23.07 8.09 31.88
C ASP F 391 -22.17 9.29 31.60
N ILE F 392 -21.08 9.12 30.86
CA ILE F 392 -20.26 10.26 30.47
C ILE F 392 -21.05 11.22 29.58
N ASN F 393 -22.18 10.76 29.03
CA ASN F 393 -23.05 11.57 28.19
C ASN F 393 -24.43 11.76 28.85
N ARG F 394 -24.54 11.50 30.14
CA ARG F 394 -25.83 11.52 30.85
C ARG F 394 -25.76 12.44 32.05
N ASN F 395 -25.21 13.64 31.83
CA ASN F 395 -25.07 14.68 32.84
C ASN F 395 -26.33 14.85 33.67
N TYR F 396 -26.14 15.09 34.97
CA TYR F 396 -27.20 15.59 35.83
C TYR F 396 -27.16 17.11 35.81
N TYR F 397 -28.34 17.72 35.64
CA TYR F 397 -28.49 19.16 35.69
C TYR F 397 -29.51 19.48 36.78
N THR F 398 -29.11 20.34 37.71
CA THR F 398 -30.07 20.95 38.60
C THR F 398 -30.71 22.14 37.88
N LEU F 399 -31.83 22.58 38.43
CA LEU F 399 -32.48 23.75 37.88
C LEU F 399 -31.51 24.95 37.88
N ASN F 400 -30.63 25.02 38.88
CA ASN F 400 -29.58 26.04 38.86
C ASN F 400 -28.68 25.87 37.64
N GLU F 401 -28.11 24.67 37.51
CA GLU F 401 -27.12 24.43 36.46
C GLU F 401 -27.69 24.59 35.06
N MET F 402 -28.99 24.30 34.87
CA MET F 402 -29.56 24.47 33.53
C MET F 402 -29.75 25.93 33.17
N ASP F 403 -30.28 26.74 34.10
CA ASP F 403 -30.43 28.17 33.83
C ASP F 403 -29.11 28.82 33.45
N GLU F 404 -28.01 28.43 34.12
CA GLU F 404 -26.73 29.06 33.83
C GLU F 404 -26.18 28.59 32.49
N ALA F 405 -26.24 27.29 32.22
CA ALA F 405 -25.78 26.78 30.93
C ALA F 405 -26.65 27.29 29.79
N MET F 406 -27.93 27.52 30.05
CA MET F 406 -28.83 28.06 29.04
C MET F 406 -28.42 29.46 28.60
N GLU F 407 -27.66 30.18 29.43
CA GLU F 407 -27.17 31.52 29.12
C GLU F 407 -25.83 31.52 28.40
N LYS F 408 -25.20 30.37 28.22
CA LYS F 408 -23.98 30.30 27.44
C LYS F 408 -24.25 30.85 26.04
N PRO F 409 -23.33 31.62 25.46
CA PRO F 409 -23.57 32.14 24.11
C PRO F 409 -23.94 31.05 23.12
N VAL F 410 -23.30 29.89 23.19
CA VAL F 410 -23.57 28.83 22.22
C VAL F 410 -24.97 28.27 22.42
N VAL F 411 -25.47 28.22 23.65
CA VAL F 411 -26.81 27.66 23.83
C VAL F 411 -27.86 28.65 23.36
N GLN F 412 -27.64 29.94 23.58
CA GLN F 412 -28.54 30.95 23.02
C GLN F 412 -28.62 30.83 21.51
N ARG F 413 -27.47 30.56 20.86
CA ARG F 413 -27.48 30.35 19.42
C ARG F 413 -28.32 29.13 19.07
N LEU F 414 -28.08 28.01 19.76
CA LEU F 414 -28.87 26.81 19.50
C LEU F 414 -30.36 27.05 19.74
N LEU F 415 -30.73 27.82 20.78
CA LEU F 415 -32.16 28.08 20.97
C LEU F 415 -32.71 29.00 19.87
N THR F 416 -31.89 29.82 19.20
CA THR F 416 -32.44 30.57 18.08
C THR F 416 -32.86 29.63 16.94
N LEU F 417 -31.98 28.68 16.59
CA LEU F 417 -32.31 27.69 15.56
C LEU F 417 -33.57 26.93 15.92
N MET F 418 -33.65 26.45 17.16
CA MET F 418 -34.79 25.63 17.56
C MET F 418 -36.09 26.41 17.43
N LYS F 419 -36.10 27.68 17.83
CA LYS F 419 -37.27 28.50 17.58
C LYS F 419 -37.58 28.61 16.09
N PHE F 420 -36.53 28.77 15.27
CA PHE F 420 -36.71 28.92 13.83
C PHE F 420 -37.23 27.61 13.21
N ARG F 421 -36.61 26.48 13.56
CA ARG F 421 -37.01 25.19 13.01
C ARG F 421 -38.42 24.78 13.46
N THR F 422 -38.82 25.14 14.67
CA THR F 422 -40.13 24.75 15.17
C THR F 422 -41.25 25.60 14.58
N ASN F 423 -40.97 26.87 14.27
CA ASN F 423 -42.02 27.80 13.90
C ASN F 423 -42.06 28.13 12.41
N TYR F 424 -40.92 28.27 11.78
CA TYR F 424 -40.91 28.77 10.40
C TYR F 424 -41.60 27.76 9.48
N PRO F 425 -42.57 28.19 8.67
CA PRO F 425 -43.41 27.23 7.96
C PRO F 425 -42.73 26.54 6.79
N ALA F 426 -41.61 27.05 6.29
CA ALA F 426 -41.02 26.45 5.10
C ALA F 426 -40.64 25.00 5.33
N PHE F 427 -40.30 24.64 6.57
CA PHE F 427 -39.91 23.26 6.86
C PHE F 427 -41.04 22.29 6.68
N ASP F 428 -42.28 22.77 6.63
CA ASP F 428 -43.44 21.94 6.36
C ASP F 428 -43.64 21.68 4.87
N GLY F 429 -42.76 22.19 4.02
CA GLY F 429 -42.88 21.98 2.60
C GLY F 429 -41.99 20.84 2.12
N HIS F 430 -41.22 21.08 1.05
CA HIS F 430 -40.37 20.06 0.47
C HIS F 430 -38.91 20.49 0.49
N PHE F 431 -38.03 19.49 0.60
CA PHE F 431 -36.60 19.69 0.70
C PHE F 431 -35.97 19.81 -0.68
N GLU F 432 -35.11 20.81 -0.85
CA GLU F 432 -34.39 20.96 -2.11
C GLU F 432 -32.91 21.26 -1.81
N LEU F 433 -32.09 20.22 -1.98
CA LEU F 433 -30.64 20.33 -1.84
C LEU F 433 -30.07 21.19 -2.96
N ASN F 434 -29.04 21.97 -2.62
CA ASN F 434 -28.41 22.83 -3.60
C ASN F 434 -27.02 22.35 -3.93
N TYR F 435 -26.52 22.78 -5.09
CA TYR F 435 -25.16 22.51 -5.49
C TYR F 435 -24.20 23.26 -4.58
N SER F 436 -23.03 22.65 -4.32
CA SER F 436 -21.99 23.28 -3.51
C SER F 436 -20.67 22.58 -3.78
N ASN F 437 -19.58 23.23 -3.38
CA ASN F 437 -18.27 22.62 -3.55
C ASN F 437 -18.09 21.50 -2.53
N ASP F 438 -16.93 20.84 -2.60
CA ASP F 438 -16.68 19.65 -1.79
C ASP F 438 -16.37 19.97 -0.34
N SER F 439 -16.50 21.24 0.07
CA SER F 439 -16.22 21.62 1.44
C SER F 439 -17.33 22.46 2.07
N SER F 440 -18.52 22.47 1.48
CA SER F 440 -19.63 23.25 2.02
C SER F 440 -20.96 22.60 1.65
N VAL F 441 -22.01 22.97 2.37
CA VAL F 441 -23.33 22.40 2.19
C VAL F 441 -24.35 23.53 2.05
N ALA F 442 -25.26 23.40 1.10
CA ALA F 442 -26.34 24.37 0.88
C ALA F 442 -27.65 23.61 0.89
N MET F 443 -28.48 23.89 1.88
CA MET F 443 -29.73 23.17 2.09
C MET F 443 -30.85 24.19 2.17
N ALA F 444 -32.00 23.85 1.58
CA ALA F 444 -33.10 24.80 1.53
C ALA F 444 -34.42 24.07 1.67
N TRP F 445 -35.42 24.78 2.19
CA TRP F 445 -36.79 24.31 2.30
C TRP F 445 -37.72 25.35 1.70
N ARG F 446 -38.78 24.89 1.03
CA ARG F 446 -39.71 25.77 0.36
C ARG F 446 -41.14 25.31 0.60
N HIS F 447 -41.99 26.22 1.08
CA HIS F 447 -43.41 25.93 1.24
C HIS F 447 -44.17 27.18 0.78
N GLY F 448 -44.54 27.21 -0.50
CA GLY F 448 -45.16 28.40 -1.05
C GLY F 448 -44.15 29.53 -1.05
N GLU F 449 -44.60 30.73 -0.64
CA GLU F 449 -43.69 31.86 -0.56
C GLU F 449 -42.69 31.70 0.59
N HIS F 450 -42.92 30.78 1.51
CA HIS F 450 -41.97 30.59 2.61
C HIS F 450 -40.74 29.87 2.06
N TYR F 451 -39.57 30.33 2.48
CA TYR F 451 -38.33 29.77 1.98
C TYR F 451 -37.21 30.07 2.98
N CYS F 452 -36.39 29.06 3.28
CA CYS F 452 -35.22 29.26 4.10
C CYS F 452 -34.07 28.46 3.53
N HIS F 453 -32.86 28.99 3.69
CA HIS F 453 -31.68 28.48 3.01
C HIS F 453 -30.51 28.45 3.97
N LEU F 454 -29.94 27.27 4.19
CA LEU F 454 -28.74 27.12 5.00
C LEU F 454 -27.52 27.07 4.09
N PHE F 455 -26.46 27.73 4.53
CA PHE F 455 -25.15 27.59 3.91
C PHE F 455 -24.13 27.39 5.02
N VAL F 456 -23.44 26.25 4.98
CA VAL F 456 -22.42 25.90 5.97
C VAL F 456 -21.11 25.70 5.23
N ASP F 457 -20.11 26.50 5.58
CA ASP F 457 -18.75 26.33 5.07
C ASP F 457 -17.94 25.52 6.08
N LEU F 458 -17.64 24.27 5.74
CA LEU F 458 -16.95 23.37 6.67
C LEU F 458 -15.49 23.76 6.90
N ASN F 459 -14.91 24.60 6.05
CA ASN F 459 -13.54 25.07 6.28
C ASN F 459 -13.45 25.98 7.49
N PHE F 460 -14.46 26.82 7.70
CA PHE F 460 -14.42 27.84 8.73
C PHE F 460 -15.58 27.70 9.70
N ASN F 461 -16.39 26.66 9.56
CA ASN F 461 -17.45 26.32 10.51
C ASN F 461 -18.47 27.46 10.62
N THR F 462 -18.74 28.12 9.49
CA THR F 462 -19.67 29.24 9.44
C THR F 462 -21.08 28.74 9.11
N SER F 463 -22.08 29.39 9.72
CA SER F 463 -23.48 29.04 9.53
C SER F 463 -24.26 30.29 9.15
N LYS F 464 -24.92 30.24 8.00
CA LYS F 464 -25.76 31.35 7.54
C LYS F 464 -27.11 30.81 7.09
N ILE F 465 -28.17 31.41 7.63
CA ILE F 465 -29.54 31.10 7.23
C ILE F 465 -30.19 32.39 6.80
N GLN F 466 -30.68 32.41 5.56
CA GLN F 466 -31.50 33.49 5.03
C GLN F 466 -32.91 32.95 4.86
N TYR F 467 -33.89 33.71 5.36
CA TYR F 467 -35.29 33.29 5.29
C TYR F 467 -36.13 34.44 4.74
N VAL F 468 -37.29 34.08 4.23
CA VAL F 468 -38.22 35.05 3.65
C VAL F 468 -39.26 35.40 4.71
N ASP F 469 -39.31 36.69 5.08
CA ASP F 469 -40.36 37.18 5.98
C ASP F 469 -41.59 37.44 5.13
N VAL F 470 -42.63 36.61 5.31
CA VAL F 470 -43.79 36.70 4.45
C VAL F 470 -44.58 37.99 4.71
N LYS F 471 -44.53 38.52 5.95
CA LYS F 471 -45.32 39.71 6.29
C LYS F 471 -44.77 40.97 5.64
N SER F 472 -43.59 40.89 5.05
CA SER F 472 -42.97 42.00 4.37
C SER F 472 -42.35 41.66 3.02
N GLY F 473 -42.20 40.37 2.70
CA GLY F 473 -41.69 39.95 1.42
C GLY F 473 -40.19 40.00 1.25
N GLU F 474 -39.46 40.56 2.21
CA GLU F 474 -38.02 40.72 2.08
C GLU F 474 -37.29 39.54 2.69
N THR F 475 -36.01 39.40 2.31
CA THR F 475 -35.16 38.31 2.79
C THR F 475 -34.26 38.82 3.91
N ARG F 476 -34.39 38.22 5.08
CA ARG F 476 -33.63 38.60 6.25
C ARG F 476 -32.65 37.50 6.63
N ASP F 477 -31.64 37.87 7.40
CA ASP F 477 -30.65 36.93 7.93
C ASP F 477 -31.05 36.52 9.33
N LEU F 478 -31.15 35.21 9.56
CA LEU F 478 -31.35 34.72 10.91
C LEU F 478 -30.11 35.01 11.75
N GLU F 479 -30.31 35.56 12.94
CA GLU F 479 -29.19 35.99 13.81
C GLU F 479 -28.85 34.86 14.77
N PHE F 480 -27.86 34.06 14.43
CA PHE F 480 -27.49 32.94 15.29
C PHE F 480 -26.03 32.54 15.13
#